data_9BGN
#
_entry.id   9BGN
#
_cell.length_a   1.00
_cell.length_b   1.00
_cell.length_c   1.00
_cell.angle_alpha   90.00
_cell.angle_beta   90.00
_cell.angle_gamma   90.00
#
_symmetry.space_group_name_H-M   'P 1'
#
_entity_poly.entity_id   1
_entity_poly.type   'polypeptide(L)'
_entity_poly.pdbx_seq_one_letter_code
;MAGPVDNIKPMKYNDPANGVESSIGPQIHTRYWYKRALIDAAKEAYFGQLADTFSMPKHYGKEIVRLHYIPLLDDRNVND
QGIDASGATIANGNLYGSSRDVGNITAKMPTLTEIGGRVNRVGFKRVEIKGKLEKYGFFREYTQEQLDFDSDPAMEGHVT
TEMVKGANEITEDLLQIDLLNSAGTVRYPGAATSDAEVDASTEVTYDSLMRLRLDLDNARAPTKIKMITGTRMIDTRTVG
NARALYVGSDLVPTIEAMKDNHGNPAFIPIEKYAAGGATMHGEVGQLGRFRVIVNPQMMHWAGVGKAVDPNDQVPMHESG
GKYSVFPMLCVASEAFTTVGFATDGKNVKFKIITKRPGEATADRSDPYGEMGFMSIKWYYGFMVFRPEWIALLKTVARL
;
_entity_poly.pdbx_strand_id   C,D,E,F,H,I,A,B,G
#
# COMPACT_ATOMS: atom_id res chain seq x y z
N MET A 1 -3.39 70.19 -75.55
CA MET A 1 -2.15 70.69 -76.14
C MET A 1 -2.31 72.13 -76.61
N ALA A 2 -2.02 73.08 -75.70
CA ALA A 2 -2.09 74.50 -76.02
C ALA A 2 -0.75 75.03 -76.54
N GLY A 3 -0.24 74.39 -77.59
CA GLY A 3 0.99 74.80 -78.22
C GLY A 3 0.73 75.53 -79.53
N PRO A 4 0.84 74.81 -80.64
CA PRO A 4 0.48 75.39 -81.93
C PRO A 4 -1.01 75.74 -81.97
N VAL A 5 -1.40 76.48 -83.01
CA VAL A 5 -2.73 77.09 -83.02
C VAL A 5 -3.74 76.34 -83.86
N ASP A 6 -3.53 76.26 -85.18
CA ASP A 6 -4.59 75.78 -86.06
C ASP A 6 -4.11 75.51 -87.49
N ASN A 7 -5.08 75.30 -88.39
CA ASN A 7 -4.95 75.22 -89.85
C ASN A 7 -4.48 73.87 -90.37
N ILE A 8 -4.39 72.84 -89.52
CA ILE A 8 -3.93 71.53 -89.97
C ILE A 8 -4.88 70.45 -89.43
N LYS A 9 -5.83 70.87 -88.58
CA LYS A 9 -6.50 70.00 -87.61
C LYS A 9 -6.92 68.66 -88.20
N PRO A 10 -6.20 67.58 -87.89
CA PRO A 10 -6.62 66.24 -88.34
C PRO A 10 -7.44 65.53 -87.28
N MET A 11 -7.78 64.26 -87.53
CA MET A 11 -8.26 63.39 -86.46
C MET A 11 -7.18 63.32 -85.38
N LYS A 12 -7.46 63.89 -84.21
CA LYS A 12 -6.42 64.29 -83.27
C LYS A 12 -6.28 63.37 -82.06
N TYR A 13 -7.31 62.59 -81.73
CA TYR A 13 -7.35 61.80 -80.50
C TYR A 13 -7.22 62.72 -79.27
N ASN A 14 -8.24 63.55 -79.10
CA ASN A 14 -8.32 64.36 -77.89
C ASN A 14 -8.43 63.45 -76.67
N ASP A 15 -8.19 64.03 -75.48
CA ASP A 15 -8.07 63.26 -74.25
C ASP A 15 -9.41 62.59 -73.91
N PRO A 16 -9.53 61.28 -74.11
CA PRO A 16 -10.83 60.63 -73.87
C PRO A 16 -11.10 60.29 -72.41
N ALA A 17 -10.09 60.38 -71.55
CA ALA A 17 -10.24 59.98 -70.16
C ALA A 17 -11.02 60.99 -69.32
N ASN A 18 -11.05 62.26 -69.71
CA ASN A 18 -11.63 63.28 -68.85
C ASN A 18 -12.90 63.90 -69.40
N GLY A 19 -12.85 64.59 -70.55
CA GLY A 19 -14.05 65.24 -71.02
C GLY A 19 -14.28 65.41 -72.51
N VAL A 20 -13.40 64.88 -73.35
CA VAL A 20 -13.49 65.10 -74.79
C VAL A 20 -13.28 63.79 -75.53
N GLU A 21 -14.24 63.42 -76.37
CA GLU A 21 -14.12 62.21 -77.16
C GLU A 21 -13.08 62.37 -78.28
N SER A 22 -12.46 61.25 -78.64
CA SER A 22 -11.63 61.22 -79.83
C SER A 22 -12.49 61.41 -81.06
N SER A 23 -11.90 61.99 -82.12
CA SER A 23 -12.70 62.27 -83.31
C SER A 23 -12.78 61.05 -84.22
N ILE A 24 -13.12 59.90 -83.64
CA ILE A 24 -13.49 58.72 -84.41
C ILE A 24 -14.73 58.10 -83.75
N GLY A 25 -15.01 58.52 -82.52
CA GLY A 25 -16.11 57.96 -81.76
C GLY A 25 -15.66 57.47 -80.40
N PRO A 26 -16.46 56.59 -79.79
CA PRO A 26 -16.12 56.07 -78.46
C PRO A 26 -14.91 55.15 -78.50
N GLN A 27 -14.35 54.92 -77.32
CA GLN A 27 -13.19 54.05 -77.14
C GLN A 27 -13.50 52.97 -76.12
N ILE A 28 -12.85 51.82 -76.27
CA ILE A 28 -13.09 50.70 -75.38
C ILE A 28 -12.24 50.80 -74.13
N HIS A 29 -10.91 50.79 -74.28
CA HIS A 29 -10.00 50.86 -73.16
C HIS A 29 -9.39 52.25 -73.05
N THR A 30 -9.01 52.60 -71.82
CA THR A 30 -8.41 53.90 -71.55
C THR A 30 -7.16 53.76 -70.69
N ARG A 31 -7.10 52.68 -69.92
CA ARG A 31 -5.99 52.44 -69.01
C ARG A 31 -5.48 51.02 -69.14
N TYR A 32 -4.19 50.84 -68.87
CA TYR A 32 -3.56 49.54 -68.87
C TYR A 32 -3.52 48.97 -67.45
N TRP A 33 -3.74 47.67 -67.34
CA TRP A 33 -3.87 47.00 -66.05
C TRP A 33 -2.56 46.30 -65.70
N TYR A 34 -1.91 46.76 -64.65
CA TYR A 34 -0.74 46.06 -64.11
C TYR A 34 -1.22 44.80 -63.42
N LYS A 35 -0.86 43.64 -63.97
CA LYS A 35 -1.49 42.39 -63.55
C LYS A 35 -1.00 41.95 -62.17
N ARG A 36 0.27 42.15 -61.87
CA ARG A 36 0.82 41.69 -60.60
C ARG A 36 0.33 42.58 -59.46
N ALA A 37 -0.36 41.98 -58.50
CA ALA A 37 -0.92 42.73 -57.39
C ALA A 37 0.15 43.09 -56.37
N LEU A 38 -0.19 44.03 -55.48
CA LEU A 38 0.68 44.47 -54.41
C LEU A 38 0.15 43.90 -53.10
N ILE A 39 0.99 43.11 -52.41
CA ILE A 39 0.60 42.40 -51.20
C ILE A 39 1.52 42.83 -50.07
N ASP A 40 0.93 43.14 -48.92
CA ASP A 40 1.72 43.48 -47.74
C ASP A 40 2.45 42.25 -47.22
N ALA A 41 3.64 42.50 -46.67
CA ALA A 41 4.46 41.41 -46.15
C ALA A 41 3.87 40.86 -44.85
N ALA A 42 4.29 39.65 -44.49
CA ALA A 42 3.84 39.02 -43.26
C ALA A 42 4.51 39.65 -42.06
N LYS A 43 3.87 39.50 -40.89
CA LYS A 43 4.39 40.05 -39.65
C LYS A 43 5.41 39.10 -39.04
N GLU A 44 5.92 39.46 -37.86
CA GLU A 44 6.96 38.72 -37.19
C GLU A 44 6.44 38.12 -35.89
N ALA A 45 6.88 36.90 -35.59
CA ALA A 45 6.52 36.20 -34.36
C ALA A 45 7.74 36.09 -33.46
N TYR A 46 7.58 36.52 -32.21
CA TYR A 46 8.68 36.53 -31.24
C TYR A 46 8.48 35.55 -30.10
N PHE A 47 7.30 35.52 -29.50
CA PHE A 47 7.05 34.65 -28.36
C PHE A 47 6.90 33.18 -28.75
N GLY A 48 6.58 32.90 -30.02
CA GLY A 48 6.42 31.53 -30.44
C GLY A 48 7.72 30.77 -30.59
N GLN A 49 8.85 31.47 -30.73
CA GLN A 49 10.12 30.81 -30.91
C GLN A 49 10.67 30.23 -29.62
N LEU A 50 10.40 30.87 -28.48
CA LEU A 50 10.98 30.50 -27.20
C LEU A 50 10.06 29.64 -26.35
N ALA A 51 8.95 29.17 -26.89
CA ALA A 51 7.96 28.43 -26.14
C ALA A 51 8.01 26.95 -26.51
N ASP A 52 8.10 26.08 -25.50
CA ASP A 52 8.04 24.65 -25.73
C ASP A 52 6.60 24.18 -25.87
N THR A 53 6.44 22.98 -26.42
CA THR A 53 5.13 22.40 -26.67
C THR A 53 5.05 21.01 -26.06
N PHE A 54 3.88 20.69 -25.52
CA PHE A 54 3.64 19.39 -24.91
C PHE A 54 2.41 18.75 -25.54
N SER A 55 2.55 17.49 -25.93
CA SER A 55 1.47 16.75 -26.59
C SER A 55 0.50 16.21 -25.55
N MET A 56 -0.79 16.36 -25.83
CA MET A 56 -1.81 15.86 -24.91
C MET A 56 -2.42 14.58 -25.44
N PRO A 57 -2.45 13.50 -24.66
CA PRO A 57 -3.07 12.26 -25.13
C PRO A 57 -4.57 12.43 -25.36
N LYS A 58 -5.09 11.59 -26.25
CA LYS A 58 -6.45 11.78 -26.76
C LYS A 58 -7.50 11.46 -25.70
N HIS A 59 -7.31 10.38 -24.95
CA HIS A 59 -8.38 9.82 -24.13
C HIS A 59 -8.21 10.13 -22.65
N TYR A 60 -7.75 11.33 -22.30
CA TYR A 60 -7.54 11.68 -20.90
C TYR A 60 -8.25 12.96 -20.47
N GLY A 61 -9.12 13.52 -21.31
CA GLY A 61 -9.87 14.69 -20.93
C GLY A 61 -9.30 15.99 -21.45
N LYS A 62 -9.55 17.08 -20.74
CA LYS A 62 -9.09 18.42 -21.13
C LYS A 62 -8.39 19.11 -19.95
N GLU A 63 -7.52 18.37 -19.27
CA GLU A 63 -6.79 18.95 -18.15
C GLU A 63 -5.48 18.20 -17.95
N ILE A 64 -4.49 18.93 -17.45
CA ILE A 64 -3.17 18.38 -17.13
C ILE A 64 -2.84 18.75 -15.70
N VAL A 65 -2.35 17.79 -14.92
CA VAL A 65 -2.02 18.00 -13.53
C VAL A 65 -0.58 17.63 -13.28
N ARG A 66 0.04 18.30 -12.31
CA ARG A 66 1.42 18.05 -11.93
C ARG A 66 1.57 18.27 -10.43
N LEU A 67 2.60 17.64 -9.86
CA LEU A 67 2.85 17.71 -8.42
C LEU A 67 4.09 18.54 -8.15
N HIS A 68 4.02 19.38 -7.11
CA HIS A 68 5.13 20.22 -6.68
C HIS A 68 5.41 19.92 -5.22
N TYR A 69 6.69 19.70 -4.90
CA TYR A 69 7.10 19.28 -3.57
C TYR A 69 7.72 20.46 -2.82
N ILE A 70 7.08 20.85 -1.73
CA ILE A 70 7.58 21.98 -0.92
C ILE A 70 8.80 21.53 -0.13
N PRO A 71 9.85 22.34 -0.01
CA PRO A 71 11.00 21.97 0.83
C PRO A 71 10.65 21.99 2.32
N LEU A 72 11.64 21.68 3.16
CA LEU A 72 11.41 21.62 4.60
C LEU A 72 11.25 23.02 5.18
N LEU A 73 12.27 23.86 5.04
CA LEU A 73 12.25 25.21 5.60
C LEU A 73 11.57 26.14 4.59
N ASP A 74 10.26 26.31 4.76
CA ASP A 74 9.49 27.17 3.87
C ASP A 74 8.25 27.67 4.59
N ASP A 75 7.74 28.82 4.14
CA ASP A 75 6.55 29.38 4.74
C ASP A 75 5.28 28.62 4.35
N ARG A 76 5.21 28.16 3.10
CA ARG A 76 4.02 27.44 2.62
C ARG A 76 4.04 25.97 3.01
N ASN A 77 4.90 25.57 3.94
CA ASN A 77 4.94 24.20 4.44
C ASN A 77 4.05 24.06 5.68
N VAL A 78 2.78 24.43 5.52
CA VAL A 78 1.83 24.34 6.62
C VAL A 78 1.69 22.88 7.02
N ASN A 79 1.71 22.62 8.33
CA ASN A 79 1.78 21.26 8.82
C ASN A 79 1.19 21.17 10.21
N ASP A 80 1.00 19.93 10.68
CA ASP A 80 0.47 19.65 12.01
C ASP A 80 1.23 18.51 12.68
N GLN A 81 2.49 18.29 12.30
CA GLN A 81 3.30 17.20 12.82
C GLN A 81 4.51 17.69 13.61
N GLY A 82 4.49 18.93 14.08
CA GLY A 82 5.64 19.52 14.75
C GLY A 82 5.47 19.55 16.25
N ILE A 83 6.54 19.21 16.96
CA ILE A 83 6.62 19.34 18.41
C ILE A 83 7.94 20.03 18.75
N ASP A 84 7.86 21.12 19.50
CA ASP A 84 9.04 21.89 19.84
C ASP A 84 9.86 21.18 20.90
N ALA A 85 10.99 21.78 21.29
CA ALA A 85 11.88 21.18 22.27
C ALA A 85 11.19 21.07 23.61
N SER A 86 11.61 20.06 24.38
CA SER A 86 11.10 19.73 25.72
C SER A 86 9.71 19.11 25.63
N GLY A 87 9.16 19.03 24.42
CA GLY A 87 7.95 18.26 24.16
C GLY A 87 6.66 19.04 24.30
N ALA A 88 6.12 19.50 23.17
CA ALA A 88 4.81 20.15 23.15
C ALA A 88 4.31 20.26 21.72
N THR A 89 3.05 19.87 21.49
CA THR A 89 2.47 19.94 20.15
C THR A 89 2.30 21.39 19.75
N ILE A 90 2.98 21.80 18.67
CA ILE A 90 2.94 23.18 18.21
C ILE A 90 2.21 23.25 16.87
N ALA A 91 2.02 24.47 16.37
CA ALA A 91 1.19 24.69 15.18
C ALA A 91 1.97 24.59 13.88
N ASN A 92 3.29 24.45 13.92
CA ASN A 92 4.09 24.40 12.70
C ASN A 92 5.26 23.44 12.86
N GLY A 93 5.49 22.63 11.84
CA GLY A 93 6.69 21.81 11.75
C GLY A 93 7.73 22.46 10.85
N ASN A 94 7.58 23.77 10.65
CA ASN A 94 8.43 24.49 9.72
C ASN A 94 9.87 24.54 10.19
N LEU A 95 10.09 24.64 11.50
CA LEU A 95 11.41 24.90 12.08
C LEU A 95 11.99 26.21 11.53
N TYR A 96 11.29 27.29 11.88
CA TYR A 96 11.60 28.68 11.53
C TYR A 96 11.69 28.90 10.02
N GLY A 97 11.16 27.99 9.21
CA GLY A 97 11.33 28.00 7.77
C GLY A 97 11.07 29.32 7.08
N SER A 98 12.00 29.70 6.19
CA SER A 98 11.90 30.91 5.37
C SER A 98 11.79 32.16 6.25
N SER A 99 12.69 32.26 7.22
CA SER A 99 12.83 33.44 8.06
C SER A 99 14.29 33.84 8.11
N ARG A 100 14.54 35.14 8.26
CA ARG A 100 15.90 35.66 8.27
C ARG A 100 16.23 36.50 9.51
N ASP A 101 15.29 36.72 10.41
CA ASP A 101 15.59 37.43 11.64
C ASP A 101 16.49 36.56 12.52
N VAL A 102 17.58 37.16 13.02
CA VAL A 102 18.56 36.40 13.80
C VAL A 102 17.93 35.88 15.09
N GLY A 103 17.16 36.74 15.78
CA GLY A 103 16.57 36.33 17.05
C GLY A 103 15.60 35.17 16.90
N ASN A 104 14.73 35.24 15.90
CA ASN A 104 13.74 34.18 15.71
C ASN A 104 14.42 32.85 15.36
N ILE A 105 15.42 32.89 14.47
CA ILE A 105 16.11 31.66 14.09
C ILE A 105 16.85 31.08 15.30
N THR A 106 17.50 31.93 16.09
CA THR A 106 18.19 31.45 17.28
C THR A 106 17.22 30.85 18.29
N ALA A 107 16.03 31.44 18.42
CA ALA A 107 15.05 30.93 19.38
C ALA A 107 14.41 29.64 18.90
N LYS A 108 14.28 29.44 17.60
CA LYS A 108 13.61 28.27 17.06
C LYS A 108 14.59 27.21 16.53
N MET A 109 15.83 27.24 16.99
CA MET A 109 16.79 26.22 16.57
C MET A 109 16.46 24.88 17.22
N PRO A 110 16.72 23.77 16.51
CA PRO A 110 16.43 22.43 17.06
C PRO A 110 17.51 21.93 18.00
N THR A 111 17.58 22.54 19.19
CA THR A 111 18.54 22.10 20.19
C THR A 111 18.16 20.74 20.76
N LEU A 112 19.16 20.01 21.23
CA LEU A 112 18.98 18.66 21.78
C LEU A 112 19.66 18.56 23.13
N THR A 113 19.05 17.79 24.02
CA THR A 113 19.56 17.59 25.38
C THR A 113 20.20 16.21 25.50
N GLU A 114 20.64 15.88 26.71
CA GLU A 114 21.31 14.61 26.94
C GLU A 114 20.33 13.45 26.97
N ILE A 115 19.14 13.66 27.54
CA ILE A 115 18.17 12.58 27.69
C ILE A 115 17.65 12.13 26.33
N GLY A 116 17.26 13.07 25.48
CA GLY A 116 16.72 12.74 24.18
C GLY A 116 15.21 12.85 24.13
N GLY A 117 14.54 11.74 23.83
CA GLY A 117 13.09 11.72 23.79
C GLY A 117 12.53 12.32 22.51
N ARG A 118 11.20 12.42 22.49
CA ARG A 118 10.48 12.99 21.36
C ARG A 118 10.47 14.51 21.53
N VAL A 119 11.42 15.19 20.88
CA VAL A 119 11.61 16.62 21.11
C VAL A 119 11.60 17.45 19.83
N ASN A 120 11.82 16.88 18.65
CA ASN A 120 11.88 17.69 17.43
C ASN A 120 11.36 16.85 16.26
N ARG A 121 10.08 17.03 15.94
CA ARG A 121 9.45 16.37 14.81
C ARG A 121 9.17 17.39 13.71
N VAL A 122 9.13 16.91 12.46
CA VAL A 122 8.91 17.74 11.29
C VAL A 122 7.92 17.02 10.38
N GLY A 123 7.59 17.67 9.26
CA GLY A 123 6.67 17.12 8.29
C GLY A 123 6.83 17.82 6.96
N PHE A 124 6.15 17.27 5.95
CA PHE A 124 6.30 17.73 4.58
C PHE A 124 4.94 17.84 3.92
N LYS A 125 4.91 18.45 2.74
CA LYS A 125 3.67 18.72 2.03
C LYS A 125 3.94 18.81 0.54
N ARG A 126 2.87 18.77 -0.24
CA ARG A 126 2.97 18.91 -1.69
C ARG A 126 1.69 19.55 -2.21
N VAL A 127 1.79 20.15 -3.40
CA VAL A 127 0.71 20.92 -4.00
C VAL A 127 0.55 20.50 -5.45
N GLU A 128 -0.51 21.04 -6.08
CA GLU A 128 -0.90 20.66 -7.43
C GLU A 128 -0.83 21.85 -8.37
N ILE A 129 -0.55 21.56 -9.63
CA ILE A 129 -0.53 22.55 -10.71
C ILE A 129 -1.40 22.04 -11.84
N LYS A 130 -2.25 22.91 -12.37
CA LYS A 130 -3.27 22.52 -13.35
C LYS A 130 -3.03 23.21 -14.68
N GLY A 131 -3.65 22.65 -15.72
CA GLY A 131 -3.62 23.22 -17.06
C GLY A 131 -5.01 23.35 -17.66
N LYS A 132 -5.08 23.56 -18.98
CA LYS A 132 -6.38 23.75 -19.63
C LYS A 132 -6.22 23.53 -21.13
N LEU A 133 -7.36 23.52 -21.81
CA LEU A 133 -7.42 23.37 -23.27
C LEU A 133 -8.62 24.12 -23.80
N GLU A 134 -8.56 24.50 -25.07
CA GLU A 134 -9.63 25.27 -25.69
C GLU A 134 -9.59 25.09 -27.20
N LYS A 135 -10.70 25.44 -27.84
CA LYS A 135 -10.90 25.27 -29.28
C LYS A 135 -11.22 26.62 -29.91
N TYR A 136 -10.68 26.86 -31.11
CA TYR A 136 -10.92 28.10 -31.83
C TYR A 136 -11.14 27.79 -33.30
N GLY A 137 -11.78 28.74 -34.00
CA GLY A 137 -11.98 28.58 -35.44
C GLY A 137 -12.86 29.64 -36.07
N PHE A 138 -12.78 29.77 -37.40
CA PHE A 138 -13.58 30.73 -38.13
C PHE A 138 -13.66 30.32 -39.59
N PHE A 139 -14.63 30.89 -40.30
CA PHE A 139 -14.93 30.48 -41.67
C PHE A 139 -15.36 31.69 -42.49
N ARG A 140 -15.53 31.46 -43.79
CA ARG A 140 -15.99 32.49 -44.72
C ARG A 140 -16.76 31.82 -45.84
N GLU A 141 -17.62 32.61 -46.50
CA GLU A 141 -18.48 32.12 -47.57
C GLU A 141 -18.37 33.02 -48.79
N TYR A 142 -18.79 32.49 -49.94
CA TYR A 142 -18.83 33.24 -51.18
C TYR A 142 -19.77 32.53 -52.14
N THR A 143 -20.00 33.17 -53.29
CA THR A 143 -20.87 32.62 -54.32
C THR A 143 -20.08 32.38 -55.61
N GLN A 144 -20.67 31.58 -56.49
CA GLN A 144 -20.00 31.22 -57.74
C GLN A 144 -19.88 32.41 -58.68
N GLU A 145 -20.88 33.29 -58.69
CA GLU A 145 -20.84 34.45 -59.57
C GLU A 145 -19.67 35.35 -59.26
N GLN A 146 -19.34 35.51 -57.98
CA GLN A 146 -18.19 36.33 -57.60
C GLN A 146 -16.89 35.76 -58.16
N LEU A 147 -16.73 34.44 -58.09
CA LEU A 147 -15.53 33.80 -58.63
C LEU A 147 -15.48 33.91 -60.15
N ASP A 148 -16.62 33.69 -60.81
CA ASP A 148 -16.64 33.59 -62.27
C ASP A 148 -16.63 34.94 -62.97
N PHE A 149 -17.14 36.00 -62.34
CA PHE A 149 -17.29 37.29 -63.01
C PHE A 149 -16.32 38.35 -62.53
N ASP A 150 -15.46 38.05 -61.57
CA ASP A 150 -14.49 39.03 -61.11
C ASP A 150 -13.41 39.25 -62.16
N SER A 151 -12.97 40.49 -62.29
CA SER A 151 -11.97 40.85 -63.29
C SER A 151 -10.58 40.33 -62.96
N ASP A 152 -10.35 39.83 -61.75
CA ASP A 152 -9.04 39.32 -61.35
C ASP A 152 -9.10 37.80 -61.26
N PRO A 153 -8.57 37.07 -62.23
CA PRO A 153 -8.61 35.60 -62.15
C PRO A 153 -7.86 35.03 -60.96
N ALA A 154 -6.77 35.67 -60.53
CA ALA A 154 -5.94 35.17 -59.45
C ALA A 154 -6.34 35.72 -58.09
N MET A 155 -7.59 36.16 -57.93
CA MET A 155 -8.03 36.71 -56.65
C MET A 155 -8.11 35.62 -55.58
N GLU A 156 -8.77 34.50 -55.91
CA GLU A 156 -9.13 33.52 -54.90
C GLU A 156 -7.92 33.06 -54.09
N GLY A 157 -6.86 32.63 -54.78
CA GLY A 157 -5.68 32.18 -54.07
C GLY A 157 -5.13 33.24 -53.13
N HIS A 158 -5.06 34.48 -53.62
CA HIS A 158 -4.61 35.58 -52.77
C HIS A 158 -5.43 35.62 -51.49
N VAL A 159 -6.76 35.59 -51.62
CA VAL A 159 -7.62 35.62 -50.45
C VAL A 159 -7.28 34.47 -49.52
N THR A 160 -7.12 33.28 -50.08
CA THR A 160 -6.77 32.11 -49.27
C THR A 160 -5.53 32.39 -48.46
N THR A 161 -4.49 32.91 -49.11
CA THR A 161 -3.25 33.20 -48.41
C THR A 161 -3.52 34.09 -47.20
N GLU A 162 -4.28 35.16 -47.41
CA GLU A 162 -4.59 36.08 -46.32
C GLU A 162 -5.15 35.32 -45.13
N MET A 163 -6.14 34.44 -45.39
CA MET A 163 -6.75 33.69 -44.30
C MET A 163 -5.70 32.98 -43.50
N VAL A 164 -4.82 32.22 -44.17
CA VAL A 164 -3.80 31.47 -43.46
C VAL A 164 -2.97 32.41 -42.59
N LYS A 165 -2.51 33.51 -43.19
CA LYS A 165 -1.70 34.47 -42.45
C LYS A 165 -2.44 34.91 -41.20
N GLY A 166 -3.70 35.32 -41.36
CA GLY A 166 -4.46 35.79 -40.22
C GLY A 166 -4.50 34.75 -39.12
N ALA A 167 -4.76 33.49 -39.50
CA ALA A 167 -4.83 32.43 -38.50
C ALA A 167 -3.57 32.41 -37.67
N ASN A 168 -2.41 32.40 -38.33
CA ASN A 168 -1.15 32.36 -37.60
C ASN A 168 -1.07 33.51 -36.61
N GLU A 169 -1.36 34.72 -37.08
CA GLU A 169 -1.27 35.89 -36.22
C GLU A 169 -2.12 35.70 -34.98
N ILE A 170 -3.34 35.19 -35.16
CA ILE A 170 -4.26 35.04 -34.03
C ILE A 170 -3.58 34.22 -32.94
N THR A 171 -2.96 33.09 -33.32
CA THR A 171 -2.34 32.23 -32.33
C THR A 171 -1.35 33.01 -31.49
N GLU A 172 -0.48 33.78 -32.14
CA GLU A 172 0.53 34.54 -31.41
C GLU A 172 -0.13 35.42 -30.37
N ASP A 173 -1.18 36.15 -30.77
CA ASP A 173 -1.85 37.05 -29.85
C ASP A 173 -2.29 36.30 -28.60
N LEU A 174 -2.88 35.12 -28.78
CA LEU A 174 -3.34 34.33 -27.65
C LEU A 174 -2.22 34.14 -26.64
N LEU A 175 -1.06 33.66 -27.13
CA LEU A 175 0.07 33.41 -26.24
C LEU A 175 0.41 34.67 -25.47
N GLN A 176 0.52 35.80 -26.17
CA GLN A 176 0.91 37.03 -25.51
C GLN A 176 -0.06 37.38 -24.40
N ILE A 177 -1.36 37.22 -24.66
CA ILE A 177 -2.37 37.55 -23.65
C ILE A 177 -2.09 36.75 -22.38
N ASP A 178 -1.82 35.45 -22.54
CA ASP A 178 -1.57 34.63 -21.37
C ASP A 178 -0.33 35.09 -20.64
N LEU A 179 0.73 35.47 -21.38
CA LEU A 179 1.93 35.94 -20.74
C LEU A 179 1.70 37.25 -19.99
N LEU A 180 0.66 38.00 -20.38
CA LEU A 180 0.34 39.23 -19.67
C LEU A 180 -0.55 38.98 -18.47
N ASN A 181 -1.11 37.78 -18.33
CA ASN A 181 -2.03 37.49 -17.24
C ASN A 181 -1.38 36.65 -16.15
N SER A 182 -0.85 35.49 -16.52
CA SER A 182 -0.23 34.58 -15.55
C SER A 182 1.22 35.03 -15.31
N ALA A 183 1.34 36.10 -14.53
CA ALA A 183 2.66 36.67 -14.23
C ALA A 183 2.64 37.34 -12.87
N GLY A 184 3.52 36.90 -11.98
CA GLY A 184 3.73 37.55 -10.70
C GLY A 184 4.72 38.69 -10.81
N THR A 185 5.02 39.29 -9.66
CA THR A 185 6.00 40.36 -9.54
C THR A 185 5.66 41.52 -10.47
N VAL A 186 4.49 42.11 -10.25
CA VAL A 186 4.03 43.25 -11.03
C VAL A 186 4.42 44.50 -10.27
N ARG A 187 5.28 45.32 -10.88
CA ARG A 187 5.84 46.50 -10.24
C ARG A 187 5.29 47.76 -10.89
N TYR A 188 4.82 48.69 -10.07
CA TYR A 188 4.35 49.99 -10.54
C TYR A 188 5.35 51.04 -10.12
N PRO A 189 6.02 51.72 -11.06
CA PRO A 189 6.96 52.78 -10.68
C PRO A 189 6.25 53.89 -9.91
N GLY A 190 6.97 54.45 -8.93
CA GLY A 190 6.39 55.47 -8.08
C GLY A 190 5.53 54.88 -6.99
N ALA A 191 4.42 55.55 -6.67
CA ALA A 191 3.48 55.11 -5.65
C ALA A 191 2.11 54.75 -6.23
N ALA A 192 2.08 54.09 -7.38
CA ALA A 192 0.81 53.74 -8.01
C ALA A 192 0.20 52.49 -7.36
N THR A 193 0.91 51.37 -7.44
CA THR A 193 0.50 50.09 -6.85
C THR A 193 -0.81 49.57 -7.44
N SER A 194 -1.33 50.27 -8.45
CA SER A 194 -2.58 49.90 -9.10
C SER A 194 -2.74 50.74 -10.36
N ASP A 195 -3.41 50.16 -11.36
CA ASP A 195 -3.63 50.88 -12.61
C ASP A 195 -4.67 51.99 -12.46
N ALA A 196 -5.47 51.96 -11.39
CA ALA A 196 -6.48 53.00 -11.22
C ALA A 196 -5.87 54.30 -10.72
N GLU A 197 -4.64 54.26 -10.21
CA GLU A 197 -3.94 55.44 -9.72
C GLU A 197 -2.68 55.75 -10.51
N VAL A 198 -2.60 55.29 -11.76
CA VAL A 198 -1.46 55.60 -12.61
C VAL A 198 -1.55 57.05 -13.06
N ASP A 199 -0.46 57.79 -12.92
CA ASP A 199 -0.40 59.21 -13.26
C ASP A 199 0.83 59.45 -14.13
N ALA A 200 1.05 60.72 -14.48
CA ALA A 200 2.19 61.08 -15.32
C ALA A 200 3.52 60.85 -14.63
N SER A 201 3.53 60.76 -13.29
CA SER A 201 4.78 60.54 -12.57
C SER A 201 5.25 59.09 -12.65
N THR A 202 4.35 58.16 -12.93
CA THR A 202 4.68 56.73 -12.93
C THR A 202 5.14 56.31 -14.33
N GLU A 203 6.39 56.64 -14.62
CA GLU A 203 7.05 56.25 -15.86
C GLU A 203 8.32 55.46 -15.55
N VAL A 204 9.05 55.09 -16.60
CA VAL A 204 10.24 54.26 -16.44
C VAL A 204 11.30 55.03 -15.66
N THR A 205 11.88 54.36 -14.66
CA THR A 205 12.93 54.94 -13.83
C THR A 205 14.03 53.92 -13.64
N TYR A 206 15.28 54.39 -13.65
CA TYR A 206 16.43 53.50 -13.47
C TYR A 206 16.33 52.72 -12.15
N ASP A 207 15.91 53.41 -11.08
CA ASP A 207 15.76 52.75 -9.80
C ASP A 207 14.68 51.67 -9.86
N SER A 208 13.58 51.94 -10.57
CA SER A 208 12.51 50.95 -10.70
C SER A 208 13.01 49.71 -11.44
N LEU A 209 13.77 49.89 -12.52
CA LEU A 209 14.31 48.76 -13.25
C LEU A 209 15.30 47.97 -12.39
N MET A 210 16.13 48.68 -11.63
CA MET A 210 17.08 48.01 -10.73
C MET A 210 16.36 47.20 -9.67
N ARG A 211 15.28 47.76 -9.09
CA ARG A 211 14.51 47.04 -8.09
C ARG A 211 13.80 45.83 -8.70
N LEU A 212 13.31 45.97 -9.93
CA LEU A 212 12.72 44.82 -10.62
C LEU A 212 13.75 43.72 -10.84
N ARG A 213 14.96 44.10 -11.23
CA ARG A 213 16.03 43.12 -11.40
C ARG A 213 16.36 42.43 -10.07
N LEU A 214 16.40 43.19 -8.98
CA LEU A 214 16.65 42.61 -7.67
C LEU A 214 15.53 41.64 -7.28
N ASP A 215 14.27 42.01 -7.55
CA ASP A 215 13.15 41.14 -7.26
C ASP A 215 13.24 39.84 -8.06
N LEU A 216 13.61 39.94 -9.33
CA LEU A 216 13.80 38.74 -10.15
C LEU A 216 14.94 37.89 -9.62
N ASP A 217 16.02 38.53 -9.17
CA ASP A 217 17.17 37.77 -8.64
C ASP A 217 16.79 37.04 -7.35
N ASN A 218 15.97 37.66 -6.51
CA ASN A 218 15.54 37.02 -5.28
C ASN A 218 14.70 35.78 -5.52
N ALA A 219 14.14 35.62 -6.73
CA ALA A 219 13.33 34.47 -7.09
C ALA A 219 14.13 33.40 -7.82
N ARG A 220 15.46 33.48 -7.79
CA ARG A 220 16.34 32.51 -8.46
C ARG A 220 16.05 32.42 -9.95
N ALA A 221 15.79 33.57 -10.56
CA ALA A 221 15.55 33.61 -12.00
C ALA A 221 16.87 33.41 -12.74
N PRO A 222 16.94 32.47 -13.68
CA PRO A 222 18.20 32.22 -14.39
C PRO A 222 18.60 33.39 -15.29
N THR A 223 19.91 33.52 -15.48
CA THR A 223 20.48 34.52 -16.37
C THR A 223 21.17 33.80 -17.52
N LYS A 224 20.80 34.13 -18.76
CA LYS A 224 21.28 33.43 -19.93
C LYS A 224 21.99 34.35 -20.93
N ILE A 225 22.44 35.52 -20.48
CA ILE A 225 23.16 36.46 -21.32
C ILE A 225 24.51 36.74 -20.69
N LYS A 226 25.58 36.52 -21.44
CA LYS A 226 26.93 36.73 -20.94
C LYS A 226 27.24 38.22 -20.86
N MET A 227 28.34 38.54 -20.18
CA MET A 227 28.81 39.90 -20.01
C MET A 227 30.05 40.14 -20.88
N ILE A 228 30.16 41.34 -21.42
CA ILE A 228 31.22 41.70 -22.36
C ILE A 228 32.30 42.45 -21.61
N THR A 229 33.54 42.02 -21.76
CA THR A 229 34.69 42.60 -21.07
C THR A 229 35.51 43.50 -21.99
N GLY A 230 34.84 44.18 -22.92
CA GLY A 230 35.49 45.16 -23.77
C GLY A 230 36.02 44.57 -25.06
N THR A 231 36.21 45.45 -26.04
CA THR A 231 36.76 45.09 -27.33
C THR A 231 37.89 46.05 -27.68
N ARG A 232 38.84 45.58 -28.48
CA ARG A 232 40.01 46.38 -28.81
C ARG A 232 39.68 47.59 -29.67
N MET A 233 38.51 47.60 -30.31
CA MET A 233 38.13 48.71 -31.17
C MET A 233 37.86 49.97 -30.35
N ILE A 234 38.15 51.12 -30.96
CA ILE A 234 37.97 52.40 -30.29
C ILE A 234 36.49 52.71 -30.18
N ASP A 235 36.12 53.38 -29.08
CA ASP A 235 34.75 53.83 -28.81
C ASP A 235 33.79 52.64 -28.67
N THR A 236 34.13 51.77 -27.72
CA THR A 236 33.28 50.66 -27.33
C THR A 236 33.03 50.73 -25.83
N ARG A 237 32.10 49.90 -25.36
CA ARG A 237 31.70 49.91 -23.96
C ARG A 237 31.72 48.50 -23.41
N THR A 238 31.50 48.39 -22.10
CA THR A 238 31.44 47.13 -21.39
C THR A 238 30.08 47.01 -20.73
N VAL A 239 29.48 45.82 -20.80
CA VAL A 239 28.17 45.56 -20.23
C VAL A 239 28.23 44.30 -19.39
N GLY A 240 27.31 44.21 -18.42
CA GLY A 240 27.24 43.08 -17.52
C GLY A 240 26.22 42.04 -17.97
N ASN A 241 26.01 41.06 -17.10
CA ASN A 241 25.01 40.03 -17.35
C ASN A 241 23.63 40.65 -17.47
N ALA A 242 22.88 40.24 -18.49
CA ALA A 242 21.59 40.85 -18.80
C ALA A 242 20.52 39.78 -18.97
N ARG A 243 19.29 40.25 -19.19
CA ARG A 243 18.15 39.39 -19.46
C ARG A 243 17.28 40.05 -20.51
N ALA A 244 16.57 39.23 -21.28
CA ALA A 244 15.74 39.77 -22.35
C ALA A 244 14.57 40.56 -21.79
N LEU A 245 14.34 41.75 -22.34
CA LEU A 245 13.24 42.62 -21.91
C LEU A 245 12.47 43.04 -23.15
N TYR A 246 11.27 42.49 -23.32
CA TYR A 246 10.45 42.77 -24.49
C TYR A 246 9.60 44.01 -24.24
N VAL A 247 9.72 44.98 -25.14
CA VAL A 247 9.02 46.26 -25.02
C VAL A 247 8.40 46.61 -26.36
N GLY A 248 7.41 47.50 -26.32
CA GLY A 248 6.73 47.96 -27.52
C GLY A 248 7.49 49.05 -28.22
N SER A 249 6.88 49.58 -29.28
CA SER A 249 7.49 50.63 -30.07
C SER A 249 7.15 52.04 -29.58
N ASP A 250 6.18 52.17 -28.68
CA ASP A 250 5.82 53.49 -28.17
C ASP A 250 6.72 53.92 -27.01
N LEU A 251 7.48 53.00 -26.43
CA LEU A 251 8.35 53.32 -25.31
C LEU A 251 9.77 53.66 -25.72
N VAL A 252 10.06 53.68 -27.03
CA VAL A 252 11.41 54.02 -27.49
C VAL A 252 11.81 55.44 -27.11
N PRO A 253 10.99 56.48 -27.35
CA PRO A 253 11.40 57.82 -26.89
C PRO A 253 11.59 57.91 -25.39
N THR A 254 10.76 57.21 -24.61
CA THR A 254 10.92 57.22 -23.16
C THR A 254 12.22 56.53 -22.74
N ILE A 255 12.56 55.42 -23.39
CA ILE A 255 13.80 54.71 -23.06
C ILE A 255 15.01 55.55 -23.42
N GLU A 256 15.00 56.16 -24.61
CA GLU A 256 16.16 56.90 -25.08
C GLU A 256 16.41 58.14 -24.23
N ALA A 257 15.36 58.84 -23.81
CA ALA A 257 15.50 60.03 -23.00
C ALA A 257 15.43 59.69 -21.51
N MET A 258 16.39 58.86 -21.09
CA MET A 258 16.49 58.42 -19.70
C MET A 258 17.89 58.69 -19.18
N LYS A 259 17.97 58.96 -17.88
CA LYS A 259 19.24 59.24 -17.22
C LYS A 259 19.35 58.43 -15.93
N ASP A 260 20.58 58.06 -15.59
CA ASP A 260 20.83 57.26 -14.40
C ASP A 260 21.01 58.17 -13.19
N ASN A 261 21.48 57.61 -12.08
CA ASN A 261 21.65 58.36 -10.84
C ASN A 261 22.76 59.40 -10.91
N HIS A 262 23.65 59.33 -11.91
CA HIS A 262 24.77 60.25 -12.00
C HIS A 262 24.68 61.16 -13.21
N GLY A 263 23.48 61.38 -13.73
CA GLY A 263 23.30 62.31 -14.85
C GLY A 263 23.96 61.88 -16.13
N ASN A 264 23.87 60.60 -16.47
CA ASN A 264 24.43 60.08 -17.71
C ASN A 264 23.37 59.27 -18.46
N PRO A 265 23.46 59.21 -19.78
CA PRO A 265 22.48 58.42 -20.55
C PRO A 265 22.53 56.95 -20.16
N ALA A 266 21.40 56.44 -19.70
CA ALA A 266 21.33 55.04 -19.28
C ALA A 266 21.32 54.10 -20.49
N PHE A 267 20.59 54.46 -21.54
CA PHE A 267 20.50 53.62 -22.71
C PHE A 267 21.83 53.57 -23.45
N ILE A 268 22.28 52.36 -23.75
CA ILE A 268 23.52 52.13 -24.50
C ILE A 268 23.14 51.48 -25.82
N PRO A 269 23.40 52.13 -26.96
CA PRO A 269 23.01 51.55 -28.25
C PRO A 269 23.80 50.27 -28.55
N ILE A 270 23.18 49.44 -29.40
CA ILE A 270 23.78 48.16 -29.75
C ILE A 270 25.11 48.34 -30.48
N GLU A 271 25.26 49.45 -31.21
CA GLU A 271 26.45 49.67 -32.03
C GLU A 271 27.74 49.63 -31.22
N LYS A 272 27.69 50.08 -29.96
CA LYS A 272 28.91 50.20 -29.17
C LYS A 272 29.45 48.85 -28.74
N TYR A 273 28.59 47.95 -28.27
CA TYR A 273 29.02 46.65 -27.77
C TYR A 273 28.80 45.52 -28.77
N ALA A 274 28.39 45.82 -30.00
CA ALA A 274 28.11 44.79 -30.98
C ALA A 274 29.34 43.96 -31.32
N ALA A 275 30.55 44.50 -31.11
CA ALA A 275 31.76 43.75 -31.37
C ALA A 275 31.98 42.61 -30.39
N GLY A 276 31.30 42.66 -29.23
CA GLY A 276 31.42 41.57 -28.27
C GLY A 276 30.85 40.27 -28.81
N GLY A 277 29.66 40.33 -29.41
CA GLY A 277 29.03 39.16 -30.01
C GLY A 277 27.59 39.05 -29.56
N ALA A 278 27.07 37.82 -29.65
CA ALA A 278 25.74 37.47 -29.18
C ALA A 278 24.65 38.22 -29.93
N THR A 279 24.08 39.25 -29.28
CA THR A 279 22.94 40.01 -29.80
C THR A 279 21.74 39.12 -30.04
N MET A 280 20.64 39.71 -30.53
CA MET A 280 19.40 38.98 -30.74
C MET A 280 18.74 39.49 -32.02
N HIS A 281 17.47 39.13 -32.21
CA HIS A 281 16.76 39.49 -33.43
C HIS A 281 16.40 40.97 -33.45
N GLY A 282 15.58 41.40 -32.50
CA GLY A 282 15.13 42.78 -32.44
C GLY A 282 15.84 43.60 -31.39
N GLU A 283 17.05 43.20 -31.04
CA GLU A 283 17.80 43.91 -30.01
C GLU A 283 18.17 45.31 -30.48
N VAL A 284 18.02 46.28 -29.58
CA VAL A 284 18.42 47.65 -29.86
C VAL A 284 19.46 48.18 -28.89
N GLY A 285 19.66 47.55 -27.74
CA GLY A 285 20.65 48.01 -26.80
C GLY A 285 20.42 47.43 -25.41
N GLN A 286 21.10 48.01 -24.44
CA GLN A 286 21.01 47.59 -23.04
C GLN A 286 20.69 48.82 -22.20
N LEU A 287 19.40 49.00 -21.88
CA LEU A 287 18.98 50.19 -21.15
C LEU A 287 19.54 50.17 -19.72
N GLY A 288 19.34 49.07 -19.01
CA GLY A 288 19.96 48.87 -17.71
C GLY A 288 20.78 47.60 -17.71
N ARG A 289 20.41 46.64 -16.85
CA ARG A 289 20.89 45.27 -16.96
C ARG A 289 19.96 44.39 -17.76
N PHE A 290 19.25 44.96 -18.73
CA PHE A 290 18.31 44.24 -19.57
C PHE A 290 18.61 44.54 -21.03
N ARG A 291 18.59 43.51 -21.86
CA ARG A 291 18.71 43.67 -23.31
C ARG A 291 17.34 43.98 -23.88
N VAL A 292 17.18 45.16 -24.45
CA VAL A 292 15.87 45.63 -24.90
C VAL A 292 15.56 45.04 -26.27
N ILE A 293 14.40 44.41 -26.39
CA ILE A 293 13.92 43.85 -27.65
C ILE A 293 12.62 44.55 -28.01
N VAL A 294 12.61 45.26 -29.13
CA VAL A 294 11.45 46.02 -29.57
C VAL A 294 10.55 45.09 -30.36
N ASN A 295 9.36 44.80 -29.82
CA ASN A 295 8.40 43.94 -30.49
C ASN A 295 7.28 44.79 -31.08
N PRO A 296 7.13 44.84 -32.41
CA PRO A 296 6.10 45.69 -33.01
C PRO A 296 4.68 45.26 -32.68
N GLN A 297 4.47 44.03 -32.22
CA GLN A 297 3.13 43.52 -31.95
C GLN A 297 2.76 43.59 -30.47
N MET A 298 3.50 44.37 -29.67
CA MET A 298 3.21 44.47 -28.25
C MET A 298 1.86 45.13 -28.02
N MET A 299 1.14 44.64 -27.02
CA MET A 299 -0.17 45.15 -26.65
C MET A 299 -0.06 46.04 -25.43
N HIS A 300 -1.17 46.70 -25.09
CA HIS A 300 -1.18 47.62 -23.97
C HIS A 300 -2.62 47.82 -23.50
N TRP A 301 -2.76 48.42 -22.32
CA TRP A 301 -4.05 48.80 -21.78
C TRP A 301 -4.30 50.28 -22.07
N ALA A 302 -5.38 50.56 -22.80
CA ALA A 302 -5.68 51.91 -23.27
C ALA A 302 -6.80 52.51 -22.45
N GLY A 303 -6.61 53.75 -22.01
CA GLY A 303 -7.61 54.47 -21.24
C GLY A 303 -7.97 53.80 -19.93
N VAL A 304 -6.96 53.38 -19.17
CA VAL A 304 -7.17 52.66 -17.93
C VAL A 304 -6.78 53.48 -16.71
N GLY A 305 -5.79 54.35 -16.81
CA GLY A 305 -5.30 55.08 -15.65
C GLY A 305 -6.18 56.23 -15.21
N LYS A 306 -5.58 57.28 -14.66
CA LYS A 306 -6.31 58.41 -14.12
C LYS A 306 -6.61 59.42 -15.23
N ALA A 307 -7.49 60.38 -14.89
CA ALA A 307 -7.83 61.44 -15.84
C ALA A 307 -6.58 62.24 -16.20
N VAL A 308 -6.47 62.57 -17.49
CA VAL A 308 -5.26 63.24 -17.97
C VAL A 308 -5.19 64.66 -17.41
N ASP A 309 -4.07 64.99 -16.80
CA ASP A 309 -3.85 66.33 -16.26
C ASP A 309 -3.54 67.29 -17.41
N PRO A 310 -4.31 68.38 -17.57
CA PRO A 310 -4.06 69.30 -18.68
C PRO A 310 -2.82 70.18 -18.50
N ASN A 311 -2.13 70.11 -17.36
CA ASN A 311 -1.00 70.98 -17.08
C ASN A 311 0.32 70.23 -16.98
N ASP A 312 0.37 68.99 -17.45
CA ASP A 312 1.63 68.24 -17.45
C ASP A 312 2.56 68.81 -18.52
N GLN A 313 3.87 68.64 -18.28
CA GLN A 313 4.90 69.18 -19.17
C GLN A 313 5.34 68.20 -20.24
N VAL A 314 4.65 67.06 -20.37
CA VAL A 314 5.05 66.02 -21.31
C VAL A 314 3.82 65.48 -22.03
N PRO A 315 4.01 64.98 -23.26
CA PRO A 315 2.85 64.52 -24.05
C PRO A 315 2.01 63.45 -23.36
N MET A 316 2.64 62.44 -22.73
CA MET A 316 1.93 61.48 -21.90
C MET A 316 0.83 60.75 -22.69
N HIS A 317 1.28 59.87 -23.59
CA HIS A 317 0.40 59.04 -24.43
C HIS A 317 -0.84 58.60 -23.68
N GLU A 318 -2.01 58.82 -24.27
CA GLU A 318 -3.27 58.61 -23.59
C GLU A 318 -4.37 58.40 -24.61
N SER A 319 -5.52 57.92 -24.14
CA SER A 319 -6.67 57.69 -24.99
C SER A 319 -7.94 57.78 -24.14
N GLY A 320 -8.98 58.36 -24.70
CA GLY A 320 -10.25 58.50 -24.00
C GLY A 320 -10.17 59.36 -22.76
N GLY A 321 -9.32 60.38 -22.78
CA GLY A 321 -9.19 61.27 -21.63
C GLY A 321 -8.60 60.61 -20.40
N LYS A 322 -7.89 59.49 -20.57
CA LYS A 322 -7.29 58.80 -19.46
C LYS A 322 -5.92 58.28 -19.88
N TYR A 323 -5.02 58.16 -18.91
CA TYR A 323 -3.65 57.74 -19.17
C TYR A 323 -3.63 56.27 -19.59
N SER A 324 -2.91 55.97 -20.65
CA SER A 324 -2.73 54.59 -21.08
C SER A 324 -1.48 53.99 -20.47
N VAL A 325 -1.48 52.68 -20.30
CA VAL A 325 -0.41 51.96 -19.61
C VAL A 325 0.23 50.98 -20.58
N PHE A 326 1.57 50.88 -20.51
CA PHE A 326 2.33 50.03 -21.42
C PHE A 326 3.19 49.06 -20.61
N PRO A 327 3.35 47.83 -21.11
CA PRO A 327 4.10 46.81 -20.37
C PRO A 327 5.57 46.74 -20.74
N MET A 328 6.34 46.12 -19.84
CA MET A 328 7.76 45.87 -20.02
C MET A 328 8.08 44.42 -19.62
N LEU A 329 7.31 43.49 -20.19
CA LEU A 329 7.38 42.09 -19.81
C LEU A 329 8.79 41.52 -19.99
N CYS A 330 9.19 40.66 -19.05
CA CYS A 330 10.52 40.06 -19.00
C CYS A 330 10.41 38.55 -18.82
N VAL A 331 9.56 37.93 -19.64
CA VAL A 331 9.29 36.50 -19.49
C VAL A 331 10.55 35.69 -19.77
N ALA A 332 10.83 34.72 -18.90
CA ALA A 332 11.93 33.79 -19.07
C ALA A 332 11.39 32.42 -19.48
N SER A 333 12.26 31.64 -20.12
CA SER A 333 11.89 30.32 -20.59
C SER A 333 11.84 29.34 -19.42
N GLU A 334 11.63 28.06 -19.72
CA GLU A 334 11.38 26.98 -18.75
C GLU A 334 10.50 27.46 -17.61
N ALA A 335 9.45 28.21 -17.93
CA ALA A 335 8.51 28.70 -16.93
C ALA A 335 7.07 28.66 -17.43
N PHE A 336 6.81 27.96 -18.52
CA PHE A 336 5.46 27.80 -19.09
C PHE A 336 5.56 26.81 -20.24
N THR A 337 4.39 26.39 -20.73
CA THR A 337 4.35 25.47 -21.86
C THR A 337 3.00 25.58 -22.55
N THR A 338 2.99 25.17 -23.81
CA THR A 338 1.81 25.22 -24.66
C THR A 338 1.34 23.79 -24.95
N VAL A 339 0.05 23.55 -24.76
CA VAL A 339 -0.53 22.23 -24.96
C VAL A 339 -1.18 22.23 -26.33
N GLY A 340 -0.49 21.64 -27.31
CA GLY A 340 -0.99 21.49 -28.67
C GLY A 340 -1.71 20.17 -28.91
N PHE A 341 -2.91 20.02 -28.33
CA PHE A 341 -3.65 18.79 -28.49
C PHE A 341 -4.13 18.63 -29.95
N ALA A 342 -4.37 17.38 -30.33
CA ALA A 342 -4.91 16.98 -31.64
C ALA A 342 -3.93 17.20 -32.79
N THR A 343 -2.66 17.41 -32.51
CA THR A 343 -1.64 17.51 -33.56
C THR A 343 -1.30 16.10 -34.02
N ASP A 344 -2.01 15.63 -35.04
CA ASP A 344 -1.84 14.26 -35.51
C ASP A 344 -0.42 14.04 -36.05
N GLY A 345 0.07 14.98 -36.86
CA GLY A 345 1.44 14.94 -37.34
C GLY A 345 2.44 15.62 -36.43
N LYS A 346 2.00 16.07 -35.25
CA LYS A 346 2.79 16.79 -34.25
C LYS A 346 3.29 18.15 -34.74
N ASN A 347 2.98 18.54 -35.97
CA ASN A 347 3.32 19.87 -36.47
C ASN A 347 2.11 20.57 -37.07
N VAL A 348 1.15 19.83 -37.63
CA VAL A 348 -0.06 20.42 -38.19
C VAL A 348 -1.09 20.55 -37.08
N LYS A 349 -1.66 21.74 -36.94
CA LYS A 349 -2.75 21.99 -36.00
C LYS A 349 -3.95 22.66 -36.64
N PHE A 350 -3.80 23.22 -37.84
CA PHE A 350 -4.88 23.93 -38.52
C PHE A 350 -5.66 22.94 -39.37
N LYS A 351 -6.89 22.64 -38.97
CA LYS A 351 -7.79 21.84 -39.79
C LYS A 351 -8.56 22.76 -40.72
N ILE A 352 -8.42 22.53 -42.02
CA ILE A 352 -9.00 23.38 -43.05
C ILE A 352 -9.97 22.54 -43.87
N ILE A 353 -11.19 23.06 -44.04
CA ILE A 353 -12.23 22.38 -44.82
C ILE A 353 -12.75 23.37 -45.84
N THR A 354 -12.63 23.03 -47.12
CA THR A 354 -13.06 23.89 -48.21
C THR A 354 -14.12 23.17 -49.04
N LYS A 355 -15.22 23.86 -49.32
CA LYS A 355 -16.26 23.36 -50.19
C LYS A 355 -16.47 24.38 -51.31
N ARG A 356 -16.32 23.93 -52.55
CA ARG A 356 -16.44 24.83 -53.69
C ARG A 356 -17.86 24.77 -54.26
N PRO A 357 -18.37 25.88 -54.79
CA PRO A 357 -19.70 25.86 -55.39
C PRO A 357 -19.77 24.90 -56.57
N GLY A 358 -20.92 24.25 -56.72
CA GLY A 358 -21.11 23.29 -57.79
C GLY A 358 -21.91 22.08 -57.37
N GLU A 359 -21.47 20.89 -57.77
CA GLU A 359 -22.19 19.68 -57.42
C GLU A 359 -21.93 19.27 -55.97
N ALA A 360 -20.78 19.64 -55.42
CA ALA A 360 -20.47 19.27 -54.04
C ALA A 360 -21.41 19.95 -53.05
N THR A 361 -21.69 21.23 -53.25
CA THR A 361 -22.54 21.98 -52.32
C THR A 361 -24.02 21.64 -52.51
N ALA A 362 -24.43 21.37 -53.75
CA ALA A 362 -25.86 21.24 -54.06
C ALA A 362 -26.52 20.20 -53.17
N ASP A 363 -27.67 20.56 -52.61
CA ASP A 363 -28.42 19.71 -51.70
C ASP A 363 -29.91 20.02 -51.85
N ARG A 364 -30.70 19.56 -50.88
CA ARG A 364 -32.15 19.77 -50.95
C ARG A 364 -32.51 21.24 -50.80
N SER A 365 -31.80 21.96 -49.91
CA SER A 365 -32.12 23.37 -49.69
C SER A 365 -31.77 24.22 -50.91
N ASP A 366 -30.62 23.94 -51.53
CA ASP A 366 -30.17 24.68 -52.70
C ASP A 366 -29.88 23.69 -53.83
N PRO A 367 -30.86 23.40 -54.69
CA PRO A 367 -30.64 22.40 -55.76
C PRO A 367 -29.57 22.79 -56.77
N TYR A 368 -29.24 24.08 -56.89
CA TYR A 368 -28.28 24.53 -57.88
C TYR A 368 -26.85 24.62 -57.34
N GLY A 369 -26.68 24.70 -56.02
CA GLY A 369 -25.36 24.76 -55.42
C GLY A 369 -24.51 25.93 -55.90
N GLU A 370 -24.92 27.14 -55.57
CA GLU A 370 -24.26 28.35 -56.02
C GLU A 370 -23.45 29.03 -54.93
N MET A 371 -23.20 28.35 -53.81
CA MET A 371 -22.47 28.93 -52.70
C MET A 371 -21.35 27.98 -52.26
N GLY A 372 -20.21 28.55 -51.89
CA GLY A 372 -19.11 27.79 -51.34
C GLY A 372 -18.58 28.45 -50.08
N PHE A 373 -17.72 27.74 -49.38
CA PHE A 373 -17.19 28.25 -48.12
C PHE A 373 -15.86 27.60 -47.81
N MET A 374 -15.17 28.18 -46.82
CA MET A 374 -13.90 27.66 -46.34
C MET A 374 -13.77 27.97 -44.86
N SER A 375 -13.41 26.95 -44.08
CA SER A 375 -13.34 27.06 -42.62
C SER A 375 -11.99 26.54 -42.14
N ILE A 376 -11.52 27.09 -41.03
CA ILE A 376 -10.27 26.68 -40.39
C ILE A 376 -10.47 26.69 -38.88
N LYS A 377 -10.03 25.62 -38.22
CA LYS A 377 -10.18 25.48 -36.78
C LYS A 377 -8.97 24.79 -36.19
N TRP A 378 -8.77 24.97 -34.89
CA TRP A 378 -7.62 24.40 -34.20
C TRP A 378 -7.88 24.34 -32.70
N TYR A 379 -6.92 23.74 -31.99
CA TYR A 379 -6.93 23.62 -30.54
C TYR A 379 -5.71 24.34 -29.98
N TYR A 380 -5.82 24.76 -28.72
CA TYR A 380 -4.73 25.47 -28.08
C TYR A 380 -4.88 25.37 -26.57
N GLY A 381 -3.75 25.25 -25.87
CA GLY A 381 -3.76 25.28 -24.42
C GLY A 381 -2.49 25.90 -23.88
N PHE A 382 -2.54 26.32 -22.63
CA PHE A 382 -1.39 26.95 -21.98
C PHE A 382 -1.38 26.55 -20.50
N MET A 383 -0.19 26.21 -20.00
CA MET A 383 -0.06 25.80 -18.60
C MET A 383 1.34 26.15 -18.11
N VAL A 384 1.41 26.75 -16.93
CA VAL A 384 2.59 27.50 -16.49
C VAL A 384 3.15 26.88 -15.22
N PHE A 385 4.48 26.71 -15.18
CA PHE A 385 5.21 26.39 -13.96
C PHE A 385 5.96 27.62 -13.48
N ARG A 386 6.02 27.78 -12.16
CA ARG A 386 6.81 28.85 -11.54
C ARG A 386 6.39 30.23 -12.04
N PRO A 387 5.22 30.74 -11.65
CA PRO A 387 4.78 32.05 -12.14
C PRO A 387 5.62 33.21 -11.61
N GLU A 388 6.60 32.96 -10.74
CA GLU A 388 7.46 34.00 -10.19
C GLU A 388 8.65 34.33 -11.09
N TRP A 389 8.89 33.55 -12.14
CA TRP A 389 9.97 33.82 -13.08
C TRP A 389 9.55 34.71 -14.24
N ILE A 390 8.29 35.16 -14.25
CA ILE A 390 7.79 36.10 -15.24
C ILE A 390 7.57 37.43 -14.55
N ALA A 391 8.18 38.49 -15.09
CA ALA A 391 8.13 39.81 -14.49
C ALA A 391 7.43 40.78 -15.42
N LEU A 392 6.66 41.70 -14.82
CA LEU A 392 5.93 42.72 -15.57
C LEU A 392 6.15 44.07 -14.90
N LEU A 393 6.18 45.11 -15.73
CA LEU A 393 6.38 46.48 -15.25
C LEU A 393 5.54 47.40 -16.13
N LYS A 394 4.64 48.15 -15.51
CA LYS A 394 3.62 48.92 -16.23
C LYS A 394 3.88 50.41 -16.06
N THR A 395 4.03 51.11 -17.20
CA THR A 395 4.37 52.54 -17.17
C THR A 395 3.49 53.36 -18.11
N VAL A 396 3.87 54.63 -18.29
CA VAL A 396 3.29 55.48 -19.31
C VAL A 396 4.35 55.72 -20.39
N ALA A 397 3.93 56.37 -21.47
CA ALA A 397 4.77 56.50 -22.66
C ALA A 397 5.13 57.96 -22.91
N ARG A 398 5.99 58.20 -23.92
CA ARG A 398 6.15 59.51 -24.62
C ARG A 398 6.54 60.63 -23.66
N LEU A 399 7.74 60.46 -23.11
CA LEU A 399 8.35 61.50 -22.29
C LEU A 399 8.65 62.74 -23.11
N MET B 1 -18.56 31.93 -23.63
CA MET B 1 -18.88 30.70 -22.93
C MET B 1 -20.13 30.05 -23.50
N ALA B 2 -21.05 30.88 -23.99
CA ALA B 2 -22.30 30.40 -24.57
C ALA B 2 -22.07 29.99 -26.02
N GLY B 3 -23.15 29.70 -26.74
CA GLY B 3 -23.07 29.30 -28.12
C GLY B 3 -24.42 29.30 -28.80
N PRO B 4 -24.47 28.75 -30.02
CA PRO B 4 -25.74 28.72 -30.77
C PRO B 4 -26.69 27.68 -30.20
N VAL B 5 -27.96 27.82 -30.59
CA VAL B 5 -28.97 26.86 -30.17
C VAL B 5 -28.74 25.53 -30.87
N ASP B 6 -28.82 24.44 -30.12
CA ASP B 6 -28.49 23.13 -30.65
C ASP B 6 -29.58 22.64 -31.62
N ASN B 7 -30.80 22.47 -31.11
CA ASN B 7 -31.95 22.00 -31.86
C ASN B 7 -31.77 20.61 -32.45
N ILE B 8 -30.70 19.91 -32.08
CA ILE B 8 -30.45 18.54 -32.53
C ILE B 8 -30.23 17.60 -31.35
N LYS B 9 -29.32 17.96 -30.43
CA LYS B 9 -29.02 17.23 -29.21
C LYS B 9 -28.57 15.81 -29.49
N PRO B 10 -27.39 15.62 -30.08
CA PRO B 10 -26.86 14.25 -30.25
C PRO B 10 -26.12 13.78 -29.00
N MET B 11 -25.52 12.60 -29.06
CA MET B 11 -24.76 12.08 -27.92
C MET B 11 -23.52 12.95 -27.74
N LYS B 12 -23.58 13.85 -26.76
CA LYS B 12 -22.53 14.83 -26.54
C LYS B 12 -21.46 14.29 -25.61
N TYR B 13 -20.47 15.13 -25.32
CA TYR B 13 -19.52 14.91 -24.24
C TYR B 13 -19.49 16.21 -23.44
N ASN B 14 -20.43 16.33 -22.49
CA ASN B 14 -20.43 17.47 -21.60
C ASN B 14 -19.33 17.30 -20.55
N ASP B 15 -18.85 18.43 -20.03
CA ASP B 15 -17.70 18.45 -19.13
C ASP B 15 -18.01 17.72 -17.83
N PRO B 16 -17.45 16.52 -17.62
CA PRO B 16 -17.77 15.76 -16.40
C PRO B 16 -17.02 16.23 -15.17
N ALA B 17 -15.95 17.01 -15.33
CA ALA B 17 -15.18 17.48 -14.18
C ALA B 17 -15.99 18.39 -13.27
N ASN B 18 -17.01 19.07 -13.79
CA ASN B 18 -17.79 20.00 -12.97
C ASN B 18 -19.18 20.13 -13.59
N GLY B 19 -20.17 19.49 -12.96
CA GLY B 19 -21.55 19.69 -13.34
C GLY B 19 -22.18 18.54 -14.12
N VAL B 20 -22.66 18.85 -15.32
CA VAL B 20 -23.33 17.85 -16.15
C VAL B 20 -22.34 16.74 -16.50
N GLU B 21 -22.79 15.49 -16.35
CA GLU B 21 -21.86 14.36 -16.35
C GLU B 21 -21.45 13.94 -17.75
N SER B 22 -22.39 13.40 -18.54
CA SER B 22 -22.10 12.85 -19.85
C SER B 22 -23.35 12.31 -20.53
N SER B 23 -23.20 11.87 -21.78
CA SER B 23 -24.28 11.17 -22.47
C SER B 23 -24.15 9.65 -22.32
N ILE B 24 -22.97 9.11 -22.56
CA ILE B 24 -22.78 7.66 -22.48
C ILE B 24 -22.86 7.18 -21.03
N GLY B 25 -22.31 7.95 -20.09
CA GLY B 25 -22.34 7.58 -18.70
C GLY B 25 -21.11 8.05 -17.93
N PRO B 26 -20.78 7.34 -16.85
CA PRO B 26 -19.66 7.77 -16.00
C PRO B 26 -18.32 7.68 -16.71
N GLN B 27 -17.40 8.54 -16.28
CA GLN B 27 -16.06 8.61 -16.84
C GLN B 27 -15.04 8.18 -15.79
N ILE B 28 -13.98 7.50 -16.25
CA ILE B 28 -12.94 7.05 -15.33
C ILE B 28 -11.93 8.17 -15.06
N HIS B 29 -11.32 8.69 -16.11
CA HIS B 29 -10.32 9.75 -16.01
C HIS B 29 -10.87 11.06 -16.57
N THR B 30 -10.48 12.16 -15.94
CA THR B 30 -10.87 13.50 -16.39
C THR B 30 -9.68 14.44 -16.51
N ARG B 31 -8.45 13.94 -16.32
CA ARG B 31 -7.27 14.77 -16.41
C ARG B 31 -6.07 13.87 -16.66
N TYR B 32 -5.01 14.48 -17.18
CA TYR B 32 -3.76 13.80 -17.43
C TYR B 32 -2.75 14.13 -16.34
N TRP B 33 -1.86 13.17 -16.07
CA TRP B 33 -0.88 13.29 -15.00
C TRP B 33 0.50 13.51 -15.59
N TYR B 34 1.15 14.60 -15.19
CA TYR B 34 2.54 14.87 -15.56
C TYR B 34 3.40 14.17 -14.51
N LYS B 35 3.95 13.01 -14.87
CA LYS B 35 4.57 12.14 -13.88
C LYS B 35 5.78 12.78 -13.22
N ARG B 36 6.61 13.47 -13.99
CA ARG B 36 7.81 14.08 -13.43
C ARG B 36 7.42 15.28 -12.57
N ALA B 37 7.80 15.25 -11.30
CA ALA B 37 7.40 16.28 -10.35
C ALA B 37 8.31 17.49 -10.46
N LEU B 38 7.89 18.59 -9.83
CA LEU B 38 8.66 19.83 -9.78
C LEU B 38 9.40 19.89 -8.46
N ILE B 39 10.72 19.97 -8.53
CA ILE B 39 11.58 19.96 -7.35
C ILE B 39 12.45 21.21 -7.37
N ASP B 40 12.56 21.86 -6.22
CA ASP B 40 13.40 23.05 -6.10
C ASP B 40 14.87 22.65 -6.14
N ALA B 41 15.73 23.65 -6.01
CA ALA B 41 17.17 23.46 -6.09
C ALA B 41 17.83 23.76 -4.75
N ALA B 42 18.93 23.06 -4.47
CA ALA B 42 19.64 23.26 -3.22
C ALA B 42 20.32 24.63 -3.20
N LYS B 43 20.45 25.18 -1.99
CA LYS B 43 21.05 26.49 -1.83
C LYS B 43 22.58 26.38 -1.74
N GLU B 44 23.24 27.52 -1.83
CA GLU B 44 24.69 27.59 -1.83
C GLU B 44 25.21 27.95 -0.44
N ALA B 45 26.41 27.47 -0.14
CA ALA B 45 27.08 27.74 1.13
C ALA B 45 28.30 28.60 0.87
N TYR B 46 28.41 29.70 1.62
CA TYR B 46 29.51 30.66 1.43
C TYR B 46 30.53 30.65 2.56
N PHE B 47 30.10 30.46 3.81
CA PHE B 47 31.01 30.46 4.94
C PHE B 47 31.52 29.08 5.30
N GLY B 48 30.98 28.01 4.70
CA GLY B 48 31.38 26.67 5.05
C GLY B 48 32.72 26.23 4.51
N GLN B 49 33.20 26.87 3.45
CA GLN B 49 34.45 26.48 2.81
C GLN B 49 35.65 27.27 3.30
N LEU B 50 35.48 28.15 4.30
CA LEU B 50 36.57 28.95 4.82
C LEU B 50 36.78 28.75 6.31
N ALA B 51 36.21 27.68 6.88
CA ALA B 51 36.33 27.38 8.30
C ALA B 51 37.14 26.11 8.50
N ASP B 52 37.96 26.10 9.54
CA ASP B 52 38.81 24.97 9.87
C ASP B 52 38.29 24.28 11.13
N THR B 53 38.24 22.95 11.08
CA THR B 53 37.70 22.16 12.18
C THR B 53 38.79 21.75 13.17
N PHE B 54 38.36 21.42 14.38
CA PHE B 54 39.26 20.97 15.43
C PHE B 54 38.58 19.85 16.20
N SER B 55 39.20 18.67 16.23
CA SER B 55 38.61 17.50 16.86
C SER B 55 38.80 17.58 18.37
N MET B 56 37.71 17.74 19.10
CA MET B 56 37.78 17.84 20.54
C MET B 56 38.08 16.46 21.16
N PRO B 57 38.94 16.40 22.18
CA PRO B 57 39.16 15.12 22.88
C PRO B 57 37.93 14.64 23.64
N LYS B 58 38.05 13.50 24.30
CA LYS B 58 36.88 12.84 24.88
C LYS B 58 36.64 13.25 26.34
N HIS B 59 37.63 13.04 27.20
CA HIS B 59 37.44 13.08 28.65
C HIS B 59 37.87 14.41 29.25
N TYR B 60 37.66 15.52 28.56
CA TYR B 60 38.06 16.84 29.05
C TYR B 60 36.91 17.82 29.01
N GLY B 61 35.71 17.35 29.33
CA GLY B 61 34.56 18.24 29.35
C GLY B 61 34.16 18.70 27.96
N LYS B 62 33.52 19.86 27.91
CA LYS B 62 33.05 20.46 26.65
C LYS B 62 33.41 21.94 26.61
N GLU B 63 34.65 22.27 26.99
CA GLU B 63 35.12 23.66 26.95
C GLU B 63 36.61 23.65 26.66
N ILE B 64 37.06 24.63 25.87
CA ILE B 64 38.45 24.75 25.47
C ILE B 64 38.97 26.10 25.93
N VAL B 65 40.22 26.13 26.42
CA VAL B 65 40.86 27.34 26.90
C VAL B 65 42.25 27.44 26.27
N ARG B 66 42.64 28.67 25.91
CA ARG B 66 43.94 28.91 25.29
C ARG B 66 44.54 30.20 25.85
N LEU B 67 45.87 30.22 25.95
CA LEU B 67 46.58 31.36 26.51
C LEU B 67 46.94 32.37 25.41
N HIS B 68 47.30 33.58 25.85
CA HIS B 68 47.66 34.65 24.92
C HIS B 68 48.55 35.65 25.66
N TYR B 69 49.79 35.79 25.21
CA TYR B 69 50.76 36.67 25.87
C TYR B 69 50.70 38.06 25.25
N ILE B 70 50.79 39.08 26.09
CA ILE B 70 50.70 40.46 25.64
C ILE B 70 52.11 41.03 25.48
N PRO B 71 52.39 41.77 24.39
CA PRO B 71 53.73 42.36 24.23
C PRO B 71 54.05 43.40 25.28
N LEU B 72 55.30 43.90 25.26
CA LEU B 72 55.74 44.84 26.29
C LEU B 72 55.17 46.23 26.06
N LEU B 73 55.36 46.79 24.87
CA LEU B 73 54.90 48.15 24.57
C LEU B 73 53.49 48.09 23.99
N ASP B 74 52.52 47.95 24.89
CA ASP B 74 51.12 47.90 24.51
C ASP B 74 50.27 48.37 25.67
N ASP B 75 49.18 49.08 25.37
CA ASP B 75 48.33 49.62 26.42
C ASP B 75 47.62 48.54 27.22
N ARG B 76 47.49 47.33 26.67
CA ARG B 76 46.87 46.25 27.42
C ARG B 76 47.79 45.69 28.50
N ASN B 77 49.07 46.05 28.50
CA ASN B 77 50.02 45.57 29.50
C ASN B 77 49.92 46.45 30.73
N VAL B 78 48.97 46.13 31.59
CA VAL B 78 48.74 46.85 32.83
C VAL B 78 49.31 46.02 33.98
N ASN B 79 50.24 46.60 34.72
CA ASN B 79 50.93 45.91 35.80
C ASN B 79 51.37 46.94 36.84
N ASP B 80 52.24 46.53 37.75
CA ASP B 80 52.73 47.43 38.79
C ASP B 80 54.24 47.32 39.00
N GLN B 81 54.96 46.65 38.10
CA GLN B 81 56.42 46.52 38.22
C GLN B 81 57.12 47.65 37.45
N GLY B 82 56.80 48.88 37.83
CA GLY B 82 57.35 50.03 37.13
C GLY B 82 57.92 51.11 38.03
N ILE B 83 59.13 51.56 37.72
CA ILE B 83 59.78 52.67 38.41
C ILE B 83 60.37 53.60 37.36
N ASP B 84 60.12 54.90 37.50
CA ASP B 84 60.56 55.85 36.49
C ASP B 84 62.07 56.06 36.57
N ALA B 85 62.61 56.78 35.58
CA ALA B 85 64.05 56.97 35.46
C ALA B 85 64.64 57.71 36.66
N SER B 86 63.82 58.44 37.41
CA SER B 86 64.30 59.13 38.60
C SER B 86 64.33 58.23 39.84
N GLY B 87 63.83 57.01 39.74
CA GLY B 87 63.85 56.08 40.86
C GLY B 87 62.61 56.07 41.72
N ALA B 88 61.53 56.71 41.27
CA ALA B 88 60.28 56.77 42.04
C ALA B 88 59.30 55.74 41.52
N THR B 89 58.68 55.01 42.44
CA THR B 89 57.70 54.00 42.05
C THR B 89 56.45 54.68 41.48
N ILE B 90 56.04 54.24 40.29
CA ILE B 90 54.88 54.78 39.61
C ILE B 90 53.95 53.64 39.21
N ALA B 91 52.69 53.97 38.99
CA ALA B 91 51.68 52.99 38.58
C ALA B 91 51.64 52.84 37.07
N ASN B 92 52.80 52.63 36.46
CA ASN B 92 52.90 52.44 35.01
C ASN B 92 54.16 51.66 34.71
N GLY B 93 54.00 50.39 34.33
CA GLY B 93 55.11 49.58 33.91
C GLY B 93 55.09 49.31 32.42
N ASN B 94 54.44 50.19 31.66
CA ASN B 94 54.25 49.98 30.22
C ASN B 94 55.32 50.63 29.36
N LEU B 95 56.05 51.62 29.90
CA LEU B 95 57.07 52.34 29.15
C LEU B 95 56.48 52.98 27.90
N TYR B 96 55.59 53.94 28.14
CA TYR B 96 54.93 54.75 27.10
C TYR B 96 54.23 53.90 26.04
N GLY B 97 53.96 52.64 26.35
CA GLY B 97 53.45 51.68 25.39
C GLY B 97 52.26 52.11 24.58
N SER B 98 52.34 51.89 23.26
CA SER B 98 51.26 52.20 22.32
C SER B 98 50.88 53.68 22.38
N SER B 99 51.89 54.55 22.29
CA SER B 99 51.68 55.98 22.23
C SER B 99 52.51 56.55 21.08
N ARG B 100 51.92 57.48 20.34
CA ARG B 100 52.57 58.09 19.18
C ARG B 100 52.62 59.60 19.31
N ASP B 101 52.96 60.09 20.50
CA ASP B 101 53.14 61.51 20.75
C ASP B 101 54.62 61.76 21.02
N VAL B 102 55.21 62.70 20.28
CA VAL B 102 56.65 62.92 20.36
C VAL B 102 57.04 63.40 21.75
N GLY B 103 56.30 64.39 22.27
CA GLY B 103 56.60 64.89 23.60
C GLY B 103 56.42 63.83 24.68
N ASN B 104 55.32 63.08 24.61
CA ASN B 104 55.08 62.03 25.59
C ASN B 104 56.14 60.93 25.49
N ILE B 105 56.53 60.57 24.27
CA ILE B 105 57.55 59.53 24.09
C ILE B 105 58.88 59.97 24.66
N THR B 106 59.30 61.19 24.31
CA THR B 106 60.57 61.72 24.82
C THR B 106 60.54 62.00 26.31
N ALA B 107 59.34 62.15 26.89
CA ALA B 107 59.25 62.43 28.31
C ALA B 107 59.66 61.22 29.16
N LYS B 108 59.43 60.01 28.67
CA LYS B 108 59.65 58.80 29.46
C LYS B 108 60.47 57.78 28.69
N MET B 109 61.55 58.23 28.05
CA MET B 109 62.47 57.27 27.46
C MET B 109 63.38 56.69 28.54
N PRO B 110 63.82 55.44 28.39
CA PRO B 110 64.69 54.84 29.41
C PRO B 110 66.11 55.38 29.38
N THR B 111 66.30 56.59 29.91
CA THR B 111 67.62 57.18 29.98
C THR B 111 68.38 56.66 31.19
N LEU B 112 69.62 56.22 30.97
CA LEU B 112 70.45 55.67 32.02
C LEU B 112 71.57 56.66 32.33
N THR B 113 71.75 56.95 33.62
CA THR B 113 72.76 57.91 34.06
C THR B 113 74.08 57.20 34.29
N GLU B 114 75.10 57.98 34.67
CA GLU B 114 76.43 57.41 34.91
C GLU B 114 76.45 56.52 36.14
N ILE B 115 75.72 56.91 37.19
CA ILE B 115 75.75 56.16 38.44
C ILE B 115 75.13 54.77 38.26
N GLY B 116 73.95 54.71 37.64
CA GLY B 116 73.26 53.46 37.48
C GLY B 116 72.12 53.29 38.45
N GLY B 117 72.14 52.20 39.22
CA GLY B 117 71.12 51.97 40.22
C GLY B 117 69.82 51.44 39.63
N ARG B 118 68.81 51.39 40.49
CA ARG B 118 67.48 50.93 40.11
C ARG B 118 66.73 52.11 39.52
N VAL B 119 66.64 52.15 38.19
CA VAL B 119 66.00 53.27 37.51
C VAL B 119 64.94 52.85 36.50
N ASN B 120 64.90 51.60 36.05
CA ASN B 120 63.92 51.18 35.06
C ASN B 120 63.55 49.74 35.29
N ARG B 121 62.24 49.47 35.38
CA ARG B 121 61.72 48.12 35.52
C ARG B 121 60.47 47.98 34.68
N VAL B 122 60.19 46.75 34.25
CA VAL B 122 59.06 46.45 33.37
C VAL B 122 58.45 45.11 33.81
N GLY B 123 57.31 44.78 33.18
CA GLY B 123 56.62 43.53 33.45
C GLY B 123 55.84 43.09 32.23
N PHE B 124 55.27 41.89 32.33
CA PHE B 124 54.56 41.29 31.21
C PHE B 124 53.29 40.62 31.73
N LYS B 125 52.36 40.36 30.82
CA LYS B 125 51.04 39.84 31.18
C LYS B 125 50.55 38.84 30.14
N ARG B 126 49.57 38.04 30.55
CA ARG B 126 48.91 37.09 29.67
C ARG B 126 47.43 37.01 30.03
N VAL B 127 46.63 36.58 29.06
CA VAL B 127 45.20 36.42 29.20
C VAL B 127 44.79 35.07 28.60
N GLU B 128 43.50 34.78 28.65
CA GLU B 128 42.99 33.51 28.17
C GLU B 128 41.72 33.72 27.35
N ILE B 129 41.46 32.79 26.43
CA ILE B 129 40.28 32.80 25.58
C ILE B 129 39.65 31.41 25.64
N LYS B 130 38.35 31.35 25.36
CA LYS B 130 37.56 30.15 25.57
C LYS B 130 36.72 29.82 24.34
N GLY B 131 36.35 28.54 24.25
CA GLY B 131 35.49 28.06 23.18
C GLY B 131 34.59 26.96 23.68
N LYS B 132 33.43 26.82 23.04
CA LYS B 132 32.35 26.00 23.58
C LYS B 132 31.80 25.05 22.51
N LEU B 133 30.93 24.14 22.96
CA LEU B 133 30.35 23.08 22.15
C LEU B 133 28.88 22.90 22.52
N GLU B 134 28.13 22.24 21.64
CA GLU B 134 26.71 22.00 21.84
C GLU B 134 26.25 20.88 20.90
N LYS B 135 24.98 20.50 21.05
CA LYS B 135 24.41 19.32 20.39
C LYS B 135 23.07 19.69 19.76
N TYR B 136 22.77 19.06 18.63
CA TYR B 136 21.51 19.33 17.91
C TYR B 136 21.00 18.06 17.27
N GLY B 137 19.70 18.06 16.92
CA GLY B 137 19.10 16.94 16.22
C GLY B 137 17.60 17.02 16.05
N PHE B 138 17.05 16.22 15.13
CA PHE B 138 15.61 16.14 14.91
C PHE B 138 15.29 14.84 14.19
N PHE B 139 14.01 14.44 14.26
CA PHE B 139 13.59 13.15 13.75
C PHE B 139 12.26 13.30 13.01
N ARG B 140 11.83 12.21 12.38
CA ARG B 140 10.57 12.16 11.65
C ARG B 140 9.98 10.76 11.76
N GLU B 141 8.66 10.68 11.83
CA GLU B 141 7.94 9.43 11.99
C GLU B 141 6.91 9.26 10.88
N TYR B 142 6.60 8.00 10.56
CA TYR B 142 5.62 7.70 9.53
C TYR B 142 5.09 6.29 9.76
N THR B 143 4.09 5.92 8.96
CA THR B 143 3.48 4.60 9.01
C THR B 143 3.66 3.87 7.68
N GLN B 144 3.49 2.55 7.72
CA GLN B 144 3.65 1.73 6.52
C GLN B 144 2.48 1.92 5.55
N GLU B 145 1.26 2.06 6.08
CA GLU B 145 0.09 2.17 5.22
C GLU B 145 0.15 3.42 4.36
N GLN B 146 0.58 4.54 4.94
CA GLN B 146 0.66 5.79 4.19
C GLN B 146 1.80 5.78 3.17
N LEU B 147 2.67 4.78 3.20
CA LEU B 147 3.76 4.67 2.24
C LEU B 147 3.46 3.67 1.12
N ASP B 148 2.45 2.82 1.27
CA ASP B 148 2.17 1.77 0.31
C ASP B 148 0.94 2.03 -0.55
N PHE B 149 0.15 3.06 -0.25
CA PHE B 149 -1.05 3.35 -1.01
C PHE B 149 -1.03 4.74 -1.65
N ASP B 150 0.08 5.44 -1.58
CA ASP B 150 0.17 6.76 -2.19
C ASP B 150 0.20 6.65 -3.71
N SER B 151 -0.28 7.70 -4.38
CA SER B 151 -0.34 7.69 -5.84
C SER B 151 1.03 7.91 -6.47
N ASP B 152 1.99 8.47 -5.73
CA ASP B 152 3.31 8.74 -6.29
C ASP B 152 4.29 7.69 -5.79
N PRO B 153 4.83 6.84 -6.67
CA PRO B 153 5.76 5.79 -6.21
C PRO B 153 7.15 6.30 -5.88
N ALA B 154 7.42 7.62 -5.94
CA ALA B 154 8.73 8.18 -5.67
C ALA B 154 8.71 9.18 -4.52
N MET B 155 7.71 9.10 -3.64
CA MET B 155 7.58 10.08 -2.57
C MET B 155 8.69 9.94 -1.53
N GLU B 156 9.05 8.70 -1.18
CA GLU B 156 9.99 8.47 -0.08
C GLU B 156 11.36 9.08 -0.38
N GLY B 157 11.87 8.86 -1.59
CA GLY B 157 13.16 9.43 -1.95
C GLY B 157 13.16 10.94 -1.91
N HIS B 158 12.09 11.56 -2.43
CA HIS B 158 11.98 13.01 -2.40
C HIS B 158 11.99 13.53 -0.97
N VAL B 159 11.21 12.89 -0.09
CA VAL B 159 11.13 13.34 1.30
C VAL B 159 12.48 13.21 1.98
N THR B 160 13.16 12.08 1.79
CA THR B 160 14.47 11.88 2.43
C THR B 160 15.48 12.91 1.95
N THR B 161 15.53 13.14 0.63
CA THR B 161 16.47 14.11 0.09
C THR B 161 16.16 15.52 0.61
N GLU B 162 14.88 15.87 0.69
CA GLU B 162 14.52 17.20 1.17
C GLU B 162 14.94 17.41 2.62
N MET B 163 14.70 16.40 3.48
CA MET B 163 15.04 16.59 4.88
C MET B 163 16.55 16.56 5.09
N VAL B 164 17.27 15.76 4.30
CA VAL B 164 18.73 15.78 4.35
C VAL B 164 19.26 17.15 3.94
N LYS B 165 18.68 17.73 2.88
CA LYS B 165 19.09 19.06 2.44
C LYS B 165 18.82 20.09 3.52
N GLY B 166 17.66 20.01 4.19
CA GLY B 166 17.39 20.93 5.28
C GLY B 166 18.37 20.79 6.43
N ALA B 167 18.73 19.55 6.78
CA ALA B 167 19.73 19.34 7.83
C ALA B 167 21.07 19.93 7.43
N ASN B 168 21.42 19.84 6.14
CA ASN B 168 22.63 20.49 5.65
C ASN B 168 22.56 22.00 5.81
N GLU B 169 21.39 22.57 5.49
CA GLU B 169 21.23 24.04 5.55
C GLU B 169 21.31 24.56 6.98
N ILE B 170 20.81 23.79 7.95
CA ILE B 170 20.80 24.25 9.34
C ILE B 170 22.20 24.53 9.85
N THR B 171 23.18 23.70 9.46
CA THR B 171 24.56 23.92 9.91
C THR B 171 25.12 25.23 9.38
N GLU B 172 24.85 25.55 8.11
CA GLU B 172 25.29 26.83 7.56
C GLU B 172 24.62 27.99 8.28
N ASP B 173 23.33 27.85 8.58
CA ASP B 173 22.65 28.90 9.34
C ASP B 173 23.30 29.10 10.71
N LEU B 174 23.62 28.00 11.40
CA LEU B 174 24.28 28.11 12.70
C LEU B 174 25.64 28.78 12.59
N LEU B 175 26.42 28.42 11.56
CA LEU B 175 27.73 29.03 11.38
C LEU B 175 27.61 30.52 11.11
N GLN B 176 26.64 30.93 10.29
CA GLN B 176 26.46 32.35 10.02
C GLN B 176 26.05 33.10 11.28
N ILE B 177 25.16 32.51 12.08
CA ILE B 177 24.75 33.15 13.33
C ILE B 177 25.95 33.32 14.26
N ASP B 178 26.76 32.28 14.40
CA ASP B 178 27.92 32.35 15.27
C ASP B 178 28.91 33.40 14.79
N LEU B 179 29.14 33.47 13.48
CA LEU B 179 30.04 34.48 12.94
C LEU B 179 29.51 35.89 13.20
N LEU B 180 28.20 36.09 13.01
CA LEU B 180 27.63 37.43 13.20
C LEU B 180 27.66 37.85 14.66
N ASN B 181 27.38 36.93 15.60
CA ASN B 181 27.21 37.32 16.99
C ASN B 181 28.53 37.61 17.71
N SER B 182 29.66 37.20 17.15
CA SER B 182 30.97 37.39 17.81
C SER B 182 31.90 38.07 16.81
N ALA B 183 32.06 39.39 16.95
CA ALA B 183 32.93 40.15 16.06
C ALA B 183 33.29 41.47 16.74
N GLY B 184 34.59 41.74 16.86
CA GLY B 184 35.05 43.01 17.37
C GLY B 184 35.06 44.08 16.30
N THR B 185 35.39 45.30 16.72
CA THR B 185 35.44 46.47 15.84
C THR B 185 34.12 46.65 15.09
N VAL B 186 33.05 46.81 15.87
CA VAL B 186 31.72 47.05 15.32
C VAL B 186 31.52 48.56 15.24
N ARG B 187 31.15 49.04 14.06
CA ARG B 187 31.06 50.46 13.77
C ARG B 187 29.65 50.81 13.30
N TYR B 188 29.08 51.86 13.89
CA TYR B 188 27.82 52.43 13.43
C TYR B 188 28.11 53.75 12.73
N PRO B 189 27.77 53.89 11.45
CA PRO B 189 28.14 55.13 10.75
C PRO B 189 27.32 56.32 11.20
N GLY B 190 27.95 57.19 12.00
CA GLY B 190 27.37 58.47 12.38
C GLY B 190 26.70 58.48 13.74
N ALA B 191 27.46 58.90 14.75
CA ALA B 191 26.96 59.22 16.09
C ALA B 191 25.81 58.32 16.54
N ALA B 192 26.00 57.01 16.39
CA ALA B 192 24.99 56.05 16.83
C ALA B 192 25.49 55.19 17.99
N THR B 193 26.60 54.48 17.82
CA THR B 193 27.29 53.77 18.89
C THR B 193 26.44 52.70 19.57
N SER B 194 25.22 52.47 19.08
CA SER B 194 24.32 51.51 19.72
C SER B 194 23.21 51.14 18.76
N ASP B 195 22.55 50.02 19.06
CA ASP B 195 21.41 49.57 18.26
C ASP B 195 20.16 50.40 18.51
N ALA B 196 19.96 50.87 19.74
CA ALA B 196 18.76 51.60 20.10
C ALA B 196 18.75 53.03 19.58
N GLU B 197 19.90 53.56 19.15
CA GLU B 197 19.99 54.91 18.62
C GLU B 197 20.03 54.93 17.10
N VAL B 198 19.79 53.80 16.45
CA VAL B 198 19.83 53.73 14.99
C VAL B 198 18.59 54.40 14.43
N ASP B 199 18.78 55.32 13.48
CA ASP B 199 17.70 56.04 12.83
C ASP B 199 18.02 56.15 11.35
N ALA B 200 17.29 57.03 10.64
CA ALA B 200 17.45 57.17 9.20
C ALA B 200 18.80 57.73 8.78
N SER B 201 19.56 58.30 9.71
CA SER B 201 20.85 58.91 9.39
C SER B 201 22.02 57.95 9.51
N THR B 202 21.78 56.71 9.92
CA THR B 202 22.86 55.73 10.11
C THR B 202 23.03 54.88 8.85
N GLU B 203 23.36 55.56 7.75
CA GLU B 203 23.47 54.93 6.45
C GLU B 203 24.94 54.74 6.07
N VAL B 204 25.14 54.04 4.96
CA VAL B 204 26.50 53.77 4.47
C VAL B 204 27.05 55.01 3.81
N THR B 205 28.31 55.34 4.10
CA THR B 205 29.00 56.45 3.48
C THR B 205 30.41 56.02 3.11
N TYR B 206 30.99 56.73 2.14
CA TYR B 206 32.36 56.45 1.72
C TYR B 206 33.33 56.66 2.87
N ASP B 207 33.11 57.71 3.67
CA ASP B 207 33.98 57.98 4.81
C ASP B 207 33.95 56.83 5.82
N SER B 208 32.77 56.26 6.05
CA SER B 208 32.68 55.13 6.98
C SER B 208 33.46 53.93 6.48
N LEU B 209 33.36 53.62 5.19
CA LEU B 209 34.12 52.50 4.64
C LEU B 209 35.63 52.77 4.70
N MET B 210 36.05 54.00 4.40
CA MET B 210 37.47 54.34 4.49
C MET B 210 37.97 54.22 5.92
N ARG B 211 37.16 54.67 6.90
CA ARG B 211 37.55 54.55 8.30
C ARG B 211 37.64 53.08 8.72
N LEU B 212 36.70 52.26 8.25
CA LEU B 212 36.75 50.83 8.56
C LEU B 212 38.01 50.20 7.97
N ARG B 213 38.36 50.56 6.74
CA ARG B 213 39.58 50.05 6.13
C ARG B 213 40.82 50.47 6.91
N LEU B 214 40.86 51.74 7.33
CA LEU B 214 42.00 52.21 8.11
C LEU B 214 42.10 51.49 9.45
N ASP B 215 40.96 51.25 10.10
CA ASP B 215 40.95 50.53 11.36
C ASP B 215 41.43 49.09 11.17
N LEU B 216 40.99 48.44 10.10
CA LEU B 216 41.45 47.08 9.81
C LEU B 216 42.95 47.05 9.54
N ASP B 217 43.46 48.05 8.80
CA ASP B 217 44.89 48.12 8.54
C ASP B 217 45.68 48.38 9.82
N ASN B 218 45.10 49.13 10.77
CA ASN B 218 45.78 49.38 12.03
C ASN B 218 45.93 48.11 12.84
N ALA B 219 45.03 47.15 12.67
CA ALA B 219 45.07 45.88 13.38
C ALA B 219 45.87 44.81 12.64
N ARG B 220 46.53 45.17 11.54
CA ARG B 220 47.36 44.26 10.75
C ARG B 220 46.54 43.10 10.20
N ALA B 221 45.33 43.39 9.75
CA ALA B 221 44.51 42.38 9.10
C ALA B 221 45.05 42.08 7.71
N PRO B 222 45.24 40.80 7.35
CA PRO B 222 45.85 40.49 6.06
C PRO B 222 44.92 40.78 4.89
N THR B 223 45.52 41.02 3.74
CA THR B 223 44.81 41.19 2.48
C THR B 223 45.18 40.05 1.54
N LYS B 224 44.19 39.53 0.82
CA LYS B 224 44.39 38.34 0.01
C LYS B 224 43.99 38.56 -1.46
N ILE B 225 43.82 39.80 -1.89
CA ILE B 225 43.48 40.11 -3.27
C ILE B 225 44.48 41.14 -3.78
N LYS B 226 45.20 40.79 -4.84
CA LYS B 226 46.19 41.68 -5.42
C LYS B 226 45.54 42.66 -6.39
N MET B 227 46.20 43.79 -6.59
CA MET B 227 45.68 44.83 -7.46
C MET B 227 45.80 44.42 -8.92
N ILE B 228 45.03 45.09 -9.77
CA ILE B 228 45.05 44.87 -11.21
C ILE B 228 45.77 46.05 -11.85
N THR B 229 46.91 45.77 -12.48
CA THR B 229 47.71 46.84 -13.07
C THR B 229 47.08 47.42 -14.33
N GLY B 230 46.18 46.69 -14.98
CA GLY B 230 45.50 47.15 -16.17
C GLY B 230 45.55 46.12 -17.28
N THR B 231 44.91 46.47 -18.39
CA THR B 231 44.86 45.62 -19.56
C THR B 231 44.76 46.48 -20.80
N ARG B 232 45.01 45.87 -21.96
CA ARG B 232 44.94 46.55 -23.24
C ARG B 232 43.52 46.58 -23.81
N MET B 233 42.51 46.46 -22.95
CA MET B 233 41.12 46.39 -23.37
C MET B 233 40.48 47.76 -23.25
N ILE B 234 39.78 48.20 -24.30
CA ILE B 234 39.18 49.52 -24.32
C ILE B 234 38.08 49.61 -23.27
N ASP B 235 38.01 50.75 -22.58
CA ASP B 235 37.00 51.03 -21.56
C ASP B 235 37.10 50.06 -20.38
N THR B 236 38.30 49.98 -19.81
CA THR B 236 38.55 49.21 -18.60
C THR B 236 39.03 50.15 -17.49
N ARG B 237 39.33 49.57 -16.34
CA ARG B 237 39.74 50.33 -15.17
C ARG B 237 40.84 49.59 -14.43
N THR B 238 41.38 50.25 -13.41
CA THR B 238 42.41 49.68 -12.55
C THR B 238 41.97 49.82 -11.10
N VAL B 239 42.22 48.77 -10.32
CA VAL B 239 41.81 48.74 -8.92
C VAL B 239 43.00 48.36 -8.06
N GLY B 240 42.95 48.77 -6.80
CA GLY B 240 44.01 48.49 -5.85
C GLY B 240 43.75 47.23 -5.04
N ASN B 241 44.56 47.06 -4.01
CA ASN B 241 44.40 45.92 -3.11
C ASN B 241 43.05 46.00 -2.39
N ALA B 242 42.46 44.83 -2.13
CA ALA B 242 41.12 44.78 -1.57
C ALA B 242 40.96 43.49 -0.77
N ARG B 243 39.87 43.45 0.02
CA ARG B 243 39.49 42.27 0.78
C ARG B 243 37.99 42.04 0.60
N ALA B 244 37.57 40.80 0.84
CA ALA B 244 36.18 40.43 0.62
C ALA B 244 35.27 41.10 1.66
N LEU B 245 34.05 41.42 1.23
CA LEU B 245 33.04 41.99 2.11
C LEU B 245 31.68 41.41 1.71
N TYR B 246 31.04 40.71 2.64
CA TYR B 246 29.80 40.02 2.36
C TYR B 246 28.62 40.93 2.71
N VAL B 247 27.73 41.13 1.73
CA VAL B 247 26.58 42.02 1.88
C VAL B 247 25.33 41.28 1.45
N GLY B 248 24.22 41.57 2.13
CA GLY B 248 22.93 41.05 1.69
C GLY B 248 22.44 41.78 0.45
N SER B 249 21.48 41.15 -0.22
CA SER B 249 20.95 41.71 -1.46
C SER B 249 20.11 42.97 -1.25
N ASP B 250 19.71 43.28 -0.01
CA ASP B 250 18.88 44.44 0.24
C ASP B 250 19.67 45.74 0.24
N LEU B 251 20.99 45.68 0.43
CA LEU B 251 21.82 46.88 0.48
C LEU B 251 22.43 47.24 -0.86
N VAL B 252 22.11 46.49 -1.92
CA VAL B 252 22.60 46.85 -3.26
C VAL B 252 22.14 48.22 -3.70
N PRO B 253 20.86 48.62 -3.53
CA PRO B 253 20.46 49.96 -3.98
C PRO B 253 21.27 51.08 -3.37
N THR B 254 21.62 50.98 -2.09
CA THR B 254 22.44 52.02 -1.45
C THR B 254 23.85 52.03 -2.02
N ILE B 255 24.47 50.86 -2.15
CA ILE B 255 25.86 50.76 -2.60
C ILE B 255 26.03 51.40 -3.98
N GLU B 256 25.08 51.14 -4.88
CA GLU B 256 25.13 51.68 -6.23
C GLU B 256 24.76 53.15 -6.30
N ALA B 257 24.63 53.84 -5.15
CA ALA B 257 24.21 55.23 -5.13
C ALA B 257 25.18 56.16 -4.42
N MET B 258 26.27 55.64 -3.86
CA MET B 258 27.21 56.50 -3.15
C MET B 258 28.10 57.26 -4.14
N LYS B 259 28.77 58.29 -3.62
CA LYS B 259 29.63 59.14 -4.42
C LYS B 259 30.96 59.34 -3.68
N ASP B 260 32.01 59.60 -4.45
CA ASP B 260 33.33 59.80 -3.90
C ASP B 260 33.43 61.17 -3.23
N ASN B 261 34.61 61.46 -2.67
CA ASN B 261 34.89 62.79 -2.15
C ASN B 261 35.16 63.80 -3.25
N HIS B 262 35.32 63.35 -4.49
CA HIS B 262 35.50 64.22 -5.65
C HIS B 262 34.23 64.35 -6.47
N GLY B 263 33.09 63.92 -5.93
CA GLY B 263 31.84 63.94 -6.68
C GLY B 263 31.80 62.99 -7.86
N ASN B 264 32.29 61.77 -7.68
CA ASN B 264 32.30 60.76 -8.72
C ASN B 264 31.72 59.46 -8.18
N PRO B 265 31.16 58.62 -9.05
CA PRO B 265 30.67 57.31 -8.58
C PRO B 265 31.79 56.48 -7.96
N ALA B 266 31.47 55.83 -6.85
CA ALA B 266 32.45 55.03 -6.12
C ALA B 266 32.41 53.56 -6.51
N PHE B 267 31.24 53.03 -6.88
CA PHE B 267 31.13 51.62 -7.20
C PHE B 267 31.63 51.35 -8.62
N ILE B 268 32.55 50.40 -8.73
CA ILE B 268 33.10 49.98 -10.02
C ILE B 268 32.54 48.61 -10.34
N PRO B 269 31.75 48.46 -11.39
CA PRO B 269 31.19 47.15 -11.73
C PRO B 269 32.28 46.16 -12.12
N ILE B 270 31.93 44.87 -11.98
CA ILE B 270 32.90 43.81 -12.19
C ILE B 270 33.35 43.75 -13.65
N GLU B 271 32.46 44.08 -14.58
CA GLU B 271 32.79 43.94 -16.01
C GLU B 271 33.91 44.88 -16.45
N LYS B 272 34.23 45.90 -15.67
CA LYS B 272 35.26 46.86 -16.05
C LYS B 272 36.67 46.38 -15.73
N TYR B 273 36.82 45.31 -14.93
CA TYR B 273 38.15 44.82 -14.59
C TYR B 273 38.23 43.29 -14.60
N ALA B 274 37.25 42.62 -15.19
CA ALA B 274 37.18 41.17 -15.15
C ALA B 274 38.20 40.48 -16.06
N ALA B 275 38.92 41.24 -16.88
CA ALA B 275 39.85 40.66 -17.84
C ALA B 275 41.26 40.48 -17.28
N GLY B 276 41.49 40.78 -16.00
CA GLY B 276 42.82 40.69 -15.44
C GLY B 276 42.92 39.99 -14.10
N GLY B 277 42.09 38.98 -13.88
CA GLY B 277 42.12 38.24 -12.62
C GLY B 277 41.08 38.73 -11.63
N ALA B 278 39.97 38.01 -11.52
CA ALA B 278 38.81 38.49 -10.79
C ALA B 278 37.78 37.38 -10.57
N THR B 279 36.57 37.79 -10.20
CA THR B 279 35.38 36.93 -10.21
C THR B 279 35.50 35.76 -9.23
N MET B 280 35.48 36.12 -7.94
CA MET B 280 35.02 35.17 -6.95
C MET B 280 33.55 34.83 -7.22
N HIS B 281 33.06 33.81 -6.52
CA HIS B 281 31.75 33.24 -6.86
C HIS B 281 30.64 34.28 -6.82
N GLY B 282 30.56 35.04 -5.74
CA GLY B 282 29.48 36.01 -5.58
C GLY B 282 29.90 37.45 -5.82
N GLU B 283 31.04 37.65 -6.47
CA GLU B 283 31.56 38.99 -6.67
C GLU B 283 30.64 39.81 -7.56
N VAL B 284 30.38 41.06 -7.15
CA VAL B 284 29.54 41.96 -7.92
C VAL B 284 30.37 43.15 -8.39
N GLY B 285 31.37 43.52 -7.60
CA GLY B 285 32.22 44.64 -7.96
C GLY B 285 33.13 45.04 -6.81
N GLN B 286 33.77 46.19 -6.98
CA GLN B 286 34.68 46.75 -6.00
C GLN B 286 34.16 48.13 -5.61
N LEU B 287 33.78 48.30 -4.35
CA LEU B 287 33.22 49.57 -3.91
C LEU B 287 34.31 50.59 -3.58
N GLY B 288 35.09 50.33 -2.54
CA GLY B 288 36.26 51.12 -2.24
C GLY B 288 37.52 50.31 -2.41
N ARG B 289 38.11 49.88 -1.30
CA ARG B 289 39.14 48.85 -1.27
C ARG B 289 38.55 47.55 -0.75
N PHE B 290 37.29 47.29 -1.10
CA PHE B 290 36.57 46.08 -0.72
C PHE B 290 35.93 45.47 -1.95
N ARG B 291 35.88 44.15 -1.99
CA ARG B 291 35.19 43.42 -3.05
C ARG B 291 33.84 42.96 -2.49
N VAL B 292 32.76 43.49 -3.07
CA VAL B 292 31.42 43.23 -2.56
C VAL B 292 30.93 41.89 -3.08
N ILE B 293 30.54 41.00 -2.17
CA ILE B 293 29.99 39.69 -2.51
C ILE B 293 28.58 39.63 -1.96
N VAL B 294 27.60 39.39 -2.83
CA VAL B 294 26.20 39.37 -2.45
C VAL B 294 25.85 37.96 -1.99
N ASN B 295 25.34 37.85 -0.76
CA ASN B 295 24.95 36.56 -0.20
C ASN B 295 23.43 36.45 -0.20
N PRO B 296 22.85 35.52 -0.96
CA PRO B 296 21.39 35.40 -0.97
C PRO B 296 20.79 34.98 0.35
N GLN B 297 21.58 34.41 1.26
CA GLN B 297 21.10 33.90 2.54
C GLN B 297 21.66 34.71 3.71
N MET B 298 21.70 36.03 3.56
CA MET B 298 22.22 36.90 4.61
C MET B 298 21.11 37.28 5.58
N MET B 299 21.42 37.26 6.87
CA MET B 299 20.46 37.55 7.92
C MET B 299 20.48 39.03 8.27
N HIS B 300 19.55 39.43 9.14
CA HIS B 300 19.45 40.82 9.55
C HIS B 300 18.69 40.88 10.88
N TRP B 301 18.81 42.03 11.53
CA TRP B 301 18.06 42.33 12.75
C TRP B 301 16.86 43.20 12.39
N ALA B 302 15.67 42.74 12.75
CA ALA B 302 14.43 43.42 12.41
C ALA B 302 13.77 43.95 13.68
N GLY B 303 13.31 45.20 13.60
CA GLY B 303 12.62 45.82 14.72
C GLY B 303 13.51 46.39 15.80
N VAL B 304 14.81 46.51 15.56
CA VAL B 304 15.75 47.05 16.52
C VAL B 304 16.16 48.43 16.04
N GLY B 305 15.78 49.45 16.78
CA GLY B 305 16.11 50.82 16.43
C GLY B 305 15.09 51.77 17.01
N LYS B 306 15.18 53.03 16.59
CA LYS B 306 14.26 54.06 17.04
C LYS B 306 12.92 53.93 16.34
N ALA B 307 11.94 54.67 16.85
CA ALA B 307 10.62 54.71 16.21
C ALA B 307 10.73 55.39 14.85
N VAL B 308 10.02 54.84 13.87
CA VAL B 308 10.10 55.35 12.50
C VAL B 308 9.45 56.72 12.43
N ASP B 309 10.20 57.72 11.99
CA ASP B 309 9.67 59.07 11.85
C ASP B 309 8.81 59.14 10.59
N PRO B 310 7.56 59.58 10.69
CA PRO B 310 6.69 59.64 9.49
C PRO B 310 7.22 60.56 8.41
N ASN B 311 7.92 61.63 8.77
CA ASN B 311 8.44 62.58 7.80
C ASN B 311 9.82 62.17 7.30
N ASP B 312 9.92 60.94 6.80
CA ASP B 312 11.16 60.41 6.25
C ASP B 312 11.11 60.53 4.73
N GLN B 313 12.17 61.11 4.15
CA GLN B 313 12.21 61.31 2.70
C GLN B 313 12.37 60.01 1.92
N VAL B 314 12.68 58.90 2.59
CA VAL B 314 12.96 57.64 1.92
C VAL B 314 12.09 56.56 2.55
N PRO B 315 11.67 55.52 1.81
CA PRO B 315 10.87 54.46 2.44
C PRO B 315 11.51 53.84 3.66
N MET B 316 12.83 53.65 3.67
CA MET B 316 13.59 53.42 4.90
C MET B 316 13.11 52.15 5.63
N HIS B 317 13.49 50.99 5.07
CA HIS B 317 13.04 49.67 5.49
C HIS B 317 12.79 49.55 7.00
N GLU B 318 11.63 49.03 7.37
CA GLU B 318 11.17 49.01 8.74
C GLU B 318 10.44 47.70 9.03
N SER B 319 10.31 47.39 10.31
CA SER B 319 9.58 46.20 10.73
C SER B 319 9.08 46.41 12.16
N GLY B 320 7.78 46.28 12.35
CA GLY B 320 7.22 46.45 13.68
C GLY B 320 7.19 47.88 14.19
N GLY B 321 7.22 48.86 13.29
CA GLY B 321 7.23 50.25 13.68
C GLY B 321 8.60 50.81 14.03
N LYS B 322 9.65 50.00 13.94
CA LYS B 322 11.01 50.44 14.24
C LYS B 322 11.92 50.03 13.09
N TYR B 323 13.05 50.73 12.99
CA TYR B 323 13.99 50.49 11.91
C TYR B 323 14.62 49.10 12.03
N SER B 324 15.04 48.57 10.88
CA SER B 324 15.70 47.28 10.81
C SER B 324 17.17 47.49 10.45
N VAL B 325 18.04 46.69 11.06
CA VAL B 325 19.48 46.84 10.94
C VAL B 325 20.03 45.71 10.07
N PHE B 326 20.81 46.06 9.05
CA PHE B 326 21.41 45.10 8.14
C PHE B 326 22.92 45.13 8.28
N PRO B 327 23.58 43.97 8.35
CA PRO B 327 25.03 43.96 8.50
C PRO B 327 25.79 43.81 7.19
N MET B 328 27.02 44.30 7.16
CA MET B 328 28.00 43.95 6.16
C MET B 328 29.27 43.50 6.89
N LEU B 329 29.73 42.29 6.59
CA LEU B 329 30.73 41.61 7.39
C LEU B 329 31.96 41.29 6.55
N CYS B 330 33.13 41.64 7.07
CA CYS B 330 34.41 41.27 6.47
C CYS B 330 35.14 40.41 7.49
N VAL B 331 35.18 39.11 7.24
CA VAL B 331 35.78 38.15 8.16
C VAL B 331 36.94 37.45 7.44
N ALA B 332 38.10 37.46 8.07
CA ALA B 332 39.27 36.77 7.53
C ALA B 332 39.37 35.38 8.14
N SER B 333 39.98 34.47 7.38
CA SER B 333 40.20 33.12 7.86
C SER B 333 41.29 33.11 8.93
N GLU B 334 41.62 31.90 9.41
CA GLU B 334 42.62 31.67 10.46
C GLU B 334 42.42 32.59 11.67
N ALA B 335 41.19 33.06 11.88
CA ALA B 335 40.83 33.86 13.04
C ALA B 335 39.67 33.27 13.81
N PHE B 336 39.26 32.05 13.48
CA PHE B 336 38.19 31.35 14.20
C PHE B 336 38.27 29.89 13.83
N THR B 337 37.51 29.06 14.55
CA THR B 337 37.50 27.64 14.26
C THR B 337 36.21 27.03 14.82
N THR B 338 35.83 25.92 14.21
CA THR B 338 34.71 25.11 14.65
C THR B 338 35.22 23.78 15.20
N VAL B 339 34.48 23.23 16.15
CA VAL B 339 34.88 21.99 16.81
C VAL B 339 33.73 20.99 16.72
N GLY B 340 34.06 19.75 16.40
CA GLY B 340 33.08 18.69 16.38
C GLY B 340 33.53 17.53 17.24
N PHE B 341 32.56 16.89 17.88
CA PHE B 341 32.83 15.80 18.80
C PHE B 341 32.26 14.49 18.25
N ALA B 342 32.74 13.39 18.81
CA ALA B 342 32.33 12.04 18.41
C ALA B 342 32.63 11.76 16.93
N THR B 343 33.66 12.43 16.40
CA THR B 343 34.09 12.20 15.01
C THR B 343 35.21 11.16 14.97
N ASP B 344 34.91 9.99 15.53
CA ASP B 344 35.88 8.90 15.53
C ASP B 344 36.20 8.44 14.11
N GLY B 345 35.29 8.64 13.16
CA GLY B 345 35.59 8.42 11.76
C GLY B 345 36.15 9.66 11.12
N LYS B 346 35.73 10.82 11.62
CA LYS B 346 36.24 12.14 11.23
C LYS B 346 35.83 12.49 9.80
N ASN B 347 35.11 11.59 9.13
CA ASN B 347 34.58 11.86 7.81
C ASN B 347 33.07 12.01 7.79
N VAL B 348 32.41 11.83 8.93
CA VAL B 348 30.95 11.94 9.02
C VAL B 348 30.62 12.94 10.12
N LYS B 349 29.74 13.88 9.81
CA LYS B 349 29.27 14.86 10.78
C LYS B 349 27.87 14.56 11.29
N PHE B 350 27.06 13.85 10.51
CA PHE B 350 25.68 13.53 10.87
C PHE B 350 25.58 12.07 11.29
N LYS B 351 24.79 11.82 12.33
CA LYS B 351 24.46 10.47 12.78
C LYS B 351 22.99 10.24 12.46
N ILE B 352 22.72 9.22 11.63
CA ILE B 352 21.38 8.96 11.12
C ILE B 352 20.96 7.57 11.57
N ILE B 353 19.77 7.49 12.16
CA ILE B 353 19.21 6.22 12.64
C ILE B 353 17.86 6.02 11.97
N THR B 354 17.70 4.90 11.27
CA THR B 354 16.47 4.60 10.54
C THR B 354 15.89 3.27 11.01
N LYS B 355 14.57 3.24 11.19
CA LYS B 355 13.86 2.00 11.51
C LYS B 355 12.60 1.94 10.67
N ARG B 356 12.53 0.97 9.78
CA ARG B 356 11.49 0.62 8.82
C ARG B 356 10.43 -0.26 9.48
N PRO B 357 9.16 -0.05 9.16
CA PRO B 357 8.10 -0.89 9.73
C PRO B 357 8.28 -2.36 9.34
N GLY B 358 7.91 -3.23 10.26
CA GLY B 358 8.05 -4.66 10.08
C GLY B 358 8.37 -5.33 11.40
N GLU B 359 9.22 -6.34 11.35
CA GLU B 359 9.66 -7.02 12.57
C GLU B 359 10.81 -6.31 13.27
N ALA B 360 11.38 -5.27 12.63
CA ALA B 360 12.41 -4.48 13.30
C ALA B 360 11.83 -3.59 14.38
N THR B 361 10.51 -3.39 14.39
CA THR B 361 9.78 -2.65 15.40
C THR B 361 8.69 -3.52 15.99
N ALA B 362 9.07 -4.71 16.44
CA ALA B 362 8.12 -5.64 17.05
C ALA B 362 7.32 -4.95 18.14
N ASP B 363 7.99 -4.51 19.21
CA ASP B 363 7.46 -3.50 20.12
C ASP B 363 6.10 -3.92 20.69
N ARG B 364 6.15 -4.92 21.57
CA ARG B 364 4.98 -5.63 22.06
C ARG B 364 3.81 -4.71 22.42
N SER B 365 4.09 -3.44 22.73
CA SER B 365 3.02 -2.45 22.86
C SER B 365 2.24 -2.30 21.57
N ASP B 366 2.88 -2.58 20.43
CA ASP B 366 2.23 -2.58 19.11
C ASP B 366 2.62 -3.89 18.45
N PRO B 367 1.89 -4.97 18.74
CA PRO B 367 2.36 -6.31 18.35
C PRO B 367 2.48 -6.55 16.85
N TYR B 368 2.05 -5.58 16.04
CA TYR B 368 2.11 -5.74 14.59
C TYR B 368 3.23 -4.95 13.92
N GLY B 369 3.71 -3.87 14.54
CA GLY B 369 4.82 -3.12 14.00
C GLY B 369 4.48 -2.38 12.72
N GLU B 370 3.62 -1.37 12.82
CA GLU B 370 3.11 -0.65 11.66
C GLU B 370 3.67 0.76 11.54
N MET B 371 4.71 1.09 12.29
CA MET B 371 5.26 2.44 12.29
C MET B 371 6.78 2.39 12.15
N GLY B 372 7.33 3.45 11.53
CA GLY B 372 8.76 3.59 11.42
C GLY B 372 9.16 5.04 11.62
N PHE B 373 10.47 5.27 11.71
CA PHE B 373 10.98 6.62 11.94
C PHE B 373 12.41 6.69 11.43
N MET B 374 12.93 7.91 11.39
CA MET B 374 14.33 8.12 11.07
C MET B 374 14.76 9.49 11.62
N SER B 375 15.96 9.52 12.22
CA SER B 375 16.42 10.67 12.98
C SER B 375 17.85 11.03 12.60
N ILE B 376 18.18 12.32 12.77
CA ILE B 376 19.51 12.86 12.51
C ILE B 376 19.95 13.65 13.73
N LYS B 377 21.21 13.47 14.12
CA LYS B 377 21.78 14.18 15.26
C LYS B 377 23.24 14.52 14.97
N TRP B 378 23.74 15.57 15.63
CA TRP B 378 25.12 15.99 15.42
C TRP B 378 25.57 16.90 16.55
N TYR B 379 26.87 17.20 16.55
CA TYR B 379 27.51 18.09 17.50
C TYR B 379 28.15 19.25 16.74
N TYR B 380 28.24 20.41 17.41
CA TYR B 380 28.82 21.59 16.78
C TYR B 380 29.26 22.56 17.86
N GLY B 381 30.41 23.19 17.66
CA GLY B 381 30.89 24.19 18.60
C GLY B 381 31.80 25.19 17.94
N PHE B 382 32.05 26.28 18.67
CA PHE B 382 32.75 27.43 18.12
C PHE B 382 33.84 27.90 19.08
N MET B 383 34.96 28.37 18.51
CA MET B 383 36.02 28.99 19.31
C MET B 383 36.73 30.01 18.43
N VAL B 384 36.77 31.26 18.89
CA VAL B 384 37.22 32.38 18.07
C VAL B 384 38.46 33.00 18.69
N PHE B 385 39.53 33.09 17.91
CA PHE B 385 40.71 33.89 18.25
C PHE B 385 40.62 35.23 17.54
N ARG B 386 41.60 36.11 17.83
CA ARG B 386 41.76 37.41 17.19
C ARG B 386 40.42 38.08 16.87
N PRO B 387 39.65 38.45 17.90
CA PRO B 387 38.31 39.00 17.65
C PRO B 387 38.31 40.34 16.92
N GLU B 388 39.47 40.97 16.76
CA GLU B 388 39.59 42.25 16.08
C GLU B 388 39.75 42.13 14.57
N TRP B 389 39.89 40.91 14.04
CA TRP B 389 40.05 40.70 12.61
C TRP B 389 38.74 40.41 11.89
N ILE B 390 37.61 40.49 12.59
CA ILE B 390 36.29 40.23 12.01
C ILE B 390 35.51 41.53 12.10
N ALA B 391 35.54 42.33 11.03
CA ALA B 391 34.91 43.64 11.02
C ALA B 391 33.44 43.51 10.62
N LEU B 392 32.60 44.34 11.24
CA LEU B 392 31.18 44.34 10.96
C LEU B 392 30.66 45.77 10.96
N LEU B 393 29.88 46.13 9.95
CA LEU B 393 29.27 47.45 9.85
C LEU B 393 27.75 47.27 9.79
N LYS B 394 27.05 47.85 10.75
CA LYS B 394 25.59 47.73 10.85
C LYS B 394 24.97 49.03 10.33
N THR B 395 24.22 48.93 9.23
CA THR B 395 23.65 50.09 8.56
C THR B 395 22.19 49.82 8.23
N VAL B 396 21.49 50.89 7.87
CA VAL B 396 20.10 50.79 7.43
C VAL B 396 20.07 50.58 5.92
N ALA B 397 18.92 50.13 5.43
CA ALA B 397 18.77 49.72 4.03
C ALA B 397 18.10 50.82 3.21
N ARG B 398 17.86 50.55 1.92
CA ARG B 398 16.85 51.23 1.08
C ARG B 398 17.08 52.75 1.01
N LEU B 399 18.20 53.10 0.39
CA LEU B 399 18.47 54.50 0.08
C LEU B 399 17.45 55.02 -0.93
N MET C 1 -22.43 -54.10 47.95
CA MET C 1 -21.78 -52.83 48.23
C MET C 1 -20.33 -53.04 48.66
N ALA C 2 -20.05 -54.19 49.25
CA ALA C 2 -18.69 -54.58 49.62
C ALA C 2 -18.65 -56.09 49.78
N GLY C 3 -17.53 -56.59 50.31
CA GLY C 3 -17.37 -58.02 50.50
C GLY C 3 -17.88 -58.50 51.83
N PRO C 4 -17.39 -59.64 52.29
CA PRO C 4 -17.83 -60.20 53.57
C PRO C 4 -17.19 -59.46 54.74
N VAL C 5 -17.46 -59.97 55.94
CA VAL C 5 -16.87 -59.40 57.15
C VAL C 5 -15.36 -59.62 57.13
N ASP C 6 -14.63 -58.66 57.68
CA ASP C 6 -13.17 -58.71 57.64
C ASP C 6 -12.61 -59.63 58.72
N ASN C 7 -12.84 -59.28 59.99
CA ASN C 7 -12.42 -60.07 61.14
C ASN C 7 -10.91 -60.25 61.22
N ILE C 8 -10.17 -59.61 60.31
CA ILE C 8 -8.71 -59.70 60.30
C ILE C 8 -8.11 -58.32 60.30
N LYS C 9 -8.50 -57.49 59.32
CA LYS C 9 -8.03 -56.12 59.16
C LYS C 9 -6.51 -56.04 59.07
N PRO C 10 -5.92 -56.53 57.97
CA PRO C 10 -4.46 -56.40 57.79
C PRO C 10 -4.09 -55.05 57.20
N MET C 11 -2.81 -54.87 56.88
CA MET C 11 -2.36 -53.64 56.21
C MET C 11 -2.87 -53.65 54.78
N LYS C 12 -3.92 -52.88 54.53
CA LYS C 12 -4.62 -52.90 53.25
C LYS C 12 -4.19 -51.71 52.39
N TYR C 13 -4.87 -51.55 51.26
CA TYR C 13 -4.66 -50.47 50.31
C TYR C 13 -5.99 -49.77 50.03
N ASN C 14 -6.69 -49.38 51.09
CA ASN C 14 -7.95 -48.67 50.96
C ASN C 14 -7.80 -47.49 50.00
N ASP C 15 -8.86 -47.21 49.25
CA ASP C 15 -8.82 -46.34 48.08
C ASP C 15 -8.28 -44.95 48.41
N PRO C 16 -7.07 -44.62 47.98
CA PRO C 16 -6.47 -43.33 48.34
C PRO C 16 -6.90 -42.16 47.47
N ALA C 17 -7.40 -42.42 46.26
CA ALA C 17 -7.79 -41.33 45.36
C ALA C 17 -8.98 -40.55 45.89
N ASN C 18 -9.79 -41.14 46.77
CA ASN C 18 -10.97 -40.44 47.30
C ASN C 18 -11.32 -41.04 48.67
N GLY C 19 -11.00 -40.31 49.73
CA GLY C 19 -11.44 -40.69 51.06
C GLY C 19 -10.37 -41.28 51.96
N VAL C 20 -10.57 -42.54 52.37
CA VAL C 20 -9.65 -43.19 53.29
C VAL C 20 -8.27 -43.29 52.66
N GLU C 21 -7.24 -42.89 53.41
CA GLU C 21 -5.94 -42.64 52.81
C GLU C 21 -5.17 -43.92 52.50
N SER C 22 -4.76 -44.65 53.54
CA SER C 22 -3.92 -45.84 53.38
C SER C 22 -3.61 -46.48 54.73
N SER C 23 -2.93 -47.62 54.69
CA SER C 23 -2.38 -48.21 55.92
C SER C 23 -0.95 -47.75 56.18
N ILE C 24 -0.10 -47.78 55.14
CA ILE C 24 1.29 -47.38 55.32
C ILE C 24 1.41 -45.87 55.52
N GLY C 25 0.64 -45.08 54.76
CA GLY C 25 0.70 -43.64 54.87
C GLY C 25 0.41 -42.93 53.57
N PRO C 26 0.95 -41.71 53.42
CA PRO C 26 0.66 -40.92 52.23
C PRO C 26 1.26 -41.54 50.97
N GLN C 27 0.61 -41.27 49.84
CA GLN C 27 1.04 -41.75 48.54
C GLN C 27 1.57 -40.60 47.69
N ILE C 28 2.38 -40.96 46.70
CA ILE C 28 2.96 -39.97 45.79
C ILE C 28 2.11 -39.91 44.52
N HIS C 29 1.99 -41.03 43.83
CA HIS C 29 1.21 -41.12 42.60
C HIS C 29 0.01 -42.04 42.81
N THR C 30 -1.15 -41.59 42.31
CA THR C 30 -2.38 -42.36 42.43
C THR C 30 -3.08 -42.54 41.09
N ARG C 31 -2.37 -42.29 39.98
CA ARG C 31 -2.95 -42.41 38.66
C ARG C 31 -1.82 -42.44 37.64
N TYR C 32 -1.99 -43.25 36.59
CA TYR C 32 -1.07 -43.31 35.49
C TYR C 32 -1.44 -42.27 34.44
N TRP C 33 -0.42 -41.74 33.77
CA TRP C 33 -0.59 -40.65 32.81
C TRP C 33 -0.44 -41.18 31.40
N TYR C 34 -1.46 -40.94 30.58
CA TYR C 34 -1.40 -41.25 29.14
C TYR C 34 -0.69 -40.09 28.45
N LYS C 35 0.52 -40.34 27.94
CA LYS C 35 1.38 -39.25 27.48
C LYS C 35 1.05 -38.77 26.08
N ARG C 36 0.13 -39.41 25.37
CA ARG C 36 -0.26 -38.98 24.03
C ARG C 36 -1.60 -38.24 24.13
N ALA C 37 -1.58 -36.95 23.84
CA ALA C 37 -2.77 -36.12 23.95
C ALA C 37 -3.76 -36.44 22.84
N LEU C 38 -5.02 -36.11 23.09
CA LEU C 38 -6.10 -36.30 22.13
C LEU C 38 -6.35 -34.98 21.41
N ILE C 39 -6.19 -34.99 20.09
CA ILE C 39 -6.29 -33.79 19.28
C ILE C 39 -7.43 -33.96 18.28
N ASP C 40 -8.31 -32.97 18.21
CA ASP C 40 -9.38 -32.98 17.22
C ASP C 40 -8.83 -32.77 15.82
N ALA C 41 -9.52 -33.32 14.83
CA ALA C 41 -9.10 -33.17 13.44
C ALA C 41 -9.49 -31.79 12.92
N ALA C 42 -8.85 -31.41 11.81
CA ALA C 42 -9.12 -30.13 11.20
C ALA C 42 -10.42 -30.17 10.40
N LYS C 43 -10.96 -28.99 10.13
CA LYS C 43 -12.19 -28.86 9.36
C LYS C 43 -11.87 -28.98 7.86
N GLU C 44 -12.86 -28.72 7.02
CA GLU C 44 -12.71 -28.83 5.57
C GLU C 44 -13.34 -27.61 4.90
N ALA C 45 -12.83 -27.29 3.71
CA ALA C 45 -13.26 -26.12 2.96
C ALA C 45 -13.87 -26.55 1.63
N TYR C 46 -15.04 -26.00 1.31
CA TYR C 46 -15.71 -26.28 0.05
C TYR C 46 -15.74 -25.09 -0.91
N PHE C 47 -15.60 -23.86 -0.40
CA PHE C 47 -15.73 -22.67 -1.23
C PHE C 47 -14.39 -22.10 -1.69
N GLY C 48 -13.30 -22.38 -0.97
CA GLY C 48 -12.03 -21.80 -1.32
C GLY C 48 -11.51 -22.28 -2.66
N GLN C 49 -11.75 -23.56 -2.99
CA GLN C 49 -11.22 -24.11 -4.24
C GLN C 49 -11.85 -23.45 -5.46
N LEU C 50 -13.16 -23.18 -5.41
CA LEU C 50 -13.85 -22.64 -6.57
C LEU C 50 -13.46 -21.18 -6.83
N ALA C 51 -13.16 -20.42 -5.79
CA ALA C 51 -12.93 -19.00 -5.93
C ALA C 51 -11.66 -18.72 -6.72
N ASP C 52 -11.68 -17.61 -7.48
CA ASP C 52 -10.54 -17.13 -8.22
C ASP C 52 -9.90 -15.97 -7.48
N THR C 53 -8.64 -15.69 -7.82
CA THR C 53 -7.84 -14.69 -7.13
C THR C 53 -7.39 -13.60 -8.08
N PHE C 54 -7.27 -12.39 -7.54
CA PHE C 54 -6.77 -11.23 -8.26
C PHE C 54 -5.75 -10.50 -7.40
N SER C 55 -4.74 -9.93 -8.04
CA SER C 55 -3.66 -9.23 -7.35
C SER C 55 -3.84 -7.73 -7.55
N MET C 56 -3.94 -7.00 -6.44
CA MET C 56 -4.14 -5.56 -6.48
C MET C 56 -2.80 -4.85 -6.69
N PRO C 57 -2.70 -3.92 -7.64
CA PRO C 57 -1.48 -3.12 -7.77
C PRO C 57 -1.24 -2.28 -6.52
N LYS C 58 0.04 -2.06 -6.22
CA LYS C 58 0.42 -1.50 -4.93
C LYS C 58 -0.01 -0.04 -4.79
N HIS C 59 0.20 0.77 -5.82
CA HIS C 59 0.17 2.22 -5.70
C HIS C 59 -1.13 2.82 -6.27
N TYR C 60 -2.27 2.17 -6.08
CA TYR C 60 -3.53 2.68 -6.62
C TYR C 60 -4.63 2.87 -5.59
N GLY C 61 -4.49 2.35 -4.37
CA GLY C 61 -5.47 2.57 -3.33
C GLY C 61 -6.10 1.27 -2.86
N LYS C 62 -7.37 1.37 -2.45
CA LYS C 62 -8.11 0.25 -1.89
C LYS C 62 -9.46 0.07 -2.59
N GLU C 63 -9.46 0.17 -3.92
CA GLU C 63 -10.71 0.04 -4.66
C GLU C 63 -10.42 -0.32 -6.10
N ILE C 64 -11.29 -1.15 -6.69
CA ILE C 64 -11.21 -1.53 -8.09
C ILE C 64 -12.50 -1.10 -8.77
N VAL C 65 -12.40 -0.78 -10.06
CA VAL C 65 -13.55 -0.36 -10.85
C VAL C 65 -13.54 -1.12 -12.17
N ARG C 66 -14.73 -1.31 -12.73
CA ARG C 66 -14.90 -1.97 -14.01
C ARG C 66 -16.14 -1.42 -14.69
N LEU C 67 -16.20 -1.59 -16.02
CA LEU C 67 -17.28 -1.06 -16.82
C LEU C 67 -18.16 -2.18 -17.36
N HIS C 68 -19.44 -1.85 -17.59
CA HIS C 68 -20.42 -2.80 -18.08
C HIS C 68 -21.35 -2.09 -19.05
N TYR C 69 -21.43 -2.59 -20.29
CA TYR C 69 -22.16 -1.93 -21.35
C TYR C 69 -23.55 -2.55 -21.49
N ILE C 70 -24.58 -1.73 -21.35
CA ILE C 70 -25.97 -2.20 -21.46
C ILE C 70 -26.31 -2.42 -22.93
N PRO C 71 -26.98 -3.52 -23.28
CA PRO C 71 -27.38 -3.71 -24.69
C PRO C 71 -28.46 -2.73 -25.14
N LEU C 72 -28.79 -2.76 -26.43
CA LEU C 72 -29.78 -1.84 -26.96
C LEU C 72 -31.20 -2.22 -26.55
N LEU C 73 -31.54 -3.51 -26.61
CA LEU C 73 -32.89 -3.98 -26.26
C LEU C 73 -32.85 -4.51 -24.84
N ASP C 74 -32.94 -3.59 -23.88
CA ASP C 74 -32.92 -3.93 -22.47
C ASP C 74 -33.66 -2.85 -21.68
N ASP C 75 -34.23 -3.25 -20.54
CA ASP C 75 -34.93 -2.30 -19.70
C ASP C 75 -33.99 -1.36 -18.95
N ARG C 76 -32.71 -1.72 -18.83
CA ARG C 76 -31.75 -0.88 -18.13
C ARG C 76 -31.21 0.26 -18.99
N ASN C 77 -31.47 0.25 -20.28
CA ASN C 77 -30.92 1.26 -21.20
C ASN C 77 -31.86 2.46 -21.22
N VAL C 78 -31.78 3.27 -20.16
CA VAL C 78 -32.58 4.47 -20.03
C VAL C 78 -31.85 5.63 -20.72
N ASN C 79 -32.43 6.15 -21.79
CA ASN C 79 -31.83 7.20 -22.59
C ASN C 79 -32.72 8.43 -22.61
N ASP C 80 -32.30 9.43 -23.38
CA ASP C 80 -33.12 10.59 -23.67
C ASP C 80 -33.23 10.86 -25.16
N GLN C 81 -32.61 10.03 -26.00
CA GLN C 81 -32.63 10.20 -27.45
C GLN C 81 -33.69 9.26 -28.03
N GLY C 82 -34.95 9.67 -27.88
CA GLY C 82 -36.05 8.88 -28.38
C GLY C 82 -36.94 9.61 -29.35
N ILE C 83 -36.99 9.14 -30.60
CA ILE C 83 -37.83 9.72 -31.63
C ILE C 83 -38.64 8.57 -32.22
N ASP C 84 -39.95 8.56 -31.96
CA ASP C 84 -40.80 7.50 -32.43
C ASP C 84 -41.04 7.62 -33.94
N ALA C 85 -41.64 6.57 -34.50
CA ALA C 85 -41.86 6.48 -35.94
C ALA C 85 -42.81 7.54 -36.48
N SER C 86 -43.35 8.42 -35.63
CA SER C 86 -44.19 9.51 -36.07
C SER C 86 -43.45 10.84 -36.15
N GLY C 87 -42.17 10.86 -35.79
CA GLY C 87 -41.36 12.05 -35.84
C GLY C 87 -41.25 12.81 -34.53
N ALA C 88 -42.15 12.56 -33.59
CA ALA C 88 -42.14 13.24 -32.31
C ALA C 88 -41.03 12.70 -31.42
N THR C 89 -40.74 13.44 -30.36
CA THR C 89 -39.73 13.04 -29.38
C THR C 89 -40.39 12.40 -28.17
N ILE C 90 -39.76 11.34 -27.66
CA ILE C 90 -40.28 10.59 -26.53
C ILE C 90 -39.15 10.34 -25.53
N ALA C 91 -39.53 10.06 -24.30
CA ALA C 91 -38.59 9.70 -23.25
C ALA C 91 -38.41 8.19 -23.17
N ASN C 92 -38.10 7.57 -24.31
CA ASN C 92 -37.95 6.12 -24.39
C ASN C 92 -37.00 5.80 -25.53
N GLY C 93 -35.75 5.51 -25.21
CA GLY C 93 -34.78 5.01 -26.15
C GLY C 93 -34.64 3.50 -26.18
N ASN C 94 -35.52 2.79 -25.47
CA ASN C 94 -35.40 1.33 -25.38
C ASN C 94 -35.73 0.65 -26.70
N LEU C 95 -36.68 1.20 -27.46
CA LEU C 95 -37.25 0.55 -28.63
C LEU C 95 -37.86 -0.81 -28.23
N TYR C 96 -38.90 -0.71 -27.39
CA TYR C 96 -39.67 -1.84 -26.85
C TYR C 96 -38.79 -2.85 -26.13
N GLY C 97 -37.56 -2.48 -25.77
CA GLY C 97 -36.57 -3.39 -25.24
C GLY C 97 -37.02 -4.25 -24.06
N SER C 98 -36.73 -5.55 -24.15
CA SER C 98 -37.02 -6.53 -23.10
C SER C 98 -38.52 -6.57 -22.79
N SER C 99 -39.30 -6.80 -23.83
CA SER C 99 -40.74 -7.00 -23.70
C SER C 99 -41.15 -8.17 -24.60
N ARG C 100 -42.13 -8.94 -24.14
CA ARG C 100 -42.56 -10.12 -24.86
C ARG C 100 -44.03 -10.10 -25.26
N ASP C 101 -44.77 -9.07 -24.89
CA ASP C 101 -46.15 -8.95 -25.34
C ASP C 101 -46.20 -8.66 -26.84
N VAL C 102 -47.12 -9.32 -27.54
CA VAL C 102 -47.18 -9.16 -28.99
C VAL C 102 -47.67 -7.77 -29.36
N GLY C 103 -48.66 -7.26 -28.65
CA GLY C 103 -49.21 -5.95 -28.98
C GLY C 103 -48.20 -4.83 -28.82
N ASN C 104 -47.45 -4.84 -27.71
CA ASN C 104 -46.45 -3.82 -27.48
C ASN C 104 -45.34 -3.88 -28.52
N ILE C 105 -44.91 -5.10 -28.86
CA ILE C 105 -43.86 -5.24 -29.87
C ILE C 105 -44.33 -4.73 -31.23
N THR C 106 -45.56 -5.08 -31.62
CA THR C 106 -46.09 -4.63 -32.90
C THR C 106 -46.28 -3.12 -32.93
N ALA C 107 -46.74 -2.54 -31.82
CA ALA C 107 -47.02 -1.11 -31.77
C ALA C 107 -45.78 -0.24 -31.71
N LYS C 108 -44.60 -0.83 -31.50
CA LYS C 108 -43.37 -0.04 -31.37
C LYS C 108 -42.28 -0.51 -32.33
N MET C 109 -42.66 -1.17 -33.42
CA MET C 109 -41.67 -1.59 -34.41
C MET C 109 -41.20 -0.39 -35.22
N PRO C 110 -39.94 -0.36 -35.63
CA PRO C 110 -39.40 0.77 -36.41
C PRO C 110 -39.77 0.73 -37.89
N THR C 111 -40.97 1.19 -38.20
CA THR C 111 -41.43 1.24 -39.57
C THR C 111 -40.85 2.45 -40.30
N LEU C 112 -40.68 2.30 -41.60
CA LEU C 112 -40.09 3.35 -42.44
C LEU C 112 -41.01 3.64 -43.61
N THR C 113 -41.12 4.92 -43.96
CA THR C 113 -41.93 5.36 -45.08
C THR C 113 -41.04 5.69 -46.28
N GLU C 114 -41.65 6.21 -47.34
CA GLU C 114 -40.88 6.56 -48.54
C GLU C 114 -39.91 7.70 -48.27
N ILE C 115 -40.34 8.70 -47.50
CA ILE C 115 -39.55 9.91 -47.34
C ILE C 115 -38.47 9.77 -46.28
N GLY C 116 -38.59 8.81 -45.36
CA GLY C 116 -37.57 8.66 -44.33
C GLY C 116 -37.59 9.83 -43.37
N GLY C 117 -36.41 10.39 -43.11
CA GLY C 117 -36.26 11.51 -42.20
C GLY C 117 -35.87 11.06 -40.80
N ARG C 118 -35.73 12.05 -39.92
CA ARG C 118 -35.43 11.78 -38.53
C ARG C 118 -36.63 11.14 -37.87
N VAL C 119 -36.69 9.81 -37.88
CA VAL C 119 -37.91 9.10 -37.53
C VAL C 119 -37.64 8.01 -36.49
N ASN C 120 -36.37 7.67 -36.29
CA ASN C 120 -36.02 6.59 -35.37
C ASN C 120 -34.60 6.81 -34.86
N ARG C 121 -34.46 7.12 -33.58
CA ARG C 121 -33.17 7.28 -32.94
C ARG C 121 -33.11 6.42 -31.69
N VAL C 122 -31.89 6.01 -31.32
CA VAL C 122 -31.65 5.12 -30.19
C VAL C 122 -30.49 5.68 -29.38
N GLY C 123 -30.20 5.02 -28.25
CA GLY C 123 -29.09 5.40 -27.39
C GLY C 123 -28.50 4.18 -26.71
N PHE C 124 -27.39 4.42 -26.01
CA PHE C 124 -26.66 3.36 -25.33
C PHE C 124 -26.12 3.88 -24.01
N LYS C 125 -25.86 2.95 -23.08
CA LYS C 125 -25.45 3.31 -21.74
C LYS C 125 -24.41 2.31 -21.20
N ARG C 126 -23.65 2.78 -20.22
CA ARG C 126 -22.71 1.94 -19.49
C ARG C 126 -22.79 2.28 -18.01
N VAL C 127 -22.47 1.29 -17.18
CA VAL C 127 -22.46 1.42 -15.73
C VAL C 127 -21.12 0.91 -15.21
N GLU C 128 -20.91 1.07 -13.90
CA GLU C 128 -19.65 0.71 -13.27
C GLU C 128 -19.88 -0.22 -12.09
N ILE C 129 -18.89 -1.08 -11.86
CA ILE C 129 -18.87 -2.03 -10.75
C ILE C 129 -17.62 -1.77 -9.92
N LYS C 130 -17.72 -2.00 -8.62
CA LYS C 130 -16.70 -1.61 -7.67
C LYS C 130 -16.17 -2.82 -6.90
N GLY C 131 -15.14 -2.55 -6.08
CA GLY C 131 -14.55 -3.53 -5.19
C GLY C 131 -14.00 -2.87 -3.94
N LYS C 132 -13.32 -3.63 -3.09
CA LYS C 132 -12.78 -3.07 -1.85
C LYS C 132 -11.69 -3.99 -1.32
N LEU C 133 -11.07 -3.57 -0.22
CA LEU C 133 -10.00 -4.31 0.43
C LEU C 133 -10.05 -4.06 1.93
N GLU C 134 -9.70 -5.10 2.70
CA GLU C 134 -9.70 -5.01 4.16
C GLU C 134 -8.49 -5.76 4.71
N LYS C 135 -8.18 -5.45 5.97
CA LYS C 135 -7.03 -6.03 6.67
C LYS C 135 -7.50 -6.65 7.98
N TYR C 136 -6.97 -7.83 8.31
CA TYR C 136 -7.35 -8.56 9.51
C TYR C 136 -6.10 -9.08 10.21
N GLY C 137 -6.25 -9.39 11.49
CA GLY C 137 -5.14 -9.96 12.23
C GLY C 137 -5.49 -10.15 13.69
N PHE C 138 -4.68 -10.98 14.35
CA PHE C 138 -4.82 -11.23 15.78
C PHE C 138 -3.51 -11.79 16.32
N PHE C 139 -3.33 -11.69 17.64
CA PHE C 139 -2.06 -12.02 18.27
C PHE C 139 -2.30 -12.73 19.60
N ARG C 140 -1.22 -13.27 20.15
CA ARG C 140 -1.24 -14.00 21.41
C ARG C 140 0.02 -13.68 22.20
N GLU C 141 -0.11 -13.68 23.53
CA GLU C 141 0.98 -13.36 24.43
C GLU C 141 1.15 -14.47 25.46
N TYR C 142 2.37 -14.57 26.00
CA TYR C 142 2.66 -15.57 27.03
C TYR C 142 3.91 -15.13 27.78
N THR C 143 4.19 -15.84 28.86
CA THR C 143 5.38 -15.61 29.69
C THR C 143 6.27 -16.84 29.68
N GLN C 144 7.51 -16.64 30.14
CA GLN C 144 8.48 -17.73 30.13
C GLN C 144 8.19 -18.75 31.23
N GLU C 145 7.81 -18.28 32.42
CA GLU C 145 7.58 -19.20 33.53
C GLU C 145 6.41 -20.13 33.27
N GLN C 146 5.42 -19.69 32.50
CA GLN C 146 4.29 -20.55 32.15
C GLN C 146 4.62 -21.54 31.04
N LEU C 147 5.89 -21.68 30.68
CA LEU C 147 6.35 -22.67 29.72
C LEU C 147 7.33 -23.66 30.33
N ASP C 148 8.25 -23.19 31.18
CA ASP C 148 9.26 -24.07 31.76
C ASP C 148 8.66 -24.97 32.83
N PHE C 149 7.76 -24.43 33.65
CA PHE C 149 7.22 -25.14 34.79
C PHE C 149 5.97 -25.95 34.47
N ASP C 150 5.53 -25.93 33.22
CA ASP C 150 4.35 -26.72 32.84
C ASP C 150 4.69 -28.20 32.84
N SER C 151 3.68 -29.01 33.15
CA SER C 151 3.86 -30.46 33.25
C SER C 151 3.78 -31.17 31.91
N ASP C 152 3.44 -30.46 30.84
CA ASP C 152 3.36 -31.06 29.51
C ASP C 152 4.45 -30.48 28.62
N PRO C 153 5.51 -31.24 28.30
CA PRO C 153 6.61 -30.70 27.49
C PRO C 153 6.28 -30.53 26.01
N ALA C 154 5.04 -30.76 25.58
CA ALA C 154 4.67 -30.61 24.17
C ALA C 154 3.49 -29.66 23.98
N MET C 155 3.29 -28.73 24.91
CA MET C 155 2.14 -27.83 24.84
C MET C 155 2.32 -26.76 23.77
N GLU C 156 3.54 -26.24 23.62
CA GLU C 156 3.76 -25.11 22.71
C GLU C 156 3.46 -25.49 21.26
N GLY C 157 3.87 -26.68 20.83
CA GLY C 157 3.58 -27.11 19.47
C GLY C 157 2.09 -27.25 19.23
N HIS C 158 1.37 -27.83 20.19
CA HIS C 158 -0.07 -27.94 20.05
C HIS C 158 -0.72 -26.57 19.97
N VAL C 159 -0.28 -25.62 20.80
CA VAL C 159 -0.86 -24.29 20.81
C VAL C 159 -0.63 -23.59 19.47
N THR C 160 0.61 -23.67 18.96
CA THR C 160 0.91 -23.03 17.68
C THR C 160 0.13 -23.65 16.54
N THR C 161 0.03 -24.98 16.52
CA THR C 161 -0.73 -25.65 15.46
C THR C 161 -2.20 -25.28 15.53
N GLU C 162 -2.76 -25.23 16.74
CA GLU C 162 -4.16 -24.83 16.89
C GLU C 162 -4.39 -23.39 16.44
N MET C 163 -3.46 -22.50 16.77
CA MET C 163 -3.61 -21.11 16.35
C MET C 163 -3.56 -20.98 14.82
N VAL C 164 -2.63 -21.68 14.19
CA VAL C 164 -2.55 -21.64 12.72
C VAL C 164 -3.80 -22.24 12.10
N LYS C 165 -4.28 -23.36 12.65
CA LYS C 165 -5.48 -24.00 12.12
C LYS C 165 -6.70 -23.09 12.26
N GLY C 166 -6.83 -22.40 13.38
CA GLY C 166 -7.93 -21.46 13.55
C GLY C 166 -7.81 -20.27 12.61
N ALA C 167 -6.58 -19.81 12.36
CA ALA C 167 -6.38 -18.74 11.39
C ALA C 167 -6.77 -19.17 9.99
N ASN C 168 -6.58 -20.45 9.67
CA ASN C 168 -6.93 -20.98 8.36
C ASN C 168 -8.43 -21.23 8.18
N GLU C 169 -9.27 -20.72 9.06
CA GLU C 169 -10.72 -20.90 8.97
C GLU C 169 -11.48 -19.58 8.86
N ILE C 170 -10.94 -18.49 9.41
CA ILE C 170 -11.59 -17.19 9.31
C ILE C 170 -11.69 -16.75 7.86
N THR C 171 -10.70 -17.10 7.03
CA THR C 171 -10.77 -16.76 5.62
C THR C 171 -11.95 -17.44 4.93
N GLU C 172 -12.18 -18.72 5.21
CA GLU C 172 -13.32 -19.42 4.64
C GLU C 172 -14.63 -18.82 5.16
N ASP C 173 -14.67 -18.48 6.45
CA ASP C 173 -15.87 -17.86 7.00
C ASP C 173 -16.17 -16.52 6.32
N LEU C 174 -15.13 -15.71 6.09
CA LEU C 174 -15.31 -14.43 5.41
C LEU C 174 -15.79 -14.64 3.98
N LEU C 175 -15.22 -15.61 3.28
CA LEU C 175 -15.64 -15.89 1.91
C LEU C 175 -17.10 -16.33 1.86
N GLN C 176 -17.51 -17.20 2.79
CA GLN C 176 -18.89 -17.64 2.83
C GLN C 176 -19.83 -16.49 3.13
N ILE C 177 -19.45 -15.60 4.06
CA ILE C 177 -20.29 -14.45 4.39
C ILE C 177 -20.42 -13.53 3.18
N ASP C 178 -19.30 -13.28 2.48
CA ASP C 178 -19.35 -12.42 1.30
C ASP C 178 -20.22 -13.03 0.21
N LEU C 179 -20.13 -14.34 0.01
CA LEU C 179 -20.98 -15.01 -0.96
C LEU C 179 -22.45 -14.90 -0.59
N LEU C 180 -22.77 -15.10 0.69
CA LEU C 180 -24.17 -15.08 1.13
C LEU C 180 -24.77 -13.68 1.04
N ASN C 181 -24.01 -12.67 1.43
CA ASN C 181 -24.55 -11.32 1.56
C ASN C 181 -24.71 -10.60 0.22
N SER C 182 -24.16 -11.14 -0.87
CA SER C 182 -24.22 -10.50 -2.18
C SER C 182 -24.71 -11.54 -3.19
N ALA C 183 -26.03 -11.57 -3.42
CA ALA C 183 -26.60 -12.51 -4.37
C ALA C 183 -27.98 -12.01 -4.78
N GLY C 184 -28.23 -11.95 -6.09
CA GLY C 184 -29.53 -11.60 -6.61
C GLY C 184 -30.45 -12.81 -6.70
N THR C 185 -31.68 -12.54 -7.14
CA THR C 185 -32.70 -13.56 -7.32
C THR C 185 -32.93 -14.35 -6.03
N VAL C 186 -33.36 -13.63 -5.00
CA VAL C 186 -33.66 -14.24 -3.71
C VAL C 186 -35.14 -14.61 -3.68
N ARG C 187 -35.43 -15.85 -3.33
CA ARG C 187 -36.77 -16.40 -3.40
C ARG C 187 -37.21 -16.93 -2.05
N TYR C 188 -38.42 -16.54 -1.63
CA TYR C 188 -39.07 -17.12 -0.46
C TYR C 188 -40.29 -17.91 -0.95
N PRO C 189 -40.37 -19.22 -0.72
CA PRO C 189 -41.54 -19.97 -1.22
C PRO C 189 -42.81 -19.64 -0.45
N GLY C 190 -43.68 -18.84 -1.06
CA GLY C 190 -44.92 -18.43 -0.43
C GLY C 190 -44.73 -17.30 0.56
N ALA C 191 -45.59 -16.30 0.51
CA ALA C 191 -45.53 -15.14 1.39
C ALA C 191 -44.11 -14.54 1.43
N ALA C 192 -43.66 -14.11 0.26
CA ALA C 192 -42.27 -13.76 0.05
C ALA C 192 -42.04 -12.27 0.34
N THR C 193 -40.86 -11.76 -0.02
CA THR C 193 -40.40 -10.36 0.00
C THR C 193 -39.92 -9.87 1.35
N SER C 194 -39.89 -10.69 2.40
CA SER C 194 -39.37 -10.22 3.68
C SER C 194 -39.04 -11.40 4.59
N ASP C 195 -38.01 -11.21 5.41
CA ASP C 195 -37.69 -12.17 6.47
C ASP C 195 -38.73 -12.14 7.57
N ALA C 196 -39.29 -10.97 7.88
CA ALA C 196 -40.28 -10.85 8.94
C ALA C 196 -41.60 -11.50 8.59
N GLU C 197 -41.82 -11.89 7.34
CA GLU C 197 -43.03 -12.58 6.92
C GLU C 197 -42.82 -14.10 6.84
N VAL C 198 -41.67 -14.59 7.27
CA VAL C 198 -41.36 -16.02 7.20
C VAL C 198 -42.02 -16.72 8.37
N ASP C 199 -42.78 -17.78 8.08
CA ASP C 199 -43.45 -18.57 9.09
C ASP C 199 -43.36 -20.04 8.70
N ALA C 200 -44.16 -20.88 9.35
CA ALA C 200 -44.13 -22.31 9.11
C ALA C 200 -44.63 -22.69 7.72
N SER C 201 -45.27 -21.78 7.00
CA SER C 201 -45.82 -22.08 5.68
C SER C 201 -44.83 -21.79 4.55
N THR C 202 -43.59 -21.42 4.88
CA THR C 202 -42.57 -21.11 3.88
C THR C 202 -41.53 -22.23 3.93
N GLU C 203 -41.79 -23.30 3.17
CA GLU C 203 -40.96 -24.50 3.19
C GLU C 203 -40.53 -24.84 1.77
N VAL C 204 -39.54 -25.74 1.68
CA VAL C 204 -39.05 -26.19 0.39
C VAL C 204 -40.14 -26.97 -0.33
N THR C 205 -40.36 -26.64 -1.61
CA THR C 205 -41.34 -27.34 -2.42
C THR C 205 -40.76 -27.55 -3.81
N TYR C 206 -41.30 -28.56 -4.50
CA TYR C 206 -40.85 -28.84 -5.87
C TYR C 206 -41.16 -27.66 -6.79
N ASP C 207 -42.30 -27.01 -6.59
CA ASP C 207 -42.65 -25.85 -7.41
C ASP C 207 -41.64 -24.72 -7.22
N SER C 208 -41.21 -24.49 -5.98
CA SER C 208 -40.24 -23.42 -5.74
C SER C 208 -38.91 -23.72 -6.40
N LEU C 209 -38.46 -24.99 -6.34
CA LEU C 209 -37.21 -25.36 -7.00
C LEU C 209 -37.32 -25.23 -8.51
N MET C 210 -38.46 -25.63 -9.08
CA MET C 210 -38.67 -25.47 -10.52
C MET C 210 -38.66 -24.00 -10.92
N ARG C 211 -39.31 -23.15 -10.11
CA ARG C 211 -39.30 -21.71 -10.40
C ARG C 211 -37.90 -21.14 -10.31
N LEU C 212 -37.12 -21.59 -9.32
CA LEU C 212 -35.73 -21.13 -9.21
C LEU C 212 -34.90 -21.55 -10.41
N ARG C 213 -35.08 -22.79 -10.88
CA ARG C 213 -34.36 -23.24 -12.06
C ARG C 213 -34.76 -22.45 -13.29
N LEU C 214 -36.06 -22.17 -13.44
CA LEU C 214 -36.51 -21.36 -14.57
C LEU C 214 -35.94 -19.95 -14.50
N ASP C 215 -35.89 -19.36 -13.31
CA ASP C 215 -35.33 -18.03 -13.15
C ASP C 215 -33.85 -18.02 -13.50
N LEU C 216 -33.12 -19.04 -13.07
CA LEU C 216 -31.70 -19.13 -13.42
C LEU C 216 -31.51 -19.31 -14.92
N ASP C 217 -32.37 -20.10 -15.56
CA ASP C 217 -32.27 -20.27 -17.01
C ASP C 217 -32.60 -18.98 -17.75
N ASN C 218 -33.53 -18.17 -17.20
CA ASN C 218 -33.86 -16.90 -17.83
C ASN C 218 -32.68 -15.93 -17.80
N ALA C 219 -31.77 -16.09 -16.85
CA ALA C 219 -30.58 -15.27 -16.73
C ALA C 219 -29.40 -15.82 -17.50
N ARG C 220 -29.60 -16.89 -18.28
CA ARG C 220 -28.56 -17.52 -19.08
C ARG C 220 -27.39 -17.98 -18.21
N ALA C 221 -27.70 -18.49 -17.03
CA ALA C 221 -26.68 -19.07 -16.18
C ALA C 221 -26.15 -20.37 -16.79
N PRO C 222 -24.86 -20.65 -16.64
CA PRO C 222 -24.28 -21.84 -17.27
C PRO C 222 -24.44 -23.10 -16.44
N THR C 223 -24.57 -24.22 -17.15
CA THR C 223 -24.64 -25.54 -16.55
C THR C 223 -23.35 -26.29 -16.85
N LYS C 224 -22.74 -26.88 -15.83
CA LYS C 224 -21.45 -27.55 -15.97
C LYS C 224 -21.49 -29.03 -15.67
N ILE C 225 -22.66 -29.59 -15.38
CA ILE C 225 -22.81 -31.03 -15.12
C ILE C 225 -23.71 -31.60 -16.22
N LYS C 226 -23.20 -32.62 -16.91
CA LYS C 226 -23.94 -33.23 -18.02
C LYS C 226 -25.03 -34.16 -17.46
N MET C 227 -25.71 -34.86 -18.37
CA MET C 227 -26.76 -35.79 -17.99
C MET C 227 -26.29 -37.22 -18.22
N ILE C 228 -26.84 -38.14 -17.43
CA ILE C 228 -26.51 -39.56 -17.52
C ILE C 228 -27.56 -40.23 -18.38
N THR C 229 -27.15 -40.74 -19.53
CA THR C 229 -28.08 -41.36 -20.48
C THR C 229 -28.43 -42.79 -20.10
N GLY C 230 -27.71 -43.42 -19.19
CA GLY C 230 -28.04 -44.76 -18.74
C GLY C 230 -26.86 -45.70 -18.63
N THR C 231 -27.07 -46.81 -17.94
CA THR C 231 -26.03 -47.84 -17.77
C THR C 231 -26.69 -49.21 -17.87
N ARG C 232 -25.87 -50.25 -17.86
CA ARG C 232 -26.32 -51.61 -18.05
C ARG C 232 -26.56 -52.35 -16.73
N MET C 233 -26.43 -51.66 -15.59
CA MET C 233 -26.61 -52.29 -14.29
C MET C 233 -28.08 -52.25 -13.88
N ILE C 234 -28.50 -53.29 -13.16
CA ILE C 234 -29.88 -53.41 -12.74
C ILE C 234 -30.17 -52.44 -11.61
N ASP C 235 -31.38 -51.87 -11.61
CA ASP C 235 -31.85 -50.96 -10.56
C ASP C 235 -31.02 -49.68 -10.52
N THR C 236 -30.86 -49.03 -11.67
CA THR C 236 -30.23 -47.74 -11.79
C THR C 236 -31.24 -46.72 -12.30
N ARG C 237 -30.80 -45.47 -12.43
CA ARG C 237 -31.68 -44.39 -12.86
C ARG C 237 -30.92 -43.46 -13.80
N THR C 238 -31.70 -42.68 -14.53
CA THR C 238 -31.17 -41.69 -15.46
C THR C 238 -31.61 -40.30 -15.01
N VAL C 239 -30.68 -39.35 -15.04
CA VAL C 239 -30.95 -37.98 -14.61
C VAL C 239 -30.52 -37.02 -15.71
N GLY C 240 -31.12 -35.83 -15.68
CA GLY C 240 -30.86 -34.81 -16.68
C GLY C 240 -29.77 -33.85 -16.27
N ASN C 241 -29.70 -32.74 -16.99
CA ASN C 241 -28.71 -31.71 -16.70
C ASN C 241 -28.99 -31.09 -15.33
N ALA C 242 -27.91 -30.69 -14.66
CA ALA C 242 -28.02 -30.18 -13.30
C ALA C 242 -26.85 -29.26 -13.00
N ARG C 243 -26.99 -28.50 -11.91
CA ARG C 243 -25.94 -27.64 -11.39
C ARG C 243 -25.82 -27.85 -9.89
N ALA C 244 -24.67 -27.47 -9.34
CA ALA C 244 -24.41 -27.70 -7.93
C ALA C 244 -25.31 -26.82 -7.07
N LEU C 245 -25.61 -27.30 -5.86
CA LEU C 245 -26.47 -26.57 -4.93
C LEU C 245 -26.09 -26.97 -3.51
N TYR C 246 -25.61 -25.98 -2.74
CA TYR C 246 -25.06 -26.23 -1.42
C TYR C 246 -26.13 -25.98 -0.35
N VAL C 247 -26.30 -26.95 0.55
CA VAL C 247 -27.26 -26.86 1.64
C VAL C 247 -26.60 -27.29 2.93
N GLY C 248 -27.16 -26.83 4.05
CA GLY C 248 -26.71 -27.26 5.35
C GLY C 248 -27.21 -28.65 5.71
N SER C 249 -26.66 -29.19 6.80
CA SER C 249 -27.01 -30.53 7.24
C SER C 249 -28.37 -30.58 7.92
N ASP C 250 -28.99 -29.44 8.22
CA ASP C 250 -30.29 -29.41 8.87
C ASP C 250 -31.46 -29.50 7.90
N LEU C 251 -31.20 -29.40 6.59
CA LEU C 251 -32.23 -29.47 5.57
C LEU C 251 -32.36 -30.85 4.95
N VAL C 252 -31.58 -31.82 5.42
CA VAL C 252 -31.69 -33.19 4.88
C VAL C 252 -33.04 -33.83 5.17
N PRO C 253 -33.58 -33.79 6.40
CA PRO C 253 -34.87 -34.46 6.64
C PRO C 253 -36.01 -33.94 5.77
N THR C 254 -36.07 -32.63 5.53
CA THR C 254 -37.15 -32.09 4.72
C THR C 254 -36.94 -32.36 3.23
N ILE C 255 -35.68 -32.38 2.78
CA ILE C 255 -35.40 -32.74 1.38
C ILE C 255 -35.76 -34.19 1.13
N GLU C 256 -35.44 -35.08 2.07
CA GLU C 256 -35.69 -36.51 1.89
C GLU C 256 -37.18 -36.84 1.78
N ALA C 257 -38.06 -35.95 2.22
CA ALA C 257 -39.49 -36.20 2.25
C ALA C 257 -40.24 -35.27 1.30
N MET C 258 -39.69 -35.06 0.11
CA MET C 258 -40.33 -34.24 -0.92
C MET C 258 -40.95 -35.13 -1.98
N LYS C 259 -42.12 -34.72 -2.47
CA LYS C 259 -42.84 -35.45 -3.50
C LYS C 259 -43.12 -34.54 -4.69
N ASP C 260 -43.00 -35.09 -5.90
CA ASP C 260 -43.19 -34.33 -7.11
C ASP C 260 -44.69 -34.20 -7.41
N ASN C 261 -45.02 -33.72 -8.60
CA ASN C 261 -46.42 -33.51 -9.00
C ASN C 261 -47.12 -34.79 -9.42
N HIS C 262 -46.53 -35.96 -9.15
CA HIS C 262 -47.14 -37.23 -9.49
C HIS C 262 -47.13 -38.21 -8.31
N GLY C 263 -46.93 -37.69 -7.10
CA GLY C 263 -46.91 -38.55 -5.92
C GLY C 263 -45.75 -39.53 -5.89
N ASN C 264 -44.55 -39.09 -6.25
CA ASN C 264 -43.36 -39.91 -6.24
C ASN C 264 -42.22 -39.16 -5.55
N PRO C 265 -41.30 -39.89 -4.92
CA PRO C 265 -40.15 -39.21 -4.31
C PRO C 265 -39.31 -38.50 -5.35
N ALA C 266 -38.81 -37.32 -4.99
CA ALA C 266 -37.98 -36.53 -5.89
C ALA C 266 -36.49 -36.71 -5.66
N PHE C 267 -36.07 -36.98 -4.43
CA PHE C 267 -34.65 -37.15 -4.13
C PHE C 267 -34.17 -38.50 -4.64
N ILE C 268 -33.21 -38.48 -5.56
CA ILE C 268 -32.59 -39.68 -6.11
C ILE C 268 -31.21 -39.80 -5.46
N PRO C 269 -30.97 -40.83 -4.65
CA PRO C 269 -29.67 -40.95 -3.97
C PRO C 269 -28.53 -41.16 -4.95
N ILE C 270 -27.31 -40.88 -4.48
CA ILE C 270 -26.12 -40.97 -5.32
C ILE C 270 -25.89 -42.41 -5.79
N GLU C 271 -26.31 -43.39 -4.99
CA GLU C 271 -26.07 -44.79 -5.34
C GLU C 271 -26.81 -45.19 -6.62
N LYS C 272 -27.88 -44.48 -6.96
CA LYS C 272 -28.70 -44.88 -8.09
C LYS C 272 -28.04 -44.59 -9.43
N TYR C 273 -27.36 -43.44 -9.56
CA TYR C 273 -26.79 -43.03 -10.83
C TYR C 273 -25.27 -42.92 -10.80
N ALA C 274 -24.62 -43.51 -9.79
CA ALA C 274 -23.18 -43.44 -9.68
C ALA C 274 -22.44 -44.24 -10.76
N ALA C 275 -23.15 -45.09 -11.50
CA ALA C 275 -22.50 -45.85 -12.56
C ALA C 275 -21.97 -44.94 -13.66
N GLY C 276 -22.73 -43.92 -14.03
CA GLY C 276 -22.26 -42.93 -14.98
C GLY C 276 -21.02 -42.22 -14.47
N GLY C 277 -21.17 -41.46 -13.38
CA GLY C 277 -20.03 -40.95 -12.66
C GLY C 277 -19.79 -39.45 -12.76
N ALA C 278 -20.25 -38.71 -11.76
CA ALA C 278 -19.79 -37.35 -11.50
C ALA C 278 -19.12 -37.24 -10.15
N THR C 279 -19.81 -37.67 -9.09
CA THR C 279 -19.23 -37.92 -7.76
C THR C 279 -18.36 -36.76 -7.28
N MET C 280 -18.99 -35.60 -7.12
CA MET C 280 -18.29 -34.49 -6.49
C MET C 280 -18.15 -34.76 -4.99
N HIS C 281 -17.41 -33.89 -4.31
CA HIS C 281 -16.92 -34.17 -2.97
C HIS C 281 -18.07 -34.49 -2.00
N GLY C 282 -18.94 -33.52 -1.76
CA GLY C 282 -20.00 -33.70 -0.79
C GLY C 282 -21.35 -34.03 -1.39
N GLU C 283 -21.38 -34.42 -2.66
CA GLU C 283 -22.63 -34.71 -3.34
C GLU C 283 -23.30 -35.93 -2.72
N VAL C 284 -24.61 -35.84 -2.53
CA VAL C 284 -25.39 -36.95 -1.98
C VAL C 284 -26.55 -37.37 -2.88
N GLY C 285 -26.92 -36.56 -3.86
CA GLY C 285 -28.02 -36.92 -4.74
C GLY C 285 -28.45 -35.75 -5.59
N GLN C 286 -29.52 -35.98 -6.34
CA GLN C 286 -30.11 -34.98 -7.22
C GLN C 286 -31.59 -34.84 -6.87
N LEU C 287 -31.98 -33.66 -6.39
CA LEU C 287 -33.35 -33.45 -5.93
C LEU C 287 -34.28 -33.18 -7.12
N GLY C 288 -34.03 -32.08 -7.83
CA GLY C 288 -34.74 -31.81 -9.07
C GLY C 288 -33.79 -31.88 -10.24
N ARG C 289 -33.36 -30.71 -10.73
CA ARG C 289 -32.22 -30.60 -11.63
C ARG C 289 -31.09 -29.86 -10.93
N PHE C 290 -30.90 -30.16 -9.64
CA PHE C 290 -29.83 -29.63 -8.82
C PHE C 290 -29.13 -30.78 -8.10
N ARG C 291 -27.81 -30.73 -8.05
CA ARG C 291 -27.01 -31.70 -7.32
C ARG C 291 -26.82 -31.18 -5.90
N VAL C 292 -27.38 -31.88 -4.92
CA VAL C 292 -27.38 -31.42 -3.53
C VAL C 292 -26.03 -31.77 -2.91
N ILE C 293 -25.41 -30.78 -2.27
CA ILE C 293 -24.14 -30.95 -1.57
C ILE C 293 -24.32 -30.47 -0.14
N VAL C 294 -24.06 -31.34 0.82
CA VAL C 294 -24.20 -31.01 2.23
C VAL C 294 -22.89 -30.41 2.72
N ASN C 295 -22.95 -29.16 3.18
CA ASN C 295 -21.78 -28.47 3.71
C ASN C 295 -21.88 -28.43 5.22
N PRO C 296 -20.98 -29.08 5.96
CA PRO C 296 -21.08 -29.10 7.43
C PRO C 296 -20.84 -27.75 8.08
N GLN C 297 -20.36 -26.75 7.35
CA GLN C 297 -20.06 -25.44 7.92
C GLN C 297 -21.00 -24.34 7.41
N MET C 298 -22.17 -24.72 6.92
CA MET C 298 -23.13 -23.72 6.45
C MET C 298 -23.69 -22.93 7.62
N MET C 299 -23.80 -21.60 7.43
CA MET C 299 -24.36 -20.72 8.43
C MET C 299 -25.86 -20.51 8.17
N HIS C 300 -26.50 -19.74 9.04
CA HIS C 300 -27.93 -19.50 8.92
C HIS C 300 -28.28 -18.23 9.70
N TRP C 301 -29.49 -17.73 9.44
CA TRP C 301 -30.04 -16.59 10.17
C TRP C 301 -30.89 -17.13 11.32
N ALA C 302 -30.42 -16.92 12.55
CA ALA C 302 -31.06 -17.47 13.74
C ALA C 302 -31.89 -16.40 14.43
N GLY C 303 -33.15 -16.73 14.72
CA GLY C 303 -34.00 -15.85 15.49
C GLY C 303 -34.58 -14.68 14.73
N VAL C 304 -34.82 -14.82 13.42
CA VAL C 304 -35.42 -13.78 12.61
C VAL C 304 -36.62 -14.38 11.87
N GLY C 305 -37.75 -13.72 11.95
CA GLY C 305 -38.98 -14.20 11.33
C GLY C 305 -40.18 -13.81 12.17
N LYS C 306 -41.20 -14.64 12.11
CA LYS C 306 -42.42 -14.43 12.88
C LYS C 306 -42.34 -15.20 14.21
N ALA C 307 -43.26 -14.86 15.11
CA ALA C 307 -43.32 -15.53 16.40
C ALA C 307 -43.74 -16.98 16.22
N VAL C 308 -43.19 -17.84 17.08
CA VAL C 308 -43.48 -19.28 17.00
C VAL C 308 -44.93 -19.53 17.39
N ASP C 309 -45.65 -20.25 16.53
CA ASP C 309 -47.04 -20.59 16.80
C ASP C 309 -47.09 -21.94 17.51
N PRO C 310 -47.56 -22.00 18.76
CA PRO C 310 -47.59 -23.29 19.47
C PRO C 310 -48.47 -24.33 18.79
N ASN C 311 -49.53 -23.91 18.11
CA ASN C 311 -50.45 -24.83 17.44
C ASN C 311 -49.90 -25.24 16.06
N ASP C 312 -48.75 -25.91 16.09
CA ASP C 312 -48.08 -26.39 14.90
C ASP C 312 -47.82 -27.88 15.01
N GLN C 313 -47.91 -28.59 13.89
CA GLN C 313 -47.74 -30.03 13.85
C GLN C 313 -46.32 -30.46 13.50
N VAL C 314 -45.38 -29.53 13.39
CA VAL C 314 -44.02 -29.84 12.97
C VAL C 314 -43.02 -29.22 13.94
N PRO C 315 -41.83 -29.82 14.10
CA PRO C 315 -40.90 -29.32 15.13
C PRO C 315 -40.48 -27.86 14.95
N MET C 316 -40.26 -27.41 13.71
CA MET C 316 -40.10 -25.98 13.42
C MET C 316 -38.94 -25.36 14.19
N HIS C 317 -37.71 -25.72 13.75
CA HIS C 317 -36.49 -25.11 14.25
C HIS C 317 -36.66 -23.63 14.56
N GLU C 318 -36.27 -23.22 15.77
CA GLU C 318 -36.51 -21.87 16.25
C GLU C 318 -35.39 -21.46 17.19
N SER C 319 -35.28 -20.15 17.40
CA SER C 319 -34.30 -19.59 18.33
C SER C 319 -34.86 -18.32 18.94
N GLY C 320 -34.92 -18.27 20.26
CA GLY C 320 -35.41 -17.09 20.95
C GLY C 320 -36.87 -16.78 20.70
N GLY C 321 -37.70 -17.81 20.56
CA GLY C 321 -39.12 -17.63 20.36
C GLY C 321 -39.54 -17.28 18.95
N LYS C 322 -38.59 -17.21 18.01
CA LYS C 322 -38.88 -16.87 16.63
C LYS C 322 -38.27 -17.92 15.70
N TYR C 323 -38.83 -18.01 14.50
CA TYR C 323 -38.35 -18.97 13.52
C TYR C 323 -36.94 -18.61 13.06
N SER C 324 -36.25 -19.60 12.51
CA SER C 324 -34.92 -19.43 11.95
C SER C 324 -34.96 -19.69 10.45
N VAL C 325 -34.09 -19.01 9.72
CA VAL C 325 -34.05 -19.05 8.26
C VAL C 325 -32.74 -19.70 7.83
N PHE C 326 -32.85 -20.71 6.98
CA PHE C 326 -31.71 -21.46 6.47
C PHE C 326 -31.51 -21.20 4.99
N PRO C 327 -30.25 -21.16 4.53
CA PRO C 327 -29.98 -20.85 3.13
C PRO C 327 -29.92 -22.08 2.24
N MET C 328 -30.11 -21.83 0.95
CA MET C 328 -30.13 -22.85 -0.10
C MET C 328 -29.45 -22.16 -1.29
N LEU C 329 -28.14 -22.33 -1.40
CA LEU C 329 -27.32 -21.47 -2.24
C LEU C 329 -26.81 -22.24 -3.46
N CYS C 330 -26.96 -21.64 -4.63
CA CYS C 330 -26.36 -22.14 -5.86
C CYS C 330 -25.54 -21.02 -6.46
N VAL C 331 -24.21 -21.13 -6.36
CA VAL C 331 -23.29 -20.10 -6.82
C VAL C 331 -22.44 -20.69 -7.96
N ALA C 332 -22.41 -20.00 -9.08
CA ALA C 332 -21.61 -20.39 -10.22
C ALA C 332 -20.33 -19.57 -10.26
N SER C 333 -19.29 -20.13 -10.87
CA SER C 333 -18.02 -19.44 -11.00
C SER C 333 -18.13 -18.33 -12.04
N GLU C 334 -17.00 -17.69 -12.32
CA GLU C 334 -16.92 -16.52 -13.19
C GLU C 334 -17.95 -15.45 -12.84
N ALA C 335 -18.34 -15.39 -11.56
CA ALA C 335 -19.29 -14.39 -11.08
C ALA C 335 -18.82 -13.71 -9.80
N PHE C 336 -17.54 -13.89 -9.42
CA PHE C 336 -16.97 -13.23 -8.26
C PHE C 336 -15.46 -13.47 -8.29
N THR C 337 -14.75 -12.73 -7.44
CA THR C 337 -13.31 -12.84 -7.37
C THR C 337 -12.84 -12.33 -6.01
N THR C 338 -11.75 -12.92 -5.53
CA THR C 338 -11.12 -12.54 -4.28
C THR C 338 -9.84 -11.78 -4.57
N VAL C 339 -9.67 -10.64 -3.94
CA VAL C 339 -8.54 -9.75 -4.17
C VAL C 339 -7.57 -9.88 -3.00
N GLY C 340 -6.32 -10.21 -3.32
CA GLY C 340 -5.26 -10.27 -2.35
C GLY C 340 -4.27 -9.13 -2.53
N PHE C 341 -3.38 -8.98 -1.55
CA PHE C 341 -2.45 -7.87 -1.56
C PHE C 341 -1.26 -8.21 -0.67
N ALA C 342 -0.12 -7.58 -0.99
CA ALA C 342 1.09 -7.69 -0.17
C ALA C 342 1.56 -9.13 -0.03
N THR C 343 1.48 -9.90 -1.10
CA THR C 343 1.99 -11.26 -1.14
C THR C 343 3.10 -11.33 -2.18
N ASP C 344 4.30 -11.71 -1.75
CA ASP C 344 5.44 -11.74 -2.65
C ASP C 344 5.33 -12.87 -3.66
N GLY C 345 5.01 -14.07 -3.20
CA GLY C 345 4.91 -15.24 -4.06
C GLY C 345 3.53 -15.53 -4.60
N LYS C 346 2.54 -14.69 -4.33
CA LYS C 346 1.16 -14.86 -4.75
C LYS C 346 0.52 -16.13 -4.20
N ASN C 347 1.16 -16.80 -3.24
CA ASN C 347 0.63 -18.03 -2.65
C ASN C 347 0.54 -17.96 -1.14
N VAL C 348 1.48 -17.30 -0.48
CA VAL C 348 1.47 -17.14 0.97
C VAL C 348 0.83 -15.79 1.30
N LYS C 349 -0.18 -15.82 2.17
CA LYS C 349 -0.94 -14.62 2.50
C LYS C 349 -0.89 -14.26 3.98
N PHE C 350 -0.33 -15.11 4.83
CA PHE C 350 -0.28 -14.85 6.27
C PHE C 350 1.10 -14.30 6.63
N LYS C 351 1.10 -13.12 7.25
CA LYS C 351 2.30 -12.52 7.80
C LYS C 351 2.36 -12.82 9.29
N ILE C 352 3.41 -13.52 9.71
CA ILE C 352 3.53 -14.02 11.07
C ILE C 352 4.79 -13.42 11.70
N ILE C 353 4.64 -12.81 12.86
CA ILE C 353 5.75 -12.21 13.60
C ILE C 353 5.76 -12.81 15.00
N THR C 354 6.85 -13.50 15.35
CA THR C 354 6.98 -14.13 16.66
C THR C 354 8.22 -13.59 17.36
N LYS C 355 8.06 -13.20 18.62
CA LYS C 355 9.18 -12.81 19.48
C LYS C 355 9.11 -13.64 20.75
N ARG C 356 10.20 -14.34 21.05
CA ARG C 356 10.44 -15.25 22.16
C ARG C 356 11.05 -14.50 23.35
N PRO C 357 10.70 -14.87 24.58
CA PRO C 357 11.28 -14.20 25.75
C PRO C 357 12.78 -14.41 25.82
N GLY C 358 13.47 -13.40 26.35
CA GLY C 358 14.92 -13.44 26.45
C GLY C 358 15.55 -12.09 26.21
N GLU C 359 16.69 -12.06 25.51
CA GLU C 359 17.33 -10.80 25.19
C GLU C 359 16.71 -10.11 23.98
N ALA C 360 15.88 -10.82 23.20
CA ALA C 360 15.21 -10.19 22.08
C ALA C 360 14.15 -9.19 22.51
N THR C 361 13.72 -9.26 23.77
CA THR C 361 12.75 -8.30 24.30
C THR C 361 13.33 -7.63 25.53
N ALA C 362 14.54 -7.07 25.40
CA ALA C 362 15.17 -6.36 26.52
C ALA C 362 14.25 -5.27 27.05
N ASP C 363 13.77 -4.39 26.17
CA ASP C 363 12.56 -3.60 26.40
C ASP C 363 12.62 -2.87 27.74
N ARG C 364 13.48 -1.85 27.79
CA ARG C 364 13.88 -1.18 29.03
C ARG C 364 12.71 -0.94 29.99
N SER C 365 11.48 -0.81 29.46
CA SER C 365 10.31 -0.80 30.32
C SER C 365 10.24 -2.06 31.18
N ASP C 366 10.68 -3.20 30.64
CA ASP C 366 10.76 -4.47 31.38
C ASP C 366 12.16 -5.01 31.17
N PRO C 367 13.14 -4.53 31.93
CA PRO C 367 14.56 -4.80 31.62
C PRO C 367 14.99 -6.25 31.74
N TYR C 368 14.07 -7.18 32.03
CA TYR C 368 14.45 -8.58 32.20
C TYR C 368 14.02 -9.47 31.04
N GLY C 369 13.03 -9.07 30.25
CA GLY C 369 12.62 -9.86 29.11
C GLY C 369 11.97 -11.17 29.47
N GLU C 370 10.79 -11.10 30.09
CA GLU C 370 10.08 -12.28 30.57
C GLU C 370 8.78 -12.56 29.83
N MET C 371 8.47 -11.81 28.78
CA MET C 371 7.22 -11.97 28.05
C MET C 371 7.49 -12.07 26.56
N GLY C 372 6.75 -12.96 25.89
CA GLY C 372 6.84 -13.10 24.46
C GLY C 372 5.46 -13.10 23.83
N PHE C 373 5.44 -13.02 22.50
CA PHE C 373 4.17 -12.95 21.79
C PHE C 373 4.37 -13.45 20.37
N MET C 374 3.24 -13.66 19.69
CA MET C 374 3.26 -14.03 18.27
C MET C 374 1.95 -13.56 17.65
N SER C 375 2.05 -12.94 16.47
CA SER C 375 0.94 -12.28 15.81
C SER C 375 0.84 -12.72 14.36
N ILE C 376 -0.39 -12.72 13.84
CA ILE C 376 -0.67 -13.07 12.45
C ILE C 376 -1.56 -11.98 11.86
N LYS C 377 -1.26 -11.58 10.64
CA LYS C 377 -2.08 -10.59 9.95
C LYS C 377 -2.11 -10.88 8.46
N TRP C 378 -3.14 -10.37 7.78
CA TRP C 378 -3.32 -10.63 6.36
C TRP C 378 -4.30 -9.62 5.78
N TYR C 379 -4.47 -9.70 4.46
CA TYR C 379 -5.37 -8.86 3.70
C TYR C 379 -6.40 -9.73 2.97
N TYR C 380 -7.56 -9.14 2.69
CA TYR C 380 -8.62 -9.87 2.00
C TYR C 380 -9.60 -8.88 1.38
N GLY C 381 -10.03 -9.16 0.15
CA GLY C 381 -11.04 -8.35 -0.50
C GLY C 381 -11.92 -9.19 -1.39
N PHE C 382 -13.08 -8.65 -1.72
CA PHE C 382 -14.07 -9.36 -2.53
C PHE C 382 -14.68 -8.42 -3.55
N MET C 383 -14.89 -8.91 -4.78
CA MET C 383 -15.51 -8.11 -5.82
C MET C 383 -16.31 -9.04 -6.73
N VAL C 384 -17.53 -8.62 -7.09
CA VAL C 384 -18.51 -9.50 -7.70
C VAL C 384 -18.94 -8.95 -9.06
N PHE C 385 -18.94 -9.83 -10.06
CA PHE C 385 -19.58 -9.57 -11.35
C PHE C 385 -20.82 -10.42 -11.49
N ARG C 386 -21.81 -9.92 -12.24
CA ARG C 386 -23.05 -10.66 -12.52
C ARG C 386 -23.70 -11.16 -11.24
N PRO C 387 -24.31 -10.29 -10.43
CA PRO C 387 -24.95 -10.75 -9.20
C PRO C 387 -26.13 -11.68 -9.43
N GLU C 388 -26.66 -11.74 -10.65
CA GLU C 388 -27.82 -12.57 -10.95
C GLU C 388 -27.48 -14.04 -11.17
N TRP C 389 -26.20 -14.40 -11.18
CA TRP C 389 -25.80 -15.80 -11.35
C TRP C 389 -25.60 -16.52 -10.02
N ILE C 390 -25.88 -15.86 -8.89
CA ILE C 390 -25.78 -16.47 -7.58
C ILE C 390 -27.19 -16.51 -6.99
N ALA C 391 -27.80 -17.69 -6.99
CA ALA C 391 -29.16 -17.86 -6.54
C ALA C 391 -29.20 -18.30 -5.08
N LEU C 392 -30.17 -17.78 -4.33
CA LEU C 392 -30.31 -18.09 -2.92
C LEU C 392 -31.78 -18.29 -2.59
N LEU C 393 -32.09 -19.37 -1.88
CA LEU C 393 -33.44 -19.69 -1.42
C LEU C 393 -33.42 -19.75 0.10
N LYS C 394 -34.33 -19.02 0.74
CA LYS C 394 -34.37 -18.93 2.20
C LYS C 394 -35.57 -19.74 2.68
N THR C 395 -35.29 -20.86 3.37
CA THR C 395 -36.35 -21.77 3.79
C THR C 395 -36.15 -22.17 5.24
N VAL C 396 -37.25 -22.54 5.89
CA VAL C 396 -37.23 -23.02 7.27
C VAL C 396 -36.83 -24.50 7.27
N ALA C 397 -36.54 -25.04 8.45
CA ALA C 397 -35.98 -26.38 8.57
C ALA C 397 -37.00 -27.37 9.14
N ARG C 398 -36.60 -28.65 9.20
CA ARG C 398 -37.18 -29.68 10.12
C ARG C 398 -38.68 -29.87 9.89
N LEU C 399 -38.98 -30.38 8.69
CA LEU C 399 -40.33 -30.80 8.35
C LEU C 399 -40.80 -31.94 9.26
N MET D 1 -52.83 -104.70 22.69
CA MET D 1 -52.80 -105.63 23.82
C MET D 1 -52.19 -106.98 23.42
N ALA D 2 -52.44 -108.00 24.23
CA ALA D 2 -51.88 -109.32 23.96
C ALA D 2 -52.43 -109.87 22.64
N GLY D 3 -51.64 -110.72 22.00
CA GLY D 3 -51.98 -111.25 20.70
C GLY D 3 -52.91 -112.44 20.79
N PRO D 4 -52.57 -113.52 20.09
CA PRO D 4 -53.44 -114.70 20.08
C PRO D 4 -53.45 -115.38 21.44
N VAL D 5 -54.45 -116.25 21.62
CA VAL D 5 -54.57 -117.01 22.85
C VAL D 5 -53.38 -117.94 23.00
N ASP D 6 -52.83 -118.02 24.21
CA ASP D 6 -51.59 -118.73 24.45
C ASP D 6 -51.71 -120.23 24.18
N ASN D 7 -52.51 -120.93 24.99
CA ASN D 7 -52.74 -122.37 24.85
C ASN D 7 -51.48 -123.19 25.09
N ILE D 8 -50.35 -122.52 25.36
CA ILE D 8 -49.08 -123.18 25.59
C ILE D 8 -48.49 -122.69 26.91
N LYS D 9 -48.35 -121.37 27.03
CA LYS D 9 -47.77 -120.69 28.18
C LYS D 9 -46.38 -121.22 28.50
N PRO D 10 -45.38 -120.99 27.64
CA PRO D 10 -44.01 -121.40 27.97
C PRO D 10 -43.32 -120.39 28.86
N MET D 11 -42.03 -120.60 29.13
CA MET D 11 -41.25 -119.65 29.92
C MET D 11 -40.87 -118.48 29.01
N LYS D 12 -41.39 -117.30 29.32
CA LYS D 12 -41.21 -116.13 28.47
C LYS D 12 -40.57 -114.99 29.25
N TYR D 13 -40.08 -114.01 28.48
CA TYR D 13 -39.50 -112.78 29.02
C TYR D 13 -40.56 -111.68 28.82
N ASN D 14 -41.52 -111.64 29.75
CA ASN D 14 -42.72 -110.84 29.53
C ASN D 14 -42.46 -109.33 29.45
N ASP D 15 -42.14 -108.71 30.60
CA ASP D 15 -41.86 -107.28 30.63
C ASP D 15 -41.25 -106.86 31.97
N PRO D 16 -39.99 -107.21 32.25
CA PRO D 16 -39.41 -106.82 33.55
C PRO D 16 -39.29 -105.32 33.75
N ALA D 17 -39.30 -104.53 32.67
CA ALA D 17 -39.16 -103.08 32.82
C ALA D 17 -40.33 -102.48 33.58
N ASN D 18 -41.55 -102.94 33.30
CA ASN D 18 -42.74 -102.39 33.96
C ASN D 18 -43.82 -103.46 34.00
N GLY D 19 -44.09 -104.00 35.18
CA GLY D 19 -45.16 -104.96 35.35
C GLY D 19 -44.70 -106.36 35.72
N VAL D 20 -45.21 -107.36 35.01
CA VAL D 20 -44.83 -108.75 35.27
C VAL D 20 -43.34 -108.91 35.00
N GLU D 21 -42.64 -109.56 35.94
CA GLU D 21 -41.18 -109.55 35.91
C GLU D 21 -40.63 -110.49 34.85
N SER D 22 -40.83 -111.79 35.03
CA SER D 22 -40.24 -112.81 34.15
C SER D 22 -40.69 -114.20 34.55
N SER D 23 -40.32 -115.20 33.75
CA SER D 23 -40.60 -116.59 34.08
C SER D 23 -39.53 -117.22 34.95
N ILE D 24 -38.31 -116.70 34.90
CA ILE D 24 -37.20 -117.29 35.65
C ILE D 24 -36.95 -116.57 36.98
N GLY D 25 -37.34 -115.30 37.08
CA GLY D 25 -37.15 -114.56 38.31
C GLY D 25 -36.67 -113.14 38.08
N PRO D 26 -36.04 -112.57 39.10
CA PRO D 26 -35.55 -111.18 38.98
C PRO D 26 -34.41 -111.06 37.98
N GLN D 27 -34.28 -109.87 37.43
CA GLN D 27 -33.24 -109.55 36.46
C GLN D 27 -32.21 -108.61 37.07
N ILE D 28 -31.02 -108.62 36.47
CA ILE D 28 -29.96 -107.72 36.90
C ILE D 28 -29.97 -106.42 36.11
N HIS D 29 -30.01 -106.52 34.78
CA HIS D 29 -30.05 -105.35 33.92
C HIS D 29 -31.34 -105.34 33.12
N THR D 30 -31.81 -104.13 32.80
CA THR D 30 -33.00 -103.94 31.99
C THR D 30 -32.80 -102.95 30.84
N ARG D 31 -31.78 -102.11 30.90
CA ARG D 31 -31.52 -101.12 29.88
C ARG D 31 -30.04 -101.10 29.55
N TYR D 32 -29.71 -100.69 28.34
CA TYR D 32 -28.33 -100.57 27.88
C TYR D 32 -27.89 -99.12 27.95
N TRP D 33 -26.65 -98.91 28.36
CA TRP D 33 -26.11 -97.58 28.61
C TRP D 33 -25.29 -97.13 27.41
N TYR D 34 -25.67 -96.00 26.82
CA TYR D 34 -24.88 -95.37 25.76
C TYR D 34 -23.77 -94.56 26.40
N LYS D 35 -22.53 -95.03 26.29
CA LYS D 35 -21.44 -94.47 27.07
C LYS D 35 -21.17 -93.01 26.72
N ARG D 36 -21.18 -92.67 25.44
CA ARG D 36 -20.88 -91.30 25.03
C ARG D 36 -22.00 -90.36 25.43
N ALA D 37 -21.65 -89.26 26.07
CA ALA D 37 -22.61 -88.28 26.55
C ALA D 37 -22.94 -87.26 25.48
N LEU D 38 -23.96 -86.45 25.76
CA LEU D 38 -24.40 -85.38 24.86
C LEU D 38 -23.97 -84.05 25.45
N ILE D 39 -23.22 -83.27 24.66
CA ILE D 39 -22.68 -81.99 25.11
C ILE D 39 -23.11 -80.90 24.12
N ASP D 40 -23.54 -79.77 24.66
CA ASP D 40 -23.91 -78.64 23.84
C ASP D 40 -22.67 -77.99 23.23
N ALA D 41 -22.89 -76.93 22.46
CA ALA D 41 -21.82 -76.21 21.79
C ALA D 41 -21.62 -74.85 22.43
N ALA D 42 -20.37 -74.41 22.46
CA ALA D 42 -20.04 -73.13 23.07
C ALA D 42 -20.62 -71.97 22.26
N LYS D 43 -20.88 -70.86 22.97
CA LYS D 43 -21.44 -69.68 22.33
C LYS D 43 -20.38 -68.99 21.48
N GLU D 44 -20.77 -67.87 20.87
CA GLU D 44 -19.89 -67.08 20.02
C GLU D 44 -19.79 -65.66 20.53
N ALA D 45 -18.63 -65.04 20.30
CA ALA D 45 -18.35 -63.69 20.78
C ALA D 45 -18.25 -62.74 19.60
N TYR D 46 -18.80 -61.53 19.77
CA TYR D 46 -18.81 -60.51 18.73
C TYR D 46 -18.00 -59.29 19.10
N PHE D 47 -18.25 -58.69 20.27
CA PHE D 47 -17.58 -57.45 20.64
C PHE D 47 -16.11 -57.68 21.00
N GLY D 48 -15.81 -58.82 21.63
CA GLY D 48 -14.46 -59.06 22.12
C GLY D 48 -13.39 -59.01 21.05
N GLN D 49 -13.77 -59.23 19.79
CA GLN D 49 -12.80 -59.15 18.70
C GLN D 49 -12.44 -57.72 18.33
N LEU D 50 -13.37 -56.78 18.47
CA LEU D 50 -13.15 -55.40 18.03
C LEU D 50 -12.81 -54.47 19.18
N ALA D 51 -12.10 -54.96 20.18
CA ALA D 51 -11.70 -54.14 21.33
C ALA D 51 -10.19 -54.21 21.51
N ASP D 52 -9.61 -53.09 21.92
CA ASP D 52 -8.18 -52.98 22.18
C ASP D 52 -7.92 -53.08 23.68
N THR D 53 -6.69 -53.44 24.01
CA THR D 53 -6.28 -53.67 25.40
C THR D 53 -5.09 -52.80 25.74
N PHE D 54 -5.13 -52.21 26.93
CA PHE D 54 -4.03 -51.40 27.46
C PHE D 54 -3.53 -52.02 28.75
N SER D 55 -2.21 -52.18 28.85
CA SER D 55 -1.59 -52.83 30.01
C SER D 55 -1.21 -51.74 31.02
N MET D 56 -1.91 -51.72 32.15
CA MET D 56 -1.66 -50.76 33.20
C MET D 56 -0.42 -51.14 33.99
N PRO D 57 0.49 -50.20 34.27
CA PRO D 57 1.68 -50.51 35.05
C PRO D 57 1.33 -50.88 36.48
N LYS D 58 2.35 -51.38 37.19
CA LYS D 58 2.13 -52.01 38.49
C LYS D 58 2.10 -51.04 39.66
N HIS D 59 2.79 -49.90 39.57
CA HIS D 59 2.98 -49.06 40.74
C HIS D 59 2.42 -47.65 40.54
N TYR D 60 1.21 -47.54 39.98
CA TYR D 60 0.64 -46.22 39.76
C TYR D 60 -0.83 -46.13 40.16
N GLY D 61 -1.29 -47.00 41.06
CA GLY D 61 -2.66 -46.93 41.54
C GLY D 61 -3.64 -47.68 40.68
N LYS D 62 -4.88 -47.17 40.59
CA LYS D 62 -5.94 -47.83 39.83
C LYS D 62 -6.70 -46.80 39.00
N GLU D 63 -5.98 -45.88 38.37
CA GLU D 63 -6.62 -44.87 37.54
C GLU D 63 -5.70 -44.50 36.39
N ILE D 64 -6.32 -44.09 35.28
CA ILE D 64 -5.61 -43.60 34.11
C ILE D 64 -6.20 -42.25 33.73
N VAL D 65 -5.32 -41.30 33.38
CA VAL D 65 -5.74 -39.95 33.03
C VAL D 65 -5.12 -39.57 31.69
N ARG D 66 -5.90 -38.92 30.84
CA ARG D 66 -5.46 -38.48 29.53
C ARG D 66 -5.86 -37.02 29.31
N LEU D 67 -5.05 -36.30 28.54
CA LEU D 67 -5.26 -34.89 28.27
C LEU D 67 -5.94 -34.68 26.91
N HIS D 68 -6.72 -33.62 26.81
CA HIS D 68 -7.47 -33.27 25.61
C HIS D 68 -7.31 -31.78 25.36
N TYR D 69 -7.04 -31.41 24.12
CA TYR D 69 -6.76 -30.04 23.74
C TYR D 69 -7.93 -29.47 22.94
N ILE D 70 -8.51 -28.39 23.44
CA ILE D 70 -9.64 -27.72 22.79
C ILE D 70 -9.11 -26.81 21.68
N PRO D 71 -9.77 -26.77 20.52
CA PRO D 71 -9.34 -25.84 19.47
C PRO D 71 -9.63 -24.38 19.82
N LEU D 72 -9.27 -23.46 18.93
CA LEU D 72 -9.45 -22.04 19.19
C LEU D 72 -10.92 -21.65 19.09
N LEU D 73 -11.54 -21.87 17.93
CA LEU D 73 -12.93 -21.47 17.70
C LEU D 73 -13.85 -22.58 18.22
N ASP D 74 -14.00 -22.62 19.54
CA ASP D 74 -14.86 -23.59 20.19
C ASP D 74 -15.52 -22.95 21.40
N ASP D 75 -16.70 -23.45 21.75
CA ASP D 75 -17.42 -22.92 22.90
C ASP D 75 -16.89 -23.43 24.23
N ARG D 76 -16.08 -24.49 24.22
CA ARG D 76 -15.45 -24.97 25.44
C ARG D 76 -14.20 -24.18 25.79
N ASN D 77 -13.78 -23.25 24.95
CA ASN D 77 -12.57 -22.46 25.18
C ASN D 77 -12.94 -21.15 25.87
N VAL D 78 -13.37 -21.28 27.12
CA VAL D 78 -13.67 -20.12 27.96
C VAL D 78 -12.36 -19.64 28.57
N ASN D 79 -12.05 -18.36 28.37
CA ASN D 79 -10.79 -17.80 28.82
C ASN D 79 -11.00 -16.34 29.21
N ASP D 80 -9.91 -15.62 29.43
CA ASP D 80 -9.97 -14.23 29.87
C ASP D 80 -9.15 -13.27 29.01
N GLN D 81 -8.31 -13.77 28.10
CA GLN D 81 -7.58 -12.89 27.19
C GLN D 81 -8.55 -12.34 26.15
N GLY D 82 -9.13 -11.17 26.42
CA GLY D 82 -10.26 -10.72 25.64
C GLY D 82 -10.19 -9.31 25.07
N ILE D 83 -9.01 -8.86 24.64
CA ILE D 83 -8.94 -7.54 24.03
C ILE D 83 -9.66 -7.56 22.69
N ASP D 84 -10.59 -6.64 22.50
CA ASP D 84 -11.47 -6.63 21.35
C ASP D 84 -10.88 -5.75 20.23
N ALA D 85 -11.71 -5.47 19.21
CA ALA D 85 -11.24 -4.77 18.03
C ALA D 85 -10.81 -3.34 18.36
N SER D 86 -11.57 -2.65 19.21
CA SER D 86 -11.20 -1.29 19.59
C SER D 86 -10.23 -1.25 20.76
N GLY D 87 -10.12 -2.34 21.51
CA GLY D 87 -9.24 -2.42 22.66
C GLY D 87 -9.99 -2.26 23.97
N ALA D 88 -10.30 -3.39 24.60
CA ALA D 88 -11.04 -3.43 25.85
C ALA D 88 -11.07 -4.86 26.34
N THR D 89 -11.00 -5.04 27.66
CA THR D 89 -11.05 -6.36 28.26
C THR D 89 -12.50 -6.84 28.32
N ILE D 90 -12.82 -7.91 27.60
CA ILE D 90 -14.13 -8.53 27.64
C ILE D 90 -13.95 -10.00 27.98
N ALA D 91 -15.02 -10.60 28.50
CA ALA D 91 -14.99 -12.00 28.91
C ALA D 91 -15.34 -12.91 27.73
N ASN D 92 -14.57 -12.75 26.64
CA ASN D 92 -14.75 -13.58 25.45
C ASN D 92 -13.41 -13.61 24.72
N GLY D 93 -12.68 -14.72 24.87
CA GLY D 93 -11.39 -14.86 24.25
C GLY D 93 -11.29 -16.02 23.28
N ASN D 94 -12.39 -16.33 22.58
CA ASN D 94 -12.40 -17.44 21.63
C ASN D 94 -12.88 -17.05 20.24
N LEU D 95 -13.19 -15.78 19.99
CA LEU D 95 -13.55 -15.27 18.66
C LEU D 95 -14.76 -16.03 18.10
N TYR D 96 -15.90 -15.80 18.76
CA TYR D 96 -17.23 -16.28 18.33
C TYR D 96 -17.27 -17.80 18.13
N GLY D 97 -16.36 -18.52 18.77
CA GLY D 97 -16.19 -19.95 18.55
C GLY D 97 -17.44 -20.79 18.55
N SER D 98 -17.53 -21.70 17.56
CA SER D 98 -18.64 -22.65 17.44
C SER D 98 -19.99 -21.92 17.34
N SER D 99 -20.05 -20.95 16.43
CA SER D 99 -21.28 -20.24 16.13
C SER D 99 -21.51 -20.27 14.62
N ARG D 100 -22.76 -20.47 14.22
CA ARG D 100 -23.13 -20.54 12.81
C ARG D 100 -24.26 -19.57 12.49
N ASP D 101 -24.22 -18.38 13.10
CA ASP D 101 -25.18 -17.32 12.82
C ASP D 101 -24.41 -16.19 12.12
N VAL D 102 -24.88 -15.81 10.93
CA VAL D 102 -24.15 -14.83 10.13
C VAL D 102 -24.08 -13.49 10.84
N GLY D 103 -25.20 -13.04 11.40
CA GLY D 103 -25.21 -11.74 12.05
C GLY D 103 -24.28 -11.66 13.24
N ASN D 104 -24.27 -12.71 14.06
CA ASN D 104 -23.34 -12.74 15.19
C ASN D 104 -21.90 -12.83 14.70
N ILE D 105 -21.66 -13.59 13.63
CA ILE D 105 -20.28 -13.81 13.17
C ILE D 105 -19.69 -12.51 12.61
N THR D 106 -20.44 -11.80 11.78
CA THR D 106 -19.88 -10.57 11.22
C THR D 106 -20.04 -9.40 12.17
N ALA D 107 -19.74 -9.64 13.45
CA ALA D 107 -19.59 -8.58 14.45
C ALA D 107 -18.40 -8.78 15.36
N LYS D 108 -17.81 -9.98 15.42
CA LYS D 108 -16.64 -10.27 16.23
C LYS D 108 -15.44 -10.62 15.37
N MET D 109 -15.52 -10.41 14.07
CA MET D 109 -14.40 -10.72 13.19
C MET D 109 -13.24 -9.81 13.52
N PRO D 110 -12.00 -10.33 13.62
CA PRO D 110 -10.88 -9.48 14.02
C PRO D 110 -10.42 -8.56 12.90
N THR D 111 -10.73 -7.27 13.02
CA THR D 111 -10.35 -6.27 12.03
C THR D 111 -9.15 -5.48 12.52
N LEU D 112 -8.42 -4.90 11.58
CA LEU D 112 -7.20 -4.17 11.87
C LEU D 112 -7.23 -2.82 11.18
N THR D 113 -6.55 -1.85 11.80
CA THR D 113 -6.39 -0.51 11.27
C THR D 113 -4.96 -0.33 10.78
N GLU D 114 -4.65 0.88 10.34
CA GLU D 114 -3.31 1.18 9.81
C GLU D 114 -2.30 1.47 10.90
N ILE D 115 -2.73 1.58 12.16
CA ILE D 115 -1.83 1.87 13.28
C ILE D 115 -1.60 0.66 14.15
N GLY D 116 -2.26 -0.47 13.88
CA GLY D 116 -2.06 -1.65 14.70
C GLY D 116 -2.57 -1.45 16.10
N GLY D 117 -1.74 -1.77 17.08
CA GLY D 117 -2.09 -1.62 18.49
C GLY D 117 -2.42 -2.95 19.14
N ARG D 118 -2.74 -2.87 20.44
CA ARG D 118 -3.08 -4.02 21.24
C ARG D 118 -4.56 -4.35 21.02
N VAL D 119 -4.82 -5.22 20.05
CA VAL D 119 -6.19 -5.63 19.70
C VAL D 119 -6.20 -7.11 19.35
N ASN D 120 -7.36 -7.75 19.57
CA ASN D 120 -7.65 -9.10 19.11
C ASN D 120 -6.67 -10.13 19.70
N ARG D 121 -6.77 -10.29 21.02
CA ARG D 121 -6.04 -11.33 21.73
C ARG D 121 -6.94 -12.54 21.93
N VAL D 122 -6.33 -13.72 22.06
CA VAL D 122 -7.02 -15.00 22.17
C VAL D 122 -6.33 -15.85 23.22
N GLY D 123 -6.84 -17.06 23.43
CA GLY D 123 -6.30 -17.98 24.40
C GLY D 123 -6.72 -19.41 24.11
N PHE D 124 -6.23 -20.33 24.95
CA PHE D 124 -6.46 -21.76 24.77
C PHE D 124 -6.65 -22.41 26.14
N LYS D 125 -7.18 -23.64 26.13
CA LYS D 125 -7.51 -24.36 27.36
C LYS D 125 -7.20 -25.84 27.19
N ARG D 126 -7.46 -26.61 28.25
CA ARG D 126 -7.23 -28.05 28.28
C ARG D 126 -8.32 -28.74 29.10
N VAL D 127 -8.50 -30.04 28.83
CA VAL D 127 -9.46 -30.87 29.56
C VAL D 127 -8.78 -32.21 29.84
N GLU D 128 -9.35 -32.98 30.76
CA GLU D 128 -8.81 -34.30 31.11
C GLU D 128 -9.93 -35.32 31.18
N ILE D 129 -9.56 -36.59 30.98
CA ILE D 129 -10.47 -37.72 31.03
C ILE D 129 -9.82 -38.84 31.84
N LYS D 130 -10.66 -39.73 32.38
CA LYS D 130 -10.23 -40.73 33.35
C LYS D 130 -10.72 -42.12 32.99
N GLY D 131 -10.09 -43.11 33.60
CA GLY D 131 -10.48 -44.51 33.43
C GLY D 131 -10.07 -45.33 34.63
N LYS D 132 -10.79 -46.43 34.86
CA LYS D 132 -10.71 -47.18 36.11
C LYS D 132 -10.43 -48.67 35.93
N LEU D 133 -10.57 -49.45 36.99
CA LEU D 133 -10.22 -50.87 37.01
C LEU D 133 -11.11 -51.59 38.03
N GLU D 134 -11.13 -52.92 37.95
CA GLU D 134 -11.89 -53.74 38.88
C GLU D 134 -11.40 -55.19 38.80
N LYS D 135 -11.87 -56.01 39.74
CA LYS D 135 -11.46 -57.41 39.89
C LYS D 135 -12.68 -58.30 40.01
N TYR D 136 -12.55 -59.55 39.55
CA TYR D 136 -13.64 -60.52 39.61
C TYR D 136 -13.08 -61.92 39.84
N GLY D 137 -13.95 -62.83 40.27
CA GLY D 137 -13.58 -64.22 40.45
C GLY D 137 -14.65 -65.09 41.09
N PHE D 138 -14.49 -66.41 40.99
CA PHE D 138 -15.43 -67.35 41.59
C PHE D 138 -14.75 -68.71 41.74
N PHE D 139 -15.33 -69.54 42.63
CA PHE D 139 -14.73 -70.82 42.97
C PHE D 139 -15.80 -71.91 43.04
N ARG D 140 -15.34 -73.15 43.21
CA ARG D 140 -16.22 -74.30 43.34
C ARG D 140 -15.46 -75.41 44.06
N GLU D 141 -16.14 -76.07 45.01
CA GLU D 141 -15.52 -77.11 45.81
C GLU D 141 -16.34 -78.40 45.72
N TYR D 142 -15.68 -79.52 46.03
CA TYR D 142 -16.28 -80.84 45.95
C TYR D 142 -15.66 -81.73 47.02
N THR D 143 -16.15 -82.95 47.11
CA THR D 143 -15.65 -83.96 48.03
C THR D 143 -15.02 -85.12 47.25
N GLN D 144 -14.28 -85.96 47.98
CA GLN D 144 -13.58 -87.07 47.35
C GLN D 144 -14.54 -88.19 46.95
N GLU D 145 -15.50 -88.51 47.82
CA GLU D 145 -16.41 -89.62 47.54
C GLU D 145 -17.29 -89.38 46.33
N GLN D 146 -17.45 -88.12 45.92
CA GLN D 146 -18.26 -87.83 44.73
C GLN D 146 -17.64 -88.40 43.48
N LEU D 147 -16.31 -88.50 43.43
CA LEU D 147 -15.61 -89.01 42.25
C LEU D 147 -15.45 -90.52 42.28
N ASP D 148 -15.22 -91.11 43.45
CA ASP D 148 -14.94 -92.53 43.53
C ASP D 148 -16.18 -93.38 43.31
N PHE D 149 -17.35 -92.90 43.74
CA PHE D 149 -18.57 -93.68 43.71
C PHE D 149 -19.53 -93.27 42.60
N ASP D 150 -19.18 -92.27 41.80
CA ASP D 150 -20.05 -91.87 40.70
C ASP D 150 -20.01 -92.92 39.59
N SER D 151 -21.15 -93.08 38.90
CA SER D 151 -21.25 -94.08 37.85
C SER D 151 -20.60 -93.65 36.55
N ASP D 152 -20.29 -92.37 36.39
CA ASP D 152 -19.68 -91.88 35.16
C ASP D 152 -18.22 -91.53 35.42
N PRO D 153 -17.26 -92.27 34.87
CA PRO D 153 -15.84 -91.98 35.13
C PRO D 153 -15.34 -90.71 34.47
N ALA D 154 -16.09 -90.11 33.55
CA ALA D 154 -15.63 -88.94 32.81
C ALA D 154 -16.32 -87.65 33.26
N MET D 155 -16.87 -87.63 34.47
CA MET D 155 -17.58 -86.45 34.95
C MET D 155 -16.64 -85.27 35.17
N GLU D 156 -15.44 -85.54 35.68
CA GLU D 156 -14.53 -84.46 36.06
C GLU D 156 -14.13 -83.60 34.87
N GLY D 157 -13.79 -84.24 33.75
CA GLY D 157 -13.40 -83.48 32.58
C GLY D 157 -14.53 -82.62 32.04
N HIS D 158 -15.74 -83.18 31.98
CA HIS D 158 -16.89 -82.42 31.53
C HIS D 158 -17.15 -81.22 32.45
N VAL D 159 -17.06 -81.44 33.76
CA VAL D 159 -17.32 -80.36 34.71
C VAL D 159 -16.28 -79.25 34.55
N THR D 160 -15.00 -79.62 34.42
CA THR D 160 -13.96 -78.61 34.28
C THR D 160 -14.12 -77.82 32.97
N THR D 161 -14.40 -78.53 31.87
CA THR D 161 -14.60 -77.84 30.60
C THR D 161 -15.80 -76.91 30.64
N GLU D 162 -16.90 -77.35 31.26
CA GLU D 162 -18.07 -76.50 31.38
C GLU D 162 -17.76 -75.26 32.23
N MET D 163 -17.03 -75.43 33.32
CA MET D 163 -16.69 -74.29 34.16
C MET D 163 -15.82 -73.29 33.41
N VAL D 164 -14.82 -73.78 32.67
CA VAL D 164 -13.96 -72.87 31.91
C VAL D 164 -14.75 -72.16 30.83
N LYS D 165 -15.61 -72.89 30.11
CA LYS D 165 -16.40 -72.28 29.05
C LYS D 165 -17.36 -71.24 29.60
N GLY D 166 -17.98 -71.52 30.75
CA GLY D 166 -18.85 -70.53 31.36
C GLY D 166 -18.09 -69.30 31.85
N ALA D 167 -16.88 -69.51 32.37
CA ALA D 167 -16.05 -68.37 32.74
C ALA D 167 -15.66 -67.53 31.53
N ASN D 168 -15.54 -68.16 30.36
CA ASN D 168 -15.15 -67.43 29.16
C ASN D 168 -16.23 -66.48 28.63
N GLU D 169 -17.46 -66.56 29.14
CA GLU D 169 -18.54 -65.72 28.66
C GLU D 169 -18.84 -64.53 29.57
N ILE D 170 -18.40 -64.58 30.84
CA ILE D 170 -18.64 -63.47 31.76
C ILE D 170 -17.91 -62.23 31.28
N THR D 171 -16.72 -62.40 30.69
CA THR D 171 -15.99 -61.24 30.16
C THR D 171 -16.77 -60.59 29.01
N GLU D 172 -17.33 -61.39 28.12
CA GLU D 172 -18.13 -60.85 27.02
C GLU D 172 -19.36 -60.12 27.56
N ASP D 173 -20.02 -60.70 28.57
CA ASP D 173 -21.17 -60.03 29.17
C ASP D 173 -20.77 -58.71 29.81
N LEU D 174 -19.63 -58.69 30.50
CA LEU D 174 -19.14 -57.45 31.11
C LEU D 174 -18.85 -56.40 30.04
N LEU D 175 -18.21 -56.80 28.94
CA LEU D 175 -17.91 -55.86 27.87
C LEU D 175 -19.18 -55.30 27.26
N GLN D 176 -20.17 -56.16 27.01
CA GLN D 176 -21.43 -55.68 26.46
C GLN D 176 -22.13 -54.71 27.41
N ILE D 177 -22.12 -55.02 28.71
CA ILE D 177 -22.74 -54.13 29.69
C ILE D 177 -22.03 -52.79 29.73
N ASP D 178 -20.70 -52.81 29.71
CA ASP D 178 -19.93 -51.57 29.72
C ASP D 178 -20.22 -50.73 28.47
N LEU D 179 -20.31 -51.39 27.31
CA LEU D 179 -20.63 -50.66 26.08
C LEU D 179 -22.02 -50.06 26.16
N LEU D 180 -23.00 -50.80 26.69
CA LEU D 180 -24.37 -50.30 26.75
C LEU D 180 -24.50 -49.14 27.73
N ASN D 181 -23.84 -49.22 28.88
CA ASN D 181 -24.03 -48.24 29.93
C ASN D 181 -23.23 -46.96 29.73
N SER D 182 -22.33 -46.91 28.74
CA SER D 182 -21.51 -45.72 28.48
C SER D 182 -21.62 -45.39 27.00
N ALA D 183 -22.63 -44.58 26.65
CA ALA D 183 -22.84 -44.19 25.26
C ALA D 183 -23.72 -42.95 25.22
N GLY D 184 -23.26 -41.92 24.53
CA GLY D 184 -24.04 -40.73 24.31
C GLY D 184 -25.02 -40.89 23.15
N THR D 185 -25.78 -39.82 22.90
CA THR D 185 -26.73 -39.76 21.79
C THR D 185 -27.75 -40.90 21.88
N VAL D 186 -28.49 -40.91 22.98
CA VAL D 186 -29.55 -41.90 23.19
C VAL D 186 -30.85 -41.33 22.65
N ARG D 187 -31.50 -42.09 21.77
CA ARG D 187 -32.69 -41.61 21.06
C ARG D 187 -33.88 -42.52 21.37
N TYR D 188 -35.01 -41.90 21.68
CA TYR D 188 -36.29 -42.59 21.82
C TYR D 188 -37.20 -42.14 20.69
N PRO D 189 -37.66 -43.02 19.81
CA PRO D 189 -38.48 -42.55 18.69
C PRO D 189 -39.88 -42.11 19.11
N GLY D 190 -40.08 -40.79 19.20
CA GLY D 190 -41.38 -40.23 19.44
C GLY D 190 -41.66 -39.83 20.88
N ALA D 191 -41.48 -38.53 21.16
CA ALA D 191 -41.95 -37.88 22.39
C ALA D 191 -41.88 -38.78 23.62
N ALA D 192 -40.73 -39.41 23.83
CA ALA D 192 -40.53 -40.24 25.01
C ALA D 192 -39.46 -39.67 25.94
N THR D 193 -38.23 -39.50 25.46
CA THR D 193 -37.16 -38.80 26.17
C THR D 193 -36.77 -39.46 27.49
N SER D 194 -37.38 -40.60 27.82
CA SER D 194 -37.10 -41.28 29.08
C SER D 194 -37.65 -42.69 29.03
N ASP D 195 -37.19 -43.52 29.97
CA ASP D 195 -37.67 -44.89 30.06
C ASP D 195 -39.06 -45.00 30.67
N ALA D 196 -39.53 -43.98 31.37
CA ALA D 196 -40.83 -44.01 32.03
C ALA D 196 -41.97 -43.55 31.12
N GLU D 197 -41.66 -43.13 29.89
CA GLU D 197 -42.68 -42.69 28.95
C GLU D 197 -42.73 -43.56 27.71
N VAL D 198 -42.15 -44.76 27.76
CA VAL D 198 -42.14 -45.67 26.62
C VAL D 198 -43.48 -46.40 26.57
N ASP D 199 -44.18 -46.26 25.45
CA ASP D 199 -45.47 -46.92 25.27
C ASP D 199 -45.50 -47.67 23.94
N ALA D 200 -46.68 -48.14 23.53
CA ALA D 200 -46.80 -48.90 22.30
C ALA D 200 -46.48 -48.08 21.06
N SER D 201 -46.46 -46.76 21.17
CA SER D 201 -46.17 -45.90 20.03
C SER D 201 -44.69 -45.54 19.91
N THR D 202 -43.85 -46.02 20.82
CA THR D 202 -42.42 -45.72 20.77
C THR D 202 -41.69 -46.87 20.06
N GLU D 203 -41.94 -46.96 18.76
CA GLU D 203 -41.35 -48.00 17.92
C GLU D 203 -40.44 -47.37 16.88
N VAL D 204 -39.44 -48.14 16.45
CA VAL D 204 -38.44 -47.64 15.51
C VAL D 204 -39.09 -47.39 14.16
N THR D 205 -38.79 -46.23 13.57
CA THR D 205 -39.28 -45.84 12.25
C THR D 205 -38.13 -45.35 11.39
N TYR D 206 -38.43 -45.07 10.13
CA TYR D 206 -37.42 -44.60 9.19
C TYR D 206 -36.87 -43.24 9.60
N ASP D 207 -37.75 -42.34 10.05
CA ASP D 207 -37.31 -40.99 10.42
C ASP D 207 -36.37 -41.02 11.61
N SER D 208 -36.64 -41.88 12.59
CA SER D 208 -35.76 -42.00 13.74
C SER D 208 -34.37 -42.49 13.33
N LEU D 209 -34.31 -43.47 12.43
CA LEU D 209 -33.02 -43.95 11.95
C LEU D 209 -32.28 -42.87 11.17
N MET D 210 -33.00 -42.11 10.34
CA MET D 210 -32.37 -41.02 9.60
C MET D 210 -31.82 -39.96 10.55
N ARG D 211 -32.58 -39.61 11.58
CA ARG D 211 -32.11 -38.63 12.56
C ARG D 211 -30.91 -39.15 13.34
N LEU D 212 -30.91 -40.44 13.67
CA LEU D 212 -29.75 -41.02 14.34
C LEU D 212 -28.51 -40.97 13.45
N ARG D 213 -28.68 -41.27 12.16
CA ARG D 213 -27.56 -41.19 11.23
C ARG D 213 -27.06 -39.75 11.11
N LEU D 214 -27.97 -38.78 11.07
CA LEU D 214 -27.56 -37.38 11.01
C LEU D 214 -26.81 -36.97 12.27
N ASP D 215 -27.27 -37.42 13.43
CA ASP D 215 -26.59 -37.12 14.68
C ASP D 215 -25.18 -37.74 14.70
N LEU D 216 -25.06 -38.98 14.21
CA LEU D 216 -23.75 -39.61 14.13
C LEU D 216 -22.82 -38.84 13.18
N ASP D 217 -23.36 -38.38 12.04
CA ASP D 217 -22.55 -37.65 11.08
C ASP D 217 -22.13 -36.28 11.63
N ASN D 218 -22.98 -35.65 12.44
CA ASN D 218 -22.64 -34.36 13.04
C ASN D 218 -21.42 -34.45 13.95
N ALA D 219 -21.11 -35.62 14.47
CA ALA D 219 -19.95 -35.84 15.32
C ALA D 219 -18.72 -36.30 14.53
N ARG D 220 -18.81 -36.32 13.19
CA ARG D 220 -17.71 -36.74 12.32
C ARG D 220 -17.26 -38.16 12.64
N ALA D 221 -18.22 -39.04 12.92
CA ALA D 221 -17.89 -40.44 13.11
C ALA D 221 -17.48 -41.07 11.78
N PRO D 222 -16.52 -41.99 11.78
CA PRO D 222 -16.03 -42.55 10.51
C PRO D 222 -16.86 -43.74 10.03
N THR D 223 -17.15 -43.73 8.73
CA THR D 223 -17.81 -44.84 8.08
C THR D 223 -16.77 -45.80 7.50
N LYS D 224 -17.12 -47.09 7.47
CA LYS D 224 -16.18 -48.11 7.04
C LYS D 224 -16.72 -49.04 5.96
N ILE D 225 -17.96 -48.87 5.51
CA ILE D 225 -18.57 -49.72 4.49
C ILE D 225 -18.90 -48.85 3.29
N LYS D 226 -18.43 -49.26 2.12
CA LYS D 226 -18.63 -48.52 0.88
C LYS D 226 -19.94 -48.94 0.21
N MET D 227 -20.47 -48.04 -0.61
CA MET D 227 -21.69 -48.28 -1.35
C MET D 227 -21.41 -49.20 -2.55
N ILE D 228 -22.47 -49.88 -2.99
CA ILE D 228 -22.41 -50.74 -4.16
C ILE D 228 -23.39 -50.18 -5.19
N THR D 229 -22.91 -50.02 -6.43
CA THR D 229 -23.68 -49.34 -7.46
C THR D 229 -24.57 -50.26 -8.27
N GLY D 230 -24.51 -51.57 -8.04
CA GLY D 230 -25.33 -52.53 -8.76
C GLY D 230 -24.50 -53.48 -9.59
N THR D 231 -25.21 -54.36 -10.30
CA THR D 231 -24.57 -55.36 -11.14
C THR D 231 -25.52 -55.72 -12.28
N ARG D 232 -25.07 -56.66 -13.11
CA ARG D 232 -25.88 -57.18 -14.21
C ARG D 232 -26.87 -58.23 -13.75
N MET D 233 -26.87 -58.57 -12.47
CA MET D 233 -27.63 -59.72 -11.97
C MET D 233 -29.10 -59.35 -11.84
N ILE D 234 -29.97 -60.19 -12.39
CA ILE D 234 -31.41 -59.90 -12.40
C ILE D 234 -31.96 -60.01 -10.99
N ASP D 235 -32.88 -59.09 -10.65
CA ASP D 235 -33.55 -59.05 -9.36
C ASP D 235 -32.56 -58.77 -8.23
N THR D 236 -31.80 -57.70 -8.39
CA THR D 236 -30.92 -57.17 -7.35
C THR D 236 -31.26 -55.72 -7.10
N ARG D 237 -30.58 -55.12 -6.12
CA ARG D 237 -30.85 -53.74 -5.72
C ARG D 237 -29.55 -53.06 -5.34
N THR D 238 -29.57 -51.73 -5.39
CA THR D 238 -28.40 -50.92 -5.06
C THR D 238 -28.45 -50.52 -3.59
N VAL D 239 -27.28 -50.42 -2.98
CA VAL D 239 -27.17 -50.12 -1.55
C VAL D 239 -26.11 -49.04 -1.36
N GLY D 240 -26.46 -48.00 -0.60
CA GLY D 240 -25.54 -46.92 -0.30
C GLY D 240 -24.58 -47.27 0.83
N ASN D 241 -23.64 -46.36 1.07
CA ASN D 241 -22.66 -46.56 2.13
C ASN D 241 -23.34 -46.59 3.49
N ALA D 242 -22.87 -47.47 4.37
CA ALA D 242 -23.53 -47.72 5.64
C ALA D 242 -22.48 -48.01 6.71
N ARG D 243 -22.96 -48.34 7.90
CA ARG D 243 -22.12 -48.73 9.02
C ARG D 243 -22.83 -49.84 9.79
N ALA D 244 -22.04 -50.59 10.57
CA ALA D 244 -22.60 -51.73 11.29
C ALA D 244 -23.56 -51.27 12.38
N LEU D 245 -24.56 -52.11 12.65
CA LEU D 245 -25.53 -51.85 13.70
C LEU D 245 -25.97 -53.17 14.30
N TYR D 246 -25.68 -53.37 15.59
CA TYR D 246 -25.95 -54.63 16.26
C TYR D 246 -27.34 -54.57 16.92
N VAL D 247 -28.14 -55.59 16.67
CA VAL D 247 -29.49 -55.68 17.23
C VAL D 247 -29.72 -57.11 17.71
N GLY D 248 -30.62 -57.26 18.68
CA GLY D 248 -30.98 -58.57 19.17
C GLY D 248 -31.88 -59.32 18.21
N SER D 249 -32.06 -60.61 18.50
CA SER D 249 -32.88 -61.48 17.66
C SER D 249 -34.37 -61.30 17.90
N ASP D 250 -34.77 -60.57 18.94
CA ASP D 250 -36.18 -60.36 19.25
C ASP D 250 -36.81 -59.24 18.44
N LEU D 251 -36.02 -58.43 17.75
CA LEU D 251 -36.53 -57.32 16.95
C LEU D 251 -36.65 -57.66 15.47
N VAL D 252 -36.37 -58.91 15.08
CA VAL D 252 -36.48 -59.29 13.67
C VAL D 252 -37.89 -59.12 13.13
N PRO D 253 -38.95 -59.57 13.81
CA PRO D 253 -40.31 -59.35 13.27
C PRO D 253 -40.64 -57.89 13.05
N THR D 254 -40.15 -56.99 13.90
CA THR D 254 -40.39 -55.57 13.69
C THR D 254 -39.66 -55.06 12.45
N ILE D 255 -38.38 -55.40 12.31
CA ILE D 255 -37.58 -54.91 11.20
C ILE D 255 -38.18 -55.37 9.87
N GLU D 256 -38.64 -56.63 9.82
CA GLU D 256 -39.26 -57.16 8.62
C GLU D 256 -40.58 -56.49 8.27
N ALA D 257 -41.17 -55.74 9.19
CA ALA D 257 -42.47 -55.12 8.94
C ALA D 257 -42.42 -53.61 9.12
N MET D 258 -41.39 -52.97 8.56
CA MET D 258 -41.23 -51.53 8.63
C MET D 258 -41.27 -50.94 7.23
N LYS D 259 -42.05 -49.87 7.06
CA LYS D 259 -42.17 -49.17 5.80
C LYS D 259 -41.46 -47.82 5.87
N ASP D 260 -40.95 -47.37 4.73
CA ASP D 260 -40.24 -46.10 4.65
C ASP D 260 -41.26 -44.96 4.48
N ASN D 261 -40.76 -43.77 4.16
CA ASN D 261 -41.61 -42.58 4.08
C ASN D 261 -42.61 -42.65 2.93
N HIS D 262 -42.42 -43.55 1.97
CA HIS D 262 -43.26 -43.61 0.78
C HIS D 262 -43.99 -44.94 0.65
N GLY D 263 -44.24 -45.60 1.77
CA GLY D 263 -45.02 -46.83 1.76
C GLY D 263 -44.41 -47.98 1.01
N ASN D 264 -43.11 -48.23 1.21
CA ASN D 264 -42.42 -49.36 0.62
C ASN D 264 -41.60 -50.07 1.68
N PRO D 265 -41.37 -51.37 1.52
CA PRO D 265 -40.56 -52.10 2.51
C PRO D 265 -39.14 -51.57 2.53
N ALA D 266 -38.71 -51.10 3.71
CA ALA D 266 -37.39 -50.50 3.85
C ALA D 266 -36.29 -51.53 4.01
N PHE D 267 -36.62 -52.77 4.34
CA PHE D 267 -35.60 -53.79 4.59
C PHE D 267 -35.17 -54.44 3.27
N ILE D 268 -33.87 -54.44 3.03
CA ILE D 268 -33.26 -55.09 1.88
C ILE D 268 -32.54 -56.34 2.37
N PRO D 269 -33.03 -57.53 2.05
CA PRO D 269 -32.36 -58.75 2.52
C PRO D 269 -30.96 -58.89 1.93
N ILE D 270 -30.13 -59.67 2.63
CA ILE D 270 -28.74 -59.85 2.21
C ILE D 270 -28.67 -60.48 0.83
N GLU D 271 -29.62 -61.37 0.52
CA GLU D 271 -29.61 -62.06 -0.76
C GLU D 271 -29.72 -61.10 -1.94
N LYS D 272 -30.35 -59.94 -1.73
CA LYS D 272 -30.58 -59.01 -2.83
C LYS D 272 -29.28 -58.43 -3.37
N TYR D 273 -28.35 -58.06 -2.48
CA TYR D 273 -27.17 -57.31 -2.89
C TYR D 273 -25.86 -58.04 -2.66
N ALA D 274 -25.88 -59.27 -2.14
CA ALA D 274 -24.64 -59.97 -1.82
C ALA D 274 -23.83 -60.34 -3.06
N ALA D 275 -24.43 -60.27 -4.26
CA ALA D 275 -23.70 -60.65 -5.47
C ALA D 275 -22.54 -59.71 -5.74
N GLY D 276 -22.74 -58.40 -5.55
CA GLY D 276 -21.73 -57.43 -5.88
C GLY D 276 -21.01 -56.81 -4.69
N GLY D 277 -21.47 -57.11 -3.48
CA GLY D 277 -20.92 -56.55 -2.27
C GLY D 277 -20.14 -57.55 -1.46
N ALA D 278 -20.02 -57.25 -0.16
CA ALA D 278 -19.33 -58.12 0.78
C ALA D 278 -20.23 -58.37 1.99
N THR D 279 -19.92 -59.43 2.73
CA THR D 279 -20.75 -59.84 3.86
C THR D 279 -19.86 -60.12 5.06
N MET D 280 -20.28 -59.62 6.22
CA MET D 280 -19.61 -59.89 7.49
C MET D 280 -20.44 -60.87 8.30
N HIS D 281 -19.85 -61.32 9.41
CA HIS D 281 -20.48 -62.36 10.23
C HIS D 281 -21.76 -61.85 10.86
N GLY D 282 -22.82 -62.64 10.76
CA GLY D 282 -24.11 -62.31 11.33
C GLY D 282 -24.95 -61.33 10.54
N GLU D 283 -24.51 -60.95 9.35
CA GLU D 283 -25.26 -59.98 8.55
C GLU D 283 -26.56 -60.58 8.06
N VAL D 284 -27.62 -59.78 8.06
CA VAL D 284 -28.93 -60.22 7.60
C VAL D 284 -29.50 -59.23 6.60
N GLY D 285 -28.81 -58.12 6.38
CA GLY D 285 -29.27 -57.13 5.43
C GLY D 285 -28.96 -55.70 5.81
N GLN D 286 -29.45 -54.76 5.00
CA GLN D 286 -29.31 -53.33 5.25
C GLN D 286 -30.70 -52.73 5.44
N LEU D 287 -30.94 -52.12 6.61
CA LEU D 287 -32.26 -51.57 6.90
C LEU D 287 -32.42 -50.18 6.29
N GLY D 288 -31.58 -49.24 6.68
CA GLY D 288 -31.55 -47.92 6.08
C GLY D 288 -30.17 -47.61 5.51
N ARG D 289 -29.43 -46.76 6.20
CA ARG D 289 -28.00 -46.60 5.98
C ARG D 289 -27.19 -47.32 7.05
N PHE D 290 -27.72 -48.44 7.52
CA PHE D 290 -27.06 -49.29 8.51
C PHE D 290 -27.14 -50.74 8.05
N ARG D 291 -26.12 -51.51 8.39
CA ARG D 291 -26.08 -52.94 8.13
C ARG D 291 -26.43 -53.68 9.41
N VAL D 292 -27.55 -54.39 9.40
CA VAL D 292 -28.08 -55.01 10.61
C VAL D 292 -27.33 -56.32 10.88
N ILE D 293 -26.85 -56.47 12.11
CA ILE D 293 -26.18 -57.68 12.55
C ILE D 293 -26.93 -58.21 13.77
N VAL D 294 -27.40 -59.46 13.67
CA VAL D 294 -28.20 -60.07 14.73
C VAL D 294 -27.26 -60.76 15.71
N ASN D 295 -27.23 -60.25 16.94
CA ASN D 295 -26.43 -60.86 18.00
C ASN D 295 -27.34 -61.70 18.89
N PRO D 296 -27.17 -63.02 18.93
CA PRO D 296 -28.06 -63.85 19.77
C PRO D 296 -27.96 -63.56 21.26
N GLN D 297 -26.87 -62.94 21.72
CA GLN D 297 -26.66 -62.69 23.14
C GLN D 297 -26.92 -61.24 23.54
N MET D 298 -27.59 -60.48 22.68
CA MET D 298 -27.90 -59.09 23.00
C MET D 298 -28.87 -58.99 24.17
N MET D 299 -28.64 -58.01 25.05
CA MET D 299 -29.45 -57.83 26.24
C MET D 299 -30.57 -56.82 25.97
N HIS D 300 -31.38 -56.58 26.99
CA HIS D 300 -32.50 -55.65 26.90
C HIS D 300 -32.92 -55.25 28.32
N TRP D 301 -33.75 -54.23 28.40
CA TRP D 301 -34.28 -53.75 29.68
C TRP D 301 -35.70 -54.28 29.84
N ALA D 302 -35.87 -55.26 30.72
CA ALA D 302 -37.16 -55.91 30.93
C ALA D 302 -37.85 -55.31 32.14
N GLY D 303 -39.11 -54.92 31.97
CA GLY D 303 -39.92 -54.39 33.04
C GLY D 303 -40.05 -52.88 33.07
N VAL D 304 -39.16 -52.17 32.37
CA VAL D 304 -39.21 -50.71 32.34
C VAL D 304 -40.19 -50.25 31.28
N GLY D 305 -40.86 -49.13 31.55
CA GLY D 305 -41.83 -48.55 30.63
C GLY D 305 -43.18 -48.38 31.29
N LYS D 306 -44.12 -47.86 30.49
CA LYS D 306 -45.46 -47.61 30.96
C LYS D 306 -46.24 -48.92 31.12
N ALA D 307 -47.36 -48.84 31.82
CA ALA D 307 -48.23 -49.99 31.98
C ALA D 307 -48.82 -50.41 30.63
N VAL D 308 -48.98 -51.72 30.45
CA VAL D 308 -49.45 -52.24 29.16
C VAL D 308 -50.93 -51.91 28.99
N ASP D 309 -51.27 -51.37 27.82
CA ASP D 309 -52.65 -51.05 27.49
C ASP D 309 -53.25 -52.20 26.71
N PRO D 310 -54.27 -52.89 27.23
CA PRO D 310 -54.85 -54.02 26.48
C PRO D 310 -55.51 -53.62 25.17
N ASN D 311 -55.85 -52.35 24.99
CA ASN D 311 -56.55 -51.89 23.79
C ASN D 311 -55.55 -51.44 22.71
N ASP D 312 -54.70 -52.38 22.30
CA ASP D 312 -53.76 -52.15 21.23
C ASP D 312 -53.79 -53.32 20.25
N GLN D 313 -53.45 -53.04 19.00
CA GLN D 313 -53.51 -54.04 17.94
C GLN D 313 -52.21 -54.81 17.76
N VAL D 314 -51.21 -54.59 18.61
CA VAL D 314 -49.91 -55.24 18.44
C VAL D 314 -49.50 -55.92 19.73
N PRO D 315 -48.70 -57.00 19.67
CA PRO D 315 -48.36 -57.73 20.90
C PRO D 315 -47.48 -56.95 21.87
N MET D 316 -46.44 -56.26 21.37
CA MET D 316 -45.68 -55.34 22.20
C MET D 316 -45.02 -55.98 23.41
N HIS D 317 -43.94 -56.78 23.21
CA HIS D 317 -43.29 -57.57 24.24
C HIS D 317 -43.34 -56.92 25.63
N GLU D 318 -43.77 -57.68 26.63
CA GLU D 318 -44.01 -57.18 27.97
C GLU D 318 -43.36 -58.11 28.98
N SER D 319 -43.25 -57.62 30.22
CA SER D 319 -42.69 -58.40 31.32
C SER D 319 -43.15 -57.78 32.63
N GLY D 320 -43.86 -58.55 33.44
CA GLY D 320 -44.35 -58.06 34.72
C GLY D 320 -45.37 -56.95 34.62
N GLY D 321 -46.24 -57.00 33.62
CA GLY D 321 -47.28 -56.00 33.44
C GLY D 321 -46.82 -54.71 32.83
N LYS D 322 -45.56 -54.60 32.41
CA LYS D 322 -45.03 -53.39 31.81
C LYS D 322 -44.26 -53.75 30.55
N TYR D 323 -44.00 -52.74 29.72
CA TYR D 323 -43.34 -52.95 28.45
C TYR D 323 -41.88 -53.34 28.65
N SER D 324 -41.19 -53.56 27.53
CA SER D 324 -39.77 -53.89 27.53
C SER D 324 -39.06 -53.01 26.50
N VAL D 325 -37.79 -52.73 26.75
CA VAL D 325 -36.99 -51.84 25.92
C VAL D 325 -35.87 -52.65 25.29
N PHE D 326 -35.75 -52.56 23.97
CA PHE D 326 -34.72 -53.28 23.24
C PHE D 326 -33.76 -52.29 22.58
N PRO D 327 -32.45 -52.54 22.67
CA PRO D 327 -31.47 -51.59 22.13
C PRO D 327 -30.99 -51.93 20.73
N MET D 328 -30.64 -50.88 19.99
CA MET D 328 -29.93 -50.99 18.72
C MET D 328 -28.67 -50.13 18.85
N LEU D 329 -27.51 -50.77 18.77
CA LEU D 329 -26.25 -50.15 19.13
C LEU D 329 -25.36 -50.01 17.91
N CYS D 330 -24.81 -48.80 17.71
CA CYS D 330 -23.82 -48.53 16.67
C CYS D 330 -22.57 -48.02 17.38
N VAL D 331 -21.57 -48.89 17.49
CA VAL D 331 -20.33 -48.59 18.20
C VAL D 331 -19.18 -48.71 17.23
N ALA D 332 -18.33 -47.69 17.19
CA ALA D 332 -17.16 -47.67 16.33
C ALA D 332 -15.91 -47.91 17.16
N SER D 333 -14.96 -48.65 16.59
CA SER D 333 -13.71 -48.94 17.27
C SER D 333 -12.88 -47.67 17.40
N GLU D 334 -11.68 -47.81 17.99
CA GLU D 334 -10.72 -46.75 18.26
C GLU D 334 -11.29 -45.63 19.12
N ALA D 335 -12.47 -45.82 19.70
CA ALA D 335 -13.07 -44.86 20.62
C ALA D 335 -12.88 -45.27 22.07
N PHE D 336 -13.20 -46.52 22.41
CA PHE D 336 -13.05 -47.03 23.76
C PHE D 336 -11.80 -47.93 23.83
N THR D 337 -11.50 -48.40 25.03
CA THR D 337 -10.41 -49.34 25.21
C THR D 337 -10.61 -50.10 26.51
N THR D 338 -9.98 -51.27 26.58
CA THR D 338 -10.02 -52.13 27.75
C THR D 338 -8.66 -52.13 28.43
N VAL D 339 -8.66 -52.39 29.73
CA VAL D 339 -7.47 -52.33 30.56
C VAL D 339 -7.34 -53.64 31.32
N GLY D 340 -6.13 -54.23 31.28
CA GLY D 340 -5.82 -55.40 32.05
C GLY D 340 -4.72 -55.10 33.06
N PHE D 341 -4.38 -56.12 33.84
CA PHE D 341 -3.37 -55.97 34.87
C PHE D 341 -2.78 -57.34 35.19
N ALA D 342 -1.53 -57.32 35.68
CA ALA D 342 -0.80 -58.54 36.05
C ALA D 342 -0.72 -59.52 34.88
N THR D 343 -0.49 -58.99 33.69
CA THR D 343 -0.38 -59.80 32.47
C THR D 343 0.98 -59.49 31.84
N ASP D 344 2.00 -60.27 32.22
CA ASP D 344 3.33 -60.07 31.66
C ASP D 344 3.35 -60.35 30.17
N GLY D 345 2.70 -61.42 29.73
CA GLY D 345 2.61 -61.74 28.33
C GLY D 345 1.30 -61.41 27.66
N LYS D 346 0.35 -60.81 28.39
CA LYS D 346 -0.95 -60.35 27.91
C LYS D 346 -1.90 -61.52 27.67
N ASN D 347 -1.42 -62.76 27.72
CA ASN D 347 -2.24 -63.92 27.42
C ASN D 347 -2.88 -64.56 28.65
N VAL D 348 -2.25 -64.46 29.82
CA VAL D 348 -2.78 -65.11 31.03
C VAL D 348 -3.72 -64.11 31.69
N LYS D 349 -4.95 -64.06 31.19
CA LYS D 349 -5.98 -63.23 31.81
C LYS D 349 -6.49 -63.85 33.11
N PHE D 350 -6.70 -65.15 33.11
CA PHE D 350 -7.27 -65.86 34.25
C PHE D 350 -6.17 -66.49 35.09
N LYS D 351 -6.36 -66.47 36.40
CA LYS D 351 -5.51 -67.19 37.35
C LYS D 351 -6.35 -68.25 38.03
N ILE D 352 -5.87 -69.49 38.00
CA ILE D 352 -6.61 -70.66 38.49
C ILE D 352 -5.81 -71.30 39.61
N ILE D 353 -6.47 -71.57 40.73
CA ILE D 353 -5.86 -72.23 41.88
C ILE D 353 -6.69 -73.48 42.20
N THR D 354 -6.05 -74.64 42.20
CA THR D 354 -6.74 -75.90 42.44
C THR D 354 -6.07 -76.66 43.57
N LYS D 355 -6.88 -77.31 44.40
CA LYS D 355 -6.38 -78.10 45.52
C LYS D 355 -7.22 -79.37 45.61
N ARG D 356 -6.60 -80.51 45.31
CA ARG D 356 -7.28 -81.79 45.32
C ARG D 356 -7.35 -82.37 46.74
N PRO D 357 -8.35 -83.21 47.01
CA PRO D 357 -8.43 -83.85 48.33
C PRO D 357 -7.26 -84.79 48.58
N GLY D 358 -6.91 -84.92 49.85
CA GLY D 358 -5.81 -85.76 50.26
C GLY D 358 -5.24 -85.27 51.58
N GLU D 359 -3.99 -85.61 51.83
CA GLU D 359 -3.27 -85.16 53.02
C GLU D 359 -2.58 -83.81 52.80
N ALA D 360 -2.73 -83.19 51.63
CA ALA D 360 -2.21 -81.85 51.39
C ALA D 360 -3.18 -80.77 51.83
N THR D 361 -4.40 -81.13 52.21
CA THR D 361 -5.40 -80.21 52.72
C THR D 361 -5.87 -80.65 54.11
N ALA D 362 -4.95 -81.17 54.92
CA ALA D 362 -5.29 -81.69 56.25
C ALA D 362 -5.83 -80.59 57.15
N ASP D 363 -5.00 -79.60 57.47
CA ASP D 363 -5.39 -78.50 58.34
C ASP D 363 -5.84 -79.01 59.71
N ARG D 364 -6.51 -78.16 60.49
CA ARG D 364 -7.03 -78.55 61.79
C ARG D 364 -8.55 -78.63 61.82
N SER D 365 -9.24 -78.08 60.82
CA SER D 365 -10.69 -78.14 60.75
C SER D 365 -11.21 -79.39 60.04
N ASP D 366 -10.32 -80.21 59.49
CA ASP D 366 -10.70 -81.43 58.79
C ASP D 366 -9.50 -82.38 58.75
N PRO D 367 -9.17 -83.02 59.88
CA PRO D 367 -7.93 -83.80 59.96
C PRO D 367 -7.88 -84.98 59.00
N TYR D 368 -8.94 -85.20 58.23
CA TYR D 368 -8.99 -86.30 57.27
C TYR D 368 -8.81 -85.84 55.83
N GLY D 369 -9.14 -84.59 55.51
CA GLY D 369 -8.97 -84.07 54.17
C GLY D 369 -9.91 -84.69 53.16
N GLU D 370 -11.20 -84.41 53.30
CA GLU D 370 -12.23 -85.03 52.47
C GLU D 370 -12.77 -84.11 51.38
N MET D 371 -12.23 -82.90 51.23
CA MET D 371 -12.75 -81.95 50.25
C MET D 371 -11.61 -81.29 49.50
N GLY D 372 -11.93 -80.79 48.31
CA GLY D 372 -11.01 -80.02 47.50
C GLY D 372 -11.77 -78.91 46.80
N PHE D 373 -11.04 -78.04 46.12
CA PHE D 373 -11.68 -76.90 45.49
C PHE D 373 -10.85 -76.41 44.31
N MET D 374 -11.43 -75.46 43.57
CA MET D 374 -10.77 -74.85 42.42
C MET D 374 -11.41 -73.48 42.18
N SER D 375 -10.56 -72.48 41.98
CA SER D 375 -11.00 -71.09 41.92
C SER D 375 -10.34 -70.39 40.72
N ILE D 376 -11.04 -69.38 40.19
CA ILE D 376 -10.58 -68.58 39.08
C ILE D 376 -10.75 -67.11 39.45
N LYS D 377 -9.77 -66.29 39.08
CA LYS D 377 -9.82 -64.85 39.38
C LYS D 377 -9.13 -64.08 38.26
N TRP D 378 -9.54 -62.83 38.08
CA TRP D 378 -8.95 -61.99 37.03
C TRP D 378 -9.29 -60.52 37.28
N TYR D 379 -8.72 -59.66 36.44
CA TYR D 379 -8.92 -58.22 36.47
C TYR D 379 -9.58 -57.76 35.17
N TYR D 380 -10.16 -56.56 35.21
CA TYR D 380 -10.82 -56.01 34.03
C TYR D 380 -11.07 -54.53 34.25
N GLY D 381 -10.91 -53.74 33.19
CA GLY D 381 -11.24 -52.33 33.25
C GLY D 381 -11.64 -51.79 31.89
N PHE D 382 -12.36 -50.67 31.93
CA PHE D 382 -12.88 -50.02 30.73
C PHE D 382 -12.60 -48.53 30.79
N MET D 383 -12.24 -47.94 29.65
CA MET D 383 -12.00 -46.49 29.61
C MET D 383 -12.23 -46.00 28.20
N VAL D 384 -13.03 -44.94 28.07
CA VAL D 384 -13.65 -44.57 26.80
C VAL D 384 -13.21 -43.16 26.40
N PHE D 385 -12.79 -43.02 25.14
CA PHE D 385 -12.62 -41.72 24.51
C PHE D 385 -13.78 -41.47 23.55
N ARG D 386 -14.10 -40.18 23.33
CA ARG D 386 -15.14 -39.77 22.40
C ARG D 386 -16.45 -40.51 22.67
N PRO D 387 -17.16 -40.18 23.76
CA PRO D 387 -18.43 -40.88 24.03
C PRO D 387 -19.53 -40.59 23.02
N GLU D 388 -19.32 -39.64 22.11
CA GLU D 388 -20.30 -39.30 21.09
C GLU D 388 -20.20 -40.18 19.85
N TRP D 389 -19.22 -41.07 19.78
CA TRP D 389 -19.10 -41.99 18.65
C TRP D 389 -19.78 -43.33 18.89
N ILE D 390 -20.48 -43.48 20.02
CA ILE D 390 -21.28 -44.66 20.31
C ILE D 390 -22.74 -44.21 20.39
N ALA D 391 -23.58 -44.82 19.58
CA ALA D 391 -24.98 -44.43 19.48
C ALA D 391 -25.88 -45.59 19.89
N LEU D 392 -26.99 -45.26 20.54
CA LEU D 392 -27.95 -46.23 21.02
C LEU D 392 -29.36 -45.76 20.72
N LEU D 393 -30.20 -46.69 20.26
CA LEU D 393 -31.61 -46.42 20.00
C LEU D 393 -32.46 -47.44 20.74
N LYS D 394 -33.39 -46.95 21.56
CA LYS D 394 -34.23 -47.80 22.39
C LYS D 394 -35.62 -47.88 21.78
N THR D 395 -36.13 -49.09 21.60
CA THR D 395 -37.41 -49.28 20.93
C THR D 395 -38.17 -50.43 21.59
N VAL D 396 -39.29 -50.81 20.99
CA VAL D 396 -40.08 -51.95 21.44
C VAL D 396 -40.02 -53.02 20.36
N ALA D 397 -40.66 -54.16 20.61
CA ALA D 397 -40.49 -55.34 19.76
C ALA D 397 -41.82 -55.80 19.18
N ARG D 398 -41.74 -56.80 18.28
CA ARG D 398 -42.85 -57.73 17.87
C ARG D 398 -44.11 -56.96 17.40
N LEU D 399 -43.90 -56.20 16.33
CA LEU D 399 -45.02 -55.55 15.66
C LEU D 399 -45.95 -56.60 15.05
N MET E 1 90.68 21.06 112.21
CA MET E 1 92.04 20.78 111.75
C MET E 1 92.31 21.47 110.42
N ALA E 2 92.75 22.74 110.50
CA ALA E 2 93.08 23.51 109.32
C ALA E 2 94.48 24.11 109.35
N GLY E 3 95.17 24.07 110.49
CA GLY E 3 96.51 24.60 110.59
C GLY E 3 97.23 24.10 111.83
N PRO E 4 98.45 23.63 111.67
CA PRO E 4 99.22 23.14 112.83
C PRO E 4 99.95 24.25 113.56
N VAL E 5 99.55 25.50 113.30
CA VAL E 5 100.15 26.71 113.86
C VAL E 5 101.54 26.90 113.24
N ASP E 6 101.72 27.98 112.51
CA ASP E 6 102.95 28.24 111.77
C ASP E 6 103.81 29.24 112.53
N ASN E 7 105.11 28.92 112.66
CA ASN E 7 106.07 29.82 113.29
C ASN E 7 107.29 30.05 112.39
N ILE E 8 107.19 29.73 111.11
CA ILE E 8 108.30 29.82 110.18
C ILE E 8 108.01 30.81 109.05
N LYS E 9 106.84 30.68 108.42
CA LYS E 9 106.46 31.47 107.24
C LYS E 9 107.51 31.27 106.15
N PRO E 10 107.56 30.10 105.52
CA PRO E 10 108.65 29.78 104.59
C PRO E 10 108.47 30.34 103.19
N MET E 11 107.58 31.32 103.02
CA MET E 11 107.22 31.86 101.71
C MET E 11 106.61 30.75 100.85
N LYS E 12 105.42 30.35 101.28
CA LYS E 12 104.69 29.24 100.69
C LYS E 12 104.06 29.65 99.36
N TYR E 13 103.31 28.72 98.77
CA TYR E 13 102.60 28.97 97.53
C TYR E 13 101.21 29.56 97.77
N ASN E 14 100.63 29.35 98.94
CA ASN E 14 99.30 29.86 99.32
C ASN E 14 98.29 29.29 98.31
N ASP E 15 97.35 30.09 97.83
CA ASP E 15 96.36 29.60 96.87
C ASP E 15 95.81 30.73 96.03
N PRO E 16 96.30 30.92 94.80
CA PRO E 16 95.71 31.94 93.92
C PRO E 16 94.33 31.53 93.42
N ALA E 17 93.71 32.39 92.60
CA ALA E 17 92.37 32.21 92.05
C ALA E 17 91.29 32.13 93.11
N ASN E 18 91.62 32.45 94.36
CA ASN E 18 90.63 32.46 95.43
C ASN E 18 90.79 33.66 96.38
N GLY E 19 91.71 34.56 96.10
CA GLY E 19 91.90 35.73 96.95
C GLY E 19 93.33 35.95 97.37
N VAL E 20 94.06 34.88 97.63
CA VAL E 20 95.45 34.98 98.07
C VAL E 20 96.36 35.18 96.85
N GLU E 21 97.41 35.97 97.03
CA GLU E 21 98.26 36.41 95.94
C GLU E 21 99.52 35.55 95.78
N SER E 22 99.88 34.77 96.80
CA SER E 22 101.11 33.98 96.84
C SER E 22 102.32 34.89 97.03
N SER E 23 103.38 34.34 97.64
CA SER E 23 104.49 35.19 98.09
C SER E 23 105.33 35.69 96.93
N ILE E 24 105.60 34.83 95.95
CA ILE E 24 106.52 35.21 94.87
C ILE E 24 105.93 36.32 94.01
N GLY E 25 104.61 36.30 93.80
CA GLY E 25 103.96 37.33 93.03
C GLY E 25 102.84 36.79 92.16
N PRO E 26 102.49 37.53 91.12
CA PRO E 26 101.40 37.10 90.24
C PRO E 26 101.75 35.82 89.49
N GLN E 27 100.71 35.05 89.17
CA GLN E 27 100.85 33.80 88.44
C GLN E 27 100.28 33.96 87.03
N ILE E 28 100.89 33.25 86.09
CA ILE E 28 100.42 33.28 84.70
C ILE E 28 99.28 32.30 84.49
N HIS E 29 99.52 31.03 84.78
CA HIS E 29 98.51 29.99 84.66
C HIS E 29 98.16 29.41 86.02
N THR E 30 96.88 29.12 86.21
CA THR E 30 96.38 28.54 87.46
C THR E 30 95.71 27.19 87.27
N ARG E 31 94.88 27.04 86.25
CA ARG E 31 94.13 25.82 86.01
C ARG E 31 94.67 25.10 84.78
N TYR E 32 94.85 23.79 84.91
CA TYR E 32 95.20 22.97 83.74
C TYR E 32 93.97 22.81 82.86
N TRP E 33 94.20 22.79 81.55
CA TRP E 33 93.12 22.73 80.57
C TRP E 33 93.00 21.32 80.01
N TYR E 34 91.78 20.78 80.04
CA TYR E 34 91.48 19.49 79.43
C TYR E 34 91.08 19.76 77.98
N LYS E 35 91.92 19.35 77.03
CA LYS E 35 91.73 19.74 75.64
C LYS E 35 90.46 19.13 75.06
N ARG E 36 90.22 17.84 75.30
CA ARG E 36 89.08 17.17 74.70
C ARG E 36 87.79 17.67 75.32
N ALA E 37 86.82 18.01 74.46
CA ALA E 37 85.56 18.56 74.90
C ALA E 37 84.54 17.46 75.17
N LEU E 38 83.46 17.84 75.85
CA LEU E 38 82.37 16.92 76.19
C LEU E 38 81.18 17.25 75.30
N ILE E 39 80.79 16.29 74.45
CA ILE E 39 79.74 16.46 73.47
C ILE E 39 78.67 15.41 73.71
N ASP E 40 77.41 15.84 73.74
CA ASP E 40 76.30 14.94 73.96
C ASP E 40 76.06 14.06 72.72
N ALA E 41 75.17 13.10 72.86
CA ALA E 41 74.84 12.16 71.79
C ALA E 41 73.56 12.56 71.08
N ALA E 42 73.49 12.27 69.80
CA ALA E 42 72.34 12.63 68.99
C ALA E 42 71.17 11.68 69.26
N LYS E 43 69.96 12.21 69.11
CA LYS E 43 68.76 11.42 69.29
C LYS E 43 68.55 10.47 68.12
N GLU E 44 67.65 9.51 68.31
CA GLU E 44 67.30 8.54 67.28
C GLU E 44 65.84 8.71 66.87
N ALA E 45 65.56 8.41 65.61
CA ALA E 45 64.24 8.56 65.04
C ALA E 45 63.51 7.22 64.99
N TYR E 46 62.18 7.28 65.06
CA TYR E 46 61.34 6.08 65.05
C TYR E 46 60.42 6.03 63.85
N PHE E 47 59.63 7.07 63.61
CA PHE E 47 58.63 7.04 62.55
C PHE E 47 59.24 7.21 61.17
N GLY E 48 60.37 7.93 61.07
CA GLY E 48 60.91 8.27 59.76
C GLY E 48 61.26 7.06 58.90
N GLN E 49 61.50 5.91 59.54
CA GLN E 49 61.87 4.72 58.79
C GLN E 49 60.68 4.02 58.16
N LEU E 50 59.45 4.35 58.57
CA LEU E 50 58.25 3.68 58.07
C LEU E 50 57.34 4.61 57.27
N ALA E 51 57.91 5.58 56.58
CA ALA E 51 57.16 6.53 55.77
C ALA E 51 57.63 6.47 54.32
N ASP E 52 56.67 6.46 53.40
CA ASP E 52 56.97 6.50 51.97
C ASP E 52 57.11 7.94 51.50
N THR E 53 57.75 8.10 50.34
CA THR E 53 57.99 9.41 49.76
C THR E 53 57.42 9.47 48.36
N PHE E 54 56.77 10.60 48.04
CA PHE E 54 56.18 10.84 46.73
C PHE E 54 56.84 12.07 46.12
N SER E 55 57.25 11.96 44.86
CA SER E 55 57.95 13.04 44.16
C SER E 55 56.93 13.85 43.38
N MET E 56 56.62 15.04 43.89
CA MET E 56 55.69 15.94 43.21
C MET E 56 56.31 16.46 41.92
N PRO E 57 55.52 16.59 40.84
CA PRO E 57 56.05 17.22 39.62
C PRO E 57 56.26 18.71 39.79
N LYS E 58 56.68 19.39 38.72
CA LYS E 58 57.13 20.77 38.83
C LYS E 58 56.02 21.78 38.57
N HIS E 59 55.34 21.67 37.42
CA HIS E 59 54.47 22.72 36.91
C HIS E 59 53.00 22.44 37.19
N TYR E 60 52.66 21.84 38.33
CA TYR E 60 51.28 21.48 38.63
C TYR E 60 50.77 22.07 39.94
N GLY E 61 51.50 23.01 40.55
CA GLY E 61 51.00 23.66 41.74
C GLY E 61 51.52 23.06 43.03
N LYS E 62 50.71 23.09 44.09
CA LYS E 62 51.14 22.62 45.40
C LYS E 62 50.06 21.80 46.09
N GLU E 63 49.22 21.10 45.34
CA GLU E 63 48.19 20.26 45.92
C GLU E 63 48.13 18.94 45.16
N ILE E 64 47.67 17.89 45.86
CA ILE E 64 47.49 16.57 45.27
C ILE E 64 46.06 16.14 45.51
N VAL E 65 45.42 15.55 44.49
CA VAL E 65 44.04 15.10 44.58
C VAL E 65 43.96 13.66 44.10
N ARG E 66 43.20 12.84 44.83
CA ARG E 66 43.02 11.43 44.52
C ARG E 66 41.54 11.07 44.61
N LEU E 67 41.14 10.04 43.88
CA LEU E 67 39.76 9.58 43.87
C LEU E 67 39.60 8.32 44.71
N HIS E 68 38.36 8.03 45.07
CA HIS E 68 38.02 6.89 45.92
C HIS E 68 36.62 6.42 45.58
N TYR E 69 36.46 5.12 45.36
CA TYR E 69 35.20 4.54 44.92
C TYR E 69 34.56 3.76 46.07
N ILE E 70 33.25 3.94 46.23
CA ILE E 70 32.50 3.37 47.34
C ILE E 70 31.77 2.12 46.87
N PRO E 71 31.78 1.03 47.66
CA PRO E 71 31.07 -0.19 47.26
C PRO E 71 29.57 0.04 47.16
N LEU E 72 28.89 -0.97 46.59
CA LEU E 72 27.46 -0.88 46.36
C LEU E 72 26.68 -0.91 47.67
N LEU E 73 27.02 -1.84 48.55
CA LEU E 73 26.32 -2.04 49.83
C LEU E 73 27.08 -1.29 50.91
N ASP E 74 26.78 0.00 51.06
CA ASP E 74 27.43 0.82 52.07
C ASP E 74 26.51 1.96 52.44
N ASP E 75 26.71 2.50 53.65
CA ASP E 75 25.94 3.65 54.11
C ASP E 75 26.44 4.96 53.54
N ARG E 76 27.62 4.97 52.92
CA ARG E 76 28.13 6.16 52.24
C ARG E 76 27.61 6.27 50.81
N ASN E 77 26.83 5.30 50.35
CA ASN E 77 26.33 5.29 48.98
C ASN E 77 24.91 5.85 48.97
N VAL E 78 24.84 7.18 49.01
CA VAL E 78 23.56 7.89 48.93
C VAL E 78 23.28 8.24 47.48
N ASN E 79 22.11 7.85 46.99
CA ASN E 79 21.76 8.00 45.58
C ASN E 79 20.34 8.53 45.44
N ASP E 80 19.96 8.83 44.21
CA ASP E 80 18.59 9.16 43.86
C ASP E 80 17.91 8.08 43.03
N GLN E 81 18.64 7.04 42.64
CA GLN E 81 18.09 5.94 41.85
C GLN E 81 17.42 4.96 42.81
N GLY E 82 16.09 5.00 42.88
CA GLY E 82 15.37 4.17 43.82
C GLY E 82 14.71 2.97 43.17
N ILE E 83 13.38 3.03 43.03
CA ILE E 83 12.57 1.98 42.43
C ILE E 83 12.70 0.70 43.24
N ASP E 84 11.78 0.48 44.18
CA ASP E 84 11.82 -0.68 45.05
C ASP E 84 11.24 -1.89 44.32
N ALA E 85 10.98 -2.97 45.07
CA ALA E 85 10.48 -4.21 44.49
C ALA E 85 9.06 -4.09 43.96
N SER E 86 8.35 -3.01 44.27
CA SER E 86 6.99 -2.80 43.78
C SER E 86 6.91 -1.70 42.73
N GLY E 87 8.05 -1.19 42.27
CA GLY E 87 8.08 -0.16 41.25
C GLY E 87 7.94 1.26 41.76
N ALA E 88 7.78 1.46 43.07
CA ALA E 88 7.65 2.79 43.62
C ALA E 88 9.02 3.41 43.87
N THR E 89 9.13 4.71 43.60
CA THR E 89 10.38 5.41 43.81
C THR E 89 10.64 5.61 45.30
N ILE E 90 11.85 5.29 45.74
CA ILE E 90 12.21 5.40 47.15
C ILE E 90 13.36 6.38 47.30
N ALA E 91 13.77 6.64 48.55
CA ALA E 91 14.79 7.64 48.83
C ALA E 91 16.20 7.08 48.79
N ASN E 92 16.39 5.79 49.11
CA ASN E 92 17.70 5.17 49.14
C ASN E 92 17.82 4.14 48.02
N GLY E 93 18.98 4.11 47.39
CA GLY E 93 19.24 3.18 46.31
C GLY E 93 20.49 2.35 46.50
N ASN E 94 20.76 1.93 47.74
CA ASN E 94 21.94 1.15 48.05
C ASN E 94 21.61 -0.27 48.52
N LEU E 95 20.33 -0.66 48.51
CA LEU E 95 19.91 -2.02 48.83
C LEU E 95 20.36 -2.43 50.23
N TYR E 96 19.78 -1.74 51.22
CA TYR E 96 19.96 -2.01 52.64
C TYR E 96 21.42 -2.00 53.06
N GLY E 97 22.28 -1.30 52.31
CA GLY E 97 23.71 -1.34 52.50
C GLY E 97 24.20 -1.11 53.91
N SER E 98 25.14 -1.95 54.35
CA SER E 98 25.75 -1.89 55.67
C SER E 98 24.68 -1.88 56.77
N SER E 99 23.88 -2.93 56.78
CA SER E 99 22.91 -3.18 57.83
C SER E 99 22.94 -4.66 58.20
N ARG E 100 22.73 -4.95 59.48
CA ARG E 100 22.80 -6.31 59.99
C ARG E 100 21.59 -6.64 60.84
N ASP E 101 20.40 -6.26 60.38
CA ASP E 101 19.15 -6.64 61.02
C ASP E 101 18.38 -7.53 60.05
N VAL E 102 17.96 -8.72 60.53
CA VAL E 102 17.38 -9.71 59.63
C VAL E 102 16.05 -9.21 59.06
N GLY E 103 15.25 -8.52 59.86
CA GLY E 103 13.99 -8.00 59.36
C GLY E 103 14.19 -6.93 58.30
N ASN E 104 15.09 -5.98 58.57
CA ASN E 104 15.36 -4.92 57.60
C ASN E 104 15.98 -5.49 56.32
N ILE E 105 16.87 -6.47 56.45
CA ILE E 105 17.50 -7.05 55.27
C ILE E 105 16.48 -7.81 54.44
N THR E 106 15.66 -8.64 55.09
CA THR E 106 14.69 -9.44 54.37
C THR E 106 13.52 -8.59 53.85
N ALA E 107 13.32 -7.39 54.38
CA ALA E 107 12.28 -6.50 53.88
C ALA E 107 12.70 -5.73 52.64
N LYS E 108 14.00 -5.72 52.31
CA LYS E 108 14.50 -4.97 51.15
C LYS E 108 15.24 -5.87 50.17
N MET E 109 15.04 -7.17 50.23
CA MET E 109 15.70 -8.07 49.29
C MET E 109 15.12 -7.88 47.90
N PRO E 110 15.94 -8.00 46.85
CA PRO E 110 15.43 -7.79 45.47
C PRO E 110 14.68 -9.00 44.91
N THR E 111 13.44 -9.15 45.34
CA THR E 111 12.59 -10.23 44.85
C THR E 111 12.09 -9.92 43.44
N LEU E 112 11.72 -10.98 42.72
CA LEU E 112 11.26 -10.85 41.35
C LEU E 112 10.09 -11.78 41.09
N THR E 113 9.12 -11.32 40.32
CA THR E 113 7.97 -12.10 39.93
C THR E 113 8.17 -12.62 38.50
N GLU E 114 7.14 -13.26 37.95
CA GLU E 114 7.23 -13.88 36.65
C GLU E 114 6.92 -12.93 35.49
N ILE E 115 6.55 -11.68 35.79
CA ILE E 115 6.29 -10.69 34.75
C ILE E 115 7.38 -9.64 34.64
N GLY E 116 8.40 -9.71 35.48
CA GLY E 116 9.47 -8.74 35.42
C GLY E 116 9.00 -7.36 35.83
N GLY E 117 9.33 -6.36 35.02
CA GLY E 117 8.96 -4.98 35.28
C GLY E 117 10.16 -4.15 35.69
N ARG E 118 9.88 -2.87 35.93
CA ARG E 118 10.90 -1.90 36.35
C ARG E 118 11.00 -1.93 37.87
N VAL E 119 11.96 -2.69 38.39
CA VAL E 119 12.15 -2.85 39.83
C VAL E 119 13.63 -3.00 40.12
N ASN E 120 14.01 -2.67 41.35
CA ASN E 120 15.34 -2.96 41.91
C ASN E 120 16.44 -2.27 41.09
N ARG E 121 16.41 -0.93 41.13
CA ARG E 121 17.43 -0.10 40.52
C ARG E 121 18.42 0.38 41.57
N VAL E 122 19.69 0.54 41.17
CA VAL E 122 20.77 0.87 42.07
C VAL E 122 21.60 2.02 41.48
N GLY E 123 22.55 2.49 42.27
CA GLY E 123 23.45 3.57 41.86
C GLY E 123 24.78 3.45 42.57
N PHE E 124 25.68 4.39 42.26
CA PHE E 124 27.04 4.39 42.80
C PHE E 124 27.50 5.83 43.03
N LYS E 125 28.64 5.97 43.70
CA LYS E 125 29.17 7.27 44.08
C LYS E 125 30.69 7.19 44.18
N ARG E 126 31.32 8.35 44.39
CA ARG E 126 32.76 8.44 44.57
C ARG E 126 33.10 9.74 45.30
N VAL E 127 34.30 9.78 45.88
CA VAL E 127 34.71 10.86 46.77
C VAL E 127 36.21 11.12 46.56
N GLU E 128 36.61 12.39 46.67
CA GLU E 128 37.99 12.79 46.46
C GLU E 128 38.67 13.19 47.77
N ILE E 129 40.00 13.08 47.78
CA ILE E 129 40.83 13.42 48.92
C ILE E 129 42.02 14.25 48.44
N LYS E 130 42.64 14.98 49.37
CA LYS E 130 43.66 15.97 49.04
C LYS E 130 44.89 15.84 49.93
N GLY E 131 45.98 16.45 49.45
CA GLY E 131 47.24 16.48 50.20
C GLY E 131 48.03 17.73 49.84
N LYS E 132 48.90 18.13 50.78
CA LYS E 132 49.48 19.48 50.77
C LYS E 132 51.00 19.44 50.89
N LEU E 133 51.61 20.61 50.72
CA LEU E 133 53.06 20.81 50.67
C LEU E 133 53.41 22.16 51.30
N GLU E 134 54.67 22.32 51.69
CA GLU E 134 55.15 23.56 52.31
C GLU E 134 56.67 23.57 52.29
N LYS E 135 57.25 24.69 52.76
CA LYS E 135 58.68 24.94 52.72
C LYS E 135 59.16 25.40 54.10
N TYR E 136 60.43 25.10 54.41
CA TYR E 136 61.02 25.50 55.69
C TYR E 136 62.49 25.83 55.48
N GLY E 137 63.07 26.55 56.44
CA GLY E 137 64.49 26.87 56.42
C GLY E 137 64.95 27.83 57.50
N PHE E 138 66.26 27.90 57.72
CA PHE E 138 66.84 28.80 58.71
C PHE E 138 68.33 28.95 58.45
N PHE E 139 68.92 29.99 59.03
CA PHE E 139 70.31 30.34 58.74
C PHE E 139 71.01 30.80 60.00
N ARG E 140 72.32 31.04 59.86
CA ARG E 140 73.18 31.48 60.95
C ARG E 140 74.28 32.37 60.37
N GLU E 141 74.63 33.43 61.08
CA GLU E 141 75.65 34.37 60.63
C GLU E 141 76.72 34.54 61.70
N TYR E 142 77.92 34.94 61.26
CA TYR E 142 79.05 35.12 62.15
C TYR E 142 80.03 36.09 61.53
N THR E 143 81.02 36.50 62.32
CA THR E 143 82.06 37.42 61.92
C THR E 143 83.40 36.69 61.81
N GLN E 144 84.36 37.36 61.16
CA GLN E 144 85.65 36.74 60.91
C GLN E 144 86.50 36.66 62.17
N GLU E 145 86.53 37.73 62.97
CA GLU E 145 87.37 37.75 64.15
C GLU E 145 86.91 36.80 65.24
N GLN E 146 85.69 36.26 65.13
CA GLN E 146 85.22 35.28 66.10
C GLN E 146 86.09 34.02 66.07
N LEU E 147 86.44 33.54 64.89
CA LEU E 147 87.23 32.33 64.77
C LEU E 147 88.70 32.57 65.07
N ASP E 148 89.22 33.74 64.71
CA ASP E 148 90.66 33.98 64.80
C ASP E 148 91.12 34.10 66.25
N PHE E 149 90.40 34.88 67.06
CA PHE E 149 90.83 35.20 68.41
C PHE E 149 90.21 34.29 69.47
N ASP E 150 89.42 33.30 69.07
CA ASP E 150 88.85 32.38 70.04
C ASP E 150 89.94 31.45 70.59
N SER E 151 89.77 31.03 71.84
CA SER E 151 90.75 30.18 72.50
C SER E 151 90.56 28.70 72.16
N ASP E 152 89.47 28.33 71.50
CA ASP E 152 89.23 26.94 71.12
C ASP E 152 89.36 26.79 69.61
N PRO E 153 90.43 26.16 69.11
CA PRO E 153 90.60 26.05 67.65
C PRO E 153 89.58 25.15 66.98
N ALA E 154 88.84 24.32 67.72
CA ALA E 154 87.93 23.35 67.13
C ALA E 154 86.47 23.73 67.31
N MET E 155 86.17 25.01 67.54
CA MET E 155 84.79 25.42 67.80
C MET E 155 83.96 25.36 66.52
N GLU E 156 84.55 25.64 65.36
CA GLU E 156 83.78 25.72 64.13
C GLU E 156 83.20 24.37 63.73
N GLY E 157 84.01 23.31 63.84
CA GLY E 157 83.51 21.98 63.52
C GLY E 157 82.39 21.55 64.45
N HIS E 158 82.54 21.81 65.74
CA HIS E 158 81.49 21.49 66.70
C HIS E 158 80.21 22.25 66.38
N VAL E 159 80.34 23.54 66.04
CA VAL E 159 79.16 24.35 65.73
C VAL E 159 78.46 23.82 64.48
N THR E 160 79.22 23.49 63.44
CA THR E 160 78.63 22.98 62.22
C THR E 160 77.93 21.65 62.45
N THR E 161 78.58 20.74 63.19
CA THR E 161 77.97 19.44 63.47
C THR E 161 76.69 19.61 64.31
N GLU E 162 76.72 20.49 65.31
CA GLU E 162 75.53 20.73 66.10
C GLU E 162 74.40 21.31 65.26
N MET E 163 74.73 22.24 64.36
CA MET E 163 73.71 22.81 63.48
C MET E 163 73.08 21.75 62.59
N VAL E 164 73.91 20.89 61.99
CA VAL E 164 73.38 19.84 61.12
C VAL E 164 72.52 18.86 61.92
N LYS E 165 73.00 18.45 63.09
CA LYS E 165 72.25 17.51 63.90
C LYS E 165 70.91 18.10 64.37
N GLY E 166 70.91 19.38 64.74
CA GLY E 166 69.68 20.03 65.11
C GLY E 166 68.71 20.15 63.96
N ALA E 167 69.21 20.47 62.77
CA ALA E 167 68.35 20.52 61.59
C ALA E 167 67.82 19.15 61.22
N ASN E 168 68.51 18.08 61.61
CA ASN E 168 68.05 16.73 61.28
C ASN E 168 66.87 16.27 62.12
N GLU E 169 66.54 16.95 63.22
CA GLU E 169 65.45 16.53 64.09
C GLU E 169 64.14 17.26 63.79
N ILE E 170 64.19 18.41 63.12
CA ILE E 170 62.98 19.16 62.83
C ILE E 170 62.08 18.36 61.89
N THR E 171 62.66 17.63 60.94
CA THR E 171 61.86 16.82 60.04
C THR E 171 61.11 15.72 60.80
N GLU E 172 61.78 15.05 61.74
CA GLU E 172 61.11 14.03 62.53
C GLU E 172 60.02 14.63 63.41
N ASP E 173 60.28 15.82 63.98
CA ASP E 173 59.25 16.50 64.77
C ASP E 173 58.03 16.83 63.92
N LEU E 174 58.27 17.33 62.70
CA LEU E 174 57.16 17.64 61.79
C LEU E 174 56.37 16.39 61.43
N LEU E 175 57.07 15.29 61.15
CA LEU E 175 56.40 14.03 60.83
C LEU E 175 55.55 13.55 62.00
N GLN E 176 56.09 13.62 63.22
CA GLN E 176 55.31 13.21 64.39
C GLN E 176 54.09 14.09 64.58
N ILE E 177 54.25 15.41 64.39
CA ILE E 177 53.12 16.33 64.54
C ILE E 177 52.04 16.02 63.51
N ASP E 178 52.45 15.80 62.25
CA ASP E 178 51.48 15.49 61.20
C ASP E 178 50.77 14.17 61.48
N LEU E 179 51.50 13.16 61.95
CA LEU E 179 50.88 11.88 62.28
C LEU E 179 49.88 12.03 63.42
N LEU E 180 50.23 12.81 64.45
CA LEU E 180 49.34 13.00 65.58
C LEU E 180 48.10 13.78 65.20
N ASN E 181 48.24 14.81 64.35
CA ASN E 181 47.12 15.68 64.05
C ASN E 181 46.06 14.98 63.22
N SER E 182 46.47 14.20 62.22
CA SER E 182 45.56 13.53 61.29
C SER E 182 45.47 12.07 61.67
N ALA E 183 44.39 11.72 62.38
CA ALA E 183 44.16 10.33 62.79
C ALA E 183 42.70 10.16 63.17
N GLY E 184 42.01 9.22 62.53
CA GLY E 184 40.65 8.90 62.88
C GLY E 184 40.57 7.96 64.07
N THR E 185 39.34 7.61 64.43
CA THR E 185 39.04 6.68 65.52
C THR E 185 39.74 7.11 66.81
N VAL E 186 39.41 8.31 67.26
CA VAL E 186 39.97 8.87 68.48
C VAL E 186 39.06 8.47 69.65
N ARG E 187 39.64 7.82 70.65
CA ARG E 187 38.88 7.28 71.78
C ARG E 187 39.34 7.95 73.06
N TYR E 188 38.37 8.47 73.83
CA TYR E 188 38.61 8.94 75.18
C TYR E 188 38.01 7.94 76.15
N PRO E 189 38.80 7.29 77.00
CA PRO E 189 38.23 6.25 77.87
C PRO E 189 37.35 6.80 78.98
N GLY E 190 36.04 6.66 78.80
CA GLY E 190 35.07 6.97 79.83
C GLY E 190 34.40 8.33 79.69
N ALA E 191 33.24 8.35 79.04
CA ALA E 191 32.32 9.49 78.98
C ALA E 191 33.04 10.83 78.94
N ALA E 192 33.99 10.97 78.02
CA ALA E 192 34.70 12.23 77.84
C ALA E 192 34.40 12.86 76.49
N THR E 193 34.66 12.16 75.39
CA THR E 193 34.27 12.57 74.04
C THR E 193 34.89 13.89 73.59
N SER E 194 35.74 14.49 74.42
CA SER E 194 36.37 15.77 74.07
C SER E 194 37.52 16.03 75.05
N ASP E 195 38.35 17.01 74.70
CA ASP E 195 39.47 17.39 75.56
C ASP E 195 39.00 18.19 76.77
N ALA E 196 37.94 19.00 76.61
CA ALA E 196 37.47 19.85 77.69
C ALA E 196 36.80 19.08 78.83
N GLU E 197 36.52 17.79 78.63
CA GLU E 197 35.88 16.96 79.65
C GLU E 197 36.82 15.90 80.21
N VAL E 198 38.14 16.14 80.14
CA VAL E 198 39.12 15.18 80.61
C VAL E 198 39.46 15.50 82.06
N ASP E 199 39.36 14.49 82.93
CA ASP E 199 39.68 14.64 84.35
C ASP E 199 40.37 13.36 84.80
N ALA E 200 40.43 13.17 86.13
CA ALA E 200 41.10 12.01 86.68
C ALA E 200 40.42 10.69 86.33
N SER E 201 39.15 10.75 85.90
CA SER E 201 38.43 9.53 85.55
C SER E 201 38.72 9.05 84.13
N THR E 202 39.42 9.85 83.32
CA THR E 202 39.72 9.50 81.93
C THR E 202 41.12 8.87 81.90
N GLU E 203 41.18 7.59 82.23
CA GLU E 203 42.43 6.84 82.24
C GLU E 203 42.28 5.57 81.44
N VAL E 204 43.41 5.06 80.94
CA VAL E 204 43.42 3.88 80.11
C VAL E 204 43.07 2.65 80.94
N THR E 205 42.18 1.81 80.40
CA THR E 205 41.76 0.59 81.07
C THR E 205 41.74 -0.56 80.08
N TYR E 206 41.54 -1.77 80.59
CA TYR E 206 41.51 -2.95 79.74
C TYR E 206 40.36 -2.90 78.76
N ASP E 207 39.18 -2.45 79.23
CA ASP E 207 38.01 -2.39 78.37
C ASP E 207 38.22 -1.43 77.21
N SER E 208 38.84 -0.28 77.48
CA SER E 208 39.10 0.69 76.42
C SER E 208 40.02 0.11 75.35
N LEU E 209 41.07 -0.59 75.78
CA LEU E 209 41.99 -1.21 74.82
C LEU E 209 41.28 -2.29 74.01
N MET E 210 40.45 -3.10 74.66
CA MET E 210 39.71 -4.13 73.94
C MET E 210 38.77 -3.53 72.91
N ARG E 211 38.06 -2.46 73.29
CA ARG E 211 37.15 -1.80 72.35
C ARG E 211 37.91 -1.14 71.22
N LEU E 212 39.08 -0.57 71.50
CA LEU E 212 39.91 -0.02 70.43
C LEU E 212 40.36 -1.09 69.46
N ARG E 213 40.76 -2.26 69.98
CA ARG E 213 41.14 -3.36 69.11
C ARG E 213 39.96 -3.82 68.27
N LEU E 214 38.77 -3.92 68.86
CA LEU E 214 37.59 -4.32 68.10
C LEU E 214 37.26 -3.30 67.02
N ASP E 215 37.38 -2.01 67.34
CA ASP E 215 37.12 -0.97 66.35
C ASP E 215 38.12 -1.05 65.20
N LEU E 216 39.39 -1.30 65.51
CA LEU E 216 40.38 -1.47 64.46
C LEU E 216 40.08 -2.70 63.61
N ASP E 217 39.59 -3.77 64.24
CA ASP E 217 39.23 -4.98 63.50
C ASP E 217 38.05 -4.71 62.57
N ASN E 218 37.09 -3.89 63.00
CA ASN E 218 35.95 -3.57 62.15
C ASN E 218 36.37 -2.81 60.90
N ALA E 219 37.48 -2.08 60.98
CA ALA E 219 38.00 -1.32 59.84
C ALA E 219 38.96 -2.13 58.98
N ARG E 220 39.13 -3.42 59.27
CA ARG E 220 40.02 -4.30 58.51
C ARG E 220 41.46 -3.79 58.52
N ALA E 221 41.91 -3.28 59.66
CA ALA E 221 43.29 -2.87 59.81
C ALA E 221 44.20 -4.09 59.80
N PRO E 222 45.32 -4.04 59.08
CA PRO E 222 46.19 -5.22 58.99
C PRO E 222 46.90 -5.50 60.31
N THR E 223 47.25 -6.77 60.50
CA THR E 223 48.02 -7.22 61.65
C THR E 223 49.30 -7.89 61.15
N LYS E 224 50.43 -7.53 61.76
CA LYS E 224 51.73 -7.96 61.25
C LYS E 224 52.61 -8.63 62.30
N ILE E 225 52.06 -9.00 63.45
CA ILE E 225 52.80 -9.72 64.48
C ILE E 225 52.04 -11.00 64.79
N LYS E 226 52.70 -12.14 64.61
CA LYS E 226 52.07 -13.43 64.83
C LYS E 226 52.10 -13.79 66.31
N MET E 227 51.31 -14.80 66.66
CA MET E 227 51.25 -15.29 68.03
C MET E 227 52.39 -16.28 68.29
N ILE E 228 52.68 -16.47 69.58
CA ILE E 228 53.71 -17.41 70.02
C ILE E 228 53.05 -18.46 70.88
N THR E 229 53.32 -19.73 70.58
CA THR E 229 52.63 -20.84 71.22
C THR E 229 53.37 -21.36 72.45
N GLY E 230 54.47 -20.74 72.84
CA GLY E 230 55.17 -21.12 74.05
C GLY E 230 56.42 -21.94 73.78
N THR E 231 57.25 -22.05 74.82
CA THR E 231 58.49 -22.80 74.74
C THR E 231 58.60 -23.79 75.90
N ARG E 232 59.77 -24.43 76.03
CA ARG E 232 59.99 -25.43 77.07
C ARG E 232 60.68 -24.86 78.31
N MET E 233 60.95 -23.56 78.34
CA MET E 233 61.62 -22.97 79.49
C MET E 233 60.62 -22.65 80.59
N ILE E 234 61.04 -22.85 81.84
CA ILE E 234 60.17 -22.61 82.99
C ILE E 234 59.91 -21.12 83.12
N ASP E 235 58.71 -20.79 83.62
CA ASP E 235 58.31 -19.40 83.88
C ASP E 235 58.23 -18.58 82.59
N THR E 236 57.50 -19.12 81.61
CA THR E 236 57.20 -18.42 80.37
C THR E 236 55.69 -18.37 80.18
N ARG E 237 55.27 -17.65 79.14
CA ARG E 237 53.86 -17.45 78.88
C ARG E 237 53.60 -17.45 77.38
N THR E 238 52.34 -17.68 77.02
CA THR E 238 51.90 -17.66 75.64
C THR E 238 51.20 -16.34 75.34
N VAL E 239 51.44 -15.80 74.15
CA VAL E 239 50.94 -14.49 73.77
C VAL E 239 50.33 -14.57 72.38
N GLY E 240 49.15 -13.99 72.21
CA GLY E 240 48.47 -13.98 70.94
C GLY E 240 48.99 -12.91 70.00
N ASN E 241 48.42 -12.89 68.79
CA ASN E 241 48.83 -11.93 67.78
C ASN E 241 48.51 -10.51 68.23
N ALA E 242 49.39 -9.57 67.87
CA ALA E 242 49.29 -8.20 68.35
C ALA E 242 49.75 -7.25 67.25
N ARG E 243 49.75 -5.95 67.58
CA ARG E 243 50.25 -4.92 66.68
C ARG E 243 50.98 -3.87 67.50
N ALA E 244 51.84 -3.11 66.85
CA ALA E 244 52.68 -2.14 67.55
C ALA E 244 51.85 -0.99 68.09
N LEU E 245 52.27 -0.46 69.24
CA LEU E 245 51.62 0.69 69.86
C LEU E 245 52.71 1.54 70.51
N TYR E 246 52.85 2.78 70.05
CA TYR E 246 53.88 3.68 70.52
C TYR E 246 53.35 4.51 71.68
N VAL E 247 54.09 4.53 72.78
CA VAL E 247 53.71 5.27 73.97
C VAL E 247 54.91 6.04 74.50
N GLY E 248 54.63 7.11 75.25
CA GLY E 248 55.67 7.90 75.86
C GLY E 248 56.20 7.28 77.13
N SER E 249 57.33 7.81 77.60
CA SER E 249 57.96 7.29 78.81
C SER E 249 57.21 7.71 80.07
N ASP E 250 56.32 8.70 79.99
CA ASP E 250 55.60 9.16 81.17
C ASP E 250 54.39 8.28 81.50
N LEU E 251 53.96 7.43 80.58
CA LEU E 251 52.83 6.54 80.81
C LEU E 251 53.25 5.16 81.32
N VAL E 252 54.55 4.94 81.52
CA VAL E 252 55.01 3.63 82.00
C VAL E 252 54.43 3.27 83.37
N PRO E 253 54.43 4.17 84.38
CA PRO E 253 53.88 3.77 85.68
C PRO E 253 52.42 3.34 85.63
N THR E 254 51.62 3.93 84.75
CA THR E 254 50.23 3.51 84.63
C THR E 254 50.13 2.10 84.08
N ILE E 255 50.88 1.80 83.01
CA ILE E 255 50.80 0.50 82.37
C ILE E 255 51.18 -0.61 83.33
N GLU E 256 52.22 -0.38 84.15
CA GLU E 256 52.65 -1.38 85.11
C GLU E 256 51.63 -1.61 86.22
N ALA E 257 50.64 -0.72 86.36
CA ALA E 257 49.69 -0.84 87.46
C ALA E 257 48.26 -0.96 86.95
N MET E 258 48.05 -1.78 85.93
CA MET E 258 46.73 -1.99 85.35
C MET E 258 46.32 -3.44 85.55
N LYS E 259 45.09 -3.64 86.03
CA LYS E 259 44.52 -4.97 86.25
C LYS E 259 43.40 -5.22 85.27
N ASP E 260 43.29 -6.45 84.80
CA ASP E 260 42.28 -6.83 83.83
C ASP E 260 40.99 -7.21 84.56
N ASN E 261 40.03 -7.79 83.83
CA ASN E 261 38.72 -8.12 84.41
C ASN E 261 38.83 -9.20 85.46
N HIS E 262 39.72 -10.17 85.28
CA HIS E 262 39.82 -11.32 86.17
C HIS E 262 40.77 -11.08 87.35
N GLY E 263 41.11 -9.83 87.64
CA GLY E 263 41.97 -9.52 88.76
C GLY E 263 43.39 -10.04 88.64
N ASN E 264 43.99 -9.89 87.47
CA ASN E 264 45.36 -10.31 87.22
C ASN E 264 46.14 -9.16 86.59
N PRO E 265 47.47 -9.14 86.77
CA PRO E 265 48.27 -8.10 86.13
C PRO E 265 48.20 -8.20 84.61
N ALA E 266 47.76 -7.11 83.97
CA ALA E 266 47.54 -7.12 82.54
C ALA E 266 48.83 -6.98 81.73
N PHE E 267 49.91 -6.48 82.34
CA PHE E 267 51.15 -6.23 81.62
C PHE E 267 52.05 -7.45 81.67
N ILE E 268 52.50 -7.90 80.50
CA ILE E 268 53.40 -9.03 80.36
C ILE E 268 54.78 -8.49 79.97
N PRO E 269 55.78 -8.62 80.83
CA PRO E 269 57.13 -8.15 80.47
C PRO E 269 57.71 -8.93 79.30
N ILE E 270 58.67 -8.30 78.63
CA ILE E 270 59.24 -8.86 77.41
C ILE E 270 59.99 -10.16 77.71
N GLU E 271 60.72 -10.21 78.82
CA GLU E 271 61.57 -11.36 79.10
C GLU E 271 60.79 -12.65 79.27
N LYS E 272 59.50 -12.58 79.59
CA LYS E 272 58.71 -13.79 79.79
C LYS E 272 58.34 -14.49 78.49
N TYR E 273 58.56 -13.86 77.34
CA TYR E 273 58.22 -14.49 76.07
C TYR E 273 59.26 -14.27 74.99
N ALA E 274 60.47 -13.80 75.34
CA ALA E 274 61.49 -13.53 74.35
C ALA E 274 62.09 -14.78 73.73
N ALA E 275 61.81 -15.97 74.30
CA ALA E 275 62.41 -17.19 73.78
C ALA E 275 61.85 -17.55 72.40
N GLY E 276 60.53 -17.44 72.23
CA GLY E 276 59.91 -17.80 70.96
C GLY E 276 60.19 -16.82 69.83
N GLY E 277 59.67 -15.61 69.94
CA GLY E 277 59.91 -14.57 68.97
C GLY E 277 59.46 -13.22 69.49
N ALA E 278 60.35 -12.24 69.47
CA ALA E 278 60.13 -10.99 70.20
C ALA E 278 61.15 -9.92 69.81
N THR E 279 61.22 -8.87 70.63
CA THR E 279 62.29 -7.87 70.60
C THR E 279 62.34 -7.05 69.32
N MET E 280 61.29 -6.25 69.08
CA MET E 280 61.45 -5.11 68.20
C MET E 280 62.38 -4.08 68.87
N HIS E 281 62.62 -2.97 68.17
CA HIS E 281 63.62 -2.01 68.63
C HIS E 281 63.29 -1.48 70.03
N GLY E 282 62.14 -0.81 70.17
CA GLY E 282 61.77 -0.20 71.43
C GLY E 282 60.75 -0.99 72.24
N GLU E 283 60.56 -2.26 71.91
CA GLU E 283 59.57 -3.08 72.59
C GLU E 283 59.94 -3.26 74.05
N VAL E 284 58.93 -3.20 74.93
CA VAL E 284 59.15 -3.34 76.36
C VAL E 284 58.22 -4.42 76.91
N GLY E 285 57.21 -4.80 76.14
CA GLY E 285 56.30 -5.84 76.57
C GLY E 285 55.00 -5.77 75.78
N GLN E 286 54.05 -6.59 76.24
CA GLN E 286 52.72 -6.68 75.64
C GLN E 286 51.67 -6.43 76.71
N LEU E 287 50.77 -5.48 76.48
CA LEU E 287 49.76 -5.13 77.46
C LEU E 287 48.46 -5.91 77.23
N GLY E 288 47.79 -5.67 76.11
CA GLY E 288 46.61 -6.44 75.75
C GLY E 288 46.88 -7.28 74.52
N ARG E 289 46.38 -6.84 73.39
CA ARG E 289 46.75 -7.36 72.08
C ARG E 289 47.60 -6.34 71.34
N PHE E 290 48.45 -5.64 72.09
CA PHE E 290 49.35 -4.64 71.53
C PHE E 290 50.74 -4.82 72.11
N ARG E 291 51.74 -4.48 71.31
CA ARG E 291 53.14 -4.48 71.74
C ARG E 291 53.54 -3.04 72.06
N VAL E 292 53.82 -2.76 73.33
CA VAL E 292 54.10 -1.41 73.77
C VAL E 292 55.56 -1.07 73.45
N ILE E 293 55.76 0.05 72.76
CA ILE E 293 57.10 0.53 72.40
C ILE E 293 57.24 1.94 72.97
N VAL E 294 58.27 2.13 73.79
CA VAL E 294 58.49 3.41 74.46
C VAL E 294 59.32 4.31 73.55
N ASN E 295 58.76 5.45 73.17
CA ASN E 295 59.46 6.42 72.35
C ASN E 295 59.88 7.59 73.22
N PRO E 296 61.18 7.84 73.40
CA PRO E 296 61.61 8.95 74.28
C PRO E 296 61.20 10.33 73.78
N GLN E 297 60.88 10.47 72.50
CA GLN E 297 60.57 11.77 71.91
C GLN E 297 59.09 11.89 71.54
N MET E 298 58.22 11.34 72.39
CA MET E 298 56.78 11.45 72.16
C MET E 298 56.25 12.78 72.69
N MET E 299 55.43 13.45 71.89
CA MET E 299 54.84 14.71 72.27
C MET E 299 53.54 14.48 73.05
N HIS E 300 53.06 15.54 73.70
CA HIS E 300 51.83 15.47 74.47
C HIS E 300 51.22 16.85 74.55
N TRP E 301 49.90 16.87 74.81
CA TRP E 301 49.17 18.11 74.99
C TRP E 301 49.18 18.49 76.48
N ALA E 302 49.72 19.66 76.78
CA ALA E 302 49.90 20.12 78.15
C ALA E 302 48.92 21.24 78.46
N GLY E 303 48.24 21.13 79.60
CA GLY E 303 47.37 22.17 80.09
C GLY E 303 45.94 22.12 79.59
N VAL E 304 45.60 21.17 78.74
CA VAL E 304 44.24 21.06 78.19
C VAL E 304 43.46 20.06 79.01
N GLY E 305 42.26 20.45 79.44
CA GLY E 305 41.40 19.61 80.24
C GLY E 305 40.74 20.41 81.33
N LYS E 306 40.05 19.71 82.22
CA LYS E 306 39.34 20.35 83.32
C LYS E 306 40.33 20.77 84.41
N ALA E 307 39.84 21.60 85.33
CA ALA E 307 40.65 22.05 86.45
C ALA E 307 40.97 20.89 87.38
N VAL E 308 42.17 20.94 87.99
CA VAL E 308 42.62 19.85 88.83
C VAL E 308 41.84 19.87 90.15
N ASP E 309 41.28 18.73 90.52
CA ASP E 309 40.59 18.59 91.79
C ASP E 309 41.61 18.39 92.91
N PRO E 310 41.66 19.27 93.92
CA PRO E 310 42.69 19.14 94.96
C PRO E 310 42.62 17.83 95.73
N ASN E 311 41.42 17.29 95.95
CA ASN E 311 41.24 16.08 96.76
C ASN E 311 40.99 14.89 95.83
N ASP E 312 42.08 14.28 95.39
CA ASP E 312 42.02 13.05 94.61
C ASP E 312 43.11 12.09 95.11
N GLN E 313 42.88 10.80 94.90
CA GLN E 313 43.80 9.79 95.39
C GLN E 313 45.01 9.59 94.51
N VAL E 314 45.06 10.23 93.34
CA VAL E 314 46.16 10.03 92.39
C VAL E 314 46.81 11.37 92.10
N PRO E 315 48.14 11.44 92.01
CA PRO E 315 48.79 12.74 91.77
C PRO E 315 48.36 13.41 90.47
N MET E 316 48.09 12.65 89.40
CA MET E 316 47.41 13.19 88.22
C MET E 316 48.19 14.34 87.56
N HIS E 317 49.27 13.95 86.86
CA HIS E 317 50.13 14.87 86.13
C HIS E 317 49.36 16.04 85.52
N GLU E 318 49.86 17.26 85.78
CA GLU E 318 49.15 18.48 85.41
C GLU E 318 50.16 19.51 84.91
N SER E 319 49.64 20.59 84.33
CA SER E 319 50.48 21.68 83.84
C SER E 319 49.62 22.94 83.77
N GLY E 320 50.06 23.99 84.47
CA GLY E 320 49.32 25.24 84.48
C GLY E 320 47.97 25.17 85.15
N GLY E 321 47.85 24.36 86.20
CA GLY E 321 46.60 24.24 86.94
C GLY E 321 45.54 23.39 86.29
N LYS E 322 45.83 22.75 85.17
CA LYS E 322 44.87 21.90 84.47
C LYS E 322 45.54 20.58 84.10
N TYR E 323 44.69 19.59 83.80
CA TYR E 323 45.18 18.26 83.52
C TYR E 323 45.92 18.22 82.19
N SER E 324 46.68 17.14 81.98
CA SER E 324 47.43 16.93 80.75
C SER E 324 46.94 15.66 80.07
N VAL E 325 47.05 15.64 78.75
CA VAL E 325 46.58 14.53 77.93
C VAL E 325 47.79 13.90 77.23
N PHE E 326 47.93 12.59 77.40
CA PHE E 326 49.04 11.85 76.81
C PHE E 326 48.52 10.90 75.74
N PRO E 327 49.16 10.86 74.56
CA PRO E 327 48.66 10.01 73.48
C PRO E 327 49.34 8.65 73.41
N MET E 328 48.58 7.65 72.96
CA MET E 328 49.11 6.35 72.55
C MET E 328 48.66 6.12 71.13
N LEU E 329 49.62 5.93 70.22
CA LEU E 329 49.37 5.94 68.79
C LEU E 329 49.66 4.56 68.21
N CYS E 330 48.72 4.04 67.43
CA CYS E 330 48.89 2.81 66.66
C CYS E 330 48.72 3.19 65.20
N VAL E 331 49.83 3.25 64.46
CA VAL E 331 49.84 3.67 63.07
C VAL E 331 50.51 2.58 62.24
N ALA E 332 49.94 2.30 61.07
CA ALA E 332 50.46 1.31 60.15
C ALA E 332 50.89 2.00 58.86
N SER E 333 51.80 1.35 58.14
CA SER E 333 52.28 1.88 56.87
C SER E 333 51.18 1.78 55.82
N GLU E 334 51.53 2.19 54.59
CA GLU E 334 50.61 2.25 53.44
C GLU E 334 49.29 2.94 53.79
N ALA E 335 49.34 3.83 54.79
CA ALA E 335 48.17 4.61 55.19
C ALA E 335 48.48 6.10 55.26
N PHE E 336 49.58 6.54 54.65
CA PHE E 336 49.97 7.94 54.58
C PHE E 336 51.21 8.03 53.69
N THR E 337 51.57 9.24 53.32
CA THR E 337 52.79 9.44 52.54
C THR E 337 53.29 10.87 52.73
N THR E 338 54.62 11.00 52.67
CA THR E 338 55.29 12.28 52.69
C THR E 338 55.67 12.68 51.27
N VAL E 339 55.70 13.98 51.02
CA VAL E 339 55.91 14.54 49.69
C VAL E 339 57.14 15.43 49.74
N GLY E 340 58.08 15.20 48.81
CA GLY E 340 59.24 16.04 48.64
C GLY E 340 59.15 16.85 47.35
N PHE E 341 60.16 17.69 47.16
CA PHE E 341 60.20 18.54 45.98
C PHE E 341 61.64 18.93 45.71
N ALA E 342 61.94 19.15 44.43
CA ALA E 342 63.27 19.56 43.97
C ALA E 342 64.35 18.59 44.44
N THR E 343 64.08 17.29 44.29
CA THR E 343 65.02 16.24 44.66
C THR E 343 65.28 15.39 43.41
N ASP E 344 66.25 15.82 42.61
CA ASP E 344 66.59 15.07 41.40
C ASP E 344 67.15 13.69 41.75
N GLY E 345 68.03 13.63 42.75
CA GLY E 345 68.59 12.37 43.21
C GLY E 345 67.82 11.70 44.33
N LYS E 346 66.79 12.35 44.86
CA LYS E 346 65.90 11.86 45.91
C LYS E 346 66.60 11.75 47.27
N ASN E 347 67.89 12.05 47.35
CA ASN E 347 68.62 11.98 48.61
C ASN E 347 69.04 13.32 49.17
N VAL E 348 69.13 14.36 48.33
CA VAL E 348 69.56 15.69 48.78
C VAL E 348 68.28 16.43 49.18
N LYS E 349 67.83 16.18 50.41
CA LYS E 349 66.66 16.88 50.93
C LYS E 349 67.01 18.30 51.34
N PHE E 350 68.20 18.51 51.90
CA PHE E 350 68.61 19.80 52.42
C PHE E 350 69.42 20.56 51.37
N LYS E 351 69.09 21.84 51.19
CA LYS E 351 69.86 22.74 50.37
C LYS E 351 70.65 23.65 51.30
N ILE E 352 71.98 23.63 51.16
CA ILE E 352 72.88 24.32 52.07
C ILE E 352 73.68 25.33 51.26
N ILE E 353 73.68 26.59 51.73
CA ILE E 353 74.44 27.66 51.09
C ILE E 353 75.34 28.28 52.15
N THR E 354 76.65 28.27 51.92
CA THR E 354 77.62 28.78 52.86
C THR E 354 78.51 29.81 52.18
N LYS E 355 78.73 30.93 52.88
CA LYS E 355 79.62 32.00 52.41
C LYS E 355 80.56 32.37 53.54
N ARG E 356 81.87 32.38 53.24
CA ARG E 356 82.91 32.67 54.21
C ARG E 356 83.41 34.11 54.04
N PRO E 357 83.92 34.71 55.11
CA PRO E 357 84.45 36.08 55.00
C PRO E 357 85.65 36.14 54.08
N GLY E 358 85.80 37.28 53.39
CA GLY E 358 86.87 37.45 52.44
C GLY E 358 86.40 38.17 51.18
N GLU E 359 86.99 37.82 50.04
CA GLU E 359 86.58 38.43 48.78
C GLU E 359 85.22 37.93 48.30
N ALA E 360 84.67 36.88 48.91
CA ALA E 360 83.38 36.36 48.48
C ALA E 360 82.22 37.25 48.91
N THR E 361 82.38 38.03 49.98
CA THR E 361 81.34 38.91 50.50
C THR E 361 81.80 40.36 50.48
N ALA E 362 82.63 40.73 49.50
CA ALA E 362 83.14 42.09 49.42
C ALA E 362 82.03 43.11 49.20
N ASP E 363 81.37 43.03 48.04
CA ASP E 363 80.25 43.90 47.66
C ASP E 363 80.60 45.39 47.82
N ARG E 364 79.58 46.25 47.87
CA ARG E 364 79.79 47.68 48.03
C ARG E 364 79.38 48.21 49.40
N SER E 365 78.54 47.49 50.14
CA SER E 365 78.08 47.94 51.45
C SER E 365 79.10 47.68 52.56
N ASP E 366 80.13 46.90 52.29
CA ASP E 366 81.17 46.59 53.26
C ASP E 366 82.44 46.19 52.52
N PRO E 367 83.27 47.15 52.12
CA PRO E 367 84.36 46.82 51.18
C PRO E 367 85.50 46.03 51.79
N TYR E 368 85.30 45.52 53.01
CA TYR E 368 86.31 44.72 53.67
C TYR E 368 85.93 43.25 53.83
N GLY E 369 84.64 42.92 53.75
CA GLY E 369 84.21 41.52 53.80
C GLY E 369 84.56 40.81 55.09
N GLU E 370 83.91 41.19 56.19
CA GLU E 370 84.25 40.68 57.51
C GLU E 370 83.13 39.83 58.12
N MET E 371 82.23 39.32 57.29
CA MET E 371 81.11 38.52 57.80
C MET E 371 80.90 37.30 56.89
N GLY E 372 80.26 36.28 57.47
CA GLY E 372 79.90 35.09 56.73
C GLY E 372 78.64 34.47 57.31
N PHE E 373 78.11 33.48 56.60
CA PHE E 373 76.85 32.87 57.03
C PHE E 373 76.71 31.49 56.39
N MET E 374 75.74 30.74 56.91
CA MET E 374 75.37 29.43 56.37
C MET E 374 73.87 29.24 56.56
N SER E 375 73.19 28.80 55.51
CA SER E 375 71.74 28.68 55.49
C SER E 375 71.33 27.30 54.99
N ILE E 376 70.25 26.77 55.55
CA ILE E 376 69.68 25.49 55.17
C ILE E 376 68.21 25.69 54.84
N LYS E 377 67.75 25.05 53.76
CA LYS E 377 66.38 25.22 53.29
C LYS E 377 65.91 23.93 52.64
N TRP E 378 64.64 23.58 52.86
CA TRP E 378 64.10 22.35 52.31
C TRP E 378 62.58 22.45 52.18
N TYR E 379 61.99 21.41 51.60
CA TYR E 379 60.56 21.29 51.38
C TYR E 379 60.02 20.08 52.14
N TYR E 380 58.72 20.08 52.39
CA TYR E 380 58.09 18.97 53.10
C TYR E 380 56.58 19.05 52.89
N GLY E 381 55.95 17.88 52.68
CA GLY E 381 54.51 17.85 52.55
C GLY E 381 53.94 16.53 52.99
N PHE E 382 52.61 16.47 53.10
CA PHE E 382 51.94 15.31 53.64
C PHE E 382 50.64 15.04 52.90
N MET E 383 50.29 13.75 52.80
CA MET E 383 48.98 13.37 52.26
C MET E 383 48.65 11.99 52.76
N VAL E 384 47.46 11.83 53.33
CA VAL E 384 47.10 10.63 54.08
C VAL E 384 45.93 9.92 53.39
N PHE E 385 46.09 8.62 53.15
CA PHE E 385 45.00 7.74 52.76
C PHE E 385 44.52 6.95 53.96
N ARG E 386 43.27 6.50 53.90
CA ARG E 386 42.68 5.64 54.93
C ARG E 386 42.87 6.23 56.32
N PRO E 387 42.17 7.32 56.67
CA PRO E 387 42.34 7.89 58.02
C PRO E 387 41.85 6.99 59.14
N GLU E 388 41.17 5.89 58.83
CA GLU E 388 40.64 4.98 59.83
C GLU E 388 41.63 3.91 60.27
N TRP E 389 42.79 3.81 59.61
CA TRP E 389 43.80 2.83 59.97
C TRP E 389 44.84 3.37 60.95
N ILE E 390 44.69 4.62 61.38
CA ILE E 390 45.56 5.22 62.39
C ILE E 390 44.71 5.47 63.63
N ALA E 391 45.07 4.85 64.75
CA ALA E 391 44.29 4.93 65.97
C ALA E 391 45.05 5.72 67.04
N LEU E 392 44.33 6.53 67.79
CA LEU E 392 44.89 7.34 68.85
C LEU E 392 44.05 7.20 70.11
N LEU E 393 44.72 6.98 71.25
CA LEU E 393 44.05 6.88 72.54
C LEU E 393 44.63 7.94 73.46
N LYS E 394 43.77 8.82 73.97
CA LYS E 394 44.19 9.96 74.77
C LYS E 394 43.86 9.68 76.24
N THR E 395 44.89 9.61 77.08
CA THR E 395 44.71 9.27 78.49
C THR E 395 45.37 10.30 79.39
N VAL E 396 45.44 9.99 80.69
CA VAL E 396 46.18 10.81 81.64
C VAL E 396 47.37 10.01 82.13
N ALA E 397 48.22 10.61 82.96
CA ALA E 397 49.49 10.01 83.34
C ALA E 397 49.51 9.61 84.81
N ARG E 398 50.56 8.87 85.21
CA ARG E 398 51.08 8.81 86.61
C ARG E 398 50.01 8.33 87.61
N LEU E 399 49.61 7.07 87.43
CA LEU E 399 48.72 6.44 88.39
C LEU E 399 49.48 6.11 89.68
N MET F 1 51.85 35.85 60.77
CA MET F 1 52.24 36.89 59.83
C MET F 1 52.65 36.30 58.48
N ALA F 2 52.50 37.08 57.42
CA ALA F 2 52.90 36.61 56.10
C ALA F 2 54.40 36.40 56.00
N GLY F 3 55.18 37.29 56.61
CA GLY F 3 56.62 37.19 56.60
C GLY F 3 57.28 38.54 56.70
N PRO F 4 58.49 38.67 56.17
CA PRO F 4 59.19 39.96 56.20
C PRO F 4 58.60 40.93 55.19
N VAL F 5 58.92 42.21 55.40
CA VAL F 5 58.52 43.24 54.45
C VAL F 5 59.24 42.99 53.12
N ASP F 6 58.55 43.31 52.01
CA ASP F 6 59.06 42.95 50.70
C ASP F 6 60.16 43.92 50.25
N ASN F 7 59.80 45.20 50.08
CA ASN F 7 60.69 46.31 49.75
C ASN F 7 61.29 46.20 48.35
N ILE F 8 61.06 45.11 47.62
CA ILE F 8 61.58 44.97 46.27
C ILE F 8 60.44 44.68 45.31
N LYS F 9 59.40 44.00 45.83
CA LYS F 9 58.20 43.63 45.09
C LYS F 9 58.51 43.09 43.70
N PRO F 10 59.07 41.89 43.57
CA PRO F 10 59.32 41.30 42.25
C PRO F 10 58.07 40.59 41.74
N MET F 11 58.21 39.94 40.59
CA MET F 11 57.13 39.14 40.02
C MET F 11 57.04 37.84 40.80
N LYS F 12 56.05 37.75 41.69
CA LYS F 12 55.91 36.61 42.58
C LYS F 12 54.79 35.68 42.11
N TYR F 13 54.86 34.44 42.57
CA TYR F 13 53.84 33.44 42.25
C TYR F 13 52.56 33.66 43.05
N ASN F 14 52.68 34.18 44.26
CA ASN F 14 51.55 34.45 45.15
C ASN F 14 50.85 33.13 45.47
N ASP F 15 49.53 33.18 45.69
CA ASP F 15 48.74 32.00 46.05
C ASP F 15 47.50 31.97 45.17
N PRO F 16 47.66 31.58 43.89
CA PRO F 16 46.52 31.65 42.96
C PRO F 16 45.34 30.77 43.34
N ALA F 17 45.57 29.71 44.12
CA ALA F 17 44.46 28.86 44.54
C ALA F 17 43.51 29.59 45.46
N ASN F 18 44.04 30.21 46.51
CA ASN F 18 43.21 30.91 47.49
C ASN F 18 43.26 32.42 47.26
N GLY F 19 42.50 32.85 46.26
CA GLY F 19 42.28 34.27 46.06
C GLY F 19 43.27 34.98 45.16
N VAL F 20 44.29 35.63 45.77
CA VAL F 20 45.19 36.49 45.02
C VAL F 20 45.89 35.72 43.91
N GLU F 21 45.92 36.31 42.72
CA GLU F 21 46.49 35.69 41.54
C GLU F 21 47.96 36.04 41.38
N SER F 22 48.62 35.32 40.49
CA SER F 22 50.05 35.52 40.24
C SER F 22 50.27 36.81 39.46
N SER F 23 51.54 37.25 39.44
CA SER F 23 51.89 38.47 38.74
C SER F 23 51.72 38.37 37.23
N ILE F 24 51.90 37.18 36.65
CA ILE F 24 51.81 37.02 35.21
C ILE F 24 50.38 36.89 34.71
N GLY F 25 49.43 36.54 35.58
CA GLY F 25 48.04 36.45 35.19
C GLY F 25 47.38 35.14 35.58
N PRO F 26 46.38 34.74 34.80
CA PRO F 26 45.62 33.52 35.13
C PRO F 26 46.47 32.27 35.00
N GLN F 27 46.06 31.24 35.74
CA GLN F 27 46.70 29.93 35.73
C GLN F 27 45.77 28.90 35.14
N ILE F 28 46.35 27.80 34.66
CA ILE F 28 45.59 26.71 34.06
C ILE F 28 45.34 25.63 35.11
N HIS F 29 46.40 25.09 35.69
CA HIS F 29 46.30 24.03 36.69
C HIS F 29 46.79 24.52 38.04
N THR F 30 46.25 23.92 39.10
CA THR F 30 46.58 24.31 40.46
C THR F 30 46.98 23.08 41.27
N ARG F 31 46.38 21.93 40.95
CA ARG F 31 46.60 20.70 41.70
C ARG F 31 47.02 19.59 40.76
N TYR F 32 47.74 18.61 41.31
CA TYR F 32 48.17 17.43 40.58
C TYR F 32 47.23 16.28 40.89
N TRP F 33 46.89 15.52 39.86
CA TRP F 33 45.91 14.44 39.96
C TRP F 33 46.65 13.10 40.03
N TYR F 34 46.51 12.40 41.16
CA TYR F 34 47.03 11.05 41.27
C TYR F 34 46.16 10.12 40.43
N LYS F 35 46.75 9.52 39.40
CA LYS F 35 45.95 8.86 38.38
C LYS F 35 45.27 7.59 38.88
N ARG F 36 45.86 6.89 39.85
CA ARG F 36 45.26 5.67 40.35
C ARG F 36 44.07 5.99 41.24
N ALA F 37 43.43 4.95 41.77
CA ALA F 37 42.22 5.11 42.56
C ALA F 37 42.29 4.22 43.80
N LEU F 38 41.52 4.60 44.81
CA LEU F 38 41.44 3.86 46.07
C LEU F 38 40.19 2.98 46.02
N ILE F 39 40.39 1.67 46.05
CA ILE F 39 39.30 0.69 45.95
C ILE F 39 39.34 -0.19 47.19
N ASP F 40 38.17 -0.40 47.80
CA ASP F 40 38.08 -1.28 48.96
C ASP F 40 38.16 -2.74 48.53
N ALA F 41 38.47 -3.60 49.50
CA ALA F 41 38.62 -5.02 49.26
C ALA F 41 37.28 -5.73 49.44
N ALA F 42 37.13 -6.86 48.74
CA ALA F 42 35.91 -7.64 48.81
C ALA F 42 35.83 -8.39 50.15
N LYS F 43 34.62 -8.81 50.48
CA LYS F 43 34.36 -9.54 51.72
C LYS F 43 34.76 -11.00 51.54
N GLU F 44 34.45 -11.83 52.54
CA GLU F 44 34.73 -13.26 52.50
C GLU F 44 33.49 -14.03 52.94
N ALA F 45 33.39 -15.27 52.45
CA ALA F 45 32.23 -16.11 52.69
C ALA F 45 32.60 -17.24 53.66
N TYR F 46 31.67 -17.54 54.56
CA TYR F 46 31.86 -18.61 55.54
C TYR F 46 30.85 -19.74 55.39
N PHE F 47 29.59 -19.43 55.09
CA PHE F 47 28.56 -20.46 54.96
C PHE F 47 28.48 -21.03 53.55
N GLY F 48 29.08 -20.38 52.55
CA GLY F 48 28.91 -20.78 51.18
C GLY F 48 29.61 -22.07 50.79
N GLN F 49 30.71 -22.42 51.46
CA GLN F 49 31.51 -23.57 51.09
C GLN F 49 31.11 -24.84 51.81
N LEU F 50 30.08 -24.79 52.66
CA LEU F 50 29.61 -25.97 53.39
C LEU F 50 28.19 -26.37 52.97
N ALA F 51 27.72 -25.91 51.83
CA ALA F 51 26.39 -26.20 51.34
C ALA F 51 26.45 -26.98 50.04
N ASP F 52 25.46 -27.85 49.83
CA ASP F 52 25.35 -28.65 48.62
C ASP F 52 24.25 -28.11 47.73
N THR F 53 24.37 -28.39 46.44
CA THR F 53 23.44 -27.89 45.43
C THR F 53 22.73 -29.05 44.75
N PHE F 54 21.41 -28.95 44.64
CA PHE F 54 20.59 -29.92 43.95
C PHE F 54 19.94 -29.27 42.74
N SER F 55 20.10 -29.87 41.57
CA SER F 55 19.58 -29.31 40.32
C SER F 55 18.16 -29.81 40.12
N MET F 56 17.19 -28.92 40.32
CA MET F 56 15.80 -29.28 40.14
C MET F 56 15.48 -29.48 38.66
N PRO F 57 14.70 -30.51 38.31
CA PRO F 57 14.35 -30.71 36.89
C PRO F 57 13.47 -29.61 36.35
N LYS F 58 13.14 -29.67 35.05
CA LYS F 58 12.50 -28.56 34.36
C LYS F 58 10.99 -28.56 34.52
N HIS F 59 10.32 -29.67 34.20
CA HIS F 59 8.87 -29.71 34.03
C HIS F 59 8.17 -30.35 35.22
N TYR F 60 8.63 -30.11 36.44
CA TYR F 60 8.06 -30.75 37.62
C TYR F 60 7.70 -29.72 38.69
N GLY F 61 7.10 -28.60 38.27
CA GLY F 61 6.60 -27.64 39.23
C GLY F 61 7.71 -26.87 39.93
N LYS F 62 7.41 -26.40 41.14
CA LYS F 62 8.33 -25.61 41.94
C LYS F 62 8.46 -26.14 43.36
N GLU F 63 8.25 -27.44 43.55
CA GLU F 63 8.34 -28.05 44.87
C GLU F 63 9.09 -29.37 44.76
N ILE F 64 9.75 -29.75 45.86
CA ILE F 64 10.47 -31.01 45.95
C ILE F 64 9.93 -31.76 47.17
N VAL F 65 9.68 -33.05 47.02
CA VAL F 65 9.10 -33.88 48.07
C VAL F 65 9.99 -35.09 48.30
N ARG F 66 10.20 -35.43 49.57
CA ARG F 66 10.99 -36.59 49.96
C ARG F 66 10.26 -37.38 51.03
N LEU F 67 10.55 -38.68 51.10
CA LEU F 67 9.89 -39.59 52.03
C LEU F 67 10.80 -39.94 53.20
N HIS F 68 10.18 -40.26 54.33
CA HIS F 68 10.87 -40.60 55.56
C HIS F 68 10.16 -41.77 56.22
N TYR F 69 10.94 -42.72 56.71
CA TYR F 69 10.41 -43.96 57.28
C TYR F 69 10.64 -43.98 58.78
N ILE F 70 9.59 -44.30 59.54
CA ILE F 70 9.63 -44.32 61.00
C ILE F 70 9.98 -45.73 61.48
N PRO F 71 10.88 -45.87 62.46
CA PRO F 71 11.18 -47.20 63.00
C PRO F 71 10.01 -47.80 63.76
N LEU F 72 10.19 -49.02 64.28
CA LEU F 72 9.10 -49.70 64.97
C LEU F 72 8.88 -49.11 66.36
N LEU F 73 9.90 -49.13 67.21
CA LEU F 73 9.80 -48.64 68.58
C LEU F 73 9.99 -47.12 68.57
N ASP F 74 8.95 -46.41 68.17
CA ASP F 74 8.97 -44.96 68.13
C ASP F 74 7.57 -44.44 68.46
N ASP F 75 7.52 -43.23 69.00
CA ASP F 75 6.24 -42.61 69.35
C ASP F 75 5.53 -41.99 68.16
N ARG F 76 6.23 -41.80 67.04
CA ARG F 76 5.58 -41.33 65.82
C ARG F 76 4.96 -42.46 65.02
N ASN F 77 5.09 -43.71 65.48
CA ASN F 77 4.53 -44.86 64.78
C ASN F 77 3.17 -45.22 65.39
N VAL F 78 2.23 -44.31 65.19
CA VAL F 78 0.85 -44.54 65.61
C VAL F 78 0.13 -45.36 64.54
N ASN F 79 -0.65 -46.34 64.97
CA ASN F 79 -1.31 -47.25 64.03
C ASN F 79 -2.51 -47.87 64.73
N ASP F 80 -3.07 -48.92 64.11
CA ASP F 80 -4.24 -49.60 64.65
C ASP F 80 -4.09 -51.12 64.67
N GLN F 81 -2.98 -51.66 64.16
CA GLN F 81 -2.72 -53.10 64.26
C GLN F 81 -2.24 -53.39 65.68
N GLY F 82 -3.21 -53.49 66.59
CA GLY F 82 -2.90 -53.47 67.99
C GLY F 82 -3.37 -54.66 68.81
N ILE F 83 -3.24 -55.88 68.29
CA ILE F 83 -3.56 -57.05 69.07
C ILE F 83 -2.50 -57.24 70.15
N ASP F 84 -2.93 -57.35 71.40
CA ASP F 84 -2.03 -57.37 72.54
C ASP F 84 -1.60 -58.81 72.86
N ALA F 85 -0.97 -58.99 74.03
CA ALA F 85 -0.38 -60.28 74.37
C ALA F 85 -1.45 -61.34 74.65
N SER F 86 -2.64 -60.94 75.09
CA SER F 86 -3.71 -61.89 75.35
C SER F 86 -4.75 -61.92 74.25
N GLY F 87 -4.74 -60.94 73.35
CA GLY F 87 -5.69 -60.87 72.25
C GLY F 87 -6.79 -59.86 72.52
N ALA F 88 -6.62 -58.67 71.97
CA ALA F 88 -7.57 -57.56 72.12
C ALA F 88 -7.14 -56.43 71.21
N THR F 89 -8.10 -55.79 70.55
CA THR F 89 -7.80 -54.66 69.68
C THR F 89 -7.60 -53.42 70.54
N ILE F 90 -6.35 -53.02 70.71
CA ILE F 90 -6.01 -51.81 71.46
C ILE F 90 -5.42 -50.79 70.49
N ALA F 91 -5.51 -49.52 70.87
CA ALA F 91 -5.02 -48.43 70.03
C ALA F 91 -3.54 -48.14 70.31
N ASN F 92 -2.70 -49.18 70.23
CA ASN F 92 -1.27 -49.02 70.43
C ASN F 92 -0.56 -50.13 69.66
N GLY F 93 -0.01 -49.79 68.51
CA GLY F 93 0.65 -50.76 67.65
C GLY F 93 2.11 -50.50 67.41
N ASN F 94 2.85 -50.08 68.45
CA ASN F 94 4.28 -49.82 68.30
C ASN F 94 5.13 -50.39 69.43
N LEU F 95 4.54 -51.13 70.36
CA LEU F 95 5.27 -51.84 71.42
C LEU F 95 6.11 -50.87 72.26
N TYR F 96 5.38 -50.02 72.99
CA TYR F 96 5.94 -49.12 74.01
C TYR F 96 7.04 -48.21 73.47
N GLY F 97 7.01 -47.92 72.16
CA GLY F 97 8.08 -47.22 71.49
C GLY F 97 8.53 -45.91 72.11
N SER F 98 9.85 -45.75 72.21
CA SER F 98 10.48 -44.51 72.71
C SER F 98 10.03 -44.20 74.14
N SER F 99 9.97 -45.22 74.98
CA SER F 99 9.69 -45.07 76.40
C SER F 99 10.81 -45.72 77.20
N ARG F 100 11.37 -44.99 78.16
CA ARG F 100 12.50 -45.46 78.94
C ARG F 100 12.15 -45.69 80.40
N ASP F 101 10.88 -45.91 80.72
CA ASP F 101 10.47 -46.22 82.08
C ASP F 101 10.38 -47.73 82.25
N VAL F 102 11.03 -48.25 83.28
CA VAL F 102 11.12 -49.70 83.46
C VAL F 102 9.74 -50.29 83.71
N GLY F 103 8.93 -49.65 84.55
CA GLY F 103 7.62 -50.18 84.86
C GLY F 103 6.73 -50.26 83.65
N ASN F 104 6.76 -49.23 82.80
CA ASN F 104 6.00 -49.26 81.55
C ASN F 104 6.57 -50.30 80.59
N ILE F 105 7.90 -50.46 80.57
CA ILE F 105 8.53 -51.37 79.63
C ILE F 105 8.16 -52.82 79.95
N THR F 106 8.27 -53.22 81.22
CA THR F 106 7.93 -54.60 81.56
C THR F 106 6.44 -54.76 81.84
N ALA F 107 5.63 -54.22 80.93
CA ALA F 107 4.20 -54.50 80.88
C ALA F 107 3.67 -54.69 79.48
N LYS F 108 4.39 -54.25 78.45
CA LYS F 108 3.98 -54.43 77.06
C LYS F 108 4.91 -55.36 76.30
N MET F 109 5.79 -56.06 76.99
CA MET F 109 6.71 -56.97 76.33
C MET F 109 5.92 -58.10 75.67
N PRO F 110 6.30 -58.53 74.47
CA PRO F 110 5.57 -59.61 73.78
C PRO F 110 5.89 -60.97 74.39
N THR F 111 4.93 -61.51 75.12
CA THR F 111 5.05 -62.83 75.72
C THR F 111 4.23 -63.84 74.93
N LEU F 112 4.67 -65.09 74.96
CA LEU F 112 4.05 -66.16 74.19
C LEU F 112 3.76 -67.35 75.09
N THR F 113 2.63 -68.01 74.81
CA THR F 113 2.24 -69.22 75.52
C THR F 113 2.56 -70.44 74.66
N GLU F 114 2.21 -71.62 75.17
CA GLU F 114 2.49 -72.86 74.46
C GLU F 114 1.51 -73.12 73.32
N ILE F 115 0.44 -72.33 73.20
CA ILE F 115 -0.56 -72.52 72.16
C ILE F 115 -0.50 -71.44 71.08
N GLY F 116 0.38 -70.47 71.23
CA GLY F 116 0.49 -69.42 70.21
C GLY F 116 -0.76 -68.57 70.17
N GLY F 117 -1.35 -68.46 68.98
CA GLY F 117 -2.55 -67.68 68.77
C GLY F 117 -2.25 -66.34 68.13
N ARG F 118 -3.33 -65.61 67.84
CA ARG F 118 -3.25 -64.30 67.21
C ARG F 118 -2.97 -63.26 68.28
N VAL F 119 -1.68 -62.99 68.51
CA VAL F 119 -1.24 -62.00 69.49
C VAL F 119 -0.06 -61.21 68.94
N ASN F 120 0.14 -60.02 69.50
CA ASN F 120 1.34 -59.21 69.30
C ASN F 120 1.55 -58.85 67.83
N ARG F 121 0.60 -58.07 67.31
CA ARG F 121 0.70 -57.50 65.98
C ARG F 121 1.27 -56.09 66.06
N VAL F 122 1.87 -55.64 64.95
CA VAL F 122 2.56 -54.36 64.88
C VAL F 122 2.24 -53.70 63.54
N GLY F 123 2.77 -52.50 63.34
CA GLY F 123 2.54 -51.74 62.13
C GLY F 123 3.64 -50.72 61.90
N PHE F 124 3.54 -50.03 60.76
CA PHE F 124 4.55 -49.07 60.34
C PHE F 124 3.88 -47.90 59.63
N LYS F 125 4.60 -46.77 59.54
CA LYS F 125 4.05 -45.53 59.00
C LYS F 125 5.10 -44.83 58.13
N ARG F 126 4.72 -43.68 57.59
CA ARG F 126 5.58 -42.90 56.72
C ARG F 126 5.30 -41.41 56.92
N VAL F 127 6.28 -40.58 56.54
CA VAL F 127 6.18 -39.12 56.64
C VAL F 127 6.78 -38.54 55.36
N GLU F 128 6.43 -37.30 55.04
CA GLU F 128 6.98 -36.62 53.88
C GLU F 128 7.44 -35.21 54.25
N ILE F 129 8.44 -34.72 53.51
CA ILE F 129 9.01 -33.39 53.71
C ILE F 129 9.11 -32.70 52.36
N LYS F 130 9.18 -31.36 52.39
CA LYS F 130 9.09 -30.54 51.19
C LYS F 130 10.17 -29.47 51.18
N GLY F 131 10.43 -28.95 49.97
CA GLY F 131 11.37 -27.86 49.77
C GLY F 131 10.96 -27.02 48.58
N LYS F 132 11.42 -25.77 48.56
CA LYS F 132 10.86 -24.74 47.70
C LYS F 132 11.94 -23.95 46.99
N LEU F 133 11.50 -23.06 46.09
CA LEU F 133 12.33 -22.26 45.20
C LEU F 133 11.84 -20.81 45.18
N GLU F 134 12.63 -19.94 44.54
CA GLU F 134 12.29 -18.53 44.40
C GLU F 134 13.27 -17.89 43.41
N LYS F 135 12.98 -16.63 43.05
CA LYS F 135 13.73 -15.89 42.05
C LYS F 135 14.15 -14.53 42.59
N TYR F 136 15.27 -14.01 42.08
CA TYR F 136 15.76 -12.70 42.49
C TYR F 136 16.44 -12.02 41.31
N GLY F 137 16.60 -10.70 41.40
CA GLY F 137 17.30 -9.93 40.39
C GLY F 137 17.25 -8.43 40.56
N PHE F 138 18.14 -7.72 39.88
CA PHE F 138 18.19 -6.26 39.93
C PHE F 138 18.94 -5.73 38.72
N PHE F 139 18.74 -4.44 38.42
CA PHE F 139 19.31 -3.85 37.21
C PHE F 139 19.79 -2.43 37.49
N ARG F 140 20.45 -1.86 36.49
CA ARG F 140 20.98 -0.51 36.53
C ARG F 140 20.94 0.06 35.13
N GLU F 141 20.75 1.38 35.02
CA GLU F 141 20.72 2.03 33.72
C GLU F 141 21.48 3.35 33.77
N TYR F 142 21.95 3.78 32.59
CA TYR F 142 22.80 4.96 32.48
C TYR F 142 22.58 5.58 31.10
N THR F 143 23.24 6.72 30.88
CA THR F 143 23.18 7.46 29.62
C THR F 143 24.53 7.38 28.91
N GLN F 144 24.59 8.02 27.74
CA GLN F 144 25.78 7.94 26.89
C GLN F 144 26.79 9.05 27.18
N GLU F 145 26.33 10.29 27.36
CA GLU F 145 27.24 11.40 27.63
C GLU F 145 28.00 11.21 28.93
N GLN F 146 27.46 10.43 29.87
CA GLN F 146 28.14 10.20 31.14
C GLN F 146 29.48 9.51 30.94
N LEU F 147 29.54 8.52 30.05
CA LEU F 147 30.80 7.84 29.79
C LEU F 147 31.74 8.71 28.97
N ASP F 148 31.19 9.49 28.03
CA ASP F 148 32.04 10.25 27.11
C ASP F 148 32.69 11.45 27.79
N PHE F 149 31.92 12.19 28.59
CA PHE F 149 32.38 13.48 29.12
C PHE F 149 32.88 13.38 30.55
N ASP F 150 33.04 12.18 31.09
CA ASP F 150 33.57 12.04 32.45
C ASP F 150 35.07 12.26 32.45
N SER F 151 35.58 12.74 33.59
CA SER F 151 37.01 13.03 33.72
C SER F 151 37.84 11.79 34.02
N ASP F 152 37.21 10.67 34.38
CA ASP F 152 37.94 9.44 34.68
C ASP F 152 37.71 8.43 33.57
N PRO F 153 38.74 8.08 32.79
CA PRO F 153 38.55 7.13 31.68
C PRO F 153 38.46 5.67 32.08
N ALA F 154 38.36 5.36 33.39
CA ALA F 154 38.29 3.98 33.85
C ALA F 154 37.15 3.78 34.84
N MET F 155 36.08 4.58 34.71
CA MET F 155 34.97 4.49 35.65
C MET F 155 34.09 3.28 35.37
N GLU F 156 33.90 2.92 34.10
CA GLU F 156 32.98 1.85 33.75
C GLU F 156 33.44 0.51 34.32
N GLY F 157 34.73 0.22 34.25
CA GLY F 157 35.23 -1.03 34.80
C GLY F 157 35.03 -1.10 36.31
N HIS F 158 35.32 -0.01 37.01
CA HIS F 158 35.09 0.02 38.46
C HIS F 158 33.62 -0.19 38.79
N VAL F 159 32.73 0.46 38.03
CA VAL F 159 31.30 0.34 38.30
C VAL F 159 30.84 -1.09 38.09
N THR F 160 31.27 -1.71 36.99
CA THR F 160 30.86 -3.09 36.71
C THR F 160 31.41 -4.05 37.76
N THR F 161 32.67 -3.88 38.15
CA THR F 161 33.24 -4.75 39.17
C THR F 161 32.52 -4.59 40.50
N GLU F 162 32.18 -3.35 40.88
CA GLU F 162 31.45 -3.13 42.11
C GLU F 162 30.07 -3.78 42.05
N MET F 163 29.39 -3.67 40.89
CA MET F 163 28.07 -4.28 40.75
C MET F 163 28.14 -5.79 40.90
N VAL F 164 29.13 -6.42 40.25
CA VAL F 164 29.26 -7.87 40.33
C VAL F 164 29.62 -8.29 41.74
N LYS F 165 30.54 -7.57 42.39
CA LYS F 165 30.94 -7.93 43.75
C LYS F 165 29.78 -7.78 44.73
N GLY F 166 28.98 -6.73 44.56
CA GLY F 166 27.81 -6.57 45.42
C GLY F 166 26.77 -7.65 45.17
N ALA F 167 26.59 -8.05 43.91
CA ALA F 167 25.66 -9.14 43.61
C ALA F 167 26.15 -10.46 44.20
N ASN F 168 27.47 -10.62 44.35
CA ASN F 168 28.02 -11.86 44.88
C ASN F 168 27.77 -12.05 46.37
N GLU F 169 27.29 -11.02 47.08
CA GLU F 169 27.06 -11.12 48.51
C GLU F 169 25.60 -11.35 48.87
N ILE F 170 24.68 -11.05 47.97
CA ILE F 170 23.25 -11.25 48.24
C ILE F 170 22.95 -12.73 48.43
N THR F 171 23.64 -13.59 47.67
CA THR F 171 23.43 -15.02 47.83
C THR F 171 23.86 -15.50 49.21
N GLU F 172 25.01 -15.01 49.70
CA GLU F 172 25.45 -15.35 51.05
C GLU F 172 24.48 -14.84 52.10
N ASP F 173 23.98 -13.62 51.91
CA ASP F 173 22.99 -13.08 52.84
C ASP F 173 21.73 -13.93 52.86
N LEU F 174 21.25 -14.35 51.68
CA LEU F 174 20.07 -15.19 51.61
C LEU F 174 20.31 -16.53 52.29
N LEU F 175 21.48 -17.13 52.07
CA LEU F 175 21.80 -18.39 52.72
C LEU F 175 21.82 -18.26 54.24
N GLN F 176 22.44 -17.19 54.74
CA GLN F 176 22.48 -16.98 56.19
C GLN F 176 21.08 -16.77 56.75
N ILE F 177 20.24 -16.01 56.04
CA ILE F 177 18.87 -15.77 56.49
C ILE F 177 18.10 -17.09 56.54
N ASP F 178 18.24 -17.91 55.49
CA ASP F 178 17.53 -19.19 55.46
C ASP F 178 18.02 -20.11 56.58
N LEU F 179 19.32 -20.13 56.84
CA LEU F 179 19.85 -20.96 57.93
C LEU F 179 19.33 -20.49 59.28
N LEU F 180 19.29 -19.17 59.50
CA LEU F 180 18.83 -18.65 60.78
C LEU F 180 17.34 -18.88 60.98
N ASN F 181 16.54 -18.74 59.92
CA ASN F 181 15.09 -18.79 60.05
C ASN F 181 14.54 -20.21 60.13
N SER F 182 15.35 -21.24 59.90
CA SER F 182 14.90 -22.62 59.92
C SER F 182 15.88 -23.44 60.76
N ALA F 183 15.60 -23.57 62.05
CA ALA F 183 16.43 -24.35 62.94
C ALA F 183 15.63 -24.75 64.17
N GLY F 184 15.70 -26.02 64.54
CA GLY F 184 15.09 -26.50 65.76
C GLY F 184 15.98 -26.28 66.97
N THR F 185 15.47 -26.69 68.13
CA THR F 185 16.18 -26.60 69.40
C THR F 185 16.68 -25.18 69.66
N VAL F 186 15.73 -24.26 69.73
CA VAL F 186 16.04 -22.85 70.00
C VAL F 186 15.97 -22.64 71.51
N ARG F 187 17.03 -22.07 72.07
CA ARG F 187 17.17 -21.90 73.51
C ARG F 187 17.34 -20.44 73.88
N TYR F 188 16.68 -20.03 74.95
CA TYR F 188 16.90 -18.74 75.59
C TYR F 188 17.42 -18.99 76.99
N PRO F 189 18.63 -18.54 77.33
CA PRO F 189 19.18 -18.86 78.65
C PRO F 189 18.49 -18.10 79.77
N GLY F 190 17.64 -18.81 80.51
CA GLY F 190 17.02 -18.30 81.73
C GLY F 190 15.61 -17.79 81.54
N ALA F 191 14.64 -18.68 81.77
CA ALA F 191 13.21 -18.35 81.88
C ALA F 191 12.76 -17.23 80.94
N ALA F 192 13.12 -17.37 79.67
CA ALA F 192 12.67 -16.42 78.65
C ALA F 192 11.73 -17.07 77.64
N THR F 193 12.18 -18.14 76.96
CA THR F 193 11.35 -18.97 76.10
C THR F 193 10.72 -18.22 74.92
N SER F 194 11.05 -16.95 74.75
CA SER F 194 10.46 -16.17 73.68
C SER F 194 11.29 -14.91 73.44
N ASP F 195 11.05 -14.28 72.30
CA ASP F 195 11.73 -13.03 71.95
C ASP F 195 11.18 -11.82 72.69
N ALA F 196 9.96 -11.92 73.23
CA ALA F 196 9.31 -10.80 73.89
C ALA F 196 9.58 -10.76 75.39
N GLU F 197 10.35 -11.71 75.93
CA GLU F 197 10.67 -11.75 77.35
C GLU F 197 12.17 -11.66 77.60
N VAL F 198 12.92 -11.18 76.62
CA VAL F 198 14.36 -11.06 76.76
C VAL F 198 14.70 -9.80 77.54
N ASP F 199 15.51 -9.93 78.58
CA ASP F 199 15.94 -8.82 79.41
C ASP F 199 17.43 -8.97 79.68
N ALA F 200 17.94 -8.18 80.62
CA ALA F 200 19.38 -8.20 80.92
C ALA F 200 19.82 -9.52 81.54
N SER F 201 18.89 -10.34 82.03
CA SER F 201 19.25 -11.61 82.63
C SER F 201 19.38 -12.74 81.62
N THR F 202 19.00 -12.50 80.35
CA THR F 202 19.08 -13.54 79.31
C THR F 202 20.44 -13.47 78.63
N GLU F 203 21.47 -13.82 79.39
CA GLU F 203 22.85 -13.82 78.90
C GLU F 203 23.39 -15.24 78.90
N VAL F 204 24.32 -15.50 77.98
CA VAL F 204 24.88 -16.84 77.80
C VAL F 204 25.67 -17.24 79.04
N THR F 205 25.45 -18.46 79.51
CA THR F 205 26.13 -19.01 80.68
C THR F 205 26.68 -20.39 80.35
N TYR F 206 27.50 -20.90 81.27
CA TYR F 206 28.10 -22.23 81.09
C TYR F 206 27.03 -23.32 81.05
N ASP F 207 26.03 -23.22 81.95
CA ASP F 207 24.97 -24.22 82.00
C ASP F 207 24.17 -24.26 80.71
N SER F 208 23.91 -23.10 80.12
CA SER F 208 23.17 -23.06 78.85
C SER F 208 23.94 -23.76 77.74
N LEU F 209 25.26 -23.53 77.66
CA LEU F 209 26.06 -24.22 76.66
C LEU F 209 26.10 -25.72 76.90
N MET F 210 26.22 -26.13 78.16
CA MET F 210 26.23 -27.55 78.47
C MET F 210 24.90 -28.20 78.09
N ARG F 211 23.79 -27.53 78.38
CA ARG F 211 22.48 -28.08 78.04
C ARG F 211 22.28 -28.11 76.52
N LEU F 212 22.79 -27.12 75.81
CA LEU F 212 22.73 -27.15 74.35
C LEU F 212 23.53 -28.32 73.79
N ARG F 213 24.72 -28.56 74.34
CA ARG F 213 25.51 -29.71 73.91
C ARG F 213 24.78 -31.01 74.19
N LEU F 214 24.16 -31.13 75.37
CA LEU F 214 23.41 -32.34 75.70
C LEU F 214 22.23 -32.53 74.76
N ASP F 215 21.52 -31.46 74.43
CA ASP F 215 20.40 -31.55 73.50
C ASP F 215 20.87 -31.98 72.12
N LEU F 216 22.00 -31.44 71.66
CA LEU F 216 22.56 -31.88 70.38
C LEU F 216 22.96 -33.35 70.42
N ASP F 217 23.51 -33.80 71.56
CA ASP F 217 23.87 -35.21 71.69
C ASP F 217 22.63 -36.10 71.66
N ASN F 218 21.52 -35.63 72.24
CA ASN F 218 20.30 -36.42 72.25
C ASN F 218 19.77 -36.69 70.85
N ALA F 219 20.09 -35.81 69.90
CA ALA F 219 19.68 -35.97 68.52
C ALA F 219 20.72 -36.73 67.68
N ARG F 220 21.78 -37.24 68.32
CA ARG F 220 22.84 -37.98 67.65
C ARG F 220 23.50 -37.14 66.55
N ALA F 221 23.69 -35.86 66.83
CA ALA F 221 24.39 -34.99 65.89
C ALA F 221 25.87 -35.33 65.88
N PRO F 222 26.51 -35.34 64.72
CA PRO F 222 27.92 -35.75 64.63
C PRO F 222 28.87 -34.69 65.17
N THR F 223 30.06 -35.17 65.54
CA THR F 223 31.17 -34.31 65.96
C THR F 223 32.35 -34.53 65.02
N LYS F 224 33.07 -33.45 64.74
CA LYS F 224 34.12 -33.48 63.72
C LYS F 224 35.45 -32.89 64.18
N ILE F 225 35.59 -32.57 65.46
CA ILE F 225 36.83 -32.03 66.00
C ILE F 225 37.27 -32.94 67.16
N LYS F 226 38.50 -33.45 67.07
CA LYS F 226 39.02 -34.36 68.08
C LYS F 226 39.59 -33.58 69.27
N MET F 227 39.80 -34.30 70.36
CA MET F 227 40.35 -33.72 71.58
C MET F 227 41.87 -33.65 71.50
N ILE F 228 42.44 -32.82 72.38
CA ILE F 228 43.88 -32.59 72.43
C ILE F 228 44.39 -33.05 73.79
N THR F 229 45.45 -33.87 73.78
CA THR F 229 46.01 -34.42 75.01
C THR F 229 47.13 -33.58 75.59
N GLY F 230 47.48 -32.47 74.96
CA GLY F 230 48.51 -31.58 75.47
C GLY F 230 49.88 -31.88 74.88
N THR F 231 50.82 -30.98 75.17
CA THR F 231 52.18 -31.08 74.67
C THR F 231 53.13 -30.66 75.78
N ARG F 232 54.41 -30.54 75.44
CA ARG F 232 55.46 -30.21 76.41
C ARG F 232 55.63 -28.72 76.64
N MET F 233 55.02 -27.88 75.82
CA MET F 233 55.20 -26.45 75.95
C MET F 233 54.57 -25.93 77.24
N ILE F 234 55.24 -24.96 77.87
CA ILE F 234 54.78 -24.41 79.13
C ILE F 234 53.57 -23.51 78.89
N ASP F 235 52.66 -23.48 79.87
CA ASP F 235 51.46 -22.65 79.84
C ASP F 235 50.52 -23.05 78.70
N THR F 236 50.42 -24.35 78.45
CA THR F 236 49.44 -24.90 77.53
C THR F 236 48.35 -25.63 78.31
N ARG F 237 47.31 -26.05 77.60
CA ARG F 237 46.15 -26.65 78.23
C ARG F 237 45.62 -27.78 77.35
N THR F 238 44.86 -28.67 77.97
CA THR F 238 44.24 -29.79 77.29
C THR F 238 42.78 -29.47 76.99
N VAL F 239 42.32 -29.87 75.81
CA VAL F 239 40.99 -29.50 75.32
C VAL F 239 40.29 -30.74 74.80
N GLY F 240 39.01 -30.89 75.17
CA GLY F 240 38.21 -32.00 74.69
C GLY F 240 37.63 -31.76 73.31
N ASN F 241 36.92 -32.78 72.81
CA ASN F 241 36.31 -32.68 71.50
C ASN F 241 35.22 -31.61 71.48
N ALA F 242 35.09 -30.95 70.34
CA ALA F 242 34.17 -29.81 70.22
C ALA F 242 33.56 -29.80 68.83
N ARG F 243 32.67 -28.82 68.61
CA ARG F 243 32.03 -28.59 67.33
C ARG F 243 32.07 -27.10 67.02
N ALA F 244 32.01 -26.78 65.72
CA ALA F 244 32.08 -25.39 65.30
C ALA F 244 30.86 -24.61 65.77
N LEU F 245 31.09 -23.37 66.20
CA LEU F 245 30.01 -22.48 66.65
C LEU F 245 30.30 -21.09 66.12
N TYR F 246 29.43 -20.59 65.25
CA TYR F 246 29.61 -19.30 64.60
C TYR F 246 28.95 -18.20 65.43
N VAL F 247 29.71 -17.14 65.72
CA VAL F 247 29.22 -16.04 66.51
C VAL F 247 29.65 -14.73 65.86
N GLY F 248 28.89 -13.67 66.13
CA GLY F 248 29.23 -12.35 65.64
C GLY F 248 30.32 -11.69 66.44
N SER F 249 30.81 -10.57 65.92
CA SER F 249 31.88 -9.82 66.56
C SER F 249 31.40 -8.97 67.74
N ASP F 250 30.08 -8.78 67.88
CA ASP F 250 29.57 -7.98 68.98
C ASP F 250 29.49 -8.76 70.29
N LEU F 251 29.58 -10.09 70.23
CA LEU F 251 29.51 -10.93 71.42
C LEU F 251 30.87 -11.27 71.99
N VAL F 252 31.96 -10.79 71.37
CA VAL F 252 33.29 -11.11 71.88
C VAL F 252 33.52 -10.61 73.30
N PRO F 253 33.18 -9.36 73.66
CA PRO F 253 33.40 -8.93 75.05
C PRO F 253 32.66 -9.77 76.07
N THR F 254 31.46 -10.27 75.74
CA THR F 254 30.73 -11.13 76.67
C THR F 254 31.44 -12.46 76.85
N ILE F 255 31.85 -13.09 75.75
CA ILE F 255 32.49 -14.40 75.81
C ILE F 255 33.75 -14.34 76.66
N GLU F 256 34.54 -13.27 76.49
CA GLU F 256 35.76 -13.10 77.26
C GLU F 256 35.51 -12.81 78.74
N ALA F 257 34.27 -12.52 79.13
CA ALA F 257 33.98 -12.04 80.48
C ALA F 257 32.86 -12.87 81.12
N MET F 258 32.98 -14.20 81.05
CA MET F 258 32.09 -15.08 81.79
C MET F 258 32.89 -16.22 82.39
N LYS F 259 32.40 -16.74 83.51
CA LYS F 259 33.09 -17.78 84.27
C LYS F 259 32.29 -19.07 84.25
N ASP F 260 32.96 -20.16 84.61
CA ASP F 260 32.34 -21.47 84.67
C ASP F 260 31.78 -21.71 86.08
N ASN F 261 31.41 -22.96 86.37
CA ASN F 261 30.79 -23.27 87.66
C ASN F 261 31.73 -23.02 88.83
N HIS F 262 33.02 -23.35 88.69
CA HIS F 262 33.95 -23.30 89.81
C HIS F 262 34.74 -21.99 89.85
N GLY F 263 34.18 -20.91 89.31
CA GLY F 263 34.80 -19.61 89.42
C GLY F 263 36.12 -19.45 88.70
N ASN F 264 36.22 -19.96 87.48
CA ASN F 264 37.40 -19.82 86.66
C ASN F 264 37.02 -19.28 85.29
N PRO F 265 37.92 -18.59 84.61
CA PRO F 265 37.59 -18.09 83.26
C PRO F 265 37.26 -19.24 82.32
N ALA F 266 36.12 -19.12 81.64
CA ALA F 266 35.61 -20.17 80.77
C ALA F 266 36.15 -20.10 79.35
N PHE F 267 36.85 -19.03 78.98
CA PHE F 267 37.38 -18.88 77.63
C PHE F 267 38.83 -19.33 77.57
N ILE F 268 39.15 -20.15 76.58
CA ILE F 268 40.50 -20.63 76.34
C ILE F 268 40.99 -20.02 75.02
N PRO F 269 41.90 -19.05 75.05
CA PRO F 269 42.40 -18.48 73.80
C PRO F 269 43.12 -19.52 72.95
N ILE F 270 43.09 -19.29 71.64
CA ILE F 270 43.62 -20.27 70.68
C ILE F 270 45.11 -20.50 70.90
N GLU F 271 45.83 -19.48 71.37
CA GLU F 271 47.28 -19.60 71.53
C GLU F 271 47.68 -20.63 72.58
N LYS F 272 46.76 -21.05 73.44
CA LYS F 272 47.06 -21.97 74.52
C LYS F 272 47.02 -23.44 74.11
N TYR F 273 46.49 -23.76 72.92
CA TYR F 273 46.43 -25.15 72.50
C TYR F 273 46.75 -25.35 71.02
N ALA F 274 47.31 -24.34 70.35
CA ALA F 274 47.57 -24.44 68.92
C ALA F 274 48.72 -25.38 68.57
N ALA F 275 49.48 -25.85 69.56
CA ALA F 275 50.63 -26.69 69.28
C ALA F 275 50.20 -28.06 68.75
N GLY F 276 49.22 -28.68 69.38
CA GLY F 276 48.78 -30.01 68.99
C GLY F 276 48.05 -30.07 67.67
N GLY F 277 46.86 -29.49 67.62
CA GLY F 277 46.10 -29.41 66.38
C GLY F 277 44.92 -28.48 66.53
N ALA F 278 44.85 -27.47 65.65
CA ALA F 278 43.94 -26.36 65.82
C ALA F 278 43.85 -25.50 64.56
N THR F 279 43.30 -24.28 64.73
CA THR F 279 43.36 -23.23 63.71
C THR F 279 42.55 -23.58 62.46
N MET F 280 41.24 -23.68 62.63
CA MET F 280 40.33 -23.48 61.51
C MET F 280 40.41 -22.03 61.07
N HIS F 281 39.70 -21.65 60.01
CA HIS F 281 39.89 -20.33 59.41
C HIS F 281 39.64 -19.21 60.41
N GLY F 282 38.42 -19.13 60.93
CA GLY F 282 38.05 -18.03 61.81
C GLY F 282 38.05 -18.35 63.29
N GLU F 283 38.74 -19.43 63.68
CA GLU F 283 38.75 -19.85 65.07
C GLU F 283 39.42 -18.82 65.96
N VAL F 284 38.83 -18.57 67.12
CA VAL F 284 39.38 -17.63 68.10
C VAL F 284 39.76 -18.40 69.36
N GLY F 285 39.06 -19.49 69.63
CA GLY F 285 39.34 -20.30 70.79
C GLY F 285 38.25 -21.32 71.02
N GLN F 286 38.29 -21.92 72.21
CA GLN F 286 37.27 -22.86 72.65
C GLN F 286 36.64 -22.36 73.94
N LEU F 287 35.30 -22.29 73.95
CA LEU F 287 34.59 -21.78 75.12
C LEU F 287 34.19 -22.90 76.07
N GLY F 288 33.29 -23.77 75.63
CA GLY F 288 32.93 -24.95 76.39
C GLY F 288 33.39 -26.21 75.69
N ARG F 289 32.45 -26.90 75.05
CA ARG F 289 32.75 -27.95 74.09
C ARG F 289 32.42 -27.47 72.68
N PHE F 290 32.69 -26.21 72.42
CA PHE F 290 32.47 -25.59 71.12
C PHE F 290 33.69 -24.73 70.76
N ARG F 291 34.06 -24.76 69.48
CA ARG F 291 35.11 -23.92 68.95
C ARG F 291 34.47 -22.67 68.34
N VAL F 292 34.82 -21.51 68.88
CA VAL F 292 34.19 -20.25 68.50
C VAL F 292 34.82 -19.73 67.22
N ILE F 293 33.99 -19.43 66.23
CA ILE F 293 34.42 -18.84 64.98
C ILE F 293 33.69 -17.51 64.80
N VAL F 294 34.45 -16.43 64.65
CA VAL F 294 33.88 -15.09 64.54
C VAL F 294 33.59 -14.81 63.07
N ASN F 295 32.32 -14.56 62.76
CA ASN F 295 31.90 -14.19 61.42
C ASN F 295 31.69 -12.70 61.35
N PRO F 296 32.49 -11.95 60.58
CA PRO F 296 32.31 -10.50 60.53
C PRO F 296 30.97 -10.05 59.96
N GLN F 297 30.28 -10.90 59.21
CA GLN F 297 29.02 -10.54 58.57
C GLN F 297 27.81 -11.21 59.22
N MET F 298 27.92 -11.54 60.51
CA MET F 298 26.81 -12.15 61.22
C MET F 298 25.72 -11.11 61.50
N MET F 299 24.47 -11.56 61.42
CA MET F 299 23.31 -10.70 61.65
C MET F 299 22.79 -10.87 63.07
N HIS F 300 21.77 -10.06 63.39
CA HIS F 300 21.17 -10.07 64.72
C HIS F 300 19.79 -9.46 64.62
N TRP F 301 19.00 -9.68 65.68
CA TRP F 301 17.66 -9.09 65.79
C TRP F 301 17.77 -7.80 66.59
N ALA F 302 17.38 -6.69 65.98
CA ALA F 302 17.50 -5.37 66.58
C ALA F 302 16.13 -4.84 66.98
N GLY F 303 16.02 -4.39 68.23
CA GLY F 303 14.81 -3.77 68.71
C GLY F 303 13.78 -4.70 69.32
N VAL F 304 14.04 -6.00 69.35
CA VAL F 304 13.11 -6.98 69.91
C VAL F 304 13.53 -7.28 71.34
N GLY F 305 12.54 -7.41 72.23
CA GLY F 305 12.76 -7.68 73.62
C GLY F 305 12.00 -6.71 74.51
N LYS F 306 12.23 -6.84 75.80
CA LYS F 306 11.57 -5.98 76.77
C LYS F 306 12.19 -4.58 76.77
N ALA F 307 11.50 -3.65 77.42
CA ALA F 307 12.00 -2.29 77.51
C ALA F 307 13.27 -2.22 78.35
N VAL F 308 14.14 -1.28 78.00
CA VAL F 308 15.42 -1.15 78.70
C VAL F 308 15.19 -0.59 80.09
N ASP F 309 15.77 -1.24 81.09
CA ASP F 309 15.72 -0.76 82.47
C ASP F 309 16.96 0.07 82.75
N PRO F 310 16.83 1.36 83.04
CA PRO F 310 18.03 2.19 83.25
C PRO F 310 18.84 1.80 84.48
N ASN F 311 18.26 1.07 85.43
CA ASN F 311 18.95 0.73 86.67
C ASN F 311 19.62 -0.63 86.54
N ASP F 312 20.61 -0.69 85.65
CA ASP F 312 21.44 -1.87 85.49
C ASP F 312 22.89 -1.43 85.34
N GLN F 313 23.80 -2.32 85.74
CA GLN F 313 25.23 -2.02 85.72
C GLN F 313 25.93 -2.55 84.49
N VAL F 314 25.20 -2.85 83.42
CA VAL F 314 25.81 -3.42 82.21
C VAL F 314 25.31 -2.65 80.99
N PRO F 315 26.12 -2.55 79.93
CA PRO F 315 25.69 -1.79 78.74
C PRO F 315 24.45 -2.38 78.05
N MET F 316 24.46 -3.69 77.74
CA MET F 316 23.27 -4.38 77.26
C MET F 316 22.76 -3.77 75.96
N HIS F 317 23.50 -4.05 74.88
CA HIS F 317 23.22 -3.56 73.52
C HIS F 317 21.74 -3.40 73.24
N GLU F 318 21.34 -2.24 72.74
CA GLU F 318 19.94 -1.90 72.56
C GLU F 318 19.75 -1.16 71.24
N SER F 319 18.50 -1.10 70.79
CA SER F 319 18.15 -0.36 69.58
C SER F 319 16.67 -0.01 69.65
N GLY F 320 16.36 1.26 69.40
CA GLY F 320 14.96 1.70 69.42
C GLY F 320 14.28 1.58 70.75
N GLY F 321 15.01 1.80 71.85
CA GLY F 321 14.44 1.75 73.17
C GLY F 321 14.18 0.37 73.72
N LYS F 322 14.62 -0.68 73.03
CA LYS F 322 14.44 -2.05 73.46
C LYS F 322 15.73 -2.83 73.26
N TYR F 323 15.81 -3.99 73.89
CA TYR F 323 17.01 -4.80 73.86
C TYR F 323 17.24 -5.37 72.46
N SER F 324 18.35 -6.09 72.30
CA SER F 324 18.71 -6.72 71.04
C SER F 324 19.10 -8.17 71.30
N VAL F 325 18.93 -9.00 70.27
CA VAL F 325 19.17 -10.44 70.37
C VAL F 325 20.28 -10.79 69.39
N PHE F 326 21.30 -11.49 69.89
CA PHE F 326 22.41 -11.94 69.09
C PHE F 326 22.47 -13.46 69.06
N PRO F 327 22.72 -14.05 67.88
CA PRO F 327 22.68 -15.52 67.75
C PRO F 327 24.04 -16.19 67.87
N MET F 328 24.01 -17.44 68.35
CA MET F 328 25.13 -18.36 68.28
C MET F 328 24.61 -19.61 67.58
N LEU F 329 25.11 -19.87 66.38
CA LEU F 329 24.55 -20.90 65.51
C LEU F 329 25.56 -22.03 65.32
N CYS F 330 25.13 -23.26 65.60
CA CYS F 330 25.91 -24.45 65.35
C CYS F 330 25.14 -25.28 64.33
N VAL F 331 25.62 -25.28 63.09
CA VAL F 331 24.95 -25.96 61.98
C VAL F 331 25.89 -26.99 61.41
N ALA F 332 25.39 -28.22 61.27
CA ALA F 332 26.15 -29.31 60.67
C ALA F 332 25.74 -29.48 59.22
N SER F 333 26.70 -29.90 58.41
CA SER F 333 26.46 -30.12 56.99
C SER F 333 25.65 -31.40 56.81
N GLU F 334 25.43 -31.79 55.56
CA GLU F 334 24.69 -32.99 55.17
C GLU F 334 23.27 -33.03 55.75
N ALA F 335 22.78 -31.90 56.26
CA ALA F 335 21.43 -31.80 56.77
C ALA F 335 20.50 -30.95 55.92
N PHE F 336 21.00 -29.88 55.32
CA PHE F 336 20.21 -29.00 54.47
C PHE F 336 20.76 -29.04 53.05
N THR F 337 20.04 -28.40 52.13
CA THR F 337 20.54 -28.32 50.76
C THR F 337 19.89 -27.12 50.07
N THR F 338 20.64 -26.56 49.13
CA THR F 338 20.19 -25.49 48.26
C THR F 338 19.75 -26.07 46.93
N VAL F 339 18.96 -25.28 46.20
CA VAL F 339 18.34 -25.71 44.95
C VAL F 339 18.61 -24.64 43.89
N GLY F 340 19.19 -25.06 42.78
CA GLY F 340 19.38 -24.21 41.63
C GLY F 340 18.41 -24.58 40.51
N PHE F 341 18.50 -23.81 39.43
CA PHE F 341 17.62 -24.04 38.29
C PHE F 341 18.26 -23.43 37.05
N ALA F 342 18.04 -24.09 35.91
CA ALA F 342 18.54 -23.65 34.61
C ALA F 342 20.06 -23.47 34.63
N THR F 343 20.74 -24.48 35.18
CA THR F 343 22.20 -24.51 35.24
C THR F 343 22.67 -25.75 34.48
N ASP F 344 22.89 -25.60 33.17
CA ASP F 344 23.29 -26.73 32.35
C ASP F 344 24.66 -27.27 32.78
N GLY F 345 25.61 -26.39 33.02
CA GLY F 345 26.95 -26.77 33.42
C GLY F 345 27.27 -26.63 34.89
N LYS F 346 26.27 -26.36 35.73
CA LYS F 346 26.42 -26.19 37.17
C LYS F 346 27.37 -25.03 37.53
N ASN F 347 27.70 -24.17 36.58
CA ASN F 347 28.60 -23.05 36.79
C ASN F 347 27.95 -21.70 36.53
N VAL F 348 27.10 -21.60 35.53
CA VAL F 348 26.42 -20.34 35.20
C VAL F 348 25.21 -20.20 36.12
N LYS F 349 25.30 -19.27 37.07
CA LYS F 349 24.22 -19.00 38.00
C LYS F 349 23.50 -17.70 37.69
N PHE F 350 24.26 -16.63 37.45
CA PHE F 350 23.68 -15.32 37.16
C PHE F 350 23.48 -15.16 35.66
N LYS F 351 22.28 -14.71 35.27
CA LYS F 351 21.99 -14.34 33.90
C LYS F 351 22.08 -12.83 33.79
N ILE F 352 22.93 -12.35 32.87
CA ILE F 352 23.24 -10.94 32.74
C ILE F 352 22.85 -10.49 31.33
N ILE F 353 22.07 -9.42 31.25
CA ILE F 353 21.63 -8.84 29.99
C ILE F 353 22.10 -7.39 29.94
N THR F 354 22.90 -7.05 28.94
CA THR F 354 23.44 -5.70 28.78
C THR F 354 23.01 -5.14 27.43
N LYS F 355 22.62 -3.87 27.42
CA LYS F 355 22.28 -3.16 26.19
C LYS F 355 22.90 -1.78 26.25
N ARG F 356 23.88 -1.54 25.37
CA ARG F 356 24.59 -0.28 25.31
C ARG F 356 23.80 0.75 24.51
N PRO F 357 23.97 2.04 24.80
CA PRO F 357 23.25 3.06 24.04
C PRO F 357 23.69 3.09 22.59
N GLY F 358 22.76 3.47 21.72
CA GLY F 358 23.04 3.53 20.30
C GLY F 358 21.90 3.05 19.42
N GLU F 359 22.24 2.43 18.29
CA GLU F 359 21.22 1.93 17.38
C GLU F 359 20.48 0.72 17.94
N ALA F 360 21.06 0.02 18.91
CA ALA F 360 20.43 -1.15 19.49
C ALA F 360 19.20 -0.81 20.32
N THR F 361 19.02 0.46 20.69
CA THR F 361 17.89 0.92 21.49
C THR F 361 17.14 2.02 20.75
N ALA F 362 16.71 1.72 19.52
CA ALA F 362 15.92 2.67 18.74
C ALA F 362 14.76 3.22 19.56
N ASP F 363 13.80 2.35 19.91
CA ASP F 363 12.83 2.64 20.97
C ASP F 363 12.08 3.94 20.69
N ARG F 364 11.20 3.87 19.68
CA ARG F 364 10.57 5.03 19.06
C ARG F 364 10.10 6.08 20.05
N SER F 365 9.82 5.67 21.30
CA SER F 365 9.60 6.64 22.37
C SER F 365 10.86 7.42 22.74
N ASP F 366 11.97 7.17 22.07
CA ASP F 366 13.24 7.86 22.25
C ASP F 366 14.06 7.70 20.97
N PRO F 367 13.73 8.47 19.92
CA PRO F 367 14.27 8.16 18.58
C PRO F 367 15.77 8.36 18.44
N TYR F 368 16.50 8.69 19.51
CA TYR F 368 17.94 8.88 19.41
C TYR F 368 18.76 7.80 20.11
N GLY F 369 18.19 7.10 21.08
CA GLY F 369 18.89 6.00 21.73
C GLY F 369 20.08 6.46 22.56
N GLU F 370 19.80 7.18 23.64
CA GLU F 370 20.85 7.78 24.46
C GLU F 370 21.10 7.03 25.76
N MET F 371 20.35 5.96 26.05
CA MET F 371 20.45 5.27 27.33
C MET F 371 20.68 3.77 27.11
N GLY F 372 21.37 3.17 28.09
CA GLY F 372 21.59 1.73 28.11
C GLY F 372 21.41 1.21 29.52
N PHE F 373 21.52 -0.11 29.67
CA PHE F 373 21.28 -0.72 30.96
C PHE F 373 21.98 -2.08 31.04
N MET F 374 22.04 -2.61 32.27
CA MET F 374 22.55 -3.95 32.53
C MET F 374 21.77 -4.54 33.70
N SER F 375 21.34 -5.79 33.55
CA SER F 375 20.48 -6.45 34.52
C SER F 375 21.02 -7.83 34.84
N ILE F 376 20.84 -8.24 36.10
CA ILE F 376 21.25 -9.55 36.60
C ILE F 376 20.04 -10.23 37.23
N LYS F 377 19.87 -11.52 36.94
CA LYS F 377 18.74 -12.27 37.44
C LYS F 377 19.16 -13.72 37.69
N TRP F 378 18.62 -14.32 38.75
CA TRP F 378 18.97 -15.70 39.09
C TRP F 378 17.86 -16.33 39.92
N TYR F 379 18.03 -17.63 40.17
CA TYR F 379 17.11 -18.45 40.95
C TYR F 379 17.83 -18.97 42.19
N TYR F 380 17.04 -19.31 43.21
CA TYR F 380 17.60 -19.84 44.45
C TYR F 380 16.48 -20.51 45.25
N GLY F 381 16.80 -21.67 45.83
CA GLY F 381 15.80 -22.37 46.63
C GLY F 381 16.44 -23.11 47.79
N PHE F 382 15.59 -23.57 48.71
CA PHE F 382 16.05 -24.20 49.93
C PHE F 382 15.21 -25.44 50.24
N MET F 383 15.86 -26.44 50.86
CA MET F 383 15.15 -27.61 51.35
C MET F 383 16.01 -28.29 52.41
N VAL F 384 15.44 -28.53 53.58
CA VAL F 384 16.20 -28.89 54.77
C VAL F 384 15.73 -30.24 55.30
N PHE F 385 16.67 -31.14 55.58
CA PHE F 385 16.41 -32.38 56.30
C PHE F 385 16.91 -32.22 57.74
N ARG F 386 16.41 -33.11 58.62
CA ARG F 386 16.83 -33.21 60.02
C ARG F 386 16.91 -31.83 60.68
N PRO F 387 15.78 -31.15 60.90
CA PRO F 387 15.84 -29.81 61.49
C PRO F 387 16.33 -29.78 62.93
N GLU F 388 16.60 -30.93 63.54
CA GLU F 388 17.09 -31.00 64.91
C GLU F 388 18.62 -30.99 65.00
N TRP F 389 19.32 -30.98 63.87
CA TRP F 389 20.77 -30.94 63.86
C TRP F 389 21.33 -29.53 63.74
N ILE F 390 20.47 -28.52 63.68
CA ILE F 390 20.89 -27.13 63.65
C ILE F 390 20.47 -26.49 64.98
N ALA F 391 21.43 -26.01 65.74
CA ALA F 391 21.19 -25.44 67.06
C ALA F 391 21.40 -23.93 67.03
N LEU F 392 20.50 -23.21 67.71
CA LEU F 392 20.57 -21.76 67.77
C LEU F 392 20.39 -21.30 69.20
N LEU F 393 21.26 -20.42 69.67
CA LEU F 393 21.19 -19.83 70.99
C LEU F 393 21.05 -18.32 70.84
N LYS F 394 20.05 -17.74 71.51
CA LYS F 394 19.79 -16.31 71.44
C LYS F 394 20.15 -15.68 72.77
N THR F 395 21.01 -14.65 72.74
CA THR F 395 21.49 -14.04 73.96
C THR F 395 21.61 -12.53 73.77
N VAL F 396 22.14 -11.85 74.77
CA VAL F 396 22.39 -10.42 74.71
C VAL F 396 23.90 -10.19 74.66
N ALA F 397 24.29 -8.95 74.45
CA ALA F 397 25.68 -8.59 74.20
C ALA F 397 26.26 -7.78 75.36
N ARG F 398 27.58 -7.50 75.27
CA ARG F 398 28.25 -6.35 75.93
C ARG F 398 28.04 -6.36 77.46
N LEU F 399 28.58 -7.40 78.07
CA LEU F 399 28.59 -7.52 79.52
C LEU F 399 29.39 -6.37 80.15
N MET G 1 -75.65 -13.50 -77.87
CA MET G 1 -74.50 -14.21 -78.41
C MET G 1 -74.23 -13.80 -79.86
N ALA G 2 -75.31 -13.60 -80.61
CA ALA G 2 -75.22 -13.24 -82.04
C ALA G 2 -74.43 -14.28 -82.81
N GLY G 3 -74.62 -15.55 -82.47
CA GLY G 3 -73.92 -16.64 -83.11
C GLY G 3 -74.77 -17.89 -83.21
N PRO G 4 -74.18 -18.95 -83.75
CA PRO G 4 -74.92 -20.22 -83.86
C PRO G 4 -75.25 -20.80 -82.50
N VAL G 5 -76.34 -21.57 -82.45
CA VAL G 5 -76.75 -22.22 -81.21
C VAL G 5 -75.69 -23.24 -80.81
N ASP G 6 -75.30 -23.20 -79.54
CA ASP G 6 -74.20 -24.02 -79.02
C ASP G 6 -74.80 -25.27 -78.38
N ASN G 7 -74.84 -26.36 -79.15
CA ASN G 7 -75.27 -27.65 -78.62
C ASN G 7 -74.16 -28.36 -77.85
N ILE G 8 -72.92 -27.92 -77.99
CA ILE G 8 -71.79 -28.43 -77.22
C ILE G 8 -71.06 -27.25 -76.60
N LYS G 9 -70.84 -27.30 -75.30
CA LYS G 9 -70.25 -26.18 -74.56
C LYS G 9 -68.91 -26.59 -73.96
N PRO G 10 -67.79 -26.31 -74.64
CA PRO G 10 -66.49 -26.62 -74.06
C PRO G 10 -66.01 -25.57 -73.09
N MET G 11 -64.77 -25.70 -72.59
CA MET G 11 -64.17 -24.69 -71.73
C MET G 11 -63.67 -23.54 -72.59
N LYS G 12 -64.13 -22.32 -72.28
CA LYS G 12 -63.88 -21.16 -73.12
C LYS G 12 -63.22 -20.04 -72.31
N TYR G 13 -62.54 -19.16 -73.03
CA TYR G 13 -61.93 -17.95 -72.47
C TYR G 13 -62.91 -16.81 -72.73
N ASN G 14 -63.93 -16.74 -71.86
CA ASN G 14 -65.11 -15.92 -72.17
C ASN G 14 -64.81 -14.43 -72.26
N ASP G 15 -64.54 -13.78 -71.12
CA ASP G 15 -64.24 -12.35 -71.11
C ASP G 15 -63.67 -11.89 -69.77
N PRO G 16 -62.43 -12.24 -69.43
CA PRO G 16 -61.86 -11.73 -68.17
C PRO G 16 -61.71 -10.22 -68.13
N ALA G 17 -61.56 -9.57 -69.29
CA ALA G 17 -61.37 -8.13 -69.31
C ALA G 17 -62.60 -7.40 -68.77
N ASN G 18 -63.78 -7.78 -69.24
CA ASN G 18 -65.02 -7.24 -68.72
C ASN G 18 -65.51 -7.99 -67.49
N GLY G 19 -64.79 -9.01 -67.05
CA GLY G 19 -65.09 -9.71 -65.82
C GLY G 19 -66.29 -10.63 -65.89
N VAL G 20 -66.20 -11.70 -66.69
CA VAL G 20 -67.25 -12.71 -66.69
C VAL G 20 -66.71 -14.00 -66.09
N GLU G 21 -65.76 -14.63 -66.78
CA GLU G 21 -64.99 -15.77 -66.30
C GLU G 21 -64.03 -16.20 -67.41
N SER G 22 -63.17 -17.16 -67.08
CA SER G 22 -62.32 -17.82 -68.07
C SER G 22 -62.51 -19.34 -68.03
N SER G 23 -63.55 -19.82 -67.33
CA SER G 23 -63.91 -21.23 -67.24
C SER G 23 -62.82 -22.08 -66.59
N ILE G 24 -61.76 -21.46 -66.10
CA ILE G 24 -60.71 -22.20 -65.40
C ILE G 24 -60.38 -21.47 -64.10
N GLY G 25 -60.85 -20.24 -63.97
CA GLY G 25 -60.64 -19.45 -62.78
C GLY G 25 -59.99 -18.12 -63.05
N PRO G 26 -59.16 -17.66 -62.11
CA PRO G 26 -58.53 -16.34 -62.27
C PRO G 26 -57.49 -16.32 -63.38
N GLN G 27 -57.25 -15.13 -63.90
CA GLN G 27 -56.26 -14.88 -64.93
C GLN G 27 -55.20 -13.94 -64.39
N ILE G 28 -53.93 -14.30 -64.57
CA ILE G 28 -52.84 -13.46 -64.09
C ILE G 28 -52.73 -12.18 -64.93
N HIS G 29 -52.71 -12.32 -66.26
CA HIS G 29 -52.61 -11.19 -67.17
C HIS G 29 -53.80 -11.17 -68.12
N THR G 30 -54.34 -9.98 -68.34
CA THR G 30 -55.49 -9.78 -69.22
C THR G 30 -55.15 -8.97 -70.47
N ARG G 31 -54.29 -7.97 -70.34
CA ARG G 31 -53.95 -7.09 -71.44
C ARG G 31 -52.47 -7.19 -71.75
N TYR G 32 -52.11 -6.87 -73.00
CA TYR G 32 -50.72 -6.85 -73.43
C TYR G 32 -50.18 -5.43 -73.42
N TRP G 33 -48.95 -5.29 -72.96
CA TRP G 33 -48.31 -3.98 -72.81
C TRP G 33 -47.37 -3.73 -73.97
N TYR G 34 -47.65 -2.70 -74.76
CA TYR G 34 -46.74 -2.27 -75.82
C TYR G 34 -45.67 -1.41 -75.18
N LYS G 35 -44.43 -1.90 -75.19
CA LYS G 35 -43.39 -1.32 -74.33
C LYS G 35 -42.94 0.05 -74.82
N ARG G 36 -42.81 0.23 -76.13
CA ARG G 36 -42.31 1.50 -76.66
C ARG G 36 -43.28 2.63 -76.34
N ALA G 37 -42.73 3.75 -75.89
CA ALA G 37 -43.54 4.87 -75.42
C ALA G 37 -44.04 5.70 -76.59
N LEU G 38 -44.66 6.83 -76.30
CA LEU G 38 -45.27 7.71 -77.28
C LEU G 38 -44.87 9.16 -77.02
N ILE G 39 -43.56 9.39 -76.84
CA ILE G 39 -43.07 10.73 -76.59
C ILE G 39 -43.41 11.64 -77.77
N ASP G 40 -43.90 12.83 -77.46
CA ASP G 40 -44.31 13.77 -78.50
C ASP G 40 -43.10 14.37 -79.20
N ALA G 41 -43.32 14.78 -80.45
CA ALA G 41 -42.25 15.40 -81.23
C ALA G 41 -41.96 16.80 -80.71
N ALA G 42 -40.69 17.20 -80.84
CA ALA G 42 -40.27 18.52 -80.39
C ALA G 42 -40.81 19.61 -81.33
N LYS G 43 -40.95 20.81 -80.77
CA LYS G 43 -41.40 21.95 -81.56
C LYS G 43 -40.27 22.44 -82.46
N GLU G 44 -40.56 23.50 -83.22
CA GLU G 44 -39.60 24.08 -84.15
C GLU G 44 -39.35 25.54 -83.78
N ALA G 45 -38.08 25.92 -83.80
CA ALA G 45 -37.66 27.28 -83.42
C ALA G 45 -37.43 28.07 -84.72
N TYR G 46 -38.49 28.74 -85.18
CA TYR G 46 -38.38 29.52 -86.41
C TYR G 46 -37.41 30.69 -86.25
N PHE G 47 -37.49 31.39 -85.12
CA PHE G 47 -36.64 32.56 -84.90
C PHE G 47 -35.20 32.18 -84.55
N GLY G 48 -35.00 31.00 -83.95
CA GLY G 48 -33.67 30.58 -83.56
C GLY G 48 -32.75 30.27 -84.73
N GLN G 49 -33.32 29.99 -85.90
CA GLN G 49 -32.54 29.66 -87.08
C GLN G 49 -31.95 30.89 -87.77
N LEU G 50 -32.37 32.10 -87.40
CA LEU G 50 -31.94 33.31 -88.07
C LEU G 50 -30.62 33.86 -87.54
N ALA G 51 -30.08 33.31 -86.45
CA ALA G 51 -28.86 33.83 -85.87
C ALA G 51 -28.06 32.71 -85.24
N ASP G 52 -26.78 32.98 -85.00
CA ASP G 52 -25.87 32.03 -84.38
C ASP G 52 -25.41 32.57 -83.04
N THR G 53 -25.50 31.73 -82.01
CA THR G 53 -25.16 32.15 -80.66
C THR G 53 -23.65 32.35 -80.52
N PHE G 54 -23.27 33.35 -79.73
CA PHE G 54 -21.87 33.67 -79.45
C PHE G 54 -21.62 33.50 -77.96
N SER G 55 -20.45 32.94 -77.62
CA SER G 55 -20.12 32.62 -76.25
C SER G 55 -19.21 33.69 -75.64
N MET G 56 -19.39 33.91 -74.32
CA MET G 56 -18.60 34.90 -73.59
C MET G 56 -17.52 34.25 -72.75
N PRO G 57 -16.39 34.93 -72.54
CA PRO G 57 -15.37 34.40 -71.63
C PRO G 57 -15.78 34.52 -70.17
N LYS G 58 -14.93 34.06 -69.26
CA LYS G 58 -15.32 33.98 -67.85
C LYS G 58 -15.14 35.32 -67.14
N HIS G 59 -13.90 35.80 -67.06
CA HIS G 59 -13.55 36.90 -66.16
C HIS G 59 -13.67 38.25 -66.86
N TYR G 60 -14.88 38.53 -67.37
CA TYR G 60 -15.09 39.81 -68.05
C TYR G 60 -16.45 40.43 -67.76
N GLY G 61 -17.10 40.08 -66.65
CA GLY G 61 -18.35 40.70 -66.28
C GLY G 61 -19.55 40.08 -66.95
N LYS G 62 -20.67 40.81 -66.84
CA LYS G 62 -21.96 40.36 -67.36
C LYS G 62 -22.45 41.22 -68.52
N GLU G 63 -21.57 41.97 -69.18
CA GLU G 63 -21.96 42.83 -70.28
C GLU G 63 -20.98 42.68 -71.44
N ILE G 64 -21.46 43.01 -72.64
CA ILE G 64 -20.69 42.85 -73.86
C ILE G 64 -20.80 44.13 -74.67
N VAL G 65 -19.87 44.30 -75.61
CA VAL G 65 -19.81 45.51 -76.44
C VAL G 65 -19.22 45.14 -77.79
N ARG G 66 -19.64 45.91 -78.81
CA ARG G 66 -19.16 45.73 -80.17
C ARG G 66 -19.14 47.07 -80.87
N LEU G 67 -18.41 47.15 -81.97
CA LEU G 67 -18.18 48.40 -82.70
C LEU G 67 -18.77 48.32 -84.11
N HIS G 68 -19.35 49.43 -84.55
CA HIS G 68 -19.88 49.57 -85.90
C HIS G 68 -19.20 50.77 -86.55
N TYR G 69 -18.95 50.68 -87.87
CA TYR G 69 -17.97 51.55 -88.49
C TYR G 69 -18.55 52.58 -89.46
N ILE G 70 -19.85 52.53 -89.77
CA ILE G 70 -20.55 53.63 -90.44
C ILE G 70 -19.84 54.07 -91.72
N PRO G 71 -20.00 53.35 -92.84
CA PRO G 71 -19.26 53.69 -94.07
C PRO G 71 -19.38 55.14 -94.50
N LEU G 72 -18.50 55.55 -95.43
CA LEU G 72 -18.25 56.96 -95.69
C LEU G 72 -19.52 57.69 -96.14
N LEU G 73 -20.07 57.30 -97.29
CA LEU G 73 -21.20 58.03 -97.89
C LEU G 73 -22.49 57.63 -97.17
N ASP G 74 -22.61 58.13 -95.93
CA ASP G 74 -23.79 57.90 -95.12
C ASP G 74 -24.15 59.18 -94.38
N ASP G 75 -25.44 59.31 -94.04
CA ASP G 75 -25.89 60.49 -93.32
C ASP G 75 -25.48 60.47 -91.86
N ARG G 76 -25.13 59.30 -91.32
CA ARG G 76 -24.67 59.22 -89.94
C ARG G 76 -23.21 59.58 -89.78
N ASN G 77 -22.47 59.77 -90.88
CA ASN G 77 -21.06 60.15 -90.83
C ASN G 77 -20.97 61.66 -90.71
N VAL G 78 -21.14 62.14 -89.47
CA VAL G 78 -21.12 63.56 -89.15
C VAL G 78 -19.79 63.86 -88.47
N ASN G 79 -19.05 64.83 -89.01
CA ASN G 79 -17.73 65.18 -88.50
C ASN G 79 -17.41 66.61 -88.95
N ASP G 80 -16.16 67.01 -88.78
CA ASP G 80 -15.69 68.35 -89.11
C ASP G 80 -14.37 68.30 -89.87
N GLN G 81 -14.26 67.38 -90.83
CA GLN G 81 -13.06 67.22 -91.65
C GLN G 81 -13.35 67.49 -93.12
N GLY G 82 -14.29 68.39 -93.40
CA GLY G 82 -14.74 68.65 -94.75
C GLY G 82 -14.08 69.87 -95.38
N ILE G 83 -13.32 69.64 -96.44
CA ILE G 83 -12.72 70.70 -97.23
C ILE G 83 -13.31 70.64 -98.63
N ASP G 84 -13.83 71.77 -99.11
CA ASP G 84 -14.49 71.82 -100.41
C ASP G 84 -13.46 71.71 -101.53
N ALA G 85 -13.95 71.77 -102.77
CA ALA G 85 -13.10 71.61 -103.94
C ALA G 85 -12.19 72.81 -104.18
N SER G 86 -12.37 73.90 -103.44
CA SER G 86 -11.52 75.09 -103.53
C SER G 86 -11.14 75.56 -102.14
N GLY G 87 -10.69 74.63 -101.30
CA GLY G 87 -10.45 74.98 -99.90
C GLY G 87 -11.76 75.30 -99.21
N ALA G 88 -11.75 76.36 -98.39
CA ALA G 88 -12.96 76.91 -97.79
C ALA G 88 -13.72 75.84 -96.99
N THR G 89 -13.07 75.41 -95.90
CA THR G 89 -13.60 74.36 -95.03
C THR G 89 -15.09 74.55 -94.76
N ILE G 90 -15.82 73.43 -94.76
CA ILE G 90 -17.26 73.43 -94.68
C ILE G 90 -17.71 72.55 -93.51
N ALA G 91 -19.01 72.41 -93.36
CA ALA G 91 -19.57 71.68 -92.22
C ALA G 91 -19.52 70.17 -92.43
N ASN G 92 -20.16 69.69 -93.49
CA ASN G 92 -20.26 68.25 -93.69
C ASN G 92 -18.91 67.67 -94.12
N GLY G 93 -18.48 66.61 -93.44
CA GLY G 93 -17.27 65.91 -93.76
C GLY G 93 -17.44 64.74 -94.72
N ASN G 94 -18.64 64.54 -95.26
CA ASN G 94 -18.92 63.44 -96.17
C ASN G 94 -19.33 63.99 -97.53
N LEU G 95 -19.05 63.21 -98.57
CA LEU G 95 -19.33 63.63 -99.94
C LEU G 95 -20.83 63.59 -100.19
N TYR G 96 -21.45 64.78 -100.21
CA TYR G 96 -22.87 64.98 -100.56
C TYR G 96 -23.80 64.06 -99.76
N GLY G 97 -23.33 63.54 -98.63
CA GLY G 97 -24.18 62.73 -97.76
C GLY G 97 -24.76 61.53 -98.48
N SER G 98 -26.05 61.31 -98.29
CA SER G 98 -26.77 60.22 -98.94
C SER G 98 -27.90 60.71 -99.83
N SER G 99 -27.96 62.01 -100.10
CA SER G 99 -28.99 62.55 -100.98
C SER G 99 -28.80 62.02 -102.40
N ARG G 100 -29.91 61.62 -103.03
CA ARG G 100 -29.88 61.00 -104.34
C ARG G 100 -30.44 61.91 -105.43
N ASP G 101 -30.54 63.21 -105.17
CA ASP G 101 -30.97 64.15 -106.20
C ASP G 101 -29.79 64.55 -107.07
N VAL G 102 -30.08 64.78 -108.35
CA VAL G 102 -29.01 64.96 -109.34
C VAL G 102 -28.20 66.23 -109.06
N GLY G 103 -28.89 67.32 -108.72
CA GLY G 103 -28.18 68.59 -108.54
C GLY G 103 -27.15 68.54 -107.42
N ASN G 104 -27.55 68.02 -106.26
CA ASN G 104 -26.62 67.95 -105.13
C ASN G 104 -25.45 67.02 -105.43
N ILE G 105 -25.74 65.88 -106.07
CA ILE G 105 -24.67 64.92 -106.38
C ILE G 105 -23.67 65.55 -107.35
N THR G 106 -24.17 66.20 -108.40
CA THR G 106 -23.28 66.78 -109.41
C THR G 106 -22.63 68.08 -108.95
N ALA G 107 -23.13 68.69 -107.88
CA ALA G 107 -22.55 69.92 -107.34
C ALA G 107 -21.55 69.65 -106.22
N LYS G 108 -21.34 68.38 -105.83
CA LYS G 108 -20.44 68.05 -104.73
C LYS G 108 -19.49 66.91 -105.10
N MET G 109 -19.37 66.58 -106.38
CA MET G 109 -18.43 65.55 -106.79
C MET G 109 -17.00 66.03 -106.57
N PRO G 110 -16.08 65.14 -106.21
CA PRO G 110 -14.68 65.55 -106.06
C PRO G 110 -13.99 65.70 -107.39
N THR G 111 -13.74 66.94 -107.80
CA THR G 111 -13.08 67.24 -109.06
C THR G 111 -11.68 67.79 -108.77
N LEU G 112 -10.68 67.24 -109.44
CA LEU G 112 -9.29 67.61 -109.22
C LEU G 112 -8.77 68.45 -110.38
N THR G 113 -8.17 69.59 -110.06
CA THR G 113 -7.52 70.43 -111.04
C THR G 113 -6.15 69.82 -111.39
N GLU G 114 -5.62 70.18 -112.56
CA GLU G 114 -4.37 69.59 -113.03
C GLU G 114 -3.26 69.72 -111.99
N ILE G 115 -3.24 70.82 -111.24
CA ILE G 115 -2.17 71.03 -110.27
C ILE G 115 -2.38 70.14 -109.04
N GLY G 116 -3.49 70.31 -108.34
CA GLY G 116 -3.75 69.51 -107.15
C GLY G 116 -3.36 70.24 -105.88
N GLY G 117 -4.34 70.69 -105.10
CA GLY G 117 -4.05 71.40 -103.87
C GLY G 117 -4.53 70.70 -102.63
N ARG G 118 -4.90 71.47 -101.60
CA ARG G 118 -5.44 70.94 -100.35
C ARG G 118 -6.96 71.01 -100.41
N VAL G 119 -7.55 70.01 -101.09
CA VAL G 119 -8.99 69.97 -101.32
C VAL G 119 -9.50 68.56 -101.07
N ASN G 120 -10.80 68.45 -100.88
CA ASN G 120 -11.51 67.17 -100.79
C ASN G 120 -10.96 66.31 -99.65
N ARG G 121 -11.12 66.81 -98.43
CA ARG G 121 -10.77 66.07 -97.23
C ARG G 121 -12.02 65.40 -96.67
N VAL G 122 -11.84 64.21 -96.09
CA VAL G 122 -12.95 63.40 -95.59
C VAL G 122 -12.63 62.95 -94.17
N GLY G 123 -13.54 62.14 -93.62
CA GLY G 123 -13.39 61.60 -92.27
C GLY G 123 -14.32 60.43 -92.09
N PHE G 124 -14.16 59.77 -90.93
CA PHE G 124 -14.93 58.57 -90.63
C PHE G 124 -15.38 58.61 -89.18
N LYS G 125 -16.33 57.75 -88.83
CA LYS G 125 -16.90 57.68 -87.50
C LYS G 125 -17.04 56.23 -87.06
N ARG G 126 -17.65 56.03 -85.90
CA ARG G 126 -17.75 54.72 -85.26
C ARG G 126 -18.71 54.83 -84.09
N VAL G 127 -19.51 53.77 -83.88
CA VAL G 127 -20.53 53.73 -82.83
C VAL G 127 -20.44 52.40 -82.11
N GLU G 128 -21.21 52.28 -81.02
CA GLU G 128 -21.15 51.17 -80.10
C GLU G 128 -22.47 50.42 -80.03
N ILE G 129 -22.38 49.13 -79.76
CA ILE G 129 -23.54 48.26 -79.54
C ILE G 129 -23.30 47.48 -78.24
N LYS G 130 -24.34 47.39 -77.41
CA LYS G 130 -24.20 46.82 -76.07
C LYS G 130 -25.25 45.74 -75.83
N GLY G 131 -24.95 44.85 -74.89
CA GLY G 131 -25.85 43.76 -74.53
C GLY G 131 -25.88 43.47 -73.04
N LYS G 132 -26.46 42.33 -72.65
CA LYS G 132 -26.59 41.98 -71.24
C LYS G 132 -26.82 40.48 -71.12
N LEU G 133 -26.74 39.98 -69.89
CA LEU G 133 -26.92 38.57 -69.58
C LEU G 133 -27.85 38.38 -68.40
N GLU G 134 -28.54 37.23 -68.39
CA GLU G 134 -29.46 36.87 -67.33
C GLU G 134 -29.38 35.36 -67.10
N LYS G 135 -29.89 34.93 -65.96
CA LYS G 135 -29.84 33.53 -65.54
C LYS G 135 -31.24 32.92 -65.51
N TYR G 136 -31.30 31.62 -65.76
CA TYR G 136 -32.56 30.87 -65.70
C TYR G 136 -32.26 29.44 -65.29
N GLY G 137 -33.29 28.75 -64.80
CA GLY G 137 -33.14 27.35 -64.46
C GLY G 137 -34.31 26.86 -63.63
N PHE G 138 -34.35 25.54 -63.48
CA PHE G 138 -35.39 24.90 -62.67
C PHE G 138 -34.98 23.48 -62.32
N PHE G 139 -35.65 22.91 -61.34
CA PHE G 139 -35.28 21.61 -60.80
C PHE G 139 -36.53 20.78 -60.53
N ARG G 140 -36.30 19.47 -60.33
CA ARG G 140 -37.34 18.53 -59.95
C ARG G 140 -36.81 17.61 -58.87
N GLU G 141 -37.72 17.06 -58.07
CA GLU G 141 -37.40 16.19 -56.96
C GLU G 141 -38.17 14.89 -57.07
N TYR G 142 -37.66 13.85 -56.42
CA TYR G 142 -38.32 12.54 -56.41
C TYR G 142 -37.79 11.73 -55.25
N THR G 143 -38.43 10.58 -55.01
CA THR G 143 -38.03 9.66 -53.95
C THR G 143 -37.58 8.34 -54.57
N GLN G 144 -36.73 7.63 -53.83
CA GLN G 144 -36.20 6.37 -54.32
C GLN G 144 -37.28 5.30 -54.46
N GLU G 145 -38.23 5.28 -53.52
CA GLU G 145 -39.25 4.24 -53.52
C GLU G 145 -40.11 4.30 -54.78
N GLN G 146 -40.59 5.49 -55.13
CA GLN G 146 -41.37 5.60 -56.35
C GLN G 146 -40.47 5.85 -57.55
N LEU G 147 -39.39 5.07 -57.64
CA LEU G 147 -38.60 4.95 -58.86
C LEU G 147 -38.15 3.52 -59.14
N ASP G 148 -38.24 2.62 -58.17
CA ASP G 148 -37.88 1.22 -58.33
C ASP G 148 -39.10 0.31 -58.40
N PHE G 149 -40.22 0.74 -57.82
CA PHE G 149 -41.46 -0.02 -57.88
C PHE G 149 -42.35 0.40 -59.04
N ASP G 150 -41.88 1.32 -59.89
CA ASP G 150 -42.68 1.76 -61.02
C ASP G 150 -42.72 0.69 -62.10
N SER G 151 -43.82 0.70 -62.87
CA SER G 151 -43.99 -0.29 -63.92
C SER G 151 -43.02 -0.08 -65.07
N ASP G 152 -42.81 1.16 -65.49
CA ASP G 152 -41.97 1.46 -66.63
C ASP G 152 -40.51 1.56 -66.20
N PRO G 153 -39.63 0.71 -66.72
CA PRO G 153 -38.21 0.79 -66.35
C PRO G 153 -37.40 1.84 -67.09
N ALA G 154 -38.05 2.76 -67.81
CA ALA G 154 -37.35 3.79 -68.59
C ALA G 154 -38.02 5.15 -68.41
N MET G 155 -38.50 5.42 -67.19
CA MET G 155 -39.18 6.69 -66.95
C MET G 155 -38.20 7.86 -66.89
N GLU G 156 -37.06 7.67 -66.22
CA GLU G 156 -36.11 8.75 -66.05
C GLU G 156 -35.50 9.19 -67.38
N GLY G 157 -35.25 8.23 -68.28
CA GLY G 157 -34.74 8.58 -69.60
C GLY G 157 -35.68 9.47 -70.36
N HIS G 158 -36.98 9.23 -70.24
CA HIS G 158 -37.96 10.10 -70.88
C HIS G 158 -38.05 11.45 -70.18
N VAL G 159 -37.98 11.45 -68.84
CA VAL G 159 -38.17 12.69 -68.09
C VAL G 159 -37.03 13.67 -68.34
N THR G 160 -35.79 13.18 -68.38
CA THR G 160 -34.66 14.07 -68.62
C THR G 160 -34.75 14.71 -70.00
N THR G 161 -35.10 13.93 -71.03
CA THR G 161 -35.28 14.49 -72.36
C THR G 161 -36.44 15.47 -72.40
N GLU G 162 -37.52 15.18 -71.66
CA GLU G 162 -38.64 16.13 -71.59
C GLU G 162 -38.19 17.47 -71.02
N MET G 163 -37.40 17.43 -69.95
CA MET G 163 -36.96 18.69 -69.35
C MET G 163 -35.96 19.42 -70.25
N VAL G 164 -35.10 18.67 -70.95
CA VAL G 164 -34.19 19.30 -71.90
C VAL G 164 -34.98 19.99 -73.02
N LYS G 165 -36.01 19.32 -73.53
CA LYS G 165 -36.86 19.91 -74.56
C LYS G 165 -37.58 21.15 -74.02
N GLY G 166 -38.04 21.09 -72.77
CA GLY G 166 -38.68 22.25 -72.17
C GLY G 166 -37.76 23.44 -72.09
N ALA G 167 -36.50 23.21 -71.69
CA ALA G 167 -35.53 24.31 -71.67
C ALA G 167 -35.27 24.85 -73.06
N ASN G 168 -35.16 23.97 -74.06
CA ASN G 168 -34.93 24.41 -75.42
C ASN G 168 -36.11 25.21 -75.96
N GLU G 169 -37.32 24.91 -75.51
CA GLU G 169 -38.48 25.73 -75.89
C GLU G 169 -38.51 27.04 -75.12
N ILE G 170 -38.09 27.02 -73.85
CA ILE G 170 -38.12 28.23 -73.03
C ILE G 170 -37.15 29.28 -73.57
N THR G 171 -35.96 28.86 -73.99
CA THR G 171 -35.01 29.84 -74.52
C THR G 171 -35.54 30.48 -75.81
N GLU G 172 -36.18 29.68 -76.67
CA GLU G 172 -36.78 30.22 -77.89
C GLU G 172 -37.91 31.19 -77.57
N ASP G 173 -38.73 30.86 -76.57
CA ASP G 173 -39.78 31.79 -76.15
C ASP G 173 -39.20 33.08 -75.63
N LEU G 174 -38.10 33.00 -74.86
CA LEU G 174 -37.43 34.21 -74.39
C LEU G 174 -36.93 35.05 -75.56
N LEU G 175 -36.34 34.40 -76.56
CA LEU G 175 -35.87 35.13 -77.74
C LEU G 175 -37.02 35.81 -78.47
N GLN G 176 -38.14 35.11 -78.63
CA GLN G 176 -39.29 35.71 -79.31
C GLN G 176 -39.84 36.88 -78.51
N ILE G 177 -39.86 36.78 -77.18
CA ILE G 177 -40.30 37.90 -76.35
C ILE G 177 -39.36 39.08 -76.52
N ASP G 178 -38.05 38.82 -76.55
CA ASP G 178 -37.09 39.91 -76.71
C ASP G 178 -37.22 40.58 -78.07
N LEU G 179 -37.50 39.81 -79.12
CA LEU G 179 -37.57 40.36 -80.47
C LEU G 179 -38.78 41.28 -80.67
N LEU G 180 -39.81 41.16 -79.85
CA LEU G 180 -41.03 41.94 -80.02
C LEU G 180 -40.97 43.30 -79.34
N ASN G 181 -39.87 43.64 -78.67
CA ASN G 181 -39.73 44.93 -78.03
C ASN G 181 -38.57 45.76 -78.57
N SER G 182 -37.48 45.13 -79.01
CA SER G 182 -36.35 45.86 -79.58
C SER G 182 -36.49 45.94 -81.10
N ALA G 183 -37.60 46.51 -81.53
CA ALA G 183 -37.93 46.64 -82.95
C ALA G 183 -38.31 48.08 -83.25
N GLY G 184 -37.68 48.65 -84.28
CA GLY G 184 -38.04 49.99 -84.73
C GLY G 184 -39.20 49.98 -85.71
N THR G 185 -39.66 51.19 -86.04
CA THR G 185 -40.74 51.41 -87.00
C THR G 185 -41.96 50.57 -86.66
N VAL G 186 -42.51 50.82 -85.48
CA VAL G 186 -43.74 50.18 -85.04
C VAL G 186 -44.91 50.99 -85.58
N ARG G 187 -45.80 50.33 -86.33
CA ARG G 187 -46.87 51.00 -87.04
C ARG G 187 -48.23 50.46 -86.59
N TYR G 188 -49.17 51.38 -86.39
CA TYR G 188 -50.55 51.03 -86.07
C TYR G 188 -51.43 51.42 -87.25
N PRO G 189 -52.09 50.47 -87.91
CA PRO G 189 -52.97 50.83 -89.03
C PRO G 189 -54.13 51.70 -88.56
N GLY G 190 -54.56 52.59 -89.45
CA GLY G 190 -55.61 53.52 -89.11
C GLY G 190 -55.07 54.79 -88.47
N ALA G 191 -55.77 55.29 -87.45
CA ALA G 191 -55.37 56.50 -86.73
C ALA G 191 -55.21 56.14 -85.25
N ALA G 192 -54.02 55.69 -84.89
CA ALA G 192 -53.71 55.35 -83.50
C ALA G 192 -52.21 55.41 -83.31
N THR G 193 -51.81 55.61 -82.05
CA THR G 193 -50.38 55.70 -81.72
C THR G 193 -50.00 54.92 -80.47
N SER G 194 -50.94 54.23 -79.82
CA SER G 194 -50.63 53.49 -78.61
C SER G 194 -51.60 52.33 -78.47
N ASP G 195 -51.24 51.39 -77.58
CA ASP G 195 -52.10 50.24 -77.34
C ASP G 195 -53.44 50.66 -76.75
N ALA G 196 -53.42 51.66 -75.85
CA ALA G 196 -54.65 52.12 -75.20
C ALA G 196 -55.62 52.80 -76.15
N GLU G 197 -55.18 53.16 -77.36
CA GLU G 197 -56.04 53.78 -78.36
C GLU G 197 -56.47 52.80 -79.44
N VAL G 198 -56.17 51.51 -79.29
CA VAL G 198 -56.55 50.53 -80.30
C VAL G 198 -58.05 50.33 -80.27
N ASP G 199 -58.69 50.49 -81.44
CA ASP G 199 -60.13 50.41 -81.59
C ASP G 199 -60.48 49.34 -82.61
N ALA G 200 -61.78 49.20 -82.87
CA ALA G 200 -62.26 48.23 -83.86
C ALA G 200 -61.88 48.61 -85.28
N SER G 201 -61.44 49.85 -85.51
CA SER G 201 -61.00 50.29 -86.83
C SER G 201 -59.48 50.31 -86.94
N THR G 202 -58.80 49.38 -86.28
CA THR G 202 -57.35 49.28 -86.30
C THR G 202 -56.91 47.98 -86.96
N GLU G 203 -57.55 47.63 -88.07
CA GLU G 203 -57.27 46.40 -88.78
C GLU G 203 -56.26 46.65 -89.89
N VAL G 204 -55.58 45.56 -90.29
CA VAL G 204 -54.54 45.65 -91.30
C VAL G 204 -55.17 45.81 -92.68
N THR G 205 -54.70 46.80 -93.43
CA THR G 205 -55.14 47.05 -94.79
C THR G 205 -53.96 46.94 -95.75
N TYR G 206 -54.27 46.97 -97.05
CA TYR G 206 -53.22 46.90 -98.07
C TYR G 206 -52.31 48.12 -98.00
N ASP G 207 -52.89 49.29 -97.71
CA ASP G 207 -52.09 50.51 -97.64
C ASP G 207 -51.05 50.43 -96.53
N SER G 208 -51.43 49.86 -95.38
CA SER G 208 -50.47 49.72 -94.28
C SER G 208 -49.32 48.81 -94.67
N LEU G 209 -49.60 47.70 -95.35
CA LEU G 209 -48.53 46.81 -95.81
C LEU G 209 -47.64 47.51 -96.82
N MET G 210 -48.23 48.29 -97.73
CA MET G 210 -47.43 49.04 -98.70
C MET G 210 -46.53 50.05 -98.00
N ARG G 211 -47.05 50.75 -97.00
CA ARG G 211 -46.24 51.70 -96.25
C ARG G 211 -45.11 51.01 -95.51
N LEU G 212 -45.39 49.85 -94.92
CA LEU G 212 -44.33 49.10 -94.23
C LEU G 212 -43.25 48.65 -95.20
N ARG G 213 -43.65 48.17 -96.38
CA ARG G 213 -42.68 47.77 -97.38
C ARG G 213 -41.84 48.96 -97.85
N LEU G 214 -42.48 50.11 -98.05
CA LEU G 214 -41.74 51.31 -98.46
C LEU G 214 -40.76 51.75 -97.37
N ASP G 215 -41.18 51.67 -96.11
CA ASP G 215 -40.27 52.01 -95.01
C ASP G 215 -39.08 51.07 -94.97
N LEU G 216 -39.32 49.77 -95.15
CA LEU G 216 -38.22 48.80 -95.15
C LEU G 216 -37.28 49.05 -96.33
N ASP G 217 -37.83 49.40 -97.50
CA ASP G 217 -36.99 49.75 -98.63
C ASP G 217 -36.17 51.00 -98.35
N ASN G 218 -36.77 51.98 -97.68
CA ASN G 218 -36.06 53.20 -97.31
C ASN G 218 -34.92 52.90 -96.35
N ALA G 219 -35.14 52.00 -95.40
CA ALA G 219 -34.13 51.65 -94.41
C ALA G 219 -33.01 50.78 -94.97
N ARG G 220 -32.96 50.58 -96.28
CA ARG G 220 -31.92 49.78 -96.93
C ARG G 220 -31.90 48.35 -96.40
N ALA G 221 -33.06 47.85 -95.99
CA ALA G 221 -33.14 46.48 -95.50
C ALA G 221 -32.92 45.50 -96.65
N PRO G 222 -32.25 44.39 -96.41
CA PRO G 222 -32.03 43.41 -97.49
C PRO G 222 -33.33 42.76 -97.94
N THR G 223 -33.37 42.41 -99.22
CA THR G 223 -34.51 41.73 -99.81
C THR G 223 -34.24 40.27 -100.13
N LYS G 224 -32.98 39.84 -100.10
CA LYS G 224 -32.61 38.46 -100.38
C LYS G 224 -32.65 37.68 -99.06
N ILE G 225 -33.57 36.73 -98.95
CA ILE G 225 -33.73 35.98 -97.71
C ILE G 225 -32.53 35.05 -97.50
N LYS G 226 -32.26 34.73 -96.24
CA LYS G 226 -31.11 33.92 -95.87
C LYS G 226 -31.21 33.54 -94.39
N MET G 227 -30.94 32.27 -94.11
CA MET G 227 -30.79 31.84 -92.72
C MET G 227 -29.87 30.62 -92.70
N ILE G 228 -29.48 30.22 -91.50
CA ILE G 228 -28.48 29.18 -91.29
C ILE G 228 -28.97 28.24 -90.19
N THR G 229 -28.08 27.33 -89.79
CA THR G 229 -28.34 26.39 -88.71
C THR G 229 -29.58 25.54 -89.01
N GLY G 230 -29.42 24.70 -90.04
CA GLY G 230 -30.49 23.83 -90.48
C GLY G 230 -31.51 24.54 -91.33
N THR G 231 -31.08 25.01 -92.51
CA THR G 231 -31.97 25.72 -93.42
C THR G 231 -33.12 24.86 -93.91
N ARG G 232 -32.93 23.54 -93.99
CA ARG G 232 -33.90 22.55 -94.47
C ARG G 232 -34.20 22.71 -95.96
N MET G 233 -33.68 23.74 -96.60
CA MET G 233 -33.79 23.98 -98.04
C MET G 233 -32.42 24.33 -98.60
N ILE G 234 -31.41 23.52 -98.24
CA ILE G 234 -30.03 23.81 -98.60
C ILE G 234 -29.84 23.90 -100.11
N ASP G 235 -30.76 23.33 -100.89
CA ASP G 235 -30.66 23.44 -102.35
C ASP G 235 -30.98 24.83 -102.87
N THR G 236 -31.51 25.72 -102.03
CA THR G 236 -31.88 27.05 -102.45
C THR G 236 -31.46 28.07 -101.41
N ARG G 237 -31.25 29.32 -101.86
CA ARG G 237 -30.95 30.43 -100.98
C ARG G 237 -32.08 31.46 -100.98
N THR G 238 -32.45 31.96 -102.15
CA THR G 238 -33.56 32.92 -102.26
C THR G 238 -34.09 32.89 -103.67
N VAL G 239 -35.41 32.71 -103.80
CA VAL G 239 -36.08 32.74 -105.10
C VAL G 239 -37.29 33.66 -104.98
N GLY G 240 -37.42 34.59 -105.93
CA GLY G 240 -38.52 35.53 -105.97
C GLY G 240 -38.19 36.91 -105.45
N ASN G 241 -37.11 37.04 -104.67
CA ASN G 241 -36.63 38.33 -104.18
C ASN G 241 -37.72 39.05 -103.38
N ALA G 242 -38.15 38.40 -102.29
CA ALA G 242 -39.20 38.95 -101.43
C ALA G 242 -38.81 38.72 -99.98
N ARG G 243 -39.36 39.58 -99.11
CA ARG G 243 -39.10 39.46 -97.68
C ARG G 243 -40.04 38.42 -97.06
N ALA G 244 -39.94 38.26 -95.74
CA ALA G 244 -40.73 37.32 -94.98
C ALA G 244 -41.55 38.05 -93.93
N LEU G 245 -42.74 37.53 -93.65
CA LEU G 245 -43.66 38.15 -92.69
C LEU G 245 -44.22 37.05 -91.80
N TYR G 246 -43.71 36.97 -90.57
CA TYR G 246 -44.18 35.97 -89.62
C TYR G 246 -45.44 36.46 -88.95
N VAL G 247 -46.49 35.63 -88.98
CA VAL G 247 -47.79 35.98 -88.42
C VAL G 247 -48.33 34.79 -87.64
N GLY G 248 -49.26 35.07 -86.73
CA GLY G 248 -49.91 34.04 -85.96
C GLY G 248 -51.06 33.39 -86.70
N SER G 249 -51.58 32.32 -86.11
CA SER G 249 -52.69 31.57 -86.71
C SER G 249 -54.05 32.22 -86.46
N ASP G 250 -54.14 33.17 -85.52
CA ASP G 250 -55.41 33.81 -85.24
C ASP G 250 -55.76 34.91 -86.23
N LEU G 251 -54.82 35.34 -87.07
CA LEU G 251 -55.06 36.37 -88.06
C LEU G 251 -55.44 35.80 -89.43
N VAL G 252 -55.56 34.48 -89.54
CA VAL G 252 -55.96 33.88 -90.81
C VAL G 252 -57.33 34.33 -91.27
N PRO G 253 -58.38 34.34 -90.44
CA PRO G 253 -59.68 34.82 -90.91
C PRO G 253 -59.69 36.28 -91.34
N THR G 254 -58.76 37.09 -90.84
CA THR G 254 -58.69 38.48 -91.26
C THR G 254 -57.90 38.63 -92.55
N ILE G 255 -56.81 37.87 -92.69
CA ILE G 255 -56.02 37.93 -93.91
C ILE G 255 -56.80 37.37 -95.10
N GLU G 256 -57.58 36.32 -94.86
CA GLU G 256 -58.32 35.68 -95.95
C GLU G 256 -59.32 36.62 -96.60
N ALA G 257 -59.89 37.55 -95.82
CA ALA G 257 -60.88 38.51 -96.32
C ALA G 257 -60.25 39.89 -96.31
N MET G 258 -59.59 40.24 -97.42
CA MET G 258 -58.98 41.55 -97.57
C MET G 258 -58.81 41.83 -99.06
N LYS G 259 -59.17 43.05 -99.47
CA LYS G 259 -59.18 43.44 -100.87
C LYS G 259 -58.08 44.44 -101.17
N ASP G 260 -57.64 44.47 -102.43
CA ASP G 260 -56.60 45.38 -102.88
C ASP G 260 -57.21 46.76 -103.14
N ASN G 261 -56.41 47.65 -103.72
CA ASN G 261 -56.93 48.94 -104.15
C ASN G 261 -57.81 48.81 -105.39
N HIS G 262 -57.70 47.69 -106.10
CA HIS G 262 -58.53 47.43 -107.27
C HIS G 262 -59.81 46.68 -106.92
N GLY G 263 -59.97 46.26 -105.66
CA GLY G 263 -61.10 45.46 -105.25
C GLY G 263 -60.89 43.96 -105.34
N ASN G 264 -59.79 43.52 -105.94
CA ASN G 264 -59.49 42.10 -106.06
C ASN G 264 -58.97 41.56 -104.73
N PRO G 265 -59.10 40.25 -104.50
CA PRO G 265 -58.57 39.67 -103.27
C PRO G 265 -57.07 39.86 -103.16
N ALA G 266 -56.61 40.10 -101.93
CA ALA G 266 -55.20 40.37 -101.68
C ALA G 266 -54.37 39.11 -101.49
N PHE G 267 -54.89 38.12 -100.78
CA PHE G 267 -54.13 36.92 -100.50
C PHE G 267 -53.93 36.09 -101.77
N ILE G 268 -52.72 35.56 -101.94
CA ILE G 268 -52.39 34.70 -103.06
C ILE G 268 -51.90 33.36 -102.51
N PRO G 269 -52.65 32.28 -102.71
CA PRO G 269 -52.22 30.97 -102.17
C PRO G 269 -50.94 30.49 -102.81
N ILE G 270 -50.19 29.68 -102.05
CA ILE G 270 -48.88 29.19 -102.49
C ILE G 270 -48.99 28.19 -103.63
N GLU G 271 -50.20 27.72 -103.97
CA GLU G 271 -50.34 26.74 -105.04
C GLU G 271 -49.90 27.31 -106.39
N LYS G 272 -50.23 28.58 -106.65
CA LYS G 272 -49.96 29.16 -107.97
C LYS G 272 -48.49 29.40 -108.24
N TYR G 273 -47.62 29.35 -107.21
CA TYR G 273 -46.19 29.53 -107.44
C TYR G 273 -45.35 28.56 -106.63
N ALA G 274 -45.90 27.39 -106.27
CA ALA G 274 -45.16 26.43 -105.45
C ALA G 274 -43.91 25.93 -106.16
N ALA G 275 -44.03 25.63 -107.46
CA ALA G 275 -42.89 25.13 -108.23
C ALA G 275 -41.86 26.22 -108.52
N GLY G 276 -42.12 27.46 -108.11
CA GLY G 276 -41.23 28.54 -108.49
C GLY G 276 -39.84 28.46 -107.88
N GLY G 277 -39.73 27.97 -106.65
CA GLY G 277 -38.47 28.05 -105.96
C GLY G 277 -38.44 27.68 -104.49
N ALA G 278 -37.90 28.59 -103.67
CA ALA G 278 -37.53 28.33 -102.28
C ALA G 278 -38.53 27.47 -101.50
N THR G 279 -39.79 27.90 -101.45
CA THR G 279 -40.84 27.22 -100.68
C THR G 279 -40.45 27.12 -99.20
N MET G 280 -40.49 28.30 -98.55
CA MET G 280 -40.20 28.42 -97.13
C MET G 280 -40.96 27.37 -96.31
N HIS G 281 -40.39 26.98 -95.16
CA HIS G 281 -40.94 25.84 -94.43
C HIS G 281 -42.38 26.09 -93.99
N GLY G 282 -42.65 27.28 -93.46
CA GLY G 282 -43.98 27.66 -93.02
C GLY G 282 -44.75 28.55 -93.95
N GLU G 283 -44.31 28.71 -95.20
CA GLU G 283 -44.98 29.60 -96.12
C GLU G 283 -46.37 29.07 -96.48
N VAL G 284 -47.34 29.98 -96.57
CA VAL G 284 -48.71 29.62 -96.90
C VAL G 284 -49.18 30.46 -98.07
N GLY G 285 -48.42 31.48 -98.43
CA GLY G 285 -48.77 32.32 -99.55
C GLY G 285 -48.06 33.66 -99.49
N GLN G 286 -48.46 34.53 -100.41
CA GLN G 286 -47.91 35.88 -100.53
C GLN G 286 -49.01 36.89 -100.25
N LEU G 287 -48.72 37.84 -99.36
CA LEU G 287 -49.64 38.92 -99.03
C LEU G 287 -48.94 40.25 -99.27
N GLY G 288 -49.58 41.13 -100.03
CA GLY G 288 -48.91 42.34 -100.47
C GLY G 288 -47.70 41.99 -101.32
N ARG G 289 -46.51 42.19 -100.77
CA ARG G 289 -45.28 41.72 -101.38
C ARG G 289 -44.49 40.79 -100.46
N PHE G 290 -44.97 40.56 -99.24
CA PHE G 290 -44.30 39.67 -98.29
C PHE G 290 -44.76 38.24 -98.48
N ARG G 291 -43.93 37.31 -98.02
CA ARG G 291 -44.27 35.89 -97.96
C ARG G 291 -44.78 35.61 -96.56
N VAL G 292 -46.09 35.42 -96.42
CA VAL G 292 -46.70 35.27 -95.10
C VAL G 292 -46.42 33.86 -94.60
N ILE G 293 -45.90 33.78 -93.38
CA ILE G 293 -45.52 32.51 -92.75
C ILE G 293 -46.32 32.36 -91.47
N VAL G 294 -47.02 31.25 -91.34
CA VAL G 294 -47.83 30.97 -90.16
C VAL G 294 -46.96 30.30 -89.11
N ASN G 295 -46.82 30.96 -87.96
CA ASN G 295 -46.02 30.43 -86.85
C ASN G 295 -46.95 29.89 -85.78
N PRO G 296 -46.89 28.60 -85.45
CA PRO G 296 -47.79 28.06 -84.41
C PRO G 296 -47.42 28.47 -83.00
N GLN G 297 -46.42 29.33 -82.81
CA GLN G 297 -46.00 29.75 -81.47
C GLN G 297 -45.98 31.26 -81.30
N MET G 298 -46.62 32.01 -82.20
CA MET G 298 -46.66 33.46 -82.06
C MET G 298 -47.50 33.86 -80.85
N MET G 299 -47.00 34.84 -80.10
CA MET G 299 -47.68 35.34 -78.93
C MET G 299 -48.51 36.58 -79.29
N HIS G 300 -49.26 37.07 -78.31
CA HIS G 300 -50.14 38.22 -78.56
C HIS G 300 -50.45 38.89 -77.23
N TRP G 301 -50.64 40.21 -77.29
CA TRP G 301 -51.04 40.97 -76.12
C TRP G 301 -52.57 40.90 -75.99
N ALA G 302 -53.05 40.41 -74.85
CA ALA G 302 -54.47 40.20 -74.62
C ALA G 302 -54.97 41.13 -73.53
N GLY G 303 -56.14 41.72 -73.75
CA GLY G 303 -56.76 42.58 -72.77
C GLY G 303 -56.28 44.01 -72.75
N VAL G 304 -55.46 44.42 -73.72
CA VAL G 304 -54.96 45.79 -73.79
C VAL G 304 -55.61 46.48 -74.98
N GLY G 305 -56.20 47.64 -74.72
CA GLY G 305 -56.87 48.40 -75.75
C GLY G 305 -58.08 49.11 -75.18
N LYS G 306 -58.84 49.73 -76.08
CA LYS G 306 -60.05 50.44 -75.68
C LYS G 306 -61.14 49.45 -75.28
N ALA G 307 -62.14 49.96 -74.58
CA ALA G 307 -63.27 49.14 -74.17
C ALA G 307 -64.04 48.64 -75.39
N VAL G 308 -64.56 47.42 -75.30
CA VAL G 308 -65.24 46.80 -76.42
C VAL G 308 -66.55 47.52 -76.69
N ASP G 309 -66.75 47.97 -77.92
CA ASP G 309 -67.98 48.63 -78.32
C ASP G 309 -69.01 47.58 -78.73
N PRO G 310 -70.17 47.52 -78.09
CA PRO G 310 -71.14 46.47 -78.44
C PRO G 310 -71.66 46.55 -79.87
N ASN G 311 -71.71 47.75 -80.45
CA ASN G 311 -72.29 47.94 -81.78
C ASN G 311 -71.20 47.79 -82.85
N ASP G 312 -70.84 46.54 -83.12
CA ASP G 312 -69.92 46.21 -84.19
C ASP G 312 -70.41 44.95 -84.89
N GLN G 313 -70.29 44.92 -86.22
CA GLN G 313 -70.71 43.79 -87.02
C GLN G 313 -69.61 42.74 -87.17
N VAL G 314 -68.64 42.73 -86.26
CA VAL G 314 -67.51 41.80 -86.36
C VAL G 314 -67.19 41.26 -84.98
N PRO G 315 -66.57 40.07 -84.91
CA PRO G 315 -66.31 39.44 -83.59
C PRO G 315 -65.21 40.13 -82.79
N MET G 316 -64.11 40.54 -83.41
CA MET G 316 -63.13 41.43 -82.78
C MET G 316 -62.59 40.83 -81.47
N HIS G 317 -61.72 39.83 -81.64
CA HIS G 317 -61.08 39.10 -80.55
C HIS G 317 -60.82 39.99 -79.34
N GLU G 318 -61.26 39.53 -78.17
CA GLU G 318 -61.25 40.36 -76.97
C GLU G 318 -61.00 39.49 -75.75
N SER G 319 -60.55 40.15 -74.67
CA SER G 319 -60.30 39.45 -73.41
C SER G 319 -60.50 40.45 -72.28
N GLY G 320 -61.37 40.10 -71.33
CA GLY G 320 -61.65 40.97 -70.21
C GLY G 320 -62.32 42.28 -70.58
N GLY G 321 -63.21 42.26 -71.57
CA GLY G 321 -63.93 43.46 -71.96
C GLY G 321 -63.14 44.45 -72.78
N LYS G 322 -61.92 44.11 -73.19
CA LYS G 322 -61.09 45.01 -73.99
C LYS G 322 -60.52 44.24 -75.18
N TYR G 323 -60.14 44.99 -76.20
CA TYR G 323 -59.65 44.40 -77.43
C TYR G 323 -58.29 43.73 -77.21
N SER G 324 -57.94 42.84 -78.14
CA SER G 324 -56.67 42.13 -78.12
C SER G 324 -55.82 42.58 -79.30
N VAL G 325 -54.51 42.64 -79.08
CA VAL G 325 -53.55 43.14 -80.07
C VAL G 325 -52.74 41.96 -80.57
N PHE G 326 -52.61 41.86 -81.90
CA PHE G 326 -51.89 40.76 -82.52
C PHE G 326 -50.75 41.30 -83.39
N PRO G 327 -49.57 40.68 -83.33
CA PRO G 327 -48.42 41.18 -84.07
C PRO G 327 -48.23 40.53 -85.43
N MET G 328 -47.63 41.32 -86.32
CA MET G 328 -47.14 40.85 -87.62
C MET G 328 -45.71 41.37 -87.74
N LEU G 329 -44.74 40.47 -87.69
CA LEU G 329 -43.34 40.82 -87.53
C LEU G 329 -42.54 40.41 -88.76
N CYS G 330 -41.70 41.31 -89.26
CA CYS G 330 -40.77 41.03 -90.35
C CYS G 330 -39.37 41.31 -89.83
N VAL G 331 -38.57 40.25 -89.70
CA VAL G 331 -37.20 40.36 -89.18
C VAL G 331 -36.27 39.68 -90.17
N ALA G 332 -35.19 40.38 -90.55
CA ALA G 332 -34.19 39.86 -91.47
C ALA G 332 -32.98 39.36 -90.70
N SER G 333 -32.27 38.41 -91.29
CA SER G 333 -31.06 37.87 -90.68
C SER G 333 -29.97 38.95 -90.66
N GLU G 334 -28.93 38.66 -89.87
CA GLU G 334 -27.83 39.61 -89.62
C GLU G 334 -28.38 40.93 -89.05
N ALA G 335 -29.29 40.81 -88.10
CA ALA G 335 -29.87 41.96 -87.43
C ALA G 335 -29.95 41.79 -85.92
N PHE G 336 -29.45 40.71 -85.37
CA PHE G 336 -29.44 40.47 -83.92
C PHE G 336 -28.57 39.24 -83.67
N THR G 337 -28.39 38.92 -82.39
CA THR G 337 -27.66 37.72 -82.02
C THR G 337 -28.00 37.35 -80.58
N THR G 338 -27.73 36.10 -80.25
CA THR G 338 -27.91 35.58 -78.90
C THR G 338 -26.55 35.29 -78.28
N VAL G 339 -26.46 35.50 -76.97
CA VAL G 339 -25.20 35.40 -76.24
C VAL G 339 -25.36 34.36 -75.14
N GLY G 340 -24.42 33.42 -75.07
CA GLY G 340 -24.37 32.44 -74.01
C GLY G 340 -23.06 32.58 -73.24
N PHE G 341 -23.00 31.86 -72.12
CA PHE G 341 -21.85 31.95 -71.21
C PHE G 341 -21.17 30.60 -71.09
N ALA G 342 -19.87 30.59 -71.37
CA ALA G 342 -19.00 29.43 -71.12
C ALA G 342 -19.51 28.17 -71.85
N THR G 343 -19.56 28.26 -73.18
CA THR G 343 -19.82 27.09 -74.02
C THR G 343 -18.47 26.60 -74.53
N ASP G 344 -17.88 25.65 -73.80
CA ASP G 344 -16.54 25.19 -74.11
C ASP G 344 -16.46 24.58 -75.50
N GLY G 345 -17.35 23.64 -75.79
CA GLY G 345 -17.41 22.99 -77.09
C GLY G 345 -18.52 23.46 -78.00
N LYS G 346 -19.21 24.55 -77.65
CA LYS G 346 -20.35 25.06 -78.38
C LYS G 346 -21.47 24.03 -78.51
N ASN G 347 -21.48 23.04 -77.62
CA ASN G 347 -22.51 22.01 -77.60
C ASN G 347 -23.19 21.83 -76.24
N VAL G 348 -22.57 22.29 -75.16
CA VAL G 348 -23.16 22.17 -73.83
C VAL G 348 -23.45 23.57 -73.30
N LYS G 349 -24.66 24.07 -73.55
CA LYS G 349 -25.08 25.38 -73.05
C LYS G 349 -25.90 25.29 -71.77
N PHE G 350 -26.42 24.11 -71.45
CA PHE G 350 -27.15 23.90 -70.20
C PHE G 350 -26.28 23.14 -69.21
N LYS G 351 -26.40 23.49 -67.94
CA LYS G 351 -25.69 22.83 -66.85
C LYS G 351 -26.68 21.95 -66.10
N ILE G 352 -26.32 20.69 -65.92
CA ILE G 352 -27.21 19.68 -65.33
C ILE G 352 -26.54 19.14 -64.09
N ILE G 353 -27.26 19.17 -62.96
CA ILE G 353 -26.77 18.63 -61.69
C ILE G 353 -27.78 17.60 -61.21
N THR G 354 -27.33 16.35 -61.06
CA THR G 354 -28.17 15.25 -60.62
C THR G 354 -27.63 14.68 -59.31
N LYS G 355 -28.49 14.58 -58.30
CA LYS G 355 -28.16 13.93 -57.03
C LYS G 355 -29.11 12.77 -56.86
N ARG G 356 -28.60 11.54 -56.96
CA ARG G 356 -29.39 10.34 -56.86
C ARG G 356 -29.52 9.90 -55.41
N PRO G 357 -30.67 9.32 -55.04
CA PRO G 357 -30.85 8.86 -53.66
C PRO G 357 -29.83 7.79 -53.28
N GLY G 358 -29.39 7.82 -52.03
CA GLY G 358 -28.40 6.88 -51.55
C GLY G 358 -27.37 7.51 -50.64
N GLU G 359 -26.11 7.06 -50.75
CA GLU G 359 -25.05 7.60 -49.91
C GLU G 359 -24.69 9.03 -50.27
N ALA G 360 -24.93 9.45 -51.51
CA ALA G 360 -24.57 10.80 -51.95
C ALA G 360 -25.43 11.88 -51.30
N THR G 361 -26.50 11.50 -50.63
CA THR G 361 -27.41 12.44 -49.97
C THR G 361 -27.55 12.07 -48.49
N ALA G 362 -26.41 11.99 -47.79
CA ALA G 362 -26.42 11.65 -46.37
C ALA G 362 -27.36 12.56 -45.60
N ASP G 363 -27.19 13.87 -45.74
CA ASP G 363 -28.22 14.86 -45.43
C ASP G 363 -28.76 14.68 -44.00
N ARG G 364 -27.90 15.02 -43.04
CA ARG G 364 -28.14 14.80 -41.62
C ARG G 364 -29.59 14.98 -41.20
N SER G 365 -30.30 15.94 -41.80
CA SER G 365 -31.73 16.09 -41.55
C SER G 365 -32.54 14.92 -42.07
N ASP G 366 -31.94 14.01 -42.83
CA ASP G 366 -32.62 12.80 -43.31
C ASP G 366 -31.57 11.71 -43.41
N PRO G 367 -31.37 10.94 -42.33
CA PRO G 367 -30.22 10.03 -42.27
C PRO G 367 -30.34 8.78 -43.13
N TYR G 368 -31.37 8.67 -43.98
CA TYR G 368 -31.53 7.49 -44.84
C TYR G 368 -31.29 7.77 -46.32
N GLY G 369 -31.35 9.03 -46.74
CA GLY G 369 -31.05 9.36 -48.13
C GLY G 369 -32.04 8.77 -49.11
N GLU G 370 -33.33 8.89 -48.83
CA GLU G 370 -34.38 8.34 -49.67
C GLU G 370 -34.90 9.33 -50.70
N MET G 371 -34.30 10.52 -50.79
CA MET G 371 -34.76 11.55 -51.71
C MET G 371 -33.63 11.93 -52.66
N GLY G 372 -34.00 12.21 -53.92
CA GLY G 372 -33.06 12.68 -54.91
C GLY G 372 -33.68 13.80 -55.73
N PHE G 373 -32.85 14.43 -56.55
CA PHE G 373 -33.32 15.55 -57.35
C PHE G 373 -32.38 15.75 -58.54
N MET G 374 -32.82 16.62 -59.45
CA MET G 374 -32.00 16.97 -60.59
C MET G 374 -32.43 18.35 -61.09
N SER G 375 -31.45 19.16 -61.47
CA SER G 375 -31.65 20.56 -61.79
C SER G 375 -30.95 20.91 -63.09
N ILE G 376 -31.50 21.89 -63.81
CA ILE G 376 -30.92 22.45 -65.02
C ILE G 376 -30.84 23.96 -64.85
N LYS G 377 -29.77 24.55 -65.38
CA LYS G 377 -29.51 25.97 -65.20
C LYS G 377 -28.67 26.48 -66.36
N TRP G 378 -28.95 27.70 -66.81
CA TRP G 378 -28.23 28.26 -67.95
C TRP G 378 -28.30 29.79 -67.91
N TYR G 379 -27.60 30.42 -68.84
CA TYR G 379 -27.55 31.86 -69.02
C TYR G 379 -28.03 32.21 -70.41
N TYR G 380 -28.51 33.45 -70.56
CA TYR G 380 -29.04 33.90 -71.85
C TYR G 380 -28.87 35.40 -71.98
N GLY G 381 -28.59 35.86 -73.20
CA GLY G 381 -28.50 37.28 -73.48
C GLY G 381 -28.85 37.57 -74.92
N PHE G 382 -29.19 38.83 -75.18
CA PHE G 382 -29.65 39.26 -76.50
C PHE G 382 -28.95 40.54 -76.91
N MET G 383 -28.53 40.59 -78.18
CA MET G 383 -27.93 41.79 -78.77
C MET G 383 -28.64 42.11 -80.07
N VAL G 384 -28.71 43.39 -80.40
CA VAL G 384 -29.38 43.86 -81.61
C VAL G 384 -28.44 44.76 -82.39
N PHE G 385 -28.25 44.44 -83.67
CA PHE G 385 -27.59 45.33 -84.62
C PHE G 385 -28.60 45.80 -85.65
N ARG G 386 -28.55 47.10 -85.97
CA ARG G 386 -29.44 47.72 -86.94
C ARG G 386 -30.89 47.47 -86.57
N PRO G 387 -31.40 48.10 -85.51
CA PRO G 387 -32.80 47.87 -85.12
C PRO G 387 -33.81 48.31 -86.18
N GLU G 388 -33.41 49.15 -87.14
CA GLU G 388 -34.30 49.62 -88.18
C GLU G 388 -34.68 48.53 -89.20
N TRP G 389 -34.01 47.37 -89.16
CA TRP G 389 -34.31 46.28 -90.07
C TRP G 389 -35.40 45.35 -89.57
N ILE G 390 -35.99 45.64 -88.41
CA ILE G 390 -37.06 44.84 -87.83
C ILE G 390 -38.34 45.67 -87.86
N ALA G 391 -39.41 45.10 -88.41
CA ALA G 391 -40.69 45.79 -88.55
C ALA G 391 -41.78 45.05 -87.80
N LEU G 392 -42.66 45.81 -87.14
CA LEU G 392 -43.76 45.26 -86.38
C LEU G 392 -45.04 46.00 -86.71
N LEU G 393 -46.12 45.26 -86.91
CA LEU G 393 -47.45 45.84 -87.16
C LEU G 393 -48.43 45.23 -86.16
N LYS G 394 -49.12 46.08 -85.42
CA LYS G 394 -50.06 45.64 -84.39
C LYS G 394 -51.48 45.84 -84.89
N THR G 395 -52.23 44.75 -85.03
CA THR G 395 -53.57 44.79 -85.62
C THR G 395 -54.55 44.00 -84.76
N VAL G 396 -55.82 44.31 -84.94
CA VAL G 396 -56.90 43.54 -84.33
C VAL G 396 -57.16 42.31 -85.20
N ALA G 397 -57.91 41.34 -84.67
CA ALA G 397 -58.12 40.06 -85.33
C ALA G 397 -59.56 39.94 -85.81
N ARG G 398 -59.87 38.83 -86.52
CA ARG G 398 -61.26 38.30 -86.68
C ARG G 398 -62.20 39.33 -87.31
N LEU G 399 -61.98 39.59 -88.60
CA LEU G 399 -62.88 40.42 -89.37
C LEU G 399 -64.23 39.74 -89.56
N MET H 1 55.83 107.45 -71.50
CA MET H 1 54.81 106.67 -72.21
C MET H 1 55.45 105.48 -72.93
N ALA H 2 56.74 105.59 -73.24
CA ALA H 2 57.47 104.55 -73.95
C ALA H 2 58.93 104.61 -73.52
N GLY H 3 59.80 104.00 -74.32
CA GLY H 3 61.22 103.99 -74.04
C GLY H 3 61.87 105.34 -74.30
N PRO H 4 63.19 105.35 -74.43
CA PRO H 4 63.90 106.61 -74.65
C PRO H 4 63.71 107.11 -76.08
N VAL H 5 64.08 108.37 -76.29
CA VAL H 5 63.98 108.98 -77.61
C VAL H 5 64.96 108.31 -78.56
N ASP H 6 64.50 108.00 -79.77
CA ASP H 6 65.31 107.33 -80.78
C ASP H 6 65.60 108.30 -81.90
N ASN H 7 66.89 108.49 -82.20
CA ASN H 7 67.32 109.38 -83.27
C ASN H 7 67.72 108.61 -84.53
N ILE H 8 67.55 107.30 -84.55
CA ILE H 8 67.86 106.47 -85.71
C ILE H 8 66.61 106.20 -86.53
N LYS H 9 65.52 105.76 -85.88
CA LYS H 9 64.24 105.47 -86.50
C LYS H 9 64.40 104.47 -87.64
N PRO H 10 64.79 103.22 -87.36
CA PRO H 10 64.93 102.23 -88.45
C PRO H 10 63.61 101.55 -88.77
N MET H 11 63.65 100.57 -89.66
CA MET H 11 62.45 99.77 -89.96
C MET H 11 62.05 98.99 -88.73
N LYS H 12 60.87 99.27 -88.20
CA LYS H 12 60.43 98.76 -86.92
C LYS H 12 59.18 97.89 -87.08
N TYR H 13 58.64 97.46 -85.95
CA TYR H 13 57.44 96.63 -85.90
C TYR H 13 56.42 97.26 -84.98
N ASN H 14 56.13 98.55 -85.18
CA ASN H 14 55.11 99.24 -84.40
C ASN H 14 53.82 98.43 -84.37
N ASP H 15 53.12 98.49 -83.23
CA ASP H 15 51.99 97.60 -82.93
C ASP H 15 50.92 97.66 -84.01
N PRO H 16 50.78 96.61 -84.82
CA PRO H 16 49.79 96.65 -85.90
C PRO H 16 48.39 96.30 -85.43
N ALA H 17 48.29 95.52 -84.35
CA ALA H 17 46.99 95.13 -83.83
C ALA H 17 46.21 96.35 -83.32
N ASN H 18 46.90 97.28 -82.66
CA ASN H 18 46.24 98.46 -82.12
C ASN H 18 45.98 99.52 -83.18
N GLY H 19 46.63 99.43 -84.33
CA GLY H 19 46.33 100.34 -85.42
C GLY H 19 47.51 101.17 -85.91
N VAL H 20 48.73 100.69 -85.68
CA VAL H 20 49.95 101.36 -86.14
C VAL H 20 50.69 100.36 -87.01
N GLU H 21 50.63 100.55 -88.32
CA GLU H 21 51.24 99.60 -89.25
C GLU H 21 52.76 99.64 -89.14
N SER H 22 53.40 98.56 -89.58
CA SER H 22 54.85 98.45 -89.54
C SER H 22 55.47 99.26 -90.67
N SER H 23 56.80 99.20 -90.77
CA SER H 23 57.48 99.86 -91.88
C SER H 23 57.07 99.22 -93.22
N ILE H 24 57.00 97.90 -93.26
CA ILE H 24 56.42 97.18 -94.39
C ILE H 24 54.91 97.39 -94.33
N GLY H 25 54.20 97.04 -95.39
CA GLY H 25 52.79 97.30 -95.48
C GLY H 25 51.97 96.37 -94.60
N PRO H 26 50.79 95.98 -95.09
CA PRO H 26 49.88 95.18 -94.25
C PRO H 26 50.45 93.82 -93.94
N GLN H 27 49.95 93.24 -92.85
CA GLN H 27 50.38 91.95 -92.35
C GLN H 27 49.20 91.00 -92.26
N ILE H 28 49.47 89.72 -92.47
CA ILE H 28 48.39 88.72 -92.53
C ILE H 28 47.92 88.36 -91.13
N HIS H 29 48.82 87.82 -90.31
CA HIS H 29 48.47 87.32 -88.98
C HIS H 29 49.06 88.21 -87.90
N THR H 30 48.22 88.61 -86.94
CA THR H 30 48.65 89.38 -85.79
C THR H 30 48.41 88.64 -84.48
N ARG H 31 47.97 87.38 -84.54
CA ARG H 31 47.69 86.60 -83.36
C ARG H 31 47.86 85.12 -83.69
N TYR H 32 48.04 84.32 -82.64
CA TYR H 32 48.18 82.88 -82.76
C TYR H 32 46.90 82.20 -82.27
N TRP H 33 46.56 81.09 -82.89
CA TRP H 33 45.32 80.38 -82.61
C TRP H 33 45.61 79.09 -81.85
N TYR H 34 44.95 78.91 -80.71
CA TYR H 34 45.02 77.67 -79.95
C TYR H 34 43.92 76.76 -80.47
N LYS H 35 44.32 75.74 -81.25
CA LYS H 35 43.35 74.95 -81.99
C LYS H 35 42.41 74.16 -81.07
N ARG H 36 42.95 73.56 -80.02
CA ARG H 36 42.12 72.78 -79.12
C ARG H 36 41.19 73.69 -78.34
N ALA H 37 39.90 73.33 -78.31
CA ALA H 37 38.88 74.16 -77.68
C ALA H 37 38.73 73.82 -76.21
N LEU H 38 38.03 74.69 -75.49
CA LEU H 38 37.76 74.53 -74.06
C LEU H 38 36.30 74.13 -73.89
N ILE H 39 36.06 72.99 -73.26
CA ILE H 39 34.73 72.44 -73.09
C ILE H 39 34.53 72.06 -71.63
N ASP H 40 33.34 72.33 -71.11
CA ASP H 40 32.97 71.98 -69.75
C ASP H 40 32.78 70.47 -69.65
N ALA H 41 32.36 70.00 -68.47
CA ALA H 41 32.18 68.57 -68.23
C ALA H 41 30.71 68.28 -67.93
N ALA H 42 30.29 67.06 -68.28
CA ALA H 42 28.91 66.65 -68.05
C ALA H 42 28.63 66.54 -66.55
N LYS H 43 27.41 66.90 -66.17
CA LYS H 43 27.02 66.86 -64.77
C LYS H 43 26.71 65.42 -64.33
N GLU H 44 26.46 65.26 -63.05
CA GLU H 44 26.23 63.95 -62.44
C GLU H 44 24.77 63.79 -62.07
N ALA H 45 24.22 62.62 -62.38
CA ALA H 45 22.83 62.29 -62.09
C ALA H 45 22.79 61.26 -60.97
N TYR H 46 22.06 61.58 -59.89
CA TYR H 46 21.94 60.70 -58.74
C TYR H 46 20.62 59.95 -58.71
N PHE H 47 19.51 60.66 -58.93
CA PHE H 47 18.19 60.03 -58.84
C PHE H 47 17.92 59.08 -60.00
N GLY H 48 18.62 59.25 -61.12
CA GLY H 48 18.38 58.41 -62.28
C GLY H 48 19.00 57.03 -62.23
N GLN H 49 19.79 56.73 -61.19
CA GLN H 49 20.44 55.43 -61.08
C GLN H 49 19.69 54.45 -60.21
N LEU H 50 18.76 54.92 -59.37
CA LEU H 50 18.00 54.06 -58.47
C LEU H 50 16.55 53.90 -58.89
N ALA H 51 16.20 54.30 -60.11
CA ALA H 51 14.83 54.25 -60.60
C ALA H 51 14.66 53.10 -61.59
N ASP H 52 13.63 52.29 -61.37
CA ASP H 52 13.32 51.20 -62.29
C ASP H 52 12.46 51.70 -63.44
N THR H 53 12.38 50.89 -64.50
CA THR H 53 11.65 51.24 -65.70
C THR H 53 10.56 50.21 -65.96
N PHE H 54 9.56 50.62 -66.74
CA PHE H 54 8.44 49.75 -67.09
C PHE H 54 7.93 50.18 -68.44
N SER H 55 7.85 49.24 -69.38
CA SER H 55 7.46 49.54 -70.76
C SER H 55 5.95 49.43 -70.92
N MET H 56 5.32 50.56 -71.23
CA MET H 56 3.88 50.56 -71.44
C MET H 56 3.55 49.94 -72.80
N PRO H 57 2.49 49.13 -72.89
CA PRO H 57 2.08 48.61 -74.20
C PRO H 57 1.48 49.68 -75.09
N LYS H 58 1.08 49.29 -76.31
CA LYS H 58 0.77 50.28 -77.34
C LYS H 58 -0.65 50.84 -77.20
N HIS H 59 -1.65 49.96 -77.26
CA HIS H 59 -3.03 50.37 -77.51
C HIS H 59 -3.88 50.41 -76.24
N TYR H 60 -3.31 50.76 -75.10
CA TYR H 60 -4.04 50.76 -73.83
C TYR H 60 -4.09 52.15 -73.20
N GLY H 61 -4.15 53.19 -74.01
CA GLY H 61 -4.25 54.53 -73.47
C GLY H 61 -2.93 55.02 -72.88
N LYS H 62 -3.06 56.00 -71.99
CA LYS H 62 -1.92 56.63 -71.33
C LYS H 62 -2.16 56.73 -69.83
N GLU H 63 -2.62 55.63 -69.23
CA GLU H 63 -2.83 55.56 -67.79
C GLU H 63 -2.68 54.11 -67.35
N ILE H 64 -2.13 53.92 -66.16
CA ILE H 64 -1.87 52.59 -65.63
C ILE H 64 -2.57 52.45 -64.29
N VAL H 65 -3.02 51.24 -63.99
CA VAL H 65 -3.70 50.94 -62.72
C VAL H 65 -3.11 49.66 -62.13
N ARG H 66 -3.21 49.55 -60.81
CA ARG H 66 -2.74 48.38 -60.10
C ARG H 66 -3.62 48.15 -58.88
N LEU H 67 -3.72 46.89 -58.45
CA LEU H 67 -4.55 46.51 -57.31
C LEU H 67 -3.71 46.33 -56.05
N HIS H 68 -4.41 46.31 -54.92
CA HIS H 68 -3.76 46.22 -53.61
C HIS H 68 -4.73 45.56 -52.64
N TYR H 69 -4.37 44.38 -52.13
CA TYR H 69 -5.26 43.60 -51.28
C TYR H 69 -5.00 43.90 -49.82
N ILE H 70 -6.07 44.20 -49.07
CA ILE H 70 -5.95 44.55 -47.65
C ILE H 70 -5.93 43.26 -46.83
N PRO H 71 -5.05 43.14 -45.84
CA PRO H 71 -5.05 41.95 -44.98
C PRO H 71 -6.32 41.87 -44.14
N LEU H 72 -6.45 40.74 -43.43
CA LEU H 72 -7.64 40.48 -42.64
C LEU H 72 -7.70 41.39 -41.41
N LEU H 73 -6.68 41.30 -40.55
CA LEU H 73 -6.66 42.07 -39.31
C LEU H 73 -6.14 43.48 -39.61
N ASP H 74 -7.02 44.29 -40.17
CA ASP H 74 -6.68 45.66 -40.53
C ASP H 74 -7.92 46.54 -40.36
N ASP H 75 -7.67 47.82 -40.09
CA ASP H 75 -8.77 48.78 -39.96
C ASP H 75 -9.39 49.14 -41.31
N ARG H 76 -8.60 49.07 -42.39
CA ARG H 76 -9.13 49.37 -43.71
C ARG H 76 -10.08 48.29 -44.21
N ASN H 77 -10.15 47.13 -43.54
CA ASN H 77 -11.02 46.03 -43.94
C ASN H 77 -12.37 46.24 -43.27
N VAL H 78 -13.25 47.00 -43.92
CA VAL H 78 -14.60 47.23 -43.43
C VAL H 78 -15.55 46.38 -44.27
N ASN H 79 -16.35 45.55 -43.61
CA ASN H 79 -17.22 44.60 -44.29
C ASN H 79 -18.58 44.59 -43.61
N ASP H 80 -19.50 43.82 -44.18
CA ASP H 80 -20.79 43.54 -43.56
C ASP H 80 -20.99 42.04 -43.32
N GLN H 81 -19.93 41.24 -43.44
CA GLN H 81 -20.00 39.80 -43.29
C GLN H 81 -19.65 39.33 -41.87
N GLY H 82 -19.93 40.16 -40.87
CA GLY H 82 -19.54 39.85 -39.50
C GLY H 82 -20.61 39.10 -38.75
N ILE H 83 -20.23 37.95 -38.19
CA ILE H 83 -21.11 37.15 -37.35
C ILE H 83 -20.38 36.85 -36.05
N ASP H 84 -21.05 37.10 -34.93
CA ASP H 84 -20.42 36.93 -33.62
C ASP H 84 -20.27 35.44 -33.30
N ALA H 85 -19.72 35.15 -32.12
CA ALA H 85 -19.49 33.78 -31.68
C ALA H 85 -20.77 33.04 -31.33
N SER H 86 -21.91 33.72 -31.30
CA SER H 86 -23.21 33.12 -31.02
C SER H 86 -24.24 33.60 -32.04
N GLY H 87 -23.87 33.56 -33.31
CA GLY H 87 -24.72 34.17 -34.33
C GLY H 87 -24.66 35.68 -34.15
N ALA H 88 -25.83 36.32 -34.07
CA ALA H 88 -25.95 37.72 -33.67
C ALA H 88 -25.12 38.63 -34.57
N THR H 89 -25.55 38.70 -35.83
CA THR H 89 -24.88 39.49 -36.86
C THR H 89 -24.43 40.85 -36.34
N ILE H 90 -23.18 41.20 -36.62
CA ILE H 90 -22.57 42.40 -36.07
C ILE H 90 -22.12 43.31 -37.21
N ALA H 91 -21.53 44.46 -36.86
CA ALA H 91 -21.11 45.45 -37.84
C ALA H 91 -19.60 45.39 -38.11
N ASN H 92 -18.88 44.49 -37.48
CA ASN H 92 -17.45 44.33 -37.69
C ASN H 92 -17.17 42.95 -38.27
N GLY H 93 -16.41 42.91 -39.35
CA GLY H 93 -16.04 41.66 -39.98
C GLY H 93 -14.55 41.49 -40.15
N ASN H 94 -13.78 42.31 -39.43
CA ASN H 94 -12.32 42.28 -39.52
C ASN H 94 -11.67 41.65 -38.30
N LEU H 95 -12.45 41.21 -37.31
CA LEU H 95 -11.95 40.51 -36.14
C LEU H 95 -10.88 41.34 -35.40
N TYR H 96 -11.36 42.46 -34.84
CA TYR H 96 -10.57 43.35 -33.98
C TYR H 96 -9.31 43.86 -34.66
N GLY H 97 -9.31 43.90 -36.00
CA GLY H 97 -8.07 44.17 -36.73
C GLY H 97 -7.46 45.50 -36.35
N SER H 98 -6.13 45.50 -36.21
CA SER H 98 -5.34 46.71 -35.95
C SER H 98 -5.78 47.42 -34.67
N SER H 99 -6.04 46.65 -33.62
CA SER H 99 -6.30 47.19 -32.30
C SER H 99 -5.46 46.42 -31.29
N ARG H 100 -4.76 47.14 -30.41
CA ARG H 100 -3.84 46.52 -29.46
C ARG H 100 -4.34 46.58 -28.02
N ASP H 101 -5.58 47.00 -27.81
CA ASP H 101 -6.13 47.01 -26.45
C ASP H 101 -6.42 45.59 -26.00
N VAL H 102 -5.88 45.21 -24.84
CA VAL H 102 -5.95 43.82 -24.39
C VAL H 102 -7.40 43.41 -24.16
N GLY H 103 -8.20 44.29 -23.55
CA GLY H 103 -9.59 43.95 -23.28
C GLY H 103 -10.37 43.69 -24.55
N ASN H 104 -10.16 44.51 -25.59
CA ASN H 104 -10.84 44.30 -26.85
C ASN H 104 -10.47 42.96 -27.48
N ILE H 105 -9.18 42.62 -27.44
CA ILE H 105 -8.73 41.35 -28.02
C ILE H 105 -9.33 40.18 -27.26
N THR H 106 -9.35 40.26 -25.92
CA THR H 106 -9.92 39.19 -25.13
C THR H 106 -11.42 39.05 -25.37
N ALA H 107 -12.11 40.17 -25.58
CA ALA H 107 -13.55 40.14 -25.80
C ALA H 107 -13.92 39.67 -27.20
N LYS H 108 -13.05 39.91 -28.19
CA LYS H 108 -13.35 39.60 -29.58
C LYS H 108 -12.52 38.41 -30.08
N MET H 109 -12.35 37.39 -29.25
CA MET H 109 -11.59 36.25 -29.76
C MET H 109 -12.55 35.18 -30.26
N PRO H 110 -12.20 34.47 -31.34
CA PRO H 110 -13.16 33.49 -31.93
C PRO H 110 -13.19 32.15 -31.21
N THR H 111 -13.98 32.08 -30.13
CA THR H 111 -14.17 30.84 -29.41
C THR H 111 -15.09 29.90 -30.20
N LEU H 112 -15.09 28.63 -29.79
CA LEU H 112 -15.86 27.62 -30.49
C LEU H 112 -16.44 26.63 -29.49
N THR H 113 -17.52 25.98 -29.91
CA THR H 113 -18.19 24.96 -29.11
C THR H 113 -18.32 23.68 -29.91
N GLU H 114 -18.39 22.55 -29.20
CA GLU H 114 -18.45 21.24 -29.84
C GLU H 114 -19.76 21.00 -30.60
N ILE H 115 -20.79 21.83 -30.38
CA ILE H 115 -22.10 21.56 -30.97
C ILE H 115 -22.07 21.79 -32.49
N GLY H 116 -21.41 22.85 -32.95
CA GLY H 116 -21.44 23.16 -34.36
C GLY H 116 -20.82 24.52 -34.66
N GLY H 117 -21.36 25.16 -35.71
CA GLY H 117 -20.75 26.38 -36.22
C GLY H 117 -21.70 27.52 -36.50
N ARG H 118 -21.67 28.03 -37.74
CA ARG H 118 -22.41 29.22 -38.14
C ARG H 118 -22.03 30.43 -37.28
N VAL H 119 -20.75 30.51 -36.93
CA VAL H 119 -20.22 31.60 -36.12
C VAL H 119 -18.87 32.03 -36.70
N ASN H 120 -18.47 33.26 -36.38
CA ASN H 120 -17.14 33.80 -36.68
C ASN H 120 -16.88 33.81 -38.19
N ARG H 121 -17.67 34.65 -38.87
CA ARG H 121 -17.46 34.91 -40.29
C ARG H 121 -16.60 36.15 -40.48
N VAL H 122 -15.98 36.25 -41.65
CA VAL H 122 -15.03 37.31 -41.97
C VAL H 122 -15.21 37.74 -43.42
N GLY H 123 -14.43 38.75 -43.82
CA GLY H 123 -14.45 39.27 -45.18
C GLY H 123 -13.10 39.84 -45.57
N PHE H 124 -13.03 40.36 -46.79
CA PHE H 124 -11.78 40.87 -47.35
C PHE H 124 -12.07 42.03 -48.28
N LYS H 125 -11.04 42.81 -48.58
CA LYS H 125 -11.19 44.03 -49.37
C LYS H 125 -9.93 44.32 -50.17
N ARG H 126 -10.08 45.19 -51.17
CA ARG H 126 -8.96 45.61 -52.00
C ARG H 126 -9.22 47.01 -52.52
N VAL H 127 -8.13 47.67 -52.93
CA VAL H 127 -8.13 49.04 -53.45
C VAL H 127 -7.24 49.08 -54.68
N GLU H 128 -7.05 50.29 -55.23
CA GLU H 128 -6.31 50.46 -56.48
C GLU H 128 -5.51 51.74 -56.47
N ILE H 129 -4.49 51.79 -57.34
CA ILE H 129 -3.64 52.95 -57.53
C ILE H 129 -3.43 53.18 -59.01
N LYS H 130 -3.03 54.40 -59.37
CA LYS H 130 -3.01 54.84 -60.77
C LYS H 130 -1.72 55.59 -61.09
N GLY H 131 -1.48 55.75 -62.40
CA GLY H 131 -0.32 56.46 -62.92
C GLY H 131 -0.59 56.97 -64.33
N LYS H 132 0.30 57.86 -64.79
CA LYS H 132 0.08 58.59 -66.03
C LYS H 132 1.30 58.63 -66.96
N LEU H 133 1.24 59.47 -67.99
CA LEU H 133 2.30 59.55 -69.00
C LEU H 133 2.26 60.93 -69.67
N GLU H 134 3.41 61.33 -70.21
CA GLU H 134 3.56 62.61 -70.92
C GLU H 134 4.67 62.48 -71.96
N LYS H 135 4.86 63.54 -72.74
CA LYS H 135 5.86 63.56 -73.81
C LYS H 135 6.53 64.93 -73.87
N TYR H 136 7.75 64.95 -74.41
CA TYR H 136 8.53 66.18 -74.51
C TYR H 136 9.42 66.13 -75.75
N GLY H 137 9.94 67.29 -76.13
CA GLY H 137 10.87 67.36 -77.25
C GLY H 137 11.27 68.78 -77.55
N PHE H 138 12.37 68.91 -78.31
CA PHE H 138 12.87 70.20 -78.75
C PHE H 138 13.78 69.99 -79.97
N PHE H 139 14.01 71.08 -80.71
CA PHE H 139 14.72 70.98 -81.98
C PHE H 139 15.58 72.22 -82.20
N ARG H 140 16.37 72.17 -83.28
CA ARG H 140 17.22 73.28 -83.69
C ARG H 140 17.35 73.27 -85.21
N GLU H 141 17.72 74.43 -85.75
CA GLU H 141 17.83 74.63 -87.19
C GLU H 141 19.15 75.31 -87.53
N TYR H 142 19.59 75.14 -88.77
CA TYR H 142 20.79 75.80 -89.26
C TYR H 142 20.77 75.81 -90.78
N THR H 143 21.76 76.46 -91.38
CA THR H 143 21.92 76.52 -92.82
C THR H 143 23.26 75.94 -93.23
N GLN H 144 23.38 75.62 -94.52
CA GLN H 144 24.59 74.97 -95.02
C GLN H 144 25.78 75.94 -95.03
N GLU H 145 25.54 77.20 -95.40
CA GLU H 145 26.65 78.15 -95.50
C GLU H 145 27.30 78.41 -94.15
N GLN H 146 26.51 78.41 -93.08
CA GLN H 146 27.07 78.62 -91.75
C GLN H 146 27.80 77.39 -91.20
N LEU H 147 28.00 76.37 -92.03
CA LEU H 147 28.75 75.17 -91.66
C LEU H 147 29.97 74.96 -92.53
N ASP H 148 30.00 75.48 -93.75
CA ASP H 148 31.12 75.30 -94.66
C ASP H 148 32.15 76.42 -94.55
N PHE H 149 31.70 77.65 -94.35
CA PHE H 149 32.60 78.81 -94.30
C PHE H 149 33.04 79.15 -92.89
N ASP H 150 32.64 78.38 -91.89
CA ASP H 150 33.06 78.66 -90.52
C ASP H 150 34.55 78.37 -90.34
N SER H 151 35.16 79.10 -89.42
CA SER H 151 36.60 78.98 -89.19
C SER H 151 36.96 77.82 -88.27
N ASP H 152 35.98 77.18 -87.65
CA ASP H 152 36.24 76.05 -86.76
C ASP H 152 35.74 74.76 -87.42
N PRO H 153 36.63 73.86 -87.82
CA PRO H 153 36.20 72.62 -88.49
C PRO H 153 35.61 71.56 -87.56
N ALA H 154 35.37 71.88 -86.29
CA ALA H 154 34.83 70.90 -85.34
C ALA H 154 33.69 71.49 -84.53
N MET H 155 32.94 72.43 -85.10
CA MET H 155 31.84 73.06 -84.38
C MET H 155 30.63 72.14 -84.27
N GLU H 156 30.34 71.39 -85.33
CA GLU H 156 29.12 70.58 -85.36
C GLU H 156 29.14 69.50 -84.29
N GLY H 157 30.29 68.85 -84.10
CA GLY H 157 30.39 67.83 -83.06
C GLY H 157 30.16 68.38 -81.67
N HIS H 158 30.76 69.54 -81.38
CA HIS H 158 30.55 70.17 -80.07
C HIS H 158 29.09 70.53 -79.87
N VAL H 159 28.45 71.08 -80.92
CA VAL H 159 27.04 71.47 -80.81
C VAL H 159 26.17 70.26 -80.53
N THR H 160 26.40 69.17 -81.28
CA THR H 160 25.60 67.96 -81.07
C THR H 160 25.81 67.38 -79.68
N THR H 161 27.06 67.35 -79.20
CA THR H 161 27.33 66.85 -77.86
C THR H 161 26.63 67.70 -76.80
N GLU H 162 26.67 69.03 -76.96
CA GLU H 162 25.98 69.90 -76.02
C GLU H 162 24.48 69.64 -76.02
N MET H 163 23.89 69.48 -77.22
CA MET H 163 22.47 69.21 -77.31
C MET H 163 22.11 67.89 -76.61
N VAL H 164 22.89 66.84 -76.86
CA VAL H 164 22.62 65.54 -76.25
C VAL H 164 22.76 65.63 -74.73
N LYS H 165 23.79 66.33 -74.25
CA LYS H 165 23.99 66.48 -72.82
C LYS H 165 22.85 67.23 -72.15
N GLY H 166 22.37 68.30 -72.79
CA GLY H 166 21.21 69.01 -72.25
C GLY H 166 19.96 68.15 -72.23
N ALA H 167 19.75 67.37 -73.30
CA ALA H 167 18.61 66.46 -73.32
C ALA H 167 18.70 65.44 -72.20
N ASN H 168 19.90 64.95 -71.92
CA ASN H 168 20.10 64.03 -70.80
C ASN H 168 19.79 64.70 -69.46
N GLU H 169 20.22 65.95 -69.30
CA GLU H 169 19.98 66.67 -68.04
C GLU H 169 18.49 66.92 -67.80
N ILE H 170 17.73 67.19 -68.87
CA ILE H 170 16.32 67.52 -68.71
C ILE H 170 15.55 66.37 -68.07
N THR H 171 15.88 65.12 -68.44
CA THR H 171 15.17 63.97 -67.88
C THR H 171 15.43 63.84 -66.39
N GLU H 172 16.67 64.05 -65.95
CA GLU H 172 16.97 64.00 -64.52
C GLU H 172 16.24 65.11 -63.78
N ASP H 173 16.16 66.30 -64.37
CA ASP H 173 15.41 67.38 -63.75
C ASP H 173 13.93 67.00 -63.60
N LEU H 174 13.35 66.40 -64.64
CA LEU H 174 11.95 65.98 -64.59
C LEU H 174 11.75 64.93 -63.51
N LEU H 175 12.67 63.96 -63.40
CA LEU H 175 12.55 62.92 -62.38
C LEU H 175 12.63 63.52 -60.98
N GLN H 176 13.55 64.46 -60.76
CA GLN H 176 13.65 65.11 -59.46
C GLN H 176 12.38 65.88 -59.12
N ILE H 177 11.81 66.58 -60.10
CA ILE H 177 10.57 67.32 -59.87
C ILE H 177 9.44 66.37 -59.50
N ASP H 178 9.32 65.26 -60.24
CA ASP H 178 8.27 64.29 -59.95
C ASP H 178 8.43 63.68 -58.57
N LEU H 179 9.67 63.35 -58.19
CA LEU H 179 9.90 62.80 -56.85
C LEU H 179 9.55 63.82 -55.77
N LEU H 180 9.91 65.08 -55.98
CA LEU H 180 9.62 66.11 -54.98
C LEU H 180 8.12 66.35 -54.83
N ASN H 181 7.39 66.38 -55.94
CA ASN H 181 5.98 66.76 -55.88
C ASN H 181 5.11 65.69 -55.21
N SER H 182 5.36 64.42 -55.49
CA SER H 182 4.51 63.33 -55.01
C SER H 182 5.25 62.56 -53.92
N ALA H 183 4.93 62.87 -52.66
CA ALA H 183 5.53 62.19 -51.52
C ALA H 183 4.67 62.44 -50.29
N GLY H 184 4.27 61.36 -49.62
CA GLY H 184 3.54 61.48 -48.37
C GLY H 184 4.43 61.84 -47.20
N THR H 185 3.80 62.06 -46.06
CA THR H 185 4.49 62.38 -44.81
C THR H 185 5.39 63.61 -44.97
N VAL H 186 4.76 64.73 -45.29
CA VAL H 186 5.46 66.00 -45.46
C VAL H 186 5.48 66.72 -44.12
N ARG H 187 6.67 67.15 -43.70
CA ARG H 187 6.87 67.67 -42.35
C ARG H 187 7.59 69.00 -42.38
N TYR H 188 7.11 69.93 -41.56
CA TYR H 188 7.86 71.12 -41.17
C TYR H 188 8.04 71.14 -39.66
N PRO H 189 9.20 71.53 -39.16
CA PRO H 189 9.40 71.54 -37.70
C PRO H 189 8.75 72.72 -37.01
N GLY H 190 7.62 72.48 -36.33
CA GLY H 190 6.97 73.51 -35.54
C GLY H 190 6.20 74.52 -36.38
N ALA H 191 4.98 74.86 -35.95
CA ALA H 191 4.13 75.83 -36.64
C ALA H 191 4.06 75.51 -38.14
N ALA H 192 3.41 74.39 -38.42
CA ALA H 192 3.62 73.68 -39.68
C ALA H 192 2.27 73.42 -40.37
N THR H 193 2.31 72.58 -41.41
CA THR H 193 1.18 72.18 -42.25
C THR H 193 0.71 73.30 -43.17
N SER H 194 1.63 74.16 -43.60
CA SER H 194 1.35 75.16 -44.62
C SER H 194 2.66 75.80 -45.07
N ASP H 195 2.71 76.17 -46.35
CA ASP H 195 3.88 76.87 -46.88
C ASP H 195 3.89 78.34 -46.46
N ALA H 196 2.72 78.97 -46.34
CA ALA H 196 2.65 80.38 -45.95
C ALA H 196 2.96 80.60 -44.48
N GLU H 197 3.03 79.55 -43.67
CA GLU H 197 3.33 79.68 -42.26
C GLU H 197 4.81 79.56 -41.95
N VAL H 198 5.66 79.37 -42.97
CA VAL H 198 7.08 79.20 -42.76
C VAL H 198 7.70 80.54 -42.39
N ASP H 199 8.49 80.55 -41.31
CA ASP H 199 9.17 81.75 -40.86
C ASP H 199 10.58 81.37 -40.43
N ALA H 200 11.24 82.28 -39.72
CA ALA H 200 12.64 82.07 -39.34
C ALA H 200 12.80 80.94 -38.33
N SER H 201 11.73 80.50 -37.69
CA SER H 201 11.81 79.47 -36.67
C SER H 201 11.58 78.07 -37.22
N THR H 202 11.34 77.92 -38.52
CA THR H 202 11.08 76.62 -39.12
C THR H 202 12.37 75.97 -39.62
N GLU H 203 13.28 75.74 -38.68
CA GLU H 203 14.60 75.17 -38.95
C GLU H 203 14.67 73.75 -38.41
N VAL H 204 15.44 72.90 -39.09
CA VAL H 204 15.53 71.50 -38.71
C VAL H 204 16.21 71.36 -37.35
N THR H 205 15.60 70.57 -36.48
CA THR H 205 16.15 70.25 -35.17
C THR H 205 16.29 68.74 -35.06
N TYR H 206 17.05 68.31 -34.04
CA TYR H 206 17.29 66.88 -33.85
C TYR H 206 15.98 66.15 -33.54
N ASP H 207 15.08 66.77 -32.80
CA ASP H 207 13.80 66.16 -32.49
C ASP H 207 12.98 65.91 -33.75
N SER H 208 13.05 66.84 -34.71
CA SER H 208 12.34 66.65 -35.98
C SER H 208 12.87 65.43 -36.73
N LEU H 209 14.19 65.26 -36.77
CA LEU H 209 14.76 64.10 -37.44
C LEU H 209 14.39 62.82 -36.72
N MET H 210 14.39 62.85 -35.38
CA MET H 210 13.97 61.66 -34.62
C MET H 210 12.53 61.30 -34.91
N ARG H 211 11.64 62.30 -34.95
CA ARG H 211 10.23 62.04 -35.25
C ARG H 211 10.07 61.50 -36.67
N LEU H 212 10.82 62.06 -37.62
CA LEU H 212 10.75 61.56 -39.00
C LEU H 212 11.22 60.11 -39.09
N ARG H 213 12.30 59.77 -38.38
CA ARG H 213 12.77 58.40 -38.38
C ARG H 213 11.73 57.46 -37.75
N LEU H 214 11.12 57.87 -36.65
CA LEU H 214 10.11 57.04 -36.01
C LEU H 214 8.90 56.84 -36.92
N ASP H 215 8.46 57.91 -37.60
CA ASP H 215 7.34 57.79 -38.54
C ASP H 215 7.69 56.85 -39.68
N LEU H 216 8.91 56.96 -40.21
CA LEU H 216 9.33 56.06 -41.29
C LEU H 216 9.38 54.61 -40.81
N ASP H 217 9.87 54.38 -39.59
CA ASP H 217 9.95 53.03 -39.06
C ASP H 217 8.57 52.45 -38.79
N ASN H 218 7.60 53.30 -38.42
CA ASN H 218 6.24 52.83 -38.19
C ASN H 218 5.59 52.28 -39.46
N ALA H 219 6.12 52.65 -40.63
CA ALA H 219 5.59 52.17 -41.91
C ALA H 219 6.41 51.04 -42.50
N ARG H 220 7.32 50.45 -41.72
CA ARG H 220 8.14 49.32 -42.15
C ARG H 220 8.98 49.68 -43.38
N ALA H 221 9.51 50.90 -43.40
CA ALA H 221 10.40 51.30 -44.49
C ALA H 221 11.73 50.59 -44.36
N PRO H 222 12.24 49.96 -45.42
CA PRO H 222 13.48 49.20 -45.30
C PRO H 222 14.69 50.09 -45.07
N THR H 223 15.68 49.54 -44.38
CA THR H 223 16.97 50.20 -44.16
C THR H 223 18.04 49.37 -44.85
N LYS H 224 18.77 49.99 -45.78
CA LYS H 224 19.75 49.29 -46.59
C LYS H 224 21.19 49.58 -46.20
N ILE H 225 21.42 50.36 -45.15
CA ILE H 225 22.76 50.69 -44.68
C ILE H 225 22.99 50.05 -43.33
N LYS H 226 24.04 49.24 -43.23
CA LYS H 226 24.34 48.53 -42.00
C LYS H 226 25.05 49.46 -41.01
N MET H 227 25.32 48.93 -39.82
CA MET H 227 26.00 49.68 -38.78
C MET H 227 27.50 49.43 -38.84
N ILE H 228 28.26 50.28 -38.13
CA ILE H 228 29.71 50.17 -38.05
C ILE H 228 30.07 49.92 -36.60
N THR H 229 30.82 48.85 -36.35
CA THR H 229 31.19 48.47 -35.00
C THR H 229 32.51 49.09 -34.54
N GLY H 230 33.16 49.89 -35.38
CA GLY H 230 34.38 50.57 -35.01
C GLY H 230 35.62 49.85 -35.48
N THR H 231 36.73 50.59 -35.44
CA THR H 231 38.02 50.05 -35.86
C THR H 231 39.08 50.30 -34.78
N ARG H 232 40.33 50.00 -35.10
CA ARG H 232 41.42 50.11 -34.14
C ARG H 232 42.18 51.43 -34.23
N MET H 233 41.75 52.34 -35.11
CA MET H 233 42.45 53.60 -35.29
C MET H 233 41.92 54.67 -34.33
N ILE H 234 42.81 55.55 -33.89
CA ILE H 234 42.45 56.57 -32.92
C ILE H 234 41.55 57.62 -33.56
N ASP H 235 40.76 58.29 -32.72
CA ASP H 235 39.87 59.38 -33.13
C ASP H 235 38.83 58.92 -34.15
N THR H 236 38.41 57.67 -34.05
CA THR H 236 37.31 57.15 -34.84
C THR H 236 36.03 57.14 -34.01
N ARG H 237 34.95 56.65 -34.60
CA ARG H 237 33.66 56.62 -33.92
C ARG H 237 32.82 55.49 -34.49
N THR H 238 31.78 55.12 -33.75
CA THR H 238 30.87 54.06 -34.13
C THR H 238 29.51 54.66 -34.46
N VAL H 239 28.89 54.16 -35.53
CA VAL H 239 27.59 54.64 -35.98
C VAL H 239 26.66 53.45 -36.15
N GLY H 240 25.38 53.67 -35.88
CA GLY H 240 24.36 52.65 -35.99
C GLY H 240 23.76 52.59 -37.38
N ASN H 241 22.58 51.97 -37.45
CA ASN H 241 21.88 51.84 -38.72
C ASN H 241 21.45 53.21 -39.23
N ALA H 242 21.37 53.34 -40.54
CA ALA H 242 21.07 54.62 -41.16
C ALA H 242 20.35 54.42 -42.48
N ARG H 243 19.73 55.50 -42.96
CA ARG H 243 19.06 55.53 -44.26
C ARG H 243 19.54 56.74 -45.04
N ALA H 244 19.55 56.62 -46.36
CA ALA H 244 20.03 57.72 -47.20
C ALA H 244 19.11 58.92 -47.08
N LEU H 245 19.70 60.12 -47.07
CA LEU H 245 18.94 61.37 -47.01
C LEU H 245 19.63 62.38 -47.94
N TYR H 246 18.95 62.75 -49.02
CA TYR H 246 19.50 63.68 -49.99
C TYR H 246 19.18 65.11 -49.58
N VAL H 247 20.18 65.99 -49.68
CA VAL H 247 20.06 67.38 -49.28
C VAL H 247 20.79 68.24 -50.30
N GLY H 248 20.47 69.52 -50.31
CA GLY H 248 21.13 70.46 -51.19
C GLY H 248 22.49 70.89 -50.69
N SER H 249 22.94 72.07 -51.10
CA SER H 249 24.23 72.60 -50.67
C SER H 249 24.12 73.83 -49.78
N ASP H 250 22.96 74.47 -49.73
CA ASP H 250 22.79 75.65 -48.89
C ASP H 250 22.46 75.28 -47.45
N LEU H 251 22.11 74.03 -47.18
CA LEU H 251 21.76 73.59 -45.84
C LEU H 251 22.95 73.05 -45.04
N VAL H 252 24.14 73.02 -45.64
CA VAL H 252 25.32 72.51 -44.93
C VAL H 252 25.64 73.31 -43.68
N PRO H 253 25.64 74.65 -43.70
CA PRO H 253 25.91 75.39 -42.45
C PRO H 253 24.95 75.05 -41.32
N THR H 254 23.66 74.83 -41.63
CA THR H 254 22.70 74.47 -40.60
C THR H 254 22.95 73.06 -40.07
N ILE H 255 23.28 72.13 -40.96
CA ILE H 255 23.55 70.76 -40.54
C ILE H 255 24.79 70.70 -39.65
N GLU H 256 25.83 71.44 -40.01
CA GLU H 256 27.07 71.41 -39.23
C GLU H 256 26.86 71.96 -37.83
N ALA H 257 26.11 73.05 -37.70
CA ALA H 257 25.84 73.67 -36.41
C ALA H 257 24.59 73.02 -35.82
N MET H 258 24.79 71.99 -35.01
CA MET H 258 23.67 71.24 -34.44
C MET H 258 24.10 70.55 -33.16
N LYS H 259 23.21 70.55 -32.17
CA LYS H 259 23.42 69.83 -30.91
C LYS H 259 22.22 68.93 -30.68
N ASP H 260 22.45 67.63 -30.59
CA ASP H 260 21.35 66.67 -30.58
C ASP H 260 20.45 66.79 -29.35
N ASN H 261 20.96 66.42 -28.17
CA ASN H 261 20.19 66.57 -26.94
C ASN H 261 20.98 67.04 -25.73
N HIS H 262 22.32 66.99 -25.75
CA HIS H 262 23.11 67.29 -24.57
C HIS H 262 24.29 68.19 -24.89
N GLY H 263 24.19 68.98 -25.96
CA GLY H 263 25.27 69.84 -26.39
C GLY H 263 26.30 69.19 -27.28
N ASN H 264 26.28 67.86 -27.41
CA ASN H 264 27.21 67.20 -28.30
C ASN H 264 26.85 67.51 -29.75
N PRO H 265 27.84 67.75 -30.63
CA PRO H 265 27.52 67.98 -32.04
C PRO H 265 26.86 66.77 -32.67
N ALA H 266 25.65 66.97 -33.18
CA ALA H 266 24.89 65.86 -33.76
C ALA H 266 25.55 65.35 -35.03
N PHE H 267 26.08 66.25 -35.87
CA PHE H 267 26.69 65.85 -37.12
C PHE H 267 28.03 65.17 -36.89
N ILE H 268 28.23 64.04 -37.55
CA ILE H 268 29.47 63.27 -37.50
C ILE H 268 30.11 63.32 -38.88
N PRO H 269 31.30 63.88 -39.03
CA PRO H 269 31.94 63.91 -40.35
C PRO H 269 32.30 62.52 -40.84
N ILE H 270 32.47 62.42 -42.16
CA ILE H 270 32.73 61.12 -42.80
C ILE H 270 34.08 60.55 -42.36
N GLU H 271 35.07 61.42 -42.11
CA GLU H 271 36.40 60.93 -41.75
C GLU H 271 36.39 60.16 -40.45
N LYS H 272 35.39 60.37 -39.61
CA LYS H 272 35.33 59.66 -38.33
C LYS H 272 35.15 58.17 -38.53
N TYR H 273 34.30 57.76 -39.46
CA TYR H 273 33.90 56.37 -39.62
C TYR H 273 34.23 55.80 -41.00
N ALA H 274 35.12 56.45 -41.76
CA ALA H 274 35.39 55.98 -43.12
C ALA H 274 36.22 54.70 -43.13
N ALA H 275 36.85 54.34 -42.00
CA ALA H 275 37.73 53.18 -41.99
C ALA H 275 36.94 51.88 -42.04
N GLY H 276 35.82 51.80 -41.32
CA GLY H 276 35.06 50.55 -41.27
C GLY H 276 34.44 50.16 -42.60
N GLY H 277 34.07 51.16 -43.41
CA GLY H 277 33.44 50.93 -44.69
C GLY H 277 32.27 51.89 -44.86
N ALA H 278 32.35 52.72 -45.89
CA ALA H 278 31.50 53.90 -45.99
C ALA H 278 31.55 54.52 -47.38
N THR H 279 31.12 55.77 -47.47
CA THR H 279 31.37 56.64 -48.62
C THR H 279 30.69 56.19 -49.90
N MET H 280 29.35 56.23 -49.92
CA MET H 280 28.68 56.39 -51.20
C MET H 280 29.13 57.70 -51.85
N HIS H 281 28.76 57.87 -53.13
CA HIS H 281 29.35 58.91 -53.97
C HIS H 281 29.30 60.28 -53.30
N GLY H 282 28.10 60.73 -52.93
CA GLY H 282 27.95 62.06 -52.37
C GLY H 282 27.87 62.11 -50.86
N GLU H 283 28.32 61.05 -50.19
CA GLU H 283 28.24 60.99 -48.74
C GLU H 283 29.11 62.06 -48.10
N VAL H 284 28.56 62.77 -47.12
CA VAL H 284 29.28 63.83 -46.43
C VAL H 284 29.46 63.46 -44.97
N GLY H 285 28.49 62.71 -44.43
CA GLY H 285 28.55 62.32 -43.04
C GLY H 285 27.23 61.71 -42.60
N GLN H 286 27.07 61.63 -41.27
CA GLN H 286 25.87 61.10 -40.66
C GLN H 286 25.35 62.11 -39.64
N LEU H 287 24.15 62.61 -39.86
CA LEU H 287 23.53 63.58 -38.96
C LEU H 287 22.77 62.91 -37.81
N GLY H 288 22.71 61.58 -37.80
CA GLY H 288 21.87 60.84 -36.88
C GLY H 288 21.76 59.42 -37.35
N ARG H 289 20.53 58.89 -37.45
CA ARG H 289 20.28 57.66 -38.18
C ARG H 289 20.02 57.93 -39.67
N PHE H 290 20.58 59.01 -40.21
CA PHE H 290 20.49 59.34 -41.62
C PHE H 290 21.88 59.63 -42.16
N ARG H 291 22.21 59.02 -43.30
CA ARG H 291 23.44 59.34 -44.02
C ARG H 291 23.18 60.47 -44.99
N VAL H 292 23.87 61.59 -44.80
CA VAL H 292 23.61 62.79 -45.58
C VAL H 292 24.35 62.71 -46.91
N ILE H 293 23.63 62.91 -48.01
CA ILE H 293 24.20 62.99 -49.34
C ILE H 293 23.95 64.39 -49.88
N VAL H 294 24.94 64.95 -50.55
CA VAL H 294 24.86 66.30 -51.10
C VAL H 294 24.70 66.19 -52.60
N ASN H 295 23.60 66.77 -53.12
CA ASN H 295 23.31 66.73 -54.55
C ASN H 295 23.52 68.11 -55.15
N PRO H 296 24.47 68.28 -56.07
CA PRO H 296 24.68 69.61 -56.67
C PRO H 296 23.49 70.11 -57.48
N GLN H 297 22.59 69.23 -57.91
CA GLN H 297 21.46 69.62 -58.75
C GLN H 297 20.15 69.63 -57.96
N MET H 298 20.22 69.89 -56.66
CA MET H 298 19.02 69.91 -55.82
C MET H 298 18.24 71.20 -56.04
N MET H 299 16.92 71.07 -56.18
CA MET H 299 16.04 72.22 -56.36
C MET H 299 15.60 72.77 -55.01
N HIS H 300 14.84 73.87 -55.06
CA HIS H 300 14.34 74.51 -53.85
C HIS H 300 13.24 75.50 -54.24
N TRP H 301 12.25 75.65 -53.36
CA TRP H 301 11.19 76.63 -53.56
C TRP H 301 11.68 78.00 -53.10
N ALA H 302 11.63 78.98 -54.00
CA ALA H 302 12.13 80.31 -53.73
C ALA H 302 10.98 81.32 -53.69
N GLY H 303 10.98 82.17 -52.67
CA GLY H 303 9.99 83.22 -52.57
C GLY H 303 8.65 82.81 -52.02
N VAL H 304 8.58 81.69 -51.31
CA VAL H 304 7.33 81.20 -50.72
C VAL H 304 7.50 81.18 -49.20
N GLY H 305 6.53 81.75 -48.49
CA GLY H 305 6.52 81.82 -47.05
C GLY H 305 6.12 83.20 -46.58
N LYS H 306 6.25 83.41 -45.28
CA LYS H 306 5.88 84.69 -44.68
C LYS H 306 6.90 85.77 -45.05
N ALA H 307 6.50 87.02 -44.84
CA ALA H 307 7.38 88.14 -45.08
C ALA H 307 8.55 88.13 -44.11
N VAL H 308 9.71 88.60 -44.59
CA VAL H 308 10.92 88.55 -43.80
C VAL H 308 10.86 89.58 -42.68
N ASP H 309 11.14 89.15 -41.46
CA ASP H 309 11.18 90.05 -40.31
C ASP H 309 12.52 90.79 -40.30
N PRO H 310 12.52 92.13 -40.37
CA PRO H 310 13.80 92.85 -40.48
C PRO H 310 14.75 92.62 -39.32
N ASN H 311 14.22 92.48 -38.09
CA ASN H 311 15.06 92.31 -36.90
C ASN H 311 15.26 90.83 -36.64
N ASP H 312 16.28 90.27 -37.31
CA ASP H 312 16.64 88.87 -37.16
C ASP H 312 18.11 88.75 -36.81
N GLN H 313 18.46 87.69 -36.08
CA GLN H 313 19.83 87.47 -35.63
C GLN H 313 20.64 86.62 -36.60
N VAL H 314 20.06 86.16 -37.70
CA VAL H 314 20.73 85.27 -38.64
C VAL H 314 20.38 85.66 -40.06
N PRO H 315 21.26 85.35 -41.02
CA PRO H 315 21.05 85.81 -42.40
C PRO H 315 19.71 85.40 -43.00
N MET H 316 19.24 84.18 -42.76
CA MET H 316 17.88 83.76 -43.15
C MET H 316 17.68 83.89 -44.66
N HIS H 317 18.35 83.00 -45.39
CA HIS H 317 18.29 82.91 -46.85
C HIS H 317 16.89 83.23 -47.39
N GLU H 318 16.82 84.13 -48.36
CA GLU H 318 15.55 84.71 -48.79
C GLU H 318 15.60 85.01 -50.28
N SER H 319 14.42 85.24 -50.84
CA SER H 319 14.28 85.60 -52.25
C SER H 319 12.96 86.29 -52.46
N GLY H 320 12.97 87.41 -53.17
CA GLY H 320 11.75 88.13 -53.47
C GLY H 320 11.09 88.77 -52.27
N GLY H 321 11.85 89.07 -51.22
CA GLY H 321 11.28 89.67 -50.03
C GLY H 321 10.61 88.69 -49.08
N LYS H 322 10.61 87.40 -49.40
CA LYS H 322 10.02 86.37 -48.56
C LYS H 322 11.06 85.29 -48.31
N TYR H 323 10.72 84.36 -47.41
CA TYR H 323 11.64 83.29 -47.08
C TYR H 323 11.69 82.25 -48.20
N SER H 324 12.71 81.41 -48.15
CA SER H 324 12.91 80.35 -49.12
C SER H 324 12.89 79.00 -48.42
N VAL H 325 12.27 78.02 -49.07
CA VAL H 325 12.09 76.68 -48.49
C VAL H 325 12.99 75.71 -49.24
N PHE H 326 13.69 74.87 -48.47
CA PHE H 326 14.64 73.90 -48.99
C PHE H 326 14.24 72.49 -48.56
N PRO H 327 14.39 71.50 -49.44
CA PRO H 327 13.94 70.14 -49.13
C PRO H 327 15.04 69.24 -48.58
N MET H 328 14.59 68.25 -47.82
CA MET H 328 15.42 67.14 -47.36
C MET H 328 14.62 65.87 -47.65
N LEU H 329 15.05 65.12 -48.65
CA LEU H 329 14.27 64.02 -49.19
C LEU H 329 14.96 62.69 -48.90
N CYS H 330 14.20 61.75 -48.34
CA CYS H 330 14.64 60.38 -48.13
C CYS H 330 13.68 59.48 -48.88
N VAL H 331 14.16 58.92 -50.00
CA VAL H 331 13.36 58.07 -50.87
C VAL H 331 14.04 56.72 -51.02
N ALA H 332 13.28 55.66 -50.85
CA ALA H 332 13.77 54.30 -50.99
C ALA H 332 13.23 53.70 -52.28
N SER H 333 13.97 52.72 -52.81
CA SER H 333 13.55 52.04 -54.03
C SER H 333 12.31 51.19 -53.76
N GLU H 334 11.84 50.51 -54.81
CA GLU H 334 10.63 49.70 -54.77
C GLU H 334 9.41 50.50 -54.29
N ALA H 335 9.48 51.82 -54.35
CA ALA H 335 8.38 52.69 -53.97
C ALA H 335 7.98 53.64 -55.10
N PHE H 336 8.50 53.44 -56.30
CA PHE H 336 8.13 54.24 -57.47
C PHE H 336 8.73 53.57 -58.69
N THR H 337 8.35 54.08 -59.86
CA THR H 337 8.83 53.54 -61.13
C THR H 337 8.61 54.57 -62.23
N THR H 338 9.48 54.52 -63.23
CA THR H 338 9.38 55.35 -64.42
C THR H 338 8.84 54.52 -65.57
N VAL H 339 7.98 55.12 -66.39
CA VAL H 339 7.28 54.43 -67.46
C VAL H 339 7.67 55.08 -68.78
N GLY H 340 8.14 54.26 -69.71
CA GLY H 340 8.40 54.68 -71.07
C GLY H 340 7.24 54.36 -71.99
N PHE H 341 7.56 54.22 -73.28
CA PHE H 341 6.54 53.90 -74.27
C PHE H 341 7.20 53.32 -75.50
N ALA H 342 6.78 52.11 -75.88
CA ALA H 342 7.23 51.45 -77.11
C ALA H 342 8.75 51.36 -77.18
N THR H 343 9.35 50.95 -76.06
CA THR H 343 10.80 50.76 -76.02
C THR H 343 11.19 49.49 -76.78
N ASP H 344 11.56 49.65 -78.05
CA ASP H 344 11.89 48.50 -78.87
C ASP H 344 13.11 47.76 -78.33
N GLY H 345 14.15 48.50 -77.96
CA GLY H 345 15.35 47.93 -77.40
C GLY H 345 15.47 48.02 -75.90
N LYS H 346 14.47 48.59 -75.22
CA LYS H 346 14.46 48.79 -73.77
C LYS H 346 15.59 49.69 -73.27
N ASN H 347 16.34 50.31 -74.19
CA ASN H 347 17.42 51.22 -73.81
C ASN H 347 17.28 52.55 -74.53
N VAL H 348 16.69 52.51 -75.73
CA VAL H 348 16.53 53.71 -76.54
C VAL H 348 15.35 54.51 -75.98
N LYS H 349 15.64 55.66 -75.40
CA LYS H 349 14.62 56.55 -74.85
C LYS H 349 14.40 57.80 -75.68
N PHE H 350 15.41 58.24 -76.42
CA PHE H 350 15.30 59.44 -77.24
C PHE H 350 15.17 59.06 -78.71
N LYS H 351 14.24 59.72 -79.40
CA LYS H 351 14.13 59.63 -80.85
C LYS H 351 14.70 60.91 -81.45
N ILE H 352 15.68 60.75 -82.34
CA ILE H 352 16.40 61.86 -82.94
C ILE H 352 16.19 61.82 -84.44
N ILE H 353 15.76 62.95 -85.00
CA ILE H 353 15.53 63.09 -86.44
C ILE H 353 16.42 64.21 -86.94
N THR H 354 17.35 63.88 -87.84
CA THR H 354 18.27 64.85 -88.40
C THR H 354 18.06 64.93 -89.91
N LYS H 355 17.94 66.15 -90.43
CA LYS H 355 17.82 66.38 -91.86
C LYS H 355 18.88 67.40 -92.27
N ARG H 356 19.88 66.95 -93.01
CA ARG H 356 20.97 67.80 -93.48
C ARG H 356 20.55 68.55 -94.75
N PRO H 357 21.13 69.72 -95.01
CA PRO H 357 20.84 70.43 -96.26
C PRO H 357 21.25 69.64 -97.47
N GLY H 358 20.48 69.79 -98.55
CA GLY H 358 20.75 69.05 -99.78
C GLY H 358 19.49 68.49 -100.41
N GLU H 359 19.61 67.33 -101.07
CA GLU H 359 18.45 66.72 -101.71
C GLU H 359 17.45 66.17 -100.71
N ALA H 360 17.88 65.92 -99.46
CA ALA H 360 16.97 65.41 -98.44
C ALA H 360 15.93 66.44 -98.02
N THR H 361 16.09 67.70 -98.41
CA THR H 361 15.19 68.78 -98.09
C THR H 361 14.78 69.53 -99.35
N ALA H 362 14.34 68.78 -100.36
CA ALA H 362 14.01 69.36 -101.65
C ALA H 362 13.03 70.53 -101.51
N ASP H 363 11.90 70.28 -100.82
CA ASP H 363 11.08 71.34 -100.24
C ASP H 363 10.71 72.41 -101.27
N ARG H 364 9.83 72.00 -102.19
CA ARG H 364 9.47 72.77 -103.39
C ARG H 364 9.46 74.28 -103.16
N SER H 365 8.93 74.73 -102.02
CA SER H 365 8.99 76.14 -101.66
C SER H 365 10.42 76.66 -101.52
N ASP H 366 11.42 75.78 -101.58
CA ASP H 366 12.83 76.19 -101.57
C ASP H 366 13.61 75.17 -102.38
N PRO H 367 13.63 75.32 -103.71
CA PRO H 367 14.10 74.24 -104.58
C PRO H 367 15.57 73.90 -104.45
N TYR H 368 16.35 74.64 -103.65
CA TYR H 368 17.78 74.37 -103.53
C TYR H 368 18.16 73.63 -102.26
N GLY H 369 17.34 73.69 -101.22
CA GLY H 369 17.60 72.95 -100.00
C GLY H 369 18.84 73.42 -99.26
N GLU H 370 18.79 74.65 -98.74
CA GLU H 370 19.93 75.24 -98.06
C GLU H 370 19.83 75.18 -96.55
N MET H 371 18.72 74.68 -95.99
CA MET H 371 18.50 74.69 -94.56
C MET H 371 18.27 73.27 -94.05
N GLY H 372 18.87 72.96 -92.89
CA GLY H 372 18.68 71.69 -92.25
C GLY H 372 18.31 71.88 -90.79
N PHE H 373 17.99 70.76 -90.13
CA PHE H 373 17.54 70.82 -88.76
C PHE H 373 17.79 69.49 -88.06
N MET H 374 17.62 69.50 -86.74
CA MET H 374 17.80 68.31 -85.92
C MET H 374 16.87 68.41 -84.71
N SER H 375 16.10 67.36 -84.46
CA SER H 375 15.10 67.35 -83.41
C SER H 375 15.25 66.12 -82.54
N ILE H 376 14.90 66.27 -81.26
CA ILE H 376 14.92 65.18 -80.29
C ILE H 376 13.59 65.18 -79.56
N LYS H 377 13.04 63.99 -79.33
CA LYS H 377 11.78 63.88 -78.61
C LYS H 377 11.76 62.56 -77.83
N TRP H 378 10.92 62.52 -76.79
CA TRP H 378 10.84 61.33 -75.96
C TRP H 378 9.53 61.34 -75.17
N TYR H 379 9.27 60.22 -74.51
CA TYR H 379 8.13 60.02 -73.62
C TYR H 379 8.62 59.77 -72.22
N TYR H 380 7.81 60.15 -71.23
CA TYR H 380 8.19 59.98 -69.84
C TYR H 380 6.94 59.94 -68.97
N GLY H 381 6.91 59.00 -68.03
CA GLY H 381 5.83 58.92 -67.06
C GLY H 381 6.34 58.42 -65.72
N PHE H 382 5.53 58.63 -64.69
CA PHE H 382 5.92 58.31 -63.33
C PHE H 382 4.74 57.71 -62.59
N MET H 383 4.96 56.56 -61.94
CA MET H 383 3.93 55.90 -61.14
C MET H 383 4.53 55.49 -59.80
N VAL H 384 3.79 55.73 -58.72
CA VAL H 384 4.30 55.56 -57.37
C VAL H 384 3.45 54.54 -56.63
N PHE H 385 4.11 53.54 -56.06
CA PHE H 385 3.50 52.64 -55.08
C PHE H 385 4.00 52.99 -53.69
N ARG H 386 3.17 52.74 -52.68
CA ARG H 386 3.49 53.01 -51.28
C ARG H 386 3.95 54.46 -51.11
N PRO H 387 3.05 55.44 -51.18
CA PRO H 387 3.46 56.85 -51.04
C PRO H 387 3.95 57.21 -49.65
N GLU H 388 3.88 56.29 -48.68
CA GLU H 388 4.33 56.55 -47.32
C GLU H 388 5.78 56.15 -47.08
N TRP H 389 6.47 55.63 -48.08
CA TRP H 389 7.87 55.26 -47.96
C TRP H 389 8.82 56.35 -48.46
N ILE H 390 8.29 57.52 -48.82
CA ILE H 390 9.09 58.66 -49.23
C ILE H 390 8.86 59.76 -48.21
N ALA H 391 9.93 60.26 -47.61
CA ALA H 391 9.85 61.27 -46.57
C ALA H 391 10.45 62.58 -47.07
N LEU H 392 9.78 63.69 -46.78
CA LEU H 392 10.24 65.01 -47.17
C LEU H 392 10.14 65.95 -45.98
N LEU H 393 11.24 66.66 -45.70
CA LEU H 393 11.31 67.64 -44.62
C LEU H 393 11.71 68.98 -45.20
N LYS H 394 10.85 69.98 -45.04
CA LYS H 394 11.08 71.30 -45.62
C LYS H 394 11.58 72.25 -44.53
N THR H 395 12.63 73.02 -44.84
CA THR H 395 13.24 73.88 -43.83
C THR H 395 13.87 75.09 -44.48
N VAL H 396 14.04 76.14 -43.68
CA VAL H 396 14.73 77.35 -44.10
C VAL H 396 16.23 77.10 -44.05
N ALA H 397 17.01 78.00 -44.66
CA ALA H 397 18.44 77.80 -44.85
C ALA H 397 19.24 78.76 -43.99
N ARG H 398 20.58 78.68 -44.07
CA ARG H 398 21.54 79.74 -43.68
C ARG H 398 21.38 80.15 -42.21
N LEU H 399 21.65 79.18 -41.34
CA LEU H 399 21.71 79.43 -39.91
C LEU H 399 22.93 80.29 -39.57
N MET I 1 -74.81 -102.60 -38.50
CA MET I 1 -75.21 -103.57 -37.49
C MET I 1 -75.47 -104.93 -38.12
N ALA I 2 -76.25 -104.95 -39.20
CA ALA I 2 -76.58 -106.16 -39.92
C ALA I 2 -76.23 -105.99 -41.39
N GLY I 3 -75.79 -107.09 -42.01
CA GLY I 3 -75.40 -107.07 -43.40
C GLY I 3 -76.59 -107.14 -44.33
N PRO I 4 -76.33 -107.26 -45.62
CA PRO I 4 -77.41 -107.32 -46.61
C PRO I 4 -78.01 -108.73 -46.65
N VAL I 5 -78.98 -108.91 -47.55
CA VAL I 5 -79.58 -110.22 -47.74
C VAL I 5 -78.52 -111.17 -48.30
N ASP I 6 -78.48 -112.39 -47.74
CA ASP I 6 -77.45 -113.34 -48.12
C ASP I 6 -77.65 -113.83 -49.55
N ASN I 7 -78.74 -114.56 -49.79
CA ASN I 7 -79.15 -115.01 -51.12
C ASN I 7 -78.19 -116.04 -51.69
N ILE I 8 -77.12 -116.36 -50.95
CA ILE I 8 -76.14 -117.36 -51.35
C ILE I 8 -75.91 -118.39 -50.24
N LYS I 9 -75.63 -117.90 -49.03
CA LYS I 9 -75.44 -118.72 -47.83
C LYS I 9 -74.34 -119.75 -47.99
N PRO I 10 -73.06 -119.32 -48.08
CA PRO I 10 -71.97 -120.30 -48.15
C PRO I 10 -71.56 -120.76 -46.75
N MET I 11 -70.49 -121.54 -46.66
CA MET I 11 -69.96 -121.94 -45.37
C MET I 11 -69.36 -120.72 -44.67
N LYS I 12 -70.06 -120.22 -43.66
CA LYS I 12 -69.70 -118.98 -43.02
C LYS I 12 -68.84 -119.22 -41.78
N TYR I 13 -68.50 -118.12 -41.10
CA TYR I 13 -67.81 -118.12 -39.81
C TYR I 13 -68.53 -117.18 -38.85
N ASN I 14 -69.84 -117.37 -38.73
CA ASN I 14 -70.63 -116.55 -37.82
C ASN I 14 -70.04 -116.62 -36.41
N ASP I 15 -70.02 -115.45 -35.76
CA ASP I 15 -69.26 -115.23 -34.52
C ASP I 15 -69.61 -116.25 -33.44
N PRO I 16 -68.69 -117.18 -33.12
CA PRO I 16 -68.97 -118.18 -32.09
C PRO I 16 -68.84 -117.65 -30.66
N ALA I 17 -68.27 -116.46 -30.48
CA ALA I 17 -68.05 -115.94 -29.13
C ALA I 17 -69.36 -115.67 -28.40
N ASN I 18 -70.42 -115.33 -29.15
CA ASN I 18 -71.70 -114.99 -28.51
C ASN I 18 -72.83 -115.30 -29.48
N GLY I 19 -73.51 -116.42 -29.28
CA GLY I 19 -74.70 -116.75 -30.03
C GLY I 19 -74.49 -117.94 -30.97
N VAL I 20 -74.86 -117.75 -32.24
CA VAL I 20 -74.74 -118.82 -33.22
C VAL I 20 -73.29 -119.24 -33.38
N GLU I 21 -73.07 -120.54 -33.55
CA GLU I 21 -71.72 -121.09 -33.39
C GLU I 21 -70.88 -120.93 -34.67
N SER I 22 -71.25 -121.63 -35.73
CA SER I 22 -70.47 -121.66 -36.96
C SER I 22 -71.26 -122.43 -38.02
N SER I 23 -70.65 -122.64 -39.18
CA SER I 23 -71.22 -123.49 -40.21
C SER I 23 -70.55 -124.85 -40.33
N ILE I 24 -69.45 -125.08 -39.60
CA ILE I 24 -68.73 -126.34 -39.67
C ILE I 24 -68.74 -127.10 -38.35
N GLY I 25 -69.03 -126.45 -37.23
CA GLY I 25 -69.06 -127.13 -35.96
C GLY I 25 -68.47 -126.30 -34.82
N PRO I 26 -68.23 -126.95 -33.68
CA PRO I 26 -67.72 -126.22 -32.52
C PRO I 26 -66.29 -125.74 -32.72
N GLN I 27 -65.95 -124.68 -32.00
CA GLN I 27 -64.62 -124.09 -32.05
C GLN I 27 -63.82 -124.48 -30.82
N ILE I 28 -62.49 -124.52 -30.98
CA ILE I 28 -61.60 -124.83 -29.87
C ILE I 28 -61.12 -123.56 -29.18
N HIS I 29 -60.64 -122.58 -29.96
CA HIS I 29 -60.17 -121.31 -29.43
C HIS I 29 -60.96 -120.17 -30.05
N THR I 30 -61.23 -119.15 -29.23
CA THR I 30 -61.96 -117.98 -29.67
C THR I 30 -61.24 -116.66 -29.39
N ARG I 31 -60.26 -116.64 -28.50
CA ARG I 31 -59.51 -115.44 -28.18
C ARG I 31 -58.03 -115.76 -28.10
N TYR I 32 -57.21 -114.74 -28.32
CA TYR I 32 -55.75 -114.88 -28.27
C TYR I 32 -55.24 -114.32 -26.95
N TRP I 33 -54.25 -115.01 -26.38
CA TRP I 33 -53.72 -114.67 -25.07
C TRP I 33 -52.41 -113.93 -25.22
N TYR I 34 -52.32 -112.76 -24.60
CA TYR I 34 -51.09 -111.98 -24.54
C TYR I 34 -50.30 -112.46 -23.32
N LYS I 35 -49.19 -113.14 -23.55
CA LYS I 35 -48.53 -113.90 -22.51
C LYS I 35 -47.62 -113.07 -21.62
N ARG I 36 -47.46 -111.77 -21.88
CA ARG I 36 -46.66 -110.90 -21.03
C ARG I 36 -47.59 -110.16 -20.07
N ALA I 37 -47.53 -110.53 -18.79
CA ALA I 37 -48.42 -109.94 -17.80
C ALA I 37 -48.08 -108.49 -17.55
N LEU I 38 -49.08 -107.74 -17.11
CA LEU I 38 -48.93 -106.31 -16.80
C LEU I 38 -48.90 -106.15 -15.29
N ILE I 39 -47.81 -105.57 -14.78
CA ILE I 39 -47.62 -105.36 -13.35
C ILE I 39 -47.32 -103.88 -13.11
N ASP I 40 -47.57 -103.45 -11.87
CA ASP I 40 -47.39 -102.05 -11.48
C ASP I 40 -45.92 -101.80 -11.17
N ALA I 41 -45.63 -100.60 -10.67
CA ALA I 41 -44.27 -100.20 -10.33
C ALA I 41 -44.18 -99.90 -8.83
N ALA I 42 -43.01 -100.15 -8.26
CA ALA I 42 -42.80 -99.94 -6.84
C ALA I 42 -42.81 -98.44 -6.50
N LYS I 43 -43.08 -98.15 -5.23
CA LYS I 43 -43.11 -96.78 -4.74
C LYS I 43 -41.69 -96.30 -4.47
N GLU I 44 -41.57 -95.14 -3.82
CA GLU I 44 -40.28 -94.55 -3.51
C GLU I 44 -40.23 -94.15 -2.05
N ALA I 45 -39.01 -94.15 -1.49
CA ALA I 45 -38.78 -93.82 -0.10
C ALA I 45 -38.00 -92.53 0.02
N TYR I 46 -38.31 -91.75 1.05
CA TYR I 46 -37.67 -90.46 1.29
C TYR I 46 -36.91 -90.41 2.60
N PHE I 47 -37.52 -90.86 3.70
CA PHE I 47 -36.88 -90.79 5.00
C PHE I 47 -35.87 -91.92 5.23
N GLY I 48 -35.82 -92.92 4.35
CA GLY I 48 -34.95 -94.06 4.59
C GLY I 48 -33.48 -93.70 4.51
N GLN I 49 -33.11 -92.81 3.58
CA GLN I 49 -31.71 -92.52 3.29
C GLN I 49 -31.13 -91.42 4.17
N LEU I 50 -31.89 -90.88 5.12
CA LEU I 50 -31.41 -89.83 6.01
C LEU I 50 -31.48 -90.24 7.47
N ALA I 51 -31.42 -91.55 7.73
CA ALA I 51 -31.51 -92.07 9.08
C ALA I 51 -30.33 -93.00 9.36
N ASP I 52 -29.83 -92.96 10.58
CA ASP I 52 -28.75 -93.83 11.01
C ASP I 52 -29.30 -95.06 11.73
N THR I 53 -28.42 -96.01 12.02
CA THR I 53 -28.80 -97.27 12.64
C THR I 53 -27.81 -97.62 13.75
N PHE I 54 -28.35 -98.10 14.87
CA PHE I 54 -27.54 -98.54 16.01
C PHE I 54 -27.95 -99.96 16.36
N SER I 55 -26.96 -100.84 16.52
CA SER I 55 -27.19 -102.26 16.79
C SER I 55 -27.18 -102.48 18.31
N MET I 56 -28.33 -102.90 18.84
CA MET I 56 -28.44 -103.14 20.27
C MET I 56 -27.78 -104.46 20.64
N PRO I 57 -27.06 -104.52 21.78
CA PRO I 57 -26.49 -105.80 22.22
C PRO I 57 -27.56 -106.79 22.67
N LYS I 58 -27.14 -108.02 22.96
CA LYS I 58 -28.10 -109.11 23.17
C LYS I 58 -28.66 -109.10 24.60
N HIS I 59 -27.79 -109.27 25.59
CA HIS I 59 -28.22 -109.54 26.96
C HIS I 59 -28.31 -108.26 27.80
N TYR I 60 -29.19 -107.36 27.36
CA TYR I 60 -29.38 -106.11 28.08
C TYR I 60 -30.82 -105.62 28.11
N GLY I 61 -31.77 -106.34 27.52
CA GLY I 61 -33.15 -105.92 27.56
C GLY I 61 -33.64 -105.27 26.28
N LYS I 62 -34.57 -104.32 26.39
CA LYS I 62 -35.14 -103.64 25.25
C LYS I 62 -35.21 -102.13 25.49
N GLU I 63 -34.16 -101.57 26.06
CA GLU I 63 -34.14 -100.14 26.33
C GLU I 63 -32.71 -99.62 26.26
N ILE I 64 -32.57 -98.36 25.86
CA ILE I 64 -31.28 -97.68 25.76
C ILE I 64 -31.39 -96.37 26.53
N VAL I 65 -30.39 -96.08 27.35
CA VAL I 65 -30.36 -94.87 28.16
C VAL I 65 -29.08 -94.09 27.84
N ARG I 66 -29.21 -92.77 27.76
CA ARG I 66 -28.09 -91.89 27.45
C ARG I 66 -28.10 -90.70 28.40
N LEU I 67 -26.92 -90.15 28.65
CA LEU I 67 -26.74 -89.01 29.55
C LEU I 67 -26.59 -87.72 28.77
N HIS I 68 -26.93 -86.62 29.43
CA HIS I 68 -26.83 -85.28 28.85
C HIS I 68 -26.33 -84.33 29.92
N TYR I 69 -25.35 -83.49 29.57
CA TYR I 69 -24.73 -82.57 30.52
C TYR I 69 -25.17 -81.15 30.21
N ILE I 70 -25.56 -80.42 31.26
CA ILE I 70 -26.13 -79.08 31.13
C ILE I 70 -25.04 -78.05 31.42
N PRO I 71 -24.97 -76.95 30.64
CA PRO I 71 -23.95 -75.93 30.91
C PRO I 71 -24.16 -75.18 32.22
N LEU I 72 -23.26 -74.26 32.53
CA LEU I 72 -23.33 -73.53 33.79
C LEU I 72 -24.32 -72.38 33.72
N LEU I 73 -24.20 -71.52 32.71
CA LEU I 73 -25.08 -70.36 32.56
C LEU I 73 -26.36 -70.78 31.83
N ASP I 74 -27.17 -71.58 32.53
CA ASP I 74 -28.42 -72.08 31.98
C ASP I 74 -29.48 -72.09 33.08
N ASP I 75 -30.74 -72.01 32.66
CA ASP I 75 -31.84 -72.01 33.61
C ASP I 75 -32.17 -73.40 34.14
N ARG I 76 -31.72 -74.46 33.46
CA ARG I 76 -31.96 -75.81 33.93
C ARG I 76 -30.98 -76.26 35.00
N ASN I 77 -29.93 -75.48 35.26
CA ASN I 77 -28.94 -75.81 36.30
C ASN I 77 -29.46 -75.29 37.63
N VAL I 78 -30.39 -76.03 38.22
CA VAL I 78 -31.03 -75.66 39.48
C VAL I 78 -30.42 -76.52 40.59
N ASN I 79 -29.74 -75.86 41.53
CA ASN I 79 -29.05 -76.57 42.59
C ASN I 79 -29.12 -75.71 43.86
N ASP I 80 -28.33 -76.08 44.87
CA ASP I 80 -28.30 -75.39 46.15
C ASP I 80 -26.86 -75.16 46.60
N GLN I 81 -25.99 -74.79 45.66
CA GLN I 81 -24.58 -74.52 45.94
C GLN I 81 -24.24 -73.07 45.63
N GLY I 82 -25.19 -72.16 45.88
CA GLY I 82 -25.00 -70.75 45.58
C GLY I 82 -24.60 -69.97 46.81
N ILE I 83 -23.56 -69.15 46.66
CA ILE I 83 -23.08 -68.25 47.70
C ILE I 83 -22.97 -66.86 47.09
N ASP I 84 -23.59 -65.88 47.73
CA ASP I 84 -23.62 -64.52 47.20
C ASP I 84 -22.24 -63.89 47.28
N ALA I 85 -22.12 -62.69 46.70
CA ALA I 85 -20.88 -61.93 46.73
C ALA I 85 -20.56 -61.39 48.12
N SER I 86 -21.51 -61.48 49.06
CA SER I 86 -21.28 -61.08 50.44
C SER I 86 -21.21 -62.27 51.39
N GLY I 87 -20.89 -63.46 50.87
CA GLY I 87 -20.77 -64.65 51.68
C GLY I 87 -22.06 -65.14 52.30
N ALA I 88 -23.15 -65.15 51.54
CA ALA I 88 -24.43 -65.64 52.01
C ALA I 88 -25.04 -66.57 50.97
N THR I 89 -25.78 -67.56 51.44
CA THR I 89 -26.44 -68.49 50.53
C THR I 89 -27.60 -67.80 49.83
N ILE I 90 -27.82 -68.16 48.57
CA ILE I 90 -28.83 -67.53 47.73
C ILE I 90 -29.79 -68.53 47.10
N ALA I 91 -29.66 -69.82 47.41
CA ALA I 91 -30.55 -70.88 46.92
C ALA I 91 -30.50 -71.04 45.41
N ASN I 92 -29.48 -70.48 44.75
CA ASN I 92 -29.29 -70.65 43.32
C ASN I 92 -27.81 -70.47 43.00
N GLY I 93 -27.28 -71.35 42.15
CA GLY I 93 -25.87 -71.32 41.82
C GLY I 93 -25.58 -71.34 40.33
N ASN I 94 -26.55 -70.91 39.52
CA ASN I 94 -26.38 -70.88 38.08
C ASN I 94 -25.87 -69.54 37.57
N LEU I 95 -25.66 -68.57 38.45
CA LEU I 95 -25.06 -67.27 38.11
C LEU I 95 -25.87 -66.58 37.00
N TYR I 96 -27.10 -66.21 37.37
CA TYR I 96 -28.03 -65.49 36.50
C TYR I 96 -28.26 -66.19 35.16
N GLY I 97 -28.03 -67.49 35.11
CA GLY I 97 -28.06 -68.25 33.86
C GLY I 97 -29.33 -68.11 33.05
N SER I 98 -29.17 -68.03 31.73
CA SER I 98 -30.28 -67.92 30.79
C SER I 98 -31.16 -66.70 31.09
N SER I 99 -30.50 -65.56 31.32
CA SER I 99 -31.19 -64.30 31.52
C SER I 99 -30.52 -63.23 30.67
N ARG I 100 -31.32 -62.42 29.98
CA ARG I 100 -30.84 -61.37 29.11
C ARG I 100 -31.36 -60.01 29.53
N ASP I 101 -31.48 -59.79 30.84
CA ASP I 101 -31.94 -58.53 31.39
C ASP I 101 -30.75 -57.76 31.96
N VAL I 102 -30.61 -56.50 31.53
CA VAL I 102 -29.50 -55.68 32.02
C VAL I 102 -29.65 -55.44 33.52
N GLY I 103 -30.89 -55.26 33.99
CA GLY I 103 -31.10 -55.04 35.42
C GLY I 103 -30.74 -56.25 36.26
N ASN I 104 -31.10 -57.44 35.79
CA ASN I 104 -30.81 -58.65 36.55
C ASN I 104 -29.30 -58.88 36.68
N ILE I 105 -28.56 -58.69 35.59
CA ILE I 105 -27.10 -58.70 35.64
C ILE I 105 -26.64 -57.38 36.24
N THR I 106 -25.34 -57.29 36.55
CA THR I 106 -24.70 -56.20 37.30
C THR I 106 -25.09 -56.22 38.77
N ALA I 107 -25.99 -57.12 39.18
CA ALA I 107 -26.26 -57.39 40.58
C ALA I 107 -25.86 -58.80 41.00
N LYS I 108 -25.77 -59.74 40.05
CA LYS I 108 -25.29 -61.09 40.31
C LYS I 108 -23.89 -61.32 39.78
N MET I 109 -23.22 -60.26 39.32
CA MET I 109 -21.84 -60.40 38.86
C MET I 109 -20.94 -60.80 40.04
N PRO I 110 -19.88 -61.57 39.78
CA PRO I 110 -19.07 -62.11 40.88
C PRO I 110 -18.48 -61.03 41.79
N THR I 111 -17.66 -60.14 41.22
CA THR I 111 -16.98 -59.07 41.96
C THR I 111 -16.01 -59.63 43.01
N LEU I 112 -15.05 -58.83 43.44
CA LEU I 112 -14.10 -59.26 44.45
C LEU I 112 -13.48 -58.05 45.13
N THR I 113 -12.94 -58.28 46.31
CA THR I 113 -12.29 -57.25 47.11
C THR I 113 -10.86 -57.70 47.43
N GLU I 114 -10.17 -56.90 48.26
CA GLU I 114 -8.80 -57.23 48.62
C GLU I 114 -8.72 -58.48 49.49
N ILE I 115 -9.65 -58.62 50.43
CA ILE I 115 -9.57 -59.72 51.39
C ILE I 115 -10.03 -61.05 50.80
N GLY I 116 -10.85 -61.02 49.75
CA GLY I 116 -11.34 -62.24 49.15
C GLY I 116 -12.50 -62.84 49.91
N GLY I 117 -12.29 -64.00 50.52
CA GLY I 117 -13.33 -64.67 51.29
C GLY I 117 -13.96 -65.82 50.54
N ARG I 118 -15.08 -66.29 51.09
CA ARG I 118 -15.85 -67.41 50.54
C ARG I 118 -17.07 -66.85 49.84
N VAL I 119 -16.93 -66.57 48.54
CA VAL I 119 -17.99 -65.97 47.75
C VAL I 119 -18.04 -66.61 46.37
N ASN I 120 -19.20 -66.47 45.72
CA ASN I 120 -19.37 -66.82 44.30
C ASN I 120 -19.11 -68.31 44.04
N ARG I 121 -19.98 -69.13 44.62
CA ARG I 121 -19.96 -70.57 44.43
C ARG I 121 -20.94 -70.98 43.34
N VAL I 122 -20.63 -72.10 42.66
CA VAL I 122 -21.41 -72.58 41.52
C VAL I 122 -21.53 -74.10 41.58
N GLY I 123 -22.31 -74.64 40.66
CA GLY I 123 -22.51 -76.08 40.55
C GLY I 123 -23.10 -76.44 39.19
N PHE I 124 -23.25 -77.75 38.97
CA PHE I 124 -23.69 -78.27 37.69
C PHE I 124 -24.61 -79.47 37.89
N LYS I 125 -25.27 -79.90 36.81
CA LYS I 125 -26.22 -81.00 36.85
C LYS I 125 -26.16 -81.79 35.55
N ARG I 126 -27.07 -82.76 35.40
CA ARG I 126 -27.16 -83.60 34.22
C ARG I 126 -28.54 -84.26 34.19
N VAL I 127 -28.88 -84.83 33.02
CA VAL I 127 -30.19 -85.41 32.76
C VAL I 127 -30.03 -86.66 31.90
N GLU I 128 -31.15 -87.30 31.57
CA GLU I 128 -31.16 -88.60 30.91
C GLU I 128 -32.18 -88.63 29.77
N ILE I 129 -31.96 -89.55 28.82
CA ILE I 129 -32.88 -89.80 27.71
C ILE I 129 -32.92 -91.30 27.42
N LYS I 130 -33.98 -91.71 26.73
CA LYS I 130 -34.31 -93.14 26.56
C LYS I 130 -34.68 -93.47 25.11
N GLY I 131 -34.67 -94.77 24.81
CA GLY I 131 -35.09 -95.31 23.53
C GLY I 131 -35.80 -96.63 23.70
N LYS I 132 -36.27 -97.21 22.59
CA LYS I 132 -37.06 -98.43 22.68
C LYS I 132 -37.00 -99.22 21.37
N LEU I 133 -37.57 -100.43 21.41
CA LEU I 133 -37.52 -101.40 20.33
C LEU I 133 -38.81 -102.22 20.29
N GLU I 134 -39.07 -102.85 19.15
CA GLU I 134 -40.27 -103.67 18.93
C GLU I 134 -40.00 -104.65 17.79
N LYS I 135 -41.01 -105.50 17.51
CA LYS I 135 -40.91 -106.59 16.55
C LYS I 135 -42.15 -106.62 15.66
N TYR I 136 -41.98 -107.06 14.41
CA TYR I 136 -43.09 -107.17 13.47
C TYR I 136 -42.89 -108.38 12.57
N GLY I 137 -43.98 -108.80 11.91
CA GLY I 137 -43.93 -109.87 10.95
C GLY I 137 -45.28 -110.34 10.40
N PHE I 138 -45.27 -111.07 9.29
CA PHE I 138 -46.49 -111.62 8.70
C PHE I 138 -46.11 -112.76 7.75
N PHE I 139 -47.12 -113.55 7.38
CA PHE I 139 -46.89 -114.78 6.63
C PHE I 139 -47.96 -114.98 5.57
N ARG I 140 -47.81 -116.05 4.78
CA ARG I 140 -48.75 -116.40 3.73
C ARG I 140 -48.75 -117.91 3.54
N GLU I 141 -49.90 -118.46 3.15
CA GLU I 141 -50.08 -119.90 2.99
C GLU I 141 -50.67 -120.21 1.62
N TYR I 142 -50.43 -121.43 1.15
CA TYR I 142 -50.97 -121.88 -0.13
C TYR I 142 -50.96 -123.41 -0.16
N THR I 143 -51.52 -123.96 -1.24
CA THR I 143 -51.60 -125.40 -1.44
C THR I 143 -50.85 -125.81 -2.71
N GLN I 144 -50.69 -127.12 -2.88
CA GLN I 144 -49.90 -127.63 -4.00
C GLN I 144 -50.65 -127.54 -5.32
N GLU I 145 -51.94 -127.88 -5.32
CA GLU I 145 -52.71 -127.91 -6.56
C GLU I 145 -52.86 -126.53 -7.18
N GLN I 146 -52.73 -125.45 -6.40
CA GLN I 146 -52.81 -124.11 -6.94
C GLN I 146 -51.66 -123.80 -7.88
N LEU I 147 -50.54 -124.50 -7.75
CA LEU I 147 -49.36 -124.24 -8.57
C LEU I 147 -49.28 -125.11 -9.82
N ASP I 148 -50.01 -126.23 -9.85
CA ASP I 148 -49.91 -127.19 -10.95
C ASP I 148 -50.96 -126.96 -12.02
N PHE I 149 -52.24 -126.84 -11.64
CA PHE I 149 -53.33 -126.71 -12.59
C PHE I 149 -53.67 -125.25 -12.89
N ASP I 150 -52.72 -124.34 -12.75
CA ASP I 150 -52.95 -122.93 -13.03
C ASP I 150 -52.56 -122.60 -14.46
N SER I 151 -53.30 -121.67 -15.06
CA SER I 151 -53.06 -121.30 -16.45
C SER I 151 -51.70 -120.63 -16.63
N ASP I 152 -51.33 -119.74 -15.71
CA ASP I 152 -50.09 -118.98 -15.84
C ASP I 152 -48.95 -119.74 -15.17
N PRO I 153 -47.90 -120.12 -15.91
CA PRO I 153 -46.74 -120.78 -15.29
C PRO I 153 -45.77 -119.84 -14.61
N ALA I 154 -46.10 -118.55 -14.49
CA ALA I 154 -45.23 -117.55 -13.88
C ALA I 154 -46.01 -116.72 -12.87
N MET I 155 -46.76 -117.40 -12.00
CA MET I 155 -47.54 -116.74 -10.97
C MET I 155 -46.82 -116.69 -9.63
N GLU I 156 -46.07 -117.76 -9.31
CA GLU I 156 -45.36 -117.81 -8.04
C GLU I 156 -44.33 -116.69 -7.93
N GLY I 157 -43.60 -116.43 -9.01
CA GLY I 157 -42.62 -115.35 -8.99
C GLY I 157 -43.25 -113.99 -8.75
N HIS I 158 -44.37 -113.71 -9.44
CA HIS I 158 -45.06 -112.44 -9.24
C HIS I 158 -45.57 -112.31 -7.82
N VAL I 159 -46.15 -113.38 -7.27
CA VAL I 159 -46.68 -113.33 -5.91
C VAL I 159 -45.57 -113.07 -4.91
N THR I 160 -44.45 -113.79 -5.06
CA THR I 160 -43.32 -113.60 -4.15
C THR I 160 -42.74 -112.19 -4.26
N THR I 161 -42.62 -111.69 -5.49
CA THR I 161 -42.09 -110.34 -5.67
C THR I 161 -42.99 -109.29 -5.02
N GLU I 162 -44.30 -109.42 -5.20
CA GLU I 162 -45.22 -108.46 -4.59
C GLU I 162 -45.14 -108.52 -3.08
N MET I 163 -45.13 -109.73 -2.52
CA MET I 163 -45.13 -109.88 -1.07
C MET I 163 -43.82 -109.42 -0.45
N VAL I 164 -42.70 -109.60 -1.16
CA VAL I 164 -41.43 -109.13 -0.63
C VAL I 164 -41.27 -107.63 -0.83
N LYS I 165 -41.95 -107.04 -1.82
CA LYS I 165 -41.88 -105.60 -2.01
C LYS I 165 -42.82 -104.85 -1.06
N GLY I 166 -43.84 -105.53 -0.52
CA GLY I 166 -44.70 -104.88 0.45
C GLY I 166 -43.99 -104.53 1.75
N ALA I 167 -43.01 -105.35 2.14
CA ALA I 167 -42.35 -105.15 3.42
C ALA I 167 -41.57 -103.85 3.48
N ASN I 168 -40.92 -103.45 2.38
CA ASN I 168 -40.19 -102.19 2.37
C ASN I 168 -41.12 -101.00 2.59
N GLU I 169 -42.28 -101.00 1.93
CA GLU I 169 -43.27 -99.97 2.17
C GLU I 169 -43.78 -99.99 3.60
N ILE I 170 -43.95 -101.19 4.18
CA ILE I 170 -44.38 -101.28 5.57
C ILE I 170 -43.34 -100.63 6.49
N THR I 171 -42.05 -100.91 6.24
CA THR I 171 -40.99 -100.33 7.06
C THR I 171 -40.95 -98.81 6.89
N GLU I 172 -41.11 -98.32 5.66
CA GLU I 172 -41.12 -96.88 5.44
C GLU I 172 -42.30 -96.22 6.16
N ASP I 173 -43.46 -96.86 6.14
CA ASP I 173 -44.61 -96.34 6.87
C ASP I 173 -44.34 -96.32 8.37
N LEU I 174 -43.69 -97.37 8.89
CA LEU I 174 -43.33 -97.39 10.30
C LEU I 174 -42.39 -96.24 10.66
N LEU I 175 -41.40 -96.00 9.81
CA LEU I 175 -40.47 -94.90 10.06
C LEU I 175 -41.17 -93.55 10.04
N GLN I 176 -42.07 -93.35 9.06
CA GLN I 176 -42.81 -92.10 8.99
C GLN I 176 -43.71 -91.91 10.21
N ILE I 177 -44.35 -92.99 10.66
CA ILE I 177 -45.21 -92.92 11.85
C ILE I 177 -44.38 -92.54 13.08
N ASP I 178 -43.21 -93.16 13.23
CA ASP I 178 -42.35 -92.84 14.37
C ASP I 178 -41.88 -91.38 14.30
N LEU I 179 -41.53 -90.90 13.11
CA LEU I 179 -41.07 -89.52 12.98
C LEU I 179 -42.19 -88.52 13.27
N LEU I 180 -43.41 -88.82 12.85
CA LEU I 180 -44.50 -87.85 12.99
C LEU I 180 -44.89 -87.62 14.45
N ASN I 181 -44.75 -88.64 15.30
CA ASN I 181 -45.27 -88.58 16.67
C ASN I 181 -44.20 -88.22 17.69
N SER I 182 -43.02 -87.78 17.27
CA SER I 182 -41.93 -87.45 18.18
C SER I 182 -41.33 -86.09 17.84
N ALA I 183 -42.19 -85.10 17.64
CA ALA I 183 -41.77 -83.74 17.33
C ALA I 183 -41.84 -82.88 18.59
N GLY I 184 -40.76 -82.16 18.88
CA GLY I 184 -40.68 -81.34 20.07
C GLY I 184 -41.21 -79.93 19.89
N THR I 185 -41.36 -79.50 18.64
CA THR I 185 -41.84 -78.14 18.31
C THR I 185 -43.06 -78.27 17.41
N VAL I 186 -44.24 -78.34 18.02
CA VAL I 186 -45.50 -78.47 17.30
C VAL I 186 -46.19 -77.12 17.30
N ARG I 187 -46.67 -76.69 16.14
CA ARG I 187 -47.29 -75.37 16.02
C ARG I 187 -48.60 -75.47 15.23
N TYR I 188 -49.65 -74.86 15.78
CA TYR I 188 -50.93 -74.69 15.11
C TYR I 188 -51.10 -73.22 14.78
N PRO I 189 -51.23 -72.83 13.50
CA PRO I 189 -51.31 -71.41 13.19
C PRO I 189 -52.64 -70.78 13.60
N GLY I 190 -52.61 -70.02 14.70
CA GLY I 190 -53.73 -69.19 15.11
C GLY I 190 -54.60 -69.77 16.20
N ALA I 191 -54.31 -69.38 17.44
CA ALA I 191 -55.16 -69.63 18.62
C ALA I 191 -55.87 -70.99 18.57
N ALA I 192 -55.09 -72.04 18.31
CA ALA I 192 -55.65 -73.39 18.32
C ALA I 192 -55.08 -74.24 19.45
N THR I 193 -53.76 -74.38 19.54
CA THR I 193 -53.07 -75.00 20.66
C THR I 193 -53.42 -76.47 20.86
N SER I 194 -54.30 -77.02 20.03
CA SER I 194 -54.73 -78.41 20.18
C SER I 194 -55.51 -78.82 18.94
N ASP I 195 -55.65 -80.14 18.78
CA ASP I 195 -56.41 -80.68 17.65
C ASP I 195 -57.90 -80.37 17.78
N ALA I 196 -58.44 -80.46 18.99
CA ALA I 196 -59.87 -80.32 19.21
C ALA I 196 -60.39 -78.93 18.88
N GLU I 197 -59.52 -77.92 18.89
CA GLU I 197 -59.91 -76.54 18.61
C GLU I 197 -59.60 -76.14 17.17
N VAL I 198 -59.22 -77.09 16.31
CA VAL I 198 -58.91 -76.78 14.92
C VAL I 198 -60.19 -76.45 14.18
N ASP I 199 -60.19 -75.31 13.49
CA ASP I 199 -61.35 -74.88 12.71
C ASP I 199 -60.91 -74.41 11.32
N ALA I 200 -61.84 -73.82 10.57
CA ALA I 200 -61.53 -73.36 9.22
C ALA I 200 -60.50 -72.24 9.21
N SER I 201 -60.32 -71.53 10.32
CA SER I 201 -59.36 -70.44 10.41
C SER I 201 -57.96 -70.90 10.75
N THR I 202 -57.77 -72.19 11.11
CA THR I 202 -56.46 -72.71 11.48
C THR I 202 -55.75 -73.15 10.21
N GLU I 203 -55.29 -72.17 9.44
CA GLU I 203 -54.58 -72.40 8.19
C GLU I 203 -53.23 -71.70 8.23
N VAL I 204 -52.27 -72.25 7.51
CA VAL I 204 -50.90 -71.74 7.52
C VAL I 204 -50.87 -70.34 6.92
N THR I 205 -50.14 -69.44 7.57
CA THR I 205 -49.90 -68.10 7.08
C THR I 205 -48.41 -67.81 7.09
N TYR I 206 -48.05 -66.65 6.53
CA TYR I 206 -46.63 -66.25 6.48
C TYR I 206 -46.07 -66.01 7.87
N ASP I 207 -46.86 -65.41 8.75
CA ASP I 207 -46.40 -65.13 10.11
C ASP I 207 -46.08 -66.41 10.86
N SER I 208 -46.89 -67.45 10.66
CA SER I 208 -46.62 -68.73 11.32
C SER I 208 -45.30 -69.33 10.84
N LEU I 209 -45.02 -69.25 9.54
CA LEU I 209 -43.76 -69.75 9.02
C LEU I 209 -42.58 -68.94 9.56
N MET I 210 -42.73 -67.62 9.64
CA MET I 210 -41.67 -66.78 10.18
C MET I 210 -41.40 -67.13 11.65
N ARG I 211 -42.46 -67.31 12.44
CA ARG I 211 -42.29 -67.66 13.84
C ARG I 211 -41.67 -69.04 14.00
N LEU I 212 -42.04 -69.99 13.13
CA LEU I 212 -41.43 -71.31 13.17
C LEU I 212 -39.94 -71.23 12.86
N ARG I 213 -39.57 -70.43 11.86
CA ARG I 213 -38.15 -70.26 11.54
C ARG I 213 -37.40 -69.62 12.70
N LEU I 214 -38.00 -68.61 13.34
CA LEU I 214 -37.36 -67.97 14.48
C LEU I 214 -37.18 -68.94 15.64
N ASP I 215 -38.20 -69.77 15.90
CA ASP I 215 -38.09 -70.76 16.97
C ASP I 215 -37.01 -71.79 16.66
N LEU I 216 -36.91 -72.23 15.40
CA LEU I 216 -35.86 -73.16 15.02
C LEU I 216 -34.48 -72.52 15.16
N ASP I 217 -34.37 -71.23 14.82
CA ASP I 217 -33.10 -70.52 14.97
C ASP I 217 -32.71 -70.41 16.44
N ASN I 218 -33.70 -70.17 17.32
CA ASN I 218 -33.41 -70.09 18.74
C ASN I 218 -32.97 -71.42 19.32
N ALA I 219 -33.22 -72.53 18.63
CA ALA I 219 -32.77 -73.85 19.03
C ALA I 219 -31.43 -74.23 18.42
N ARG I 220 -30.80 -73.31 17.69
CA ARG I 220 -29.50 -73.55 17.04
C ARG I 220 -29.57 -74.74 16.09
N ALA I 221 -30.69 -74.87 15.38
CA ALA I 221 -30.82 -75.92 14.39
C ALA I 221 -29.92 -75.64 13.20
N PRO I 222 -29.32 -76.67 12.60
CA PRO I 222 -28.41 -76.43 11.46
C PRO I 222 -29.18 -76.04 10.20
N THR I 223 -28.46 -75.35 9.32
CA THR I 223 -28.97 -74.96 8.01
C THR I 223 -28.00 -75.45 6.95
N LYS I 224 -28.52 -76.12 5.92
CA LYS I 224 -27.68 -76.75 4.91
C LYS I 224 -27.84 -76.18 3.51
N ILE I 225 -28.94 -75.52 3.21
CA ILE I 225 -29.20 -74.99 1.86
C ILE I 225 -28.76 -73.53 1.84
N LYS I 226 -27.85 -73.21 0.93
CA LYS I 226 -27.34 -71.85 0.80
C LYS I 226 -28.30 -71.00 -0.03
N MET I 227 -27.98 -69.72 -0.12
CA MET I 227 -28.80 -68.76 -0.84
C MET I 227 -28.32 -68.62 -2.29
N ILE I 228 -29.22 -68.13 -3.13
CA ILE I 228 -28.94 -67.91 -4.55
C ILE I 228 -29.00 -66.42 -4.81
N THR I 229 -27.92 -65.87 -5.38
CA THR I 229 -27.84 -64.45 -5.66
C THR I 229 -28.55 -64.05 -6.94
N GLY I 230 -29.05 -65.01 -7.71
CA GLY I 230 -29.79 -64.75 -8.93
C GLY I 230 -29.04 -65.17 -10.16
N THR I 231 -29.72 -65.05 -11.30
CA THR I 231 -29.17 -65.36 -12.61
C THR I 231 -29.38 -64.16 -13.54
N ARG I 232 -28.79 -64.25 -14.73
CA ARG I 232 -28.91 -63.18 -15.72
C ARG I 232 -30.11 -63.33 -16.63
N MET I 233 -30.90 -64.39 -16.46
CA MET I 233 -32.05 -64.63 -17.32
C MET I 233 -33.25 -63.86 -16.79
N ILE I 234 -34.09 -63.39 -17.72
CA ILE I 234 -35.26 -62.59 -17.37
C ILE I 234 -36.27 -63.44 -16.60
N ASP I 235 -36.99 -62.79 -15.68
CA ASP I 235 -38.08 -63.35 -14.89
C ASP I 235 -37.61 -64.30 -13.80
N THR I 236 -36.32 -64.30 -13.47
CA THR I 236 -35.83 -65.07 -12.35
C THR I 236 -35.91 -64.25 -11.07
N ARG I 237 -35.67 -64.92 -9.94
CA ARG I 237 -35.77 -64.29 -8.63
C ARG I 237 -34.61 -64.78 -7.76
N THR I 238 -34.52 -64.23 -6.55
CA THR I 238 -33.47 -64.57 -5.61
C THR I 238 -34.10 -65.16 -4.36
N VAL I 239 -33.41 -66.12 -3.76
CA VAL I 239 -33.90 -66.84 -2.58
C VAL I 239 -32.78 -66.96 -1.56
N GLY I 240 -33.12 -66.81 -0.29
CA GLY I 240 -32.16 -66.93 0.79
C GLY I 240 -31.99 -68.37 1.25
N ASN I 241 -31.18 -68.54 2.28
CA ASN I 241 -30.95 -69.85 2.86
C ASN I 241 -32.24 -70.41 3.44
N ALA I 242 -32.41 -71.73 3.33
CA ALA I 242 -33.66 -72.37 3.71
C ALA I 242 -33.37 -73.75 4.25
N ARG I 243 -34.43 -74.42 4.72
CA ARG I 243 -34.37 -75.79 5.19
C ARG I 243 -35.42 -76.61 4.47
N ALA I 244 -35.19 -77.92 4.36
CA ALA I 244 -36.14 -78.79 3.70
C ALA I 244 -37.40 -78.92 4.54
N LEU I 245 -38.56 -78.92 3.87
CA LEU I 245 -39.85 -79.05 4.53
C LEU I 245 -40.71 -79.98 3.70
N TYR I 246 -41.11 -81.11 4.29
CA TYR I 246 -41.87 -82.14 3.58
C TYR I 246 -43.37 -81.91 3.78
N VAL I 247 -44.09 -81.81 2.67
CA VAL I 247 -45.54 -81.63 2.69
C VAL I 247 -46.18 -82.74 1.87
N GLY I 248 -47.51 -82.77 1.90
CA GLY I 248 -48.28 -83.72 1.13
C GLY I 248 -48.89 -83.09 -0.12
N SER I 249 -49.42 -83.95 -0.99
CA SER I 249 -50.03 -83.48 -2.22
C SER I 249 -51.28 -82.63 -1.94
N ASP I 250 -52.09 -83.06 -0.97
CA ASP I 250 -53.36 -82.38 -0.70
C ASP I 250 -53.15 -80.95 -0.21
N LEU I 251 -51.96 -80.62 0.30
CA LEU I 251 -51.64 -79.28 0.76
C LEU I 251 -51.12 -78.38 -0.36
N VAL I 252 -51.04 -78.90 -1.59
CA VAL I 252 -50.47 -78.11 -2.69
C VAL I 252 -51.28 -76.84 -2.98
N PRO I 253 -52.61 -76.88 -3.13
CA PRO I 253 -53.32 -75.65 -3.52
C PRO I 253 -53.15 -74.49 -2.55
N THR I 254 -53.17 -74.75 -1.24
CA THR I 254 -53.07 -73.68 -0.26
C THR I 254 -51.74 -72.94 -0.40
N ILE I 255 -50.66 -73.69 -0.61
CA ILE I 255 -49.34 -73.07 -0.80
C ILE I 255 -49.36 -72.15 -2.01
N GLU I 256 -50.16 -72.46 -3.01
CA GLU I 256 -50.28 -71.63 -4.21
C GLU I 256 -51.32 -70.53 -4.07
N ALA I 257 -52.03 -70.46 -2.93
CA ALA I 257 -53.08 -69.47 -2.73
C ALA I 257 -52.84 -68.63 -1.48
N MET I 258 -51.60 -68.50 -1.02
CA MET I 258 -51.26 -67.72 0.16
C MET I 258 -50.43 -66.51 -0.25
N LYS I 259 -50.58 -65.43 0.52
CA LYS I 259 -49.92 -64.17 0.26
C LYS I 259 -49.03 -63.78 1.43
N ASP I 260 -47.99 -63.01 1.14
CA ASP I 260 -47.05 -62.56 2.16
C ASP I 260 -47.61 -61.31 2.87
N ASN I 261 -46.77 -60.66 3.66
CA ASN I 261 -47.21 -59.50 4.44
C ASN I 261 -47.42 -58.26 3.59
N HIS I 262 -46.99 -58.25 2.34
CA HIS I 262 -47.10 -57.08 1.47
C HIS I 262 -48.11 -57.28 0.34
N GLY I 263 -49.03 -58.22 0.50
CA GLY I 263 -50.05 -58.44 -0.52
C GLY I 263 -49.52 -58.92 -1.85
N ASN I 264 -48.58 -59.86 -1.83
CA ASN I 264 -48.00 -60.46 -3.02
C ASN I 264 -47.98 -61.96 -2.87
N PRO I 265 -47.95 -62.71 -3.97
CA PRO I 265 -47.84 -64.16 -3.86
C PRO I 265 -46.56 -64.56 -3.13
N ALA I 266 -46.68 -65.56 -2.27
CA ALA I 266 -45.58 -66.01 -1.44
C ALA I 266 -44.84 -67.21 -2.02
N PHE I 267 -45.54 -68.12 -2.68
CA PHE I 267 -44.90 -69.29 -3.25
C PHE I 267 -44.03 -68.90 -4.45
N ILE I 268 -42.79 -69.39 -4.46
CA ILE I 268 -41.85 -69.17 -5.54
C ILE I 268 -41.66 -70.49 -6.27
N PRO I 269 -42.19 -70.65 -7.48
CA PRO I 269 -42.01 -71.93 -8.20
C PRO I 269 -40.54 -72.21 -8.49
N ILE I 270 -40.22 -73.49 -8.59
CA ILE I 270 -38.83 -73.93 -8.77
C ILE I 270 -38.24 -73.38 -10.06
N GLU I 271 -39.05 -73.26 -11.11
CA GLU I 271 -38.54 -72.81 -12.41
C GLU I 271 -37.96 -71.40 -12.35
N LYS I 272 -38.33 -70.61 -11.35
CA LYS I 272 -37.84 -69.23 -11.26
C LYS I 272 -36.41 -69.14 -10.74
N TYR I 273 -35.88 -70.21 -10.14
CA TYR I 273 -34.51 -70.17 -9.64
C TYR I 273 -33.76 -71.46 -9.94
N ALA I 274 -34.26 -72.30 -10.84
CA ALA I 274 -33.61 -73.57 -11.15
C ALA I 274 -32.24 -73.34 -11.80
N ALA I 275 -32.04 -72.20 -12.45
CA ALA I 275 -30.74 -71.89 -13.04
C ALA I 275 -29.69 -71.58 -11.97
N GLY I 276 -30.12 -71.24 -10.76
CA GLY I 276 -29.17 -70.99 -9.69
C GLY I 276 -28.40 -72.23 -9.29
N GLY I 277 -29.08 -73.37 -9.16
CA GLY I 277 -28.46 -74.62 -8.81
C GLY I 277 -29.23 -75.30 -7.69
N ALA I 278 -28.55 -76.25 -7.03
CA ALA I 278 -29.08 -76.98 -5.89
C ALA I 278 -30.28 -77.81 -6.36
N THR I 279 -31.48 -77.61 -5.81
CA THR I 279 -32.70 -78.34 -6.15
C THR I 279 -32.60 -79.80 -5.71
N MET I 280 -33.52 -80.23 -4.85
CA MET I 280 -33.54 -81.60 -4.36
C MET I 280 -34.40 -82.46 -5.27
N HIS I 281 -34.73 -83.68 -4.82
CA HIS I 281 -35.46 -84.62 -5.65
C HIS I 281 -36.90 -84.17 -5.88
N GLY I 282 -37.67 -84.06 -4.80
CA GLY I 282 -39.08 -83.71 -4.91
C GLY I 282 -39.39 -82.26 -4.67
N GLU I 283 -38.37 -81.41 -4.77
CA GLU I 283 -38.55 -79.98 -4.53
C GLU I 283 -39.45 -79.37 -5.60
N VAL I 284 -40.41 -78.56 -5.16
CA VAL I 284 -41.31 -77.87 -6.07
C VAL I 284 -41.20 -76.35 -5.97
N GLY I 285 -40.50 -75.83 -4.97
CA GLY I 285 -40.33 -74.40 -4.83
C GLY I 285 -39.89 -74.04 -3.43
N GLN I 286 -39.86 -72.73 -3.18
CA GLN I 286 -39.53 -72.17 -1.88
C GLN I 286 -40.69 -71.29 -1.43
N LEU I 287 -41.32 -71.65 -0.31
CA LEU I 287 -42.50 -70.90 0.14
C LEU I 287 -42.09 -69.64 0.89
N GLY I 288 -41.47 -69.80 2.06
CA GLY I 288 -40.89 -68.69 2.78
C GLY I 288 -39.37 -68.82 2.82
N ARG I 289 -38.84 -69.25 3.96
CA ARG I 289 -37.46 -69.67 4.10
C ARG I 289 -37.38 -71.18 4.23
N PHE I 290 -38.23 -71.88 3.48
CA PHE I 290 -38.27 -73.33 3.47
C PHE I 290 -38.41 -73.81 2.03
N ARG I 291 -37.67 -74.88 1.70
CA ARG I 291 -37.79 -75.54 0.42
C ARG I 291 -38.84 -76.65 0.53
N VAL I 292 -39.94 -76.50 -0.20
CA VAL I 292 -41.07 -77.42 -0.09
C VAL I 292 -40.81 -78.64 -0.96
N ILE I 293 -40.91 -79.83 -0.36
CA ILE I 293 -40.76 -81.09 -1.05
C ILE I 293 -42.05 -81.88 -0.87
N VAL I 294 -42.65 -82.29 -1.97
CA VAL I 294 -43.93 -83.00 -1.96
C VAL I 294 -43.65 -84.49 -1.86
N ASN I 295 -44.16 -85.13 -0.80
CA ASN I 295 -44.03 -86.56 -0.62
C ASN I 295 -45.33 -87.24 -1.01
N PRO I 296 -45.34 -88.08 -2.05
CA PRO I 296 -46.59 -88.73 -2.44
C PRO I 296 -47.16 -89.66 -1.40
N GLN I 297 -46.35 -90.12 -0.45
CA GLN I 297 -46.79 -91.05 0.58
C GLN I 297 -46.95 -90.39 1.95
N MET I 298 -47.03 -89.07 2.00
CA MET I 298 -47.20 -88.37 3.27
C MET I 298 -48.57 -88.64 3.85
N MET I 299 -48.60 -88.98 5.14
CA MET I 299 -49.84 -89.30 5.83
C MET I 299 -50.46 -88.04 6.43
N HIS I 300 -51.63 -88.21 7.06
CA HIS I 300 -52.35 -87.08 7.64
C HIS I 300 -53.32 -87.63 8.68
N TRP I 301 -53.85 -86.73 9.50
CA TRP I 301 -54.87 -87.05 10.48
C TRP I 301 -56.25 -86.69 9.93
N ALA I 302 -57.18 -87.65 10.01
CA ALA I 302 -58.52 -87.48 9.47
C ALA I 302 -59.55 -87.64 10.56
N GLY I 303 -60.54 -86.76 10.56
CA GLY I 303 -61.64 -86.82 11.51
C GLY I 303 -61.40 -86.12 12.84
N VAL I 304 -60.24 -85.51 13.03
CA VAL I 304 -59.91 -84.82 14.29
C VAL I 304 -60.07 -83.33 14.07
N GLY I 305 -60.93 -82.71 14.86
CA GLY I 305 -61.17 -81.28 14.76
C GLY I 305 -62.59 -80.96 15.18
N LYS I 306 -62.93 -79.68 15.04
CA LYS I 306 -64.27 -79.24 15.37
C LYS I 306 -65.26 -79.64 14.28
N ALA I 307 -66.54 -79.51 14.59
CA ALA I 307 -67.59 -79.83 13.63
C ALA I 307 -67.53 -78.88 12.44
N VAL I 308 -67.76 -79.43 11.25
CA VAL I 308 -67.69 -78.64 10.03
C VAL I 308 -68.84 -77.65 9.99
N ASP I 309 -68.52 -76.39 9.75
CA ASP I 309 -69.56 -75.35 9.65
C ASP I 309 -70.29 -75.49 8.34
N PRO I 310 -71.63 -75.59 8.34
CA PRO I 310 -72.36 -75.73 7.08
C PRO I 310 -72.05 -74.65 6.06
N ASN I 311 -71.87 -73.41 6.50
CA ASN I 311 -71.58 -72.30 5.60
C ASN I 311 -70.10 -71.93 5.70
N ASP I 312 -69.46 -71.76 4.55
CA ASP I 312 -68.05 -71.43 4.49
C ASP I 312 -67.71 -70.93 3.10
N GLN I 313 -66.70 -70.06 3.02
CA GLN I 313 -66.20 -69.56 1.75
C GLN I 313 -65.20 -70.50 1.09
N VAL I 314 -64.74 -71.52 1.81
CA VAL I 314 -63.81 -72.51 1.27
C VAL I 314 -64.26 -73.89 1.71
N PRO I 315 -64.39 -74.86 0.80
CA PRO I 315 -64.84 -76.21 1.19
C PRO I 315 -63.98 -76.84 2.28
N MET I 316 -62.69 -76.99 2.01
CA MET I 316 -61.71 -77.55 2.94
C MET I 316 -61.94 -79.05 3.14
N HIS I 317 -60.86 -79.80 3.33
CA HIS I 317 -60.98 -81.25 3.49
C HIS I 317 -61.72 -81.60 4.77
N GLU I 318 -62.53 -82.66 4.69
CA GLU I 318 -63.36 -83.06 5.82
C GLU I 318 -63.57 -84.57 5.75
N SER I 319 -63.52 -85.23 6.91
CA SER I 319 -63.78 -86.65 7.01
C SER I 319 -64.63 -86.91 8.25
N GLY I 320 -65.73 -87.62 8.09
CA GLY I 320 -66.58 -87.96 9.21
C GLY I 320 -67.36 -86.79 9.79
N GLY I 321 -67.58 -85.74 9.01
CA GLY I 321 -68.30 -84.57 9.49
C GLY I 321 -67.46 -83.59 10.27
N LYS I 322 -66.15 -83.82 10.38
CA LYS I 322 -65.25 -82.94 11.13
C LYS I 322 -64.02 -82.65 10.28
N TYR I 323 -63.33 -81.57 10.63
CA TYR I 323 -62.17 -81.14 9.87
C TYR I 323 -61.04 -82.15 9.97
N SER I 324 -60.11 -82.05 9.02
CA SER I 324 -58.93 -82.90 8.98
C SER I 324 -57.68 -82.05 9.07
N VAL I 325 -56.65 -82.60 9.73
CA VAL I 325 -55.41 -81.89 10.01
C VAL I 325 -54.30 -82.50 9.17
N PHE I 326 -53.54 -81.65 8.48
CA PHE I 326 -52.44 -82.08 7.64
C PHE I 326 -51.11 -81.54 8.18
N PRO I 327 -50.06 -82.36 8.20
CA PRO I 327 -48.79 -81.94 8.77
C PRO I 327 -47.80 -81.40 7.75
N MET I 328 -46.93 -80.49 8.21
CA MET I 328 -45.74 -80.07 7.48
C MET I 328 -44.56 -80.26 8.42
N LEU I 329 -43.59 -81.08 8.01
CA LEU I 329 -42.55 -81.57 8.89
C LEU I 329 -41.17 -81.17 8.38
N CYS I 330 -40.34 -80.68 9.30
CA CYS I 330 -38.93 -80.40 9.03
C CYS I 330 -38.09 -81.12 10.07
N VAL I 331 -37.13 -81.93 9.61
CA VAL I 331 -36.30 -82.74 10.48
C VAL I 331 -34.84 -82.58 10.13
N ALA I 332 -33.99 -82.96 11.08
CA ALA I 332 -32.54 -82.96 10.90
C ALA I 332 -32.03 -84.38 11.02
N SER I 333 -31.09 -84.75 10.15
CA SER I 333 -30.58 -86.12 10.11
C SER I 333 -29.76 -86.50 11.33
N GLU I 334 -29.37 -85.53 12.16
CA GLU I 334 -28.58 -85.80 13.36
C GLU I 334 -29.39 -85.62 14.64
N ALA I 335 -30.70 -85.87 14.57
CA ALA I 335 -31.59 -85.67 15.71
C ALA I 335 -32.38 -86.93 16.07
N PHE I 336 -32.03 -88.07 15.50
CA PHE I 336 -32.72 -89.33 15.82
C PHE I 336 -31.88 -90.49 15.29
N THR I 337 -32.26 -91.69 15.68
CA THR I 337 -31.59 -92.90 15.21
C THR I 337 -32.55 -94.07 15.32
N THR I 338 -32.31 -95.07 14.47
CA THR I 338 -33.09 -96.29 14.45
C THR I 338 -32.25 -97.43 15.02
N VAL I 339 -32.93 -98.43 15.59
CA VAL I 339 -32.30 -99.53 16.29
C VAL I 339 -32.72 -100.84 15.64
N GLY I 340 -31.76 -101.70 15.33
CA GLY I 340 -32.01 -103.03 14.85
C GLY I 340 -31.65 -104.08 15.87
N PHE I 341 -31.69 -105.34 15.42
CA PHE I 341 -31.39 -106.45 16.31
C PHE I 341 -31.07 -107.69 15.48
N ALA I 342 -30.06 -108.44 15.93
CA ALA I 342 -29.68 -109.72 15.33
C ALA I 342 -29.34 -109.57 13.85
N THR I 343 -28.29 -108.80 13.59
CA THR I 343 -27.75 -108.61 12.23
C THR I 343 -26.38 -109.29 12.19
N ASP I 344 -26.37 -110.54 11.77
CA ASP I 344 -25.12 -111.31 11.72
C ASP I 344 -24.17 -110.81 10.63
N GLY I 345 -24.66 -110.02 9.69
CA GLY I 345 -23.82 -109.47 8.65
C GLY I 345 -23.92 -107.97 8.55
N LYS I 346 -24.58 -107.36 9.53
CA LYS I 346 -24.82 -105.91 9.63
C LYS I 346 -25.61 -105.36 8.46
N ASN I 347 -26.21 -106.22 7.63
CA ASN I 347 -27.01 -105.78 6.51
C ASN I 347 -28.33 -106.53 6.36
N VAL I 348 -28.50 -107.65 7.06
CA VAL I 348 -29.75 -108.40 6.96
C VAL I 348 -30.86 -107.65 7.68
N LYS I 349 -32.00 -107.49 7.02
CA LYS I 349 -33.14 -106.79 7.59
C LYS I 349 -34.34 -107.69 7.85
N PHE I 350 -34.67 -108.58 6.92
CA PHE I 350 -35.83 -109.46 7.04
C PHE I 350 -35.37 -110.91 7.17
N LYS I 351 -36.06 -111.65 8.04
CA LYS I 351 -35.87 -113.09 8.16
C LYS I 351 -37.05 -113.79 7.49
N ILE I 352 -36.74 -114.68 6.55
CA ILE I 352 -37.74 -115.34 5.72
C ILE I 352 -37.64 -116.85 5.95
N ILE I 353 -38.78 -117.48 6.21
CA ILE I 353 -38.86 -118.92 6.42
C ILE I 353 -39.90 -119.48 5.46
N THR I 354 -39.48 -120.41 4.60
CA THR I 354 -40.37 -120.99 3.59
C THR I 354 -40.41 -122.51 3.75
N LYS I 355 -41.61 -123.07 3.58
CA LYS I 355 -41.81 -124.52 3.60
C LYS I 355 -42.72 -124.88 2.44
N ARG I 356 -42.24 -125.78 1.56
CA ARG I 356 -42.91 -126.24 0.35
C ARG I 356 -43.68 -127.54 0.61
N PRO I 357 -44.75 -127.78 -0.14
CA PRO I 357 -45.50 -129.02 0.04
C PRO I 357 -44.66 -130.24 -0.33
N GLY I 358 -44.94 -131.36 0.35
CA GLY I 358 -44.22 -132.58 0.11
C GLY I 358 -43.90 -133.34 1.39
N GLU I 359 -42.75 -134.01 1.43
CA GLU I 359 -42.34 -134.72 2.64
C GLU I 359 -41.95 -133.78 3.77
N ALA I 360 -41.75 -132.49 3.49
CA ALA I 360 -41.35 -131.56 4.53
C ALA I 360 -42.48 -131.32 5.53
N THR I 361 -43.72 -131.27 5.06
CA THR I 361 -44.89 -130.99 5.89
C THR I 361 -45.83 -132.18 5.92
N ALA I 362 -45.29 -133.38 6.15
CA ALA I 362 -46.13 -134.56 6.28
C ALA I 362 -47.05 -134.45 7.48
N ASP I 363 -46.47 -134.43 8.69
CA ASP I 363 -47.22 -134.25 9.93
C ASP I 363 -48.30 -135.31 10.12
N ARG I 364 -49.17 -135.11 11.10
CA ARG I 364 -50.26 -136.03 11.37
C ARG I 364 -51.63 -135.49 10.98
N SER I 365 -51.77 -134.17 10.86
CA SER I 365 -53.06 -133.58 10.49
C SER I 365 -53.30 -133.60 8.99
N ASP I 366 -52.27 -133.87 8.20
CA ASP I 366 -52.41 -133.94 6.73
C ASP I 366 -51.38 -134.93 6.21
N PRO I 367 -51.63 -136.23 6.37
CA PRO I 367 -50.59 -137.24 6.06
C PRO I 367 -50.14 -137.26 4.60
N TYR I 368 -50.73 -136.41 3.76
CA TYR I 368 -50.35 -136.35 2.35
C TYR I 368 -49.46 -135.17 2.03
N GLY I 369 -49.46 -134.12 2.85
CA GLY I 369 -48.55 -133.00 2.68
C GLY I 369 -48.82 -132.16 1.44
N GLU I 370 -49.96 -131.47 1.43
CA GLU I 370 -50.38 -130.68 0.27
C GLU I 370 -50.49 -129.19 0.62
N MET I 371 -49.73 -128.73 1.60
CA MET I 371 -49.77 -127.33 2.03
C MET I 371 -48.36 -126.78 2.15
N GLY I 372 -48.24 -125.46 2.01
CA GLY I 372 -46.96 -124.79 2.18
C GLY I 372 -47.21 -123.36 2.61
N PHE I 373 -46.14 -122.71 3.06
CA PHE I 373 -46.25 -121.35 3.57
C PHE I 373 -44.90 -120.66 3.48
N MET I 374 -44.91 -119.34 3.70
CA MET I 374 -43.69 -118.56 3.78
C MET I 374 -43.96 -117.31 4.61
N SER I 375 -43.03 -117.00 5.49
CA SER I 375 -43.21 -115.97 6.51
C SER I 375 -42.00 -115.04 6.53
N ILE I 376 -42.25 -113.78 6.89
CA ILE I 376 -41.21 -112.76 7.02
C ILE I 376 -41.38 -112.10 8.38
N LYS I 377 -40.26 -111.82 9.04
CA LYS I 377 -40.30 -111.15 10.34
C LYS I 377 -39.03 -110.32 10.52
N TRP I 378 -39.11 -109.31 11.39
CA TRP I 378 -37.99 -108.42 11.63
C TRP I 378 -38.21 -107.65 12.93
N TYR I 379 -37.19 -106.88 13.30
CA TYR I 379 -37.19 -106.01 14.46
C TYR I 379 -37.01 -104.56 14.01
N TYR I 380 -37.40 -103.62 14.88
CA TYR I 380 -37.30 -102.21 14.57
C TYR I 380 -37.50 -101.40 15.83
N GLY I 381 -36.68 -100.36 16.02
CA GLY I 381 -36.84 -99.52 17.19
C GLY I 381 -36.36 -98.10 16.94
N PHE I 382 -36.65 -97.23 17.90
CA PHE I 382 -36.43 -95.80 17.74
C PHE I 382 -35.77 -95.20 18.97
N MET I 383 -34.93 -94.19 18.73
CA MET I 383 -34.39 -93.35 19.79
C MET I 383 -34.21 -91.95 19.22
N VAL I 384 -34.44 -90.93 20.05
CA VAL I 384 -34.38 -89.55 19.59
C VAL I 384 -33.50 -88.74 20.53
N PHE I 385 -32.53 -88.02 19.96
CA PHE I 385 -31.75 -87.02 20.68
C PHE I 385 -32.15 -85.63 20.17
N ARG I 386 -32.27 -84.68 21.11
CA ARG I 386 -32.64 -83.30 20.80
C ARG I 386 -33.97 -83.25 20.07
N PRO I 387 -35.09 -83.53 20.74
CA PRO I 387 -36.39 -83.45 20.07
C PRO I 387 -36.75 -82.05 19.60
N GLU I 388 -36.09 -81.01 20.12
CA GLU I 388 -36.37 -79.64 19.73
C GLU I 388 -35.92 -79.32 18.31
N TRP I 389 -35.16 -80.20 17.67
CA TRP I 389 -34.71 -79.99 16.30
C TRP I 389 -35.68 -80.53 15.26
N ILE I 390 -36.83 -81.04 15.68
CA ILE I 390 -37.88 -81.52 14.79
C ILE I 390 -39.05 -80.57 14.90
N ALA I 391 -39.50 -80.05 13.76
CA ALA I 391 -40.56 -79.05 13.71
C ALA I 391 -41.76 -79.58 12.94
N LEU I 392 -42.95 -79.35 13.49
CA LEU I 392 -44.20 -79.77 12.87
C LEU I 392 -45.19 -78.61 12.88
N LEU I 393 -45.88 -78.42 11.76
CA LEU I 393 -46.92 -77.41 11.62
C LEU I 393 -48.21 -78.10 11.17
N LYS I 394 -49.28 -77.92 11.93
CA LYS I 394 -50.54 -78.60 11.65
C LYS I 394 -51.52 -77.60 11.05
N THR I 395 -51.94 -77.85 9.81
CA THR I 395 -52.79 -76.92 9.09
C THR I 395 -53.84 -77.68 8.28
N VAL I 396 -54.95 -77.01 8.01
CA VAL I 396 -56.06 -77.58 7.24
C VAL I 396 -55.75 -77.48 5.75
N ALA I 397 -56.55 -78.15 4.93
CA ALA I 397 -56.28 -78.29 3.51
C ALA I 397 -57.27 -77.47 2.68
N ARG I 398 -57.03 -77.41 1.35
CA ARG I 398 -58.04 -77.03 0.31
C ARG I 398 -58.64 -75.64 0.55
N LEU I 399 -57.77 -74.64 0.44
CA LEU I 399 -58.19 -73.25 0.50
C LEU I 399 -59.01 -72.89 -0.73
#